data_8EGL
#
_entry.id   8EGL
#
_cell.length_a   72.280
_cell.length_b   72.370
_cell.length_c   144.730
_cell.angle_alpha   81.603
_cell.angle_beta   87.997
_cell.angle_gamma   60.003
#
_symmetry.space_group_name_H-M   'P 1'
#
loop_
_entity.id
_entity.type
_entity.pdbx_description
1 polymer 'Guanylate kinase'
2 non-polymer "ADENOSINE-5'-DIPHOSPHATE"
3 non-polymer "GUANOSINE-5'-MONOPHOSPHATE"
4 water water
#
_entity_poly.entity_id   1
_entity_poly.type   'polypeptide(L)'
_entity_poly.pdbx_seq_one_letter_code
;MSGTLYIVSAPSGAGKTSLVKALLDAAPEVRVSVSHTTRGMRPGEVDGVNYHFTSREEFLAMLERNEFLEHAEVFGNLYG
TSQRWVEKTLAEGLDLILEIDWQGAQQVRRLMPEAQSIFILPPSQEALRQRLTNRGQDSDEVIERRMREAVSEMSHYVEY
DHLVINDDFAHALDDLKAIFRARQLRQDAQQQRHAELLGRLLAGHHHHHH
;
_entity_poly.pdbx_strand_id   A,B,C,D,E,F,G,H,I,J,K,L
#
loop_
_chem_comp.id
_chem_comp.type
_chem_comp.name
_chem_comp.formula
5GP non-polymer GUANOSINE-5'-MONOPHOSPHATE 'C10 H14 N5 O8 P'
ADP non-polymer ADENOSINE-5'-DIPHOSPHATE 'C10 H15 N5 O10 P2'
#
# COMPACT_ATOMS: atom_id res chain seq x y z
N SER A 2 67.57 24.14 -3.70
CA SER A 2 66.96 25.03 -4.69
C SER A 2 66.24 24.21 -5.76
N GLY A 3 65.05 24.66 -6.16
CA GLY A 3 64.23 23.93 -7.09
C GLY A 3 64.54 24.28 -8.54
N THR A 4 63.87 23.55 -9.44
CA THR A 4 64.05 23.74 -10.87
C THR A 4 62.86 24.51 -11.44
N LEU A 5 63.17 25.43 -12.35
CA LEU A 5 62.17 26.22 -13.05
C LEU A 5 61.89 25.58 -14.40
N TYR A 6 60.63 25.21 -14.65
CA TYR A 6 60.21 24.64 -15.91
C TYR A 6 59.36 25.63 -16.69
N ILE A 7 59.60 25.72 -17.99
CA ILE A 7 58.76 26.45 -18.94
C ILE A 7 58.09 25.43 -19.83
N VAL A 8 56.76 25.38 -19.81
CA VAL A 8 55.99 24.50 -20.68
C VAL A 8 55.16 25.38 -21.59
N SER A 9 55.36 25.23 -22.89
CA SER A 9 54.67 26.02 -23.89
C SER A 9 54.07 25.08 -24.92
N ALA A 10 53.07 25.59 -25.64
CA ALA A 10 52.40 24.84 -26.68
C ALA A 10 51.47 25.76 -27.44
N PRO A 11 51.23 25.53 -28.73
CA PRO A 11 50.13 26.21 -29.41
C PRO A 11 48.82 25.88 -28.72
N SER A 12 47.88 26.82 -28.80
CA SER A 12 46.59 26.65 -28.16
C SER A 12 45.90 25.37 -28.63
N GLY A 13 45.52 24.54 -27.66
CA GLY A 13 44.83 23.30 -27.95
C GLY A 13 45.73 22.09 -28.08
N ALA A 14 47.04 22.24 -27.87
CA ALA A 14 47.91 21.08 -27.98
C ALA A 14 47.73 20.10 -26.83
N GLY A 15 47.22 20.56 -25.69
CA GLY A 15 47.07 19.73 -24.52
C GLY A 15 47.98 20.08 -23.35
N LYS A 16 48.53 21.29 -23.31
CA LYS A 16 49.48 21.63 -22.26
C LYS A 16 48.79 21.70 -20.89
N THR A 17 47.60 22.31 -20.82
CA THR A 17 46.91 22.45 -19.53
C THR A 17 46.54 21.09 -18.94
N SER A 18 45.99 20.20 -19.75
CA SER A 18 45.56 18.90 -19.23
C SER A 18 46.74 17.99 -18.92
N LEU A 19 47.82 18.07 -19.70
CA LEU A 19 48.99 17.24 -19.40
C LEU A 19 49.67 17.69 -18.11
N VAL A 20 49.79 19.00 -17.88
CA VAL A 20 50.41 19.45 -16.64
C VAL A 20 49.51 19.12 -15.46
N LYS A 21 48.21 19.32 -15.61
CA LYS A 21 47.26 18.97 -14.56
C LYS A 21 47.40 17.50 -14.17
N ALA A 22 47.51 16.61 -15.15
CA ALA A 22 47.70 15.19 -14.86
C ALA A 22 49.05 14.94 -14.19
N LEU A 23 50.10 15.64 -14.62
CA LEU A 23 51.40 15.47 -14.00
C LEU A 23 51.39 15.95 -12.56
N LEU A 24 50.67 17.05 -12.28
CA LEU A 24 50.64 17.60 -10.93
C LEU A 24 49.91 16.70 -9.94
N ASP A 25 48.88 15.97 -10.39
CA ASP A 25 48.13 15.12 -9.50
C ASP A 25 49.01 14.05 -8.89
N ALA A 26 50.08 13.66 -9.58
CA ALA A 26 51.01 12.65 -9.11
C ALA A 26 52.34 13.23 -8.65
N ALA A 27 52.49 14.55 -8.59
CA ALA A 27 53.77 15.18 -8.27
C ALA A 27 53.62 16.34 -7.31
N PRO A 28 53.53 16.07 -6.01
CA PRO A 28 53.34 17.15 -5.03
C PRO A 28 54.55 18.05 -4.87
N GLU A 29 55.74 17.59 -5.23
CA GLU A 29 56.92 18.44 -5.09
C GLU A 29 56.98 19.50 -6.17
N VAL A 30 56.02 19.52 -7.09
CA VAL A 30 55.98 20.43 -8.22
C VAL A 30 54.82 21.39 -8.02
N ARG A 31 55.07 22.67 -8.27
CA ARG A 31 54.04 23.69 -8.24
C ARG A 31 53.88 24.26 -9.63
N VAL A 32 52.73 24.87 -9.88
CA VAL A 32 52.48 25.59 -11.12
C VAL A 32 52.19 27.04 -10.74
N SER A 33 52.79 27.96 -11.47
CA SER A 33 52.61 29.37 -11.16
C SER A 33 51.23 29.83 -11.60
N VAL A 34 50.56 30.58 -10.75
CA VAL A 34 49.28 31.19 -11.08
C VAL A 34 49.56 32.56 -11.66
N SER A 35 49.40 32.69 -12.97
CA SER A 35 49.66 33.92 -13.69
C SER A 35 48.55 34.95 -13.43
N HIS A 36 48.92 36.21 -13.61
CA HIS A 36 47.96 37.30 -13.71
C HIS A 36 47.55 37.44 -15.17
N THR A 37 46.27 37.70 -15.41
CA THR A 37 45.77 37.90 -16.76
C THR A 37 44.68 38.95 -16.75
N THR A 38 44.49 39.61 -17.91
CA THR A 38 43.41 40.56 -18.10
C THR A 38 42.23 39.95 -18.84
N ARG A 39 42.41 38.78 -19.44
CA ARG A 39 41.35 38.04 -20.12
C ARG A 39 40.15 37.83 -19.22
N GLY A 40 38.98 37.60 -19.81
CA GLY A 40 37.77 37.39 -19.03
C GLY A 40 37.71 35.99 -18.42
N MET A 41 37.15 35.93 -17.21
CA MET A 41 37.07 34.69 -16.44
C MET A 41 36.03 33.76 -17.05
N ARG A 42 36.49 32.78 -17.83
CA ARG A 42 35.60 31.74 -18.35
C ARG A 42 34.96 30.99 -17.18
N PRO A 43 33.81 30.35 -17.40
CA PRO A 43 33.17 29.60 -16.32
C PRO A 43 34.01 28.40 -15.89
N GLY A 44 33.87 28.05 -14.61
CA GLY A 44 34.64 26.99 -14.01
C GLY A 44 35.98 27.43 -13.43
N GLU A 45 36.48 28.59 -13.84
CA GLU A 45 37.73 29.12 -13.33
C GLU A 45 37.49 29.96 -12.09
N VAL A 46 38.44 29.90 -11.16
CA VAL A 46 38.35 30.63 -9.89
C VAL A 46 39.56 31.54 -9.80
N ASP A 47 39.31 32.80 -9.44
CA ASP A 47 40.42 33.72 -9.20
C ASP A 47 41.25 33.16 -8.07
N GLY A 48 42.55 33.03 -8.32
CA GLY A 48 43.46 32.42 -7.37
C GLY A 48 43.76 30.96 -7.67
N VAL A 49 42.98 30.31 -8.52
CA VAL A 49 43.20 28.91 -8.86
C VAL A 49 43.81 28.80 -10.26
N ASN A 50 43.05 29.16 -11.30
CA ASN A 50 43.57 29.10 -12.67
C ASN A 50 44.42 30.31 -12.99
N TYR A 51 43.96 31.49 -12.59
CA TYR A 51 44.64 32.74 -12.86
C TYR A 51 44.36 33.72 -11.73
N HIS A 52 45.19 34.74 -11.65
CA HIS A 52 44.86 35.93 -10.88
C HIS A 52 44.20 36.91 -11.85
N PHE A 53 42.88 36.90 -11.87
CA PHE A 53 42.12 37.75 -12.77
C PHE A 53 42.10 39.19 -12.27
N THR A 54 42.66 40.09 -13.08
CA THR A 54 42.65 41.52 -12.80
C THR A 54 42.29 42.28 -14.07
N SER A 55 42.14 43.59 -13.94
CA SER A 55 41.93 44.46 -15.10
C SER A 55 43.28 44.85 -15.72
N ARG A 56 43.21 45.41 -16.93
CA ARG A 56 44.40 45.96 -17.57
C ARG A 56 45.07 47.01 -16.69
N GLU A 57 44.26 47.84 -16.02
CA GLU A 57 44.81 48.92 -15.20
C GLU A 57 45.61 48.36 -14.02
N GLU A 58 45.03 47.41 -13.28
CA GLU A 58 45.75 46.80 -12.18
C GLU A 58 46.97 46.01 -12.67
N PHE A 59 46.93 45.53 -13.91
CA PHE A 59 48.05 44.78 -14.46
C PHE A 59 49.23 45.70 -14.77
N LEU A 60 48.96 46.83 -15.45
CA LEU A 60 50.05 47.75 -15.79
C LEU A 60 50.61 48.43 -14.54
N ALA A 61 49.77 48.69 -13.54
CA ALA A 61 50.27 49.22 -12.28
C ALA A 61 51.18 48.19 -11.59
N MET A 62 50.78 46.91 -11.63
CA MET A 62 51.64 45.86 -11.11
C MET A 62 52.96 45.78 -11.87
N LEU A 63 52.92 46.05 -13.18
CA LEU A 63 54.13 46.05 -13.99
C LEU A 63 55.03 47.23 -13.62
N GLU A 64 54.43 48.41 -13.39
CA GLU A 64 55.22 49.56 -12.99
C GLU A 64 55.87 49.34 -11.63
N ARG A 65 55.31 48.48 -10.79
CA ARG A 65 55.95 48.11 -9.54
C ARG A 65 56.97 47.00 -9.73
N ASN A 66 57.22 46.58 -10.97
CA ASN A 66 58.23 45.58 -11.30
C ASN A 66 57.99 44.26 -10.57
N GLU A 67 56.72 43.90 -10.44
CA GLU A 67 56.34 42.68 -9.72
C GLU A 67 56.25 41.46 -10.62
N PHE A 68 56.52 41.60 -11.92
CA PHE A 68 56.47 40.47 -12.85
C PHE A 68 57.87 40.00 -13.22
N LEU A 69 58.03 38.68 -13.31
CA LEU A 69 59.23 38.10 -13.90
C LEU A 69 59.24 38.24 -15.42
N GLU A 70 58.07 38.06 -16.04
CA GLU A 70 57.88 38.21 -17.47
C GLU A 70 56.43 38.63 -17.70
N HIS A 71 56.20 39.22 -18.86
CA HIS A 71 54.84 39.54 -19.28
C HIS A 71 54.79 39.56 -20.80
N ALA A 72 53.60 39.33 -21.34
CA ALA A 72 53.41 39.33 -22.78
C ALA A 72 51.95 39.53 -23.08
N GLU A 73 51.68 40.06 -24.26
CA GLU A 73 50.32 40.13 -24.79
C GLU A 73 50.08 38.93 -25.69
N VAL A 74 49.08 38.12 -25.33
CA VAL A 74 48.72 36.92 -26.04
C VAL A 74 47.27 37.06 -26.50
N PHE A 75 47.07 37.09 -27.82
CA PHE A 75 45.73 37.18 -28.40
C PHE A 75 44.96 38.39 -27.86
N GLY A 76 45.68 39.48 -27.63
CA GLY A 76 45.05 40.72 -27.24
C GLY A 76 44.94 40.97 -25.75
N ASN A 77 45.20 39.97 -24.91
CA ASN A 77 45.18 40.15 -23.46
C ASN A 77 46.59 40.07 -22.90
N LEU A 78 46.75 40.59 -21.68
CA LEU A 78 48.03 40.64 -21.00
C LEU A 78 48.16 39.47 -20.03
N TYR A 79 49.32 38.84 -20.01
CA TYR A 79 49.64 37.76 -19.10
C TYR A 79 51.00 38.01 -18.48
N GLY A 80 51.20 37.53 -17.26
CA GLY A 80 52.46 37.78 -16.58
C GLY A 80 52.64 36.86 -15.40
N THR A 81 53.91 36.62 -15.06
CA THR A 81 54.29 35.76 -13.94
C THR A 81 54.81 36.63 -12.81
N SER A 82 54.24 36.46 -11.62
CA SER A 82 54.67 37.23 -10.47
C SER A 82 56.09 36.78 -10.06
N GLN A 83 57.02 37.73 -10.02
CA GLN A 83 58.40 37.37 -9.76
C GLN A 83 58.64 36.99 -8.31
N ARG A 84 57.93 37.65 -7.38
CA ARG A 84 58.10 37.34 -5.97
C ARG A 84 57.72 35.89 -5.69
N TRP A 85 56.59 35.46 -6.24
CA TRP A 85 56.16 34.08 -6.00
C TRP A 85 57.16 33.08 -6.57
N VAL A 86 57.72 33.36 -7.75
CA VAL A 86 58.68 32.44 -8.34
C VAL A 86 59.95 32.35 -7.51
N GLU A 87 60.48 33.50 -7.11
CA GLU A 87 61.73 33.52 -6.36
C GLU A 87 61.57 32.79 -5.03
N LYS A 88 60.48 33.08 -4.31
CA LYS A 88 60.26 32.42 -3.02
C LYS A 88 60.06 30.92 -3.21
N THR A 89 59.30 30.54 -4.23
CA THR A 89 58.99 29.12 -4.44
C THR A 89 60.23 28.33 -4.78
N LEU A 90 61.10 28.87 -5.65
CA LEU A 90 62.33 28.16 -5.96
C LEU A 90 63.25 28.12 -4.74
N ALA A 91 63.26 29.19 -3.95
CA ALA A 91 64.12 29.23 -2.77
C ALA A 91 63.67 28.25 -1.70
N GLU A 92 62.40 27.86 -1.69
CA GLU A 92 61.95 26.85 -0.76
C GLU A 92 62.32 25.44 -1.21
N GLY A 93 62.95 25.29 -2.37
CA GLY A 93 63.30 23.98 -2.86
C GLY A 93 62.24 23.32 -3.72
N LEU A 94 61.13 24.00 -3.99
CA LEU A 94 60.07 23.46 -4.81
C LEU A 94 60.37 23.58 -6.29
N ASP A 95 59.89 22.62 -7.06
CA ASP A 95 59.94 22.71 -8.51
C ASP A 95 58.75 23.53 -9.00
N LEU A 96 58.94 24.20 -10.14
CA LEU A 96 58.01 25.23 -10.58
C LEU A 96 57.81 25.15 -12.09
N ILE A 97 56.55 25.19 -12.51
CA ILE A 97 56.18 25.18 -13.93
C ILE A 97 55.58 26.53 -14.29
N LEU A 98 56.08 27.12 -15.37
CA LEU A 98 55.45 28.27 -15.99
C LEU A 98 54.77 27.79 -17.26
N GLU A 99 53.45 27.87 -17.30
CA GLU A 99 52.71 27.54 -18.52
C GLU A 99 52.52 28.86 -19.24
N ILE A 100 53.51 29.20 -20.07
CA ILE A 100 53.56 30.51 -20.67
C ILE A 100 53.84 30.35 -22.16
N ASP A 101 53.61 31.43 -22.90
CA ASP A 101 53.79 31.42 -24.34
C ASP A 101 55.28 31.52 -24.66
N TRP A 102 55.60 31.58 -25.96
CA TRP A 102 57.00 31.66 -26.37
C TRP A 102 57.62 33.00 -25.99
N GLN A 103 56.82 34.08 -25.96
CA GLN A 103 57.34 35.39 -25.61
C GLN A 103 57.84 35.41 -24.16
N GLY A 104 57.01 34.94 -23.23
CA GLY A 104 57.43 34.88 -21.85
C GLY A 104 58.61 33.94 -21.66
N ALA A 105 58.62 32.84 -22.40
CA ALA A 105 59.71 31.87 -22.29
C ALA A 105 61.07 32.49 -22.63
N GLN A 106 61.13 33.30 -23.70
CA GLN A 106 62.41 33.92 -24.05
C GLN A 106 62.87 34.88 -22.97
N GLN A 107 61.94 35.64 -22.39
CA GLN A 107 62.26 36.55 -21.30
C GLN A 107 62.80 35.77 -20.09
N VAL A 108 62.15 34.67 -19.73
CA VAL A 108 62.58 33.89 -18.57
C VAL A 108 63.96 33.28 -18.82
N ARG A 109 64.20 32.79 -20.05
CA ARG A 109 65.50 32.24 -20.40
C ARG A 109 66.62 33.26 -20.26
N ARG A 110 66.34 34.54 -20.55
CA ARG A 110 67.40 35.53 -20.42
C ARG A 110 67.76 35.78 -18.96
N LEU A 111 66.74 35.94 -18.11
CA LEU A 111 67.02 36.21 -16.70
C LEU A 111 67.39 34.96 -15.94
N MET A 112 66.97 33.80 -16.40
CA MET A 112 67.21 32.52 -15.73
C MET A 112 67.58 31.48 -16.76
N PRO A 113 68.84 31.49 -17.21
CA PRO A 113 69.25 30.59 -18.30
C PRO A 113 69.24 29.12 -17.93
N GLU A 114 69.21 28.80 -16.64
CA GLU A 114 69.11 27.42 -16.16
C GLU A 114 67.68 26.87 -16.20
N ALA A 115 66.70 27.68 -16.60
CA ALA A 115 65.32 27.21 -16.68
C ALA A 115 65.20 26.12 -17.73
N GLN A 116 64.40 25.10 -17.43
CA GLN A 116 64.15 23.99 -18.34
C GLN A 116 62.88 24.27 -19.12
N SER A 117 62.92 24.07 -20.44
CA SER A 117 61.79 24.38 -21.30
C SER A 117 61.32 23.15 -22.05
N ILE A 118 60.01 22.97 -22.11
CA ILE A 118 59.40 21.83 -22.79
C ILE A 118 58.33 22.36 -23.74
N PHE A 119 58.38 21.91 -24.98
CA PHE A 119 57.36 22.27 -25.96
C PHE A 119 56.49 21.06 -26.25
N ILE A 120 55.18 21.25 -26.24
CA ILE A 120 54.24 20.18 -26.51
C ILE A 120 53.61 20.41 -27.87
N LEU A 121 53.55 19.35 -28.67
CA LEU A 121 53.08 19.47 -30.05
C LEU A 121 51.92 18.51 -30.30
N PRO A 122 50.98 18.86 -31.18
CA PRO A 122 49.95 17.91 -31.57
C PRO A 122 50.49 16.95 -32.61
N PRO A 123 49.80 15.82 -32.85
CA PRO A 123 50.24 14.91 -33.92
C PRO A 123 49.91 15.41 -35.32
N SER A 124 49.06 16.43 -35.45
CA SER A 124 48.71 16.99 -36.74
C SER A 124 48.02 18.33 -36.50
N GLN A 125 48.12 19.21 -37.51
CA GLN A 125 47.41 20.49 -37.45
C GLN A 125 45.91 20.30 -37.29
N GLU A 126 45.35 19.29 -37.96
CA GLU A 126 43.91 19.06 -37.83
C GLU A 126 43.54 18.58 -36.43
N ALA A 127 44.39 17.75 -35.81
CA ALA A 127 44.12 17.34 -34.43
C ALA A 127 44.04 18.56 -33.52
N LEU A 128 44.87 19.57 -33.80
CA LEU A 128 44.81 20.82 -33.05
C LEU A 128 43.45 21.50 -33.20
N ARG A 129 42.95 21.60 -34.44
CA ARG A 129 41.64 22.20 -34.67
C ARG A 129 40.54 21.40 -33.97
N GLN A 130 40.62 20.08 -34.04
CA GLN A 130 39.63 19.25 -33.35
C GLN A 130 39.68 19.46 -31.84
N ARG A 131 40.89 19.54 -31.27
CA ARG A 131 40.99 19.69 -29.82
C ARG A 131 40.50 21.04 -29.33
N LEU A 132 40.79 22.11 -30.08
CA LEU A 132 40.21 23.41 -29.74
C LEU A 132 38.69 23.34 -29.80
N THR A 133 38.14 22.67 -30.82
CA THR A 133 36.69 22.50 -30.92
C THR A 133 36.16 21.60 -29.82
N ASN A 134 36.89 20.52 -29.51
CA ASN A 134 36.40 19.59 -28.48
C ASN A 134 36.42 20.22 -27.09
N ARG A 135 37.39 21.09 -26.79
CA ARG A 135 37.41 21.74 -25.49
C ARG A 135 36.21 22.65 -25.29
N GLY A 136 35.64 23.17 -26.38
CA GLY A 136 34.45 23.98 -26.31
C GLY A 136 34.60 25.22 -25.44
N GLN A 137 35.60 26.04 -25.72
CA GLN A 137 35.83 27.26 -24.97
C GLN A 137 36.50 28.28 -25.89
N ASP A 138 35.97 28.42 -27.09
CA ASP A 138 36.51 29.31 -28.12
C ASP A 138 35.56 29.36 -29.30
N SER A 139 35.13 30.56 -29.69
CA SER A 139 34.28 30.69 -30.87
C SER A 139 34.97 30.11 -32.09
N ASP A 140 34.16 29.74 -33.09
CA ASP A 140 34.72 29.32 -34.36
C ASP A 140 35.58 30.40 -35.00
N GLU A 141 35.23 31.68 -34.82
CA GLU A 141 36.06 32.75 -35.34
C GLU A 141 37.44 32.75 -34.66
N VAL A 142 37.47 32.59 -33.34
CA VAL A 142 38.75 32.58 -32.63
C VAL A 142 39.55 31.33 -32.99
N ILE A 143 38.87 30.19 -33.19
CA ILE A 143 39.56 28.96 -33.59
C ILE A 143 40.22 29.14 -34.93
N GLU A 144 39.47 29.64 -35.93
CA GLU A 144 40.04 29.91 -37.24
C GLU A 144 41.21 30.88 -37.12
N ARG A 145 41.12 31.85 -36.20
CA ARG A 145 42.23 32.78 -36.02
C ARG A 145 43.42 32.09 -35.36
N ARG A 146 43.16 31.24 -34.36
CA ARG A 146 44.27 30.57 -33.69
C ARG A 146 44.95 29.56 -34.60
N MET A 147 44.19 28.94 -35.51
CA MET A 147 44.80 28.02 -36.47
C MET A 147 45.66 28.76 -37.48
N ARG A 148 45.28 30.00 -37.83
CA ARG A 148 46.15 30.81 -38.68
C ARG A 148 47.49 31.07 -38.02
N GLU A 149 47.50 31.22 -36.70
CA GLU A 149 48.74 31.43 -35.96
C GLU A 149 49.39 30.12 -35.54
N ALA A 150 48.79 28.97 -35.85
CA ALA A 150 49.29 27.70 -35.34
C ALA A 150 50.68 27.38 -35.89
N VAL A 151 50.87 27.53 -37.19
CA VAL A 151 52.19 27.27 -37.79
C VAL A 151 53.22 28.25 -37.26
N SER A 152 52.87 29.53 -37.16
CA SER A 152 53.80 30.51 -36.61
C SER A 152 54.11 30.22 -35.14
N GLU A 153 53.08 29.89 -34.36
CA GLU A 153 53.32 29.53 -32.96
C GLU A 153 54.18 28.28 -32.86
N MET A 154 53.85 27.25 -33.64
CA MET A 154 54.60 25.99 -33.55
C MET A 154 56.03 26.12 -34.04
N SER A 155 56.32 27.14 -34.84
CA SER A 155 57.68 27.30 -35.36
C SER A 155 58.68 27.56 -34.24
N HIS A 156 58.22 27.98 -33.06
CA HIS A 156 59.10 28.23 -31.94
C HIS A 156 59.52 26.95 -31.20
N TYR A 157 59.16 25.77 -31.70
CA TYR A 157 59.56 24.55 -31.02
C TYR A 157 61.06 24.41 -30.96
N VAL A 158 61.79 25.04 -31.90
CA VAL A 158 63.24 24.94 -31.90
C VAL A 158 63.89 25.64 -30.72
N GLU A 159 63.15 26.47 -29.99
CA GLU A 159 63.73 27.19 -28.86
C GLU A 159 63.68 26.40 -27.55
N TYR A 160 63.13 25.18 -27.58
CA TYR A 160 62.85 24.45 -26.37
C TYR A 160 63.79 23.26 -26.25
N ASP A 161 64.09 22.89 -25.00
CA ASP A 161 65.02 21.79 -24.74
C ASP A 161 64.41 20.45 -25.11
N HIS A 162 63.13 20.23 -24.81
CA HIS A 162 62.49 18.95 -25.04
C HIS A 162 61.18 19.15 -25.78
N LEU A 163 60.86 18.17 -26.61
CA LEU A 163 59.61 18.16 -27.37
C LEU A 163 58.81 16.94 -26.96
N VAL A 164 57.56 17.16 -26.54
CA VAL A 164 56.62 16.07 -26.28
C VAL A 164 55.53 16.13 -27.33
N ILE A 165 55.36 15.03 -28.06
CA ILE A 165 54.29 14.96 -29.05
C ILE A 165 53.06 14.37 -28.37
N ASN A 166 52.03 15.19 -28.16
CA ASN A 166 50.82 14.78 -27.44
C ASN A 166 49.87 14.11 -28.42
N ASP A 167 50.18 12.85 -28.75
CA ASP A 167 49.30 12.04 -29.58
C ASP A 167 48.34 11.26 -28.69
N ASP A 168 48.81 10.13 -28.19
CA ASP A 168 48.11 9.40 -27.14
C ASP A 168 48.39 10.08 -25.81
N PHE A 169 47.34 10.46 -25.09
CA PHE A 169 47.51 11.25 -23.86
C PHE A 169 48.40 10.56 -22.85
N ALA A 170 48.13 9.29 -22.55
CA ALA A 170 48.87 8.59 -21.51
C ALA A 170 50.35 8.43 -21.89
N HIS A 171 50.64 8.14 -23.15
CA HIS A 171 52.03 8.05 -23.56
C HIS A 171 52.72 9.41 -23.43
N ALA A 172 52.02 10.50 -23.76
CA ALA A 172 52.62 11.83 -23.64
C ALA A 172 52.79 12.23 -22.18
N LEU A 173 51.87 11.78 -21.31
CA LEU A 173 52.01 12.01 -19.88
C LEU A 173 53.26 11.34 -19.32
N ASP A 174 53.49 10.09 -19.74
CA ASP A 174 54.71 9.38 -19.33
C ASP A 174 55.97 10.07 -19.83
N ASP A 175 55.97 10.50 -21.10
CA ASP A 175 57.12 11.25 -21.62
C ASP A 175 57.44 12.44 -20.72
N LEU A 176 56.41 13.19 -20.34
CA LEU A 176 56.60 14.36 -19.49
C LEU A 176 57.19 13.97 -18.13
N LYS A 177 56.63 12.93 -17.50
CA LYS A 177 57.15 12.47 -16.22
C LYS A 177 58.59 12.02 -16.34
N ALA A 178 58.96 11.44 -17.47
CA ALA A 178 60.33 11.01 -17.67
C ALA A 178 61.28 12.20 -17.71
N ILE A 179 60.86 13.30 -18.34
CA ILE A 179 61.70 14.51 -18.35
C ILE A 179 61.91 15.01 -16.93
N PHE A 180 60.83 15.09 -16.15
CA PHE A 180 60.95 15.59 -14.79
C PHE A 180 61.79 14.66 -13.92
N ARG A 181 61.61 13.35 -14.09
CA ARG A 181 62.36 12.40 -13.25
C ARG A 181 63.84 12.43 -13.59
N ALA A 182 64.18 12.55 -14.87
CA ALA A 182 65.58 12.62 -15.27
C ALA A 182 66.25 13.88 -14.75
N ARG A 183 65.51 14.99 -14.69
CA ARG A 183 66.06 16.22 -14.13
C ARG A 183 66.39 16.07 -12.65
N GLN A 184 65.50 15.45 -11.89
CA GLN A 184 65.77 15.19 -10.48
C GLN A 184 66.86 14.12 -10.28
N LEU A 185 67.38 13.53 -11.35
CA LEU A 185 68.50 12.59 -11.24
C LEU A 185 69.83 13.21 -11.63
N ARG A 186 69.85 14.50 -11.98
CA ARG A 186 71.10 15.18 -12.30
C ARG A 186 72.02 15.25 -11.09
N GLN A 187 73.30 15.47 -11.37
CA GLN A 187 74.31 15.56 -10.32
C GLN A 187 73.89 16.56 -9.25
N ASP A 188 73.53 17.78 -9.65
CA ASP A 188 73.20 18.83 -8.68
C ASP A 188 72.02 18.45 -7.80
N ALA A 189 70.93 17.98 -8.41
CA ALA A 189 69.74 17.64 -7.64
C ALA A 189 70.00 16.47 -6.70
N GLN A 190 70.65 15.42 -7.19
CA GLN A 190 70.94 14.26 -6.35
C GLN A 190 71.90 14.62 -5.22
N GLN A 191 72.85 15.52 -5.49
CA GLN A 191 73.81 15.94 -4.47
C GLN A 191 73.11 16.71 -3.35
N GLN A 192 72.14 17.56 -3.70
CA GLN A 192 71.44 18.33 -2.68
C GLN A 192 70.55 17.42 -1.82
N ARG A 193 69.77 16.55 -2.45
CA ARG A 193 68.78 15.77 -1.72
C ARG A 193 69.41 14.59 -0.97
N HIS A 194 70.48 14.01 -1.50
CA HIS A 194 71.10 12.85 -0.87
C HIS A 194 72.49 13.18 -0.37
N ALA A 195 72.70 14.44 0.04
CA ALA A 195 74.01 14.86 0.52
C ALA A 195 74.50 13.97 1.65
N GLU A 196 73.62 13.66 2.61
CA GLU A 196 74.02 12.87 3.77
C GLU A 196 74.29 11.42 3.39
N LEU A 197 73.46 10.85 2.54
CA LEU A 197 73.69 9.48 2.08
C LEU A 197 75.02 9.38 1.32
N LEU A 198 75.29 10.34 0.43
CA LEU A 198 76.56 10.37 -0.28
C LEU A 198 77.73 10.46 0.70
N GLY A 199 77.59 11.26 1.76
CA GLY A 199 78.64 11.34 2.77
C GLY A 199 78.94 9.99 3.39
N ARG A 200 77.89 9.20 3.68
CA ARG A 200 78.11 7.87 4.23
C ARG A 200 78.84 6.96 3.25
N LEU A 201 78.61 7.15 1.96
CA LEU A 201 79.22 6.29 0.95
C LEU A 201 80.72 6.54 0.82
N LEU A 202 81.16 7.78 0.99
CA LEU A 202 82.57 8.13 0.83
C LEU A 202 83.37 8.01 2.12
N ALA A 203 82.78 7.48 3.19
CA ALA A 203 83.49 7.33 4.46
C ALA A 203 84.16 5.96 4.52
N SER B 2 72.16 10.08 -36.03
CA SER B 2 73.19 9.76 -35.06
C SER B 2 72.60 9.40 -33.70
N GLY B 3 73.05 8.27 -33.15
CA GLY B 3 72.62 7.84 -31.85
C GLY B 3 73.38 8.55 -30.74
N THR B 4 73.01 8.20 -29.50
CA THR B 4 73.61 8.77 -28.30
C THR B 4 74.60 7.78 -27.69
N LEU B 5 75.74 8.28 -27.24
CA LEU B 5 76.74 7.48 -26.54
C LEU B 5 76.56 7.66 -25.04
N TYR B 6 76.31 6.57 -24.32
CA TYR B 6 76.12 6.59 -22.89
C TYR B 6 77.33 5.98 -22.19
N ILE B 7 77.73 6.60 -21.08
CA ILE B 7 78.73 6.03 -20.18
C ILE B 7 78.02 5.66 -18.89
N VAL B 8 78.03 4.37 -18.55
CA VAL B 8 77.45 3.89 -17.30
C VAL B 8 78.59 3.31 -16.47
N SER B 9 78.82 3.90 -15.31
CA SER B 9 79.89 3.50 -14.43
C SER B 9 79.33 3.27 -13.04
N ALA B 10 80.04 2.46 -12.27
CA ALA B 10 79.63 2.10 -10.92
C ALA B 10 80.78 1.32 -10.26
N PRO B 11 80.95 1.41 -8.95
CA PRO B 11 81.85 0.48 -8.27
C PRO B 11 81.40 -0.96 -8.51
N SER B 12 82.38 -1.87 -8.57
CA SER B 12 82.08 -3.27 -8.86
C SER B 12 81.10 -3.82 -7.83
N GLY B 13 79.98 -4.38 -8.33
CA GLY B 13 78.94 -4.93 -7.48
C GLY B 13 77.80 -4.00 -7.16
N ALA B 14 77.76 -2.80 -7.72
CA ALA B 14 76.66 -1.87 -7.48
C ALA B 14 75.36 -2.27 -8.18
N GLY B 15 75.44 -3.08 -9.23
CA GLY B 15 74.29 -3.50 -9.99
C GLY B 15 74.21 -2.95 -11.42
N LYS B 16 75.32 -2.47 -11.97
CA LYS B 16 75.29 -1.83 -13.29
C LYS B 16 74.99 -2.82 -14.40
N THR B 17 75.63 -3.99 -14.37
CA THR B 17 75.40 -4.98 -15.42
C THR B 17 73.97 -5.51 -15.41
N SER B 18 73.42 -5.76 -14.22
CA SER B 18 72.06 -6.32 -14.15
C SER B 18 71.01 -5.27 -14.53
N LEU B 19 71.23 -4.01 -14.15
CA LEU B 19 70.29 -2.95 -14.53
C LEU B 19 70.36 -2.69 -16.02
N VAL B 20 71.57 -2.70 -16.60
CA VAL B 20 71.69 -2.46 -18.04
C VAL B 20 71.05 -3.60 -18.83
N LYS B 21 71.24 -4.83 -18.36
CA LYS B 21 70.61 -5.98 -19.01
C LYS B 21 69.09 -5.84 -19.04
N ALA B 22 68.48 -5.41 -17.93
CA ALA B 22 67.03 -5.23 -17.92
C ALA B 22 66.60 -4.08 -18.82
N LEU B 23 67.39 -3.00 -18.88
CA LEU B 23 67.08 -1.89 -19.78
C LEU B 23 67.12 -2.32 -21.23
N LEU B 24 68.11 -3.15 -21.59
CA LEU B 24 68.27 -3.58 -22.97
C LEU B 24 67.10 -4.44 -23.43
N ASP B 25 66.52 -5.22 -22.50
CA ASP B 25 65.39 -6.09 -22.86
C ASP B 25 64.19 -5.27 -23.35
N ALA B 26 64.07 -4.03 -22.90
CA ALA B 26 62.97 -3.16 -23.32
C ALA B 26 63.40 -2.05 -24.27
N ALA B 27 64.66 -2.05 -24.73
CA ALA B 27 65.19 -0.96 -25.54
C ALA B 27 66.00 -1.52 -26.71
N PRO B 28 65.32 -1.92 -27.79
CA PRO B 28 66.03 -2.56 -28.91
C PRO B 28 66.94 -1.60 -29.67
N GLU B 29 66.69 -0.31 -29.60
CA GLU B 29 67.54 0.65 -30.28
C GLU B 29 68.83 0.90 -29.54
N VAL B 30 69.03 0.23 -28.40
CA VAL B 30 70.18 0.47 -27.53
C VAL B 30 71.09 -0.76 -27.60
N ARG B 31 72.39 -0.50 -27.73
CA ARG B 31 73.41 -1.53 -27.72
C ARG B 31 74.37 -1.31 -26.56
N VAL B 32 75.05 -2.37 -26.15
CA VAL B 32 76.08 -2.27 -25.12
C VAL B 32 77.39 -2.69 -25.74
N SER B 33 78.45 -1.93 -25.48
CA SER B 33 79.74 -2.20 -26.08
C SER B 33 80.41 -3.39 -25.40
N VAL B 34 80.98 -4.27 -26.21
CA VAL B 34 81.74 -5.41 -25.72
C VAL B 34 83.19 -4.95 -25.61
N SER B 35 83.65 -4.76 -24.37
CA SER B 35 85.00 -4.28 -24.11
C SER B 35 86.03 -5.41 -24.30
N HIS B 36 87.26 -4.99 -24.58
CA HIS B 36 88.42 -5.89 -24.52
C HIS B 36 88.99 -5.87 -23.10
N THR B 37 89.42 -7.05 -22.63
CA THR B 37 90.01 -7.13 -21.31
C THR B 37 91.12 -8.18 -21.28
N THR B 38 92.03 -8.00 -20.32
CA THR B 38 93.07 -8.99 -20.04
C THR B 38 92.71 -9.87 -18.85
N ARG B 39 91.61 -9.59 -18.18
CA ARG B 39 91.11 -10.47 -17.13
C ARG B 39 90.63 -11.79 -17.73
N GLY B 40 90.69 -12.85 -16.93
CA GLY B 40 90.25 -14.15 -17.39
C GLY B 40 88.75 -14.28 -17.42
N MET B 41 88.27 -15.31 -18.09
CA MET B 41 86.83 -15.53 -18.22
C MET B 41 86.20 -15.78 -16.86
N ARG B 42 85.00 -15.25 -16.68
CA ARG B 42 84.20 -15.41 -15.47
C ARG B 42 83.26 -16.61 -15.61
N PRO B 43 82.56 -16.99 -14.55
CA PRO B 43 81.52 -18.03 -14.69
C PRO B 43 80.48 -17.64 -15.74
N GLY B 44 80.33 -18.50 -16.74
CA GLY B 44 79.38 -18.25 -17.81
C GLY B 44 79.79 -17.20 -18.81
N GLU B 45 81.03 -16.73 -18.78
CA GLU B 45 81.45 -15.71 -19.73
C GLU B 45 81.82 -16.33 -21.06
N VAL B 46 81.48 -15.64 -22.14
CA VAL B 46 81.76 -16.08 -23.51
C VAL B 46 82.58 -15.01 -24.20
N ASP B 47 83.68 -15.42 -24.83
CA ASP B 47 84.47 -14.47 -25.61
C ASP B 47 83.62 -13.94 -26.76
N GLY B 48 83.54 -12.62 -26.86
CA GLY B 48 82.72 -11.96 -27.83
C GLY B 48 81.38 -11.51 -27.31
N VAL B 49 80.92 -12.05 -26.18
CA VAL B 49 79.64 -11.68 -25.60
C VAL B 49 79.84 -10.76 -24.40
N ASN B 50 80.48 -11.28 -23.34
CA ASN B 50 80.73 -10.45 -22.16
C ASN B 50 81.94 -9.54 -22.37
N TYR B 51 83.01 -10.08 -22.95
CA TYR B 51 84.21 -9.34 -23.27
C TYR B 51 84.86 -9.98 -24.50
N HIS B 52 85.73 -9.21 -25.15
CA HIS B 52 86.67 -9.81 -26.10
C HIS B 52 87.93 -10.11 -25.31
N PHE B 53 88.03 -11.34 -24.83
CA PHE B 53 89.15 -11.78 -24.02
C PHE B 53 90.38 -11.96 -24.89
N THR B 54 91.38 -11.09 -24.68
CA THR B 54 92.72 -11.27 -25.25
C THR B 54 93.73 -11.20 -24.11
N SER B 55 95.00 -11.31 -24.46
CA SER B 55 96.08 -11.27 -23.50
C SER B 55 96.63 -9.85 -23.37
N ARG B 56 97.40 -9.63 -22.30
CA ARG B 56 98.07 -8.35 -22.12
C ARG B 56 98.90 -7.99 -23.34
N GLU B 57 99.54 -8.99 -23.95
CA GLU B 57 100.37 -8.74 -25.12
C GLU B 57 99.54 -8.32 -26.33
N GLU B 58 98.40 -9.01 -26.56
CA GLU B 58 97.54 -8.63 -27.67
C GLU B 58 96.78 -7.34 -27.40
N PHE B 59 96.57 -7.00 -26.12
CA PHE B 59 95.92 -5.74 -25.77
C PHE B 59 96.85 -4.57 -26.04
N LEU B 60 98.11 -4.66 -25.58
CA LEU B 60 99.07 -3.58 -25.82
C LEU B 60 99.40 -3.44 -27.30
N ALA B 61 99.38 -4.55 -28.05
CA ALA B 61 99.53 -4.46 -29.49
C ALA B 61 98.36 -3.73 -30.12
N MET B 62 97.14 -4.03 -29.66
CA MET B 62 95.97 -3.31 -30.13
C MET B 62 96.06 -1.82 -29.78
N LEU B 63 96.65 -1.49 -28.64
CA LEU B 63 96.81 -0.08 -28.27
C LEU B 63 97.81 0.62 -29.17
N GLU B 64 98.95 -0.01 -29.46
CA GLU B 64 99.95 0.63 -30.31
C GLU B 64 99.42 0.88 -31.71
N ARG B 65 98.41 0.12 -32.13
CA ARG B 65 97.72 0.36 -33.39
C ARG B 65 96.62 1.40 -33.27
N ASN B 66 96.46 2.02 -32.09
CA ASN B 66 95.48 3.08 -31.88
C ASN B 66 94.06 2.63 -32.19
N GLU B 67 93.75 1.38 -31.85
CA GLU B 67 92.44 0.82 -32.15
C GLU B 67 91.40 1.08 -31.07
N PHE B 68 91.82 1.62 -29.93
CA PHE B 68 90.92 1.85 -28.80
C PHE B 68 90.41 3.28 -28.78
N LEU B 69 89.18 3.44 -28.31
CA LEU B 69 88.67 4.76 -27.97
C LEU B 69 89.18 5.23 -26.62
N GLU B 70 89.39 4.30 -25.69
CA GLU B 70 89.91 4.58 -24.36
C GLU B 70 90.45 3.28 -23.80
N HIS B 71 91.32 3.40 -22.80
CA HIS B 71 91.81 2.22 -22.10
C HIS B 71 92.21 2.63 -20.69
N ALA B 72 92.21 1.65 -19.79
CA ALA B 72 92.58 1.91 -18.41
C ALA B 72 92.99 0.60 -17.75
N GLU B 73 93.78 0.73 -16.68
CA GLU B 73 94.10 -0.39 -15.80
C GLU B 73 93.15 -0.34 -14.61
N VAL B 74 92.34 -1.39 -14.44
CA VAL B 74 91.37 -1.48 -13.36
C VAL B 74 91.69 -2.70 -12.53
N PHE B 75 91.95 -2.48 -11.23
CA PHE B 75 92.15 -3.56 -10.25
C PHE B 75 93.26 -4.52 -10.69
N GLY B 76 94.17 -4.04 -11.54
CA GLY B 76 95.30 -4.82 -11.99
C GLY B 76 95.16 -5.43 -13.37
N ASN B 77 94.06 -5.18 -14.07
CA ASN B 77 93.85 -5.70 -15.42
C ASN B 77 93.56 -4.55 -16.38
N LEU B 78 93.99 -4.73 -17.63
CA LEU B 78 93.77 -3.75 -18.68
C LEU B 78 92.40 -3.97 -19.32
N TYR B 79 91.68 -2.86 -19.53
CA TYR B 79 90.37 -2.85 -20.18
C TYR B 79 90.36 -1.76 -21.24
N GLY B 80 89.56 -1.96 -22.29
CA GLY B 80 89.52 -1.00 -23.38
C GLY B 80 88.31 -1.16 -24.27
N THR B 81 87.96 -0.05 -24.95
CA THR B 81 86.83 0.02 -25.86
C THR B 81 87.33 0.11 -27.29
N SER B 82 86.82 -0.76 -28.17
CA SER B 82 87.17 -0.74 -29.58
C SER B 82 86.56 0.47 -30.26
N GLN B 83 87.39 1.27 -30.94
CA GLN B 83 86.91 2.52 -31.51
C GLN B 83 86.06 2.30 -32.77
N ARG B 84 86.42 1.32 -33.59
CA ARG B 84 85.70 1.09 -34.84
C ARG B 84 84.24 0.74 -34.57
N TRP B 85 84.00 -0.17 -33.63
CA TRP B 85 82.64 -0.59 -33.34
C TRP B 85 81.79 0.57 -32.83
N VAL B 86 82.38 1.46 -32.03
CA VAL B 86 81.64 2.62 -31.52
C VAL B 86 81.27 3.56 -32.68
N GLU B 87 82.24 3.85 -33.56
CA GLU B 87 81.98 4.78 -34.65
C GLU B 87 80.89 4.25 -35.58
N LYS B 88 80.99 2.99 -36.00
CA LYS B 88 79.99 2.43 -36.90
C LYS B 88 78.62 2.37 -36.25
N THR B 89 78.57 2.00 -34.97
CA THR B 89 77.29 1.84 -34.28
C THR B 89 76.55 3.16 -34.18
N LEU B 90 77.26 4.24 -33.85
CA LEU B 90 76.62 5.54 -33.74
C LEU B 90 76.16 6.06 -35.09
N ALA B 91 76.95 5.82 -36.14
CA ALA B 91 76.59 6.28 -37.48
C ALA B 91 75.38 5.53 -38.03
N GLU B 92 75.11 4.33 -37.52
CA GLU B 92 73.91 3.59 -37.89
C GLU B 92 72.66 4.10 -37.18
N GLY B 93 72.81 5.09 -36.29
CA GLY B 93 71.71 5.65 -35.53
C GLY B 93 71.40 4.97 -34.21
N LEU B 94 72.16 3.95 -33.83
CA LEU B 94 71.90 3.24 -32.58
C LEU B 94 72.47 3.98 -31.38
N ASP B 95 71.79 3.86 -30.25
CA ASP B 95 72.34 4.32 -28.98
C ASP B 95 73.31 3.29 -28.44
N LEU B 96 74.28 3.74 -27.66
CA LEU B 96 75.41 2.91 -27.30
C LEU B 96 75.77 3.12 -25.84
N ILE B 97 75.95 2.03 -25.11
CA ILE B 97 76.32 2.09 -23.70
C ILE B 97 77.75 1.59 -23.55
N LEU B 98 78.59 2.40 -22.90
CA LEU B 98 79.92 1.97 -22.48
C LEU B 98 79.88 1.70 -20.99
N GLU B 99 80.11 0.45 -20.59
CA GLU B 99 80.20 0.06 -19.18
C GLU B 99 81.68 0.11 -18.79
N ILE B 100 82.13 1.29 -18.39
CA ILE B 100 83.55 1.54 -18.18
C ILE B 100 83.72 2.28 -16.85
N ASP B 101 84.96 2.28 -16.35
CA ASP B 101 85.27 2.93 -15.09
C ASP B 101 85.46 4.43 -15.30
N TRP B 102 85.77 5.13 -14.21
CA TRP B 102 85.90 6.58 -14.28
C TRP B 102 87.07 7.03 -15.14
N GLN B 103 88.13 6.21 -15.25
CA GLN B 103 89.24 6.57 -16.12
C GLN B 103 88.80 6.59 -17.57
N GLY B 104 88.11 5.54 -18.02
CA GLY B 104 87.57 5.54 -19.37
C GLY B 104 86.56 6.64 -19.59
N ALA B 105 85.75 6.92 -18.58
CA ALA B 105 84.74 7.97 -18.72
C ALA B 105 85.38 9.32 -19.00
N GLN B 106 86.49 9.63 -18.34
CA GLN B 106 87.18 10.89 -18.59
C GLN B 106 87.74 10.94 -20.00
N GLN B 107 88.35 9.86 -20.48
CA GLN B 107 88.88 9.83 -21.83
C GLN B 107 87.77 10.03 -22.85
N VAL B 108 86.65 9.32 -22.67
CA VAL B 108 85.56 9.42 -23.63
C VAL B 108 84.97 10.83 -23.61
N ARG B 109 84.83 11.42 -22.43
CA ARG B 109 84.31 12.78 -22.34
C ARG B 109 85.19 13.77 -23.08
N ARG B 110 86.50 13.54 -23.11
CA ARG B 110 87.38 14.44 -23.86
C ARG B 110 87.17 14.29 -25.36
N LEU B 111 87.05 13.05 -25.84
CA LEU B 111 86.89 12.81 -27.28
C LEU B 111 85.47 13.10 -27.76
N MET B 112 84.48 12.89 -26.92
CA MET B 112 83.07 13.02 -27.31
C MET B 112 82.32 13.66 -26.16
N PRO B 113 82.45 14.98 -25.99
CA PRO B 113 81.80 15.65 -24.85
C PRO B 113 80.30 15.59 -24.86
N GLU B 114 79.66 15.23 -25.97
CA GLU B 114 78.22 15.08 -25.96
C GLU B 114 77.77 13.77 -25.32
N ALA B 115 78.72 12.93 -24.91
CA ALA B 115 78.37 11.66 -24.28
C ALA B 115 77.61 11.90 -22.97
N GLN B 116 76.61 11.06 -22.72
CA GLN B 116 75.84 11.13 -21.49
C GLN B 116 76.42 10.13 -20.51
N SER B 117 76.66 10.56 -19.27
CA SER B 117 77.30 9.71 -18.28
C SER B 117 76.35 9.52 -17.10
N ILE B 118 76.26 8.27 -16.63
CA ILE B 118 75.41 7.88 -15.52
C ILE B 118 76.24 7.09 -14.52
N PHE B 119 76.16 7.46 -13.26
CA PHE B 119 76.84 6.73 -12.20
C PHE B 119 75.81 6.02 -11.34
N ILE B 120 76.00 4.73 -11.11
CA ILE B 120 75.07 3.94 -10.32
C ILE B 120 75.69 3.70 -8.94
N LEU B 121 74.97 4.10 -7.92
CA LEU B 121 75.47 4.00 -6.57
C LEU B 121 74.67 2.99 -5.75
N PRO B 122 75.31 2.34 -4.79
CA PRO B 122 74.59 1.49 -3.85
C PRO B 122 73.95 2.34 -2.77
N PRO B 123 72.98 1.81 -2.02
CA PRO B 123 72.42 2.57 -0.90
C PRO B 123 73.35 2.67 0.30
N SER B 124 74.40 1.84 0.38
CA SER B 124 75.30 1.88 1.51
C SER B 124 76.56 1.12 1.14
N GLN B 125 77.62 1.33 1.92
CA GLN B 125 78.89 0.68 1.61
C GLN B 125 78.81 -0.82 1.86
N GLU B 126 78.08 -1.23 2.91
CA GLU B 126 77.90 -2.65 3.18
C GLU B 126 77.08 -3.34 2.08
N ALA B 127 76.11 -2.65 1.49
CA ALA B 127 75.32 -3.26 0.42
C ALA B 127 76.23 -3.74 -0.71
N LEU B 128 77.29 -3.01 -1.03
CA LEU B 128 78.24 -3.47 -2.05
C LEU B 128 78.89 -4.78 -1.65
N ARG B 129 79.34 -4.87 -0.40
CA ARG B 129 79.94 -6.10 0.09
C ARG B 129 78.94 -7.23 0.01
N GLN B 130 77.69 -6.97 0.41
CA GLN B 130 76.65 -8.00 0.32
C GLN B 130 76.40 -8.38 -1.13
N ARG B 131 76.33 -7.40 -2.02
CA ARG B 131 76.06 -7.70 -3.42
C ARG B 131 77.23 -8.41 -4.07
N LEU B 132 78.46 -7.96 -3.79
CA LEU B 132 79.64 -8.68 -4.27
C LEU B 132 79.74 -10.07 -3.64
N THR B 133 79.53 -10.17 -2.33
CA THR B 133 79.64 -11.47 -1.65
C THR B 133 78.50 -12.40 -2.02
N ASN B 134 77.25 -11.91 -1.98
CA ASN B 134 76.12 -12.79 -2.24
C ASN B 134 76.06 -13.21 -3.71
N ARG B 135 76.50 -12.37 -4.63
CA ARG B 135 76.54 -12.73 -6.04
C ARG B 135 77.52 -13.87 -6.29
N ARG B 145 89.57 -6.83 -2.01
CA ARG B 145 90.49 -5.88 -2.61
C ARG B 145 89.73 -4.73 -3.24
N ARG B 146 88.62 -5.06 -3.90
CA ARG B 146 87.83 -4.04 -4.55
C ARG B 146 87.09 -3.15 -3.56
N MET B 147 86.84 -3.64 -2.34
CA MET B 147 86.15 -2.81 -1.35
C MET B 147 87.02 -1.66 -0.86
N ARG B 148 88.32 -1.87 -0.73
CA ARG B 148 89.21 -0.77 -0.35
C ARG B 148 89.22 0.31 -1.42
N GLU B 149 89.19 -0.09 -2.68
CA GLU B 149 89.18 0.86 -3.79
C GLU B 149 87.78 1.29 -4.17
N ALA B 150 86.75 0.74 -3.52
CA ALA B 150 85.37 1.08 -3.87
C ALA B 150 85.08 2.55 -3.57
N VAL B 151 85.52 3.01 -2.39
CA VAL B 151 85.36 4.41 -2.01
C VAL B 151 86.09 5.32 -3.00
N SER B 152 87.27 4.91 -3.46
CA SER B 152 88.00 5.71 -4.43
C SER B 152 87.24 5.82 -5.75
N GLU B 153 86.68 4.71 -6.23
CA GLU B 153 85.90 4.74 -7.46
C GLU B 153 84.64 5.57 -7.30
N MET B 154 83.95 5.43 -6.16
CA MET B 154 82.71 6.18 -5.96
C MET B 154 82.98 7.67 -5.81
N SER B 155 84.19 8.07 -5.41
CA SER B 155 84.48 9.48 -5.23
C SER B 155 84.40 10.25 -6.55
N HIS B 156 84.45 9.55 -7.68
CA HIS B 156 84.32 10.16 -8.99
C HIS B 156 82.88 10.38 -9.42
N TYR B 157 81.91 10.08 -8.54
CA TYR B 157 80.51 10.25 -8.92
C TYR B 157 80.22 11.69 -9.29
N VAL B 158 81.00 12.64 -8.74
CA VAL B 158 80.76 14.06 -8.99
C VAL B 158 80.97 14.43 -10.45
N GLU B 159 81.61 13.55 -11.23
CA GLU B 159 81.95 13.83 -12.62
C GLU B 159 80.86 13.41 -13.59
N TYR B 160 79.74 12.88 -13.12
CA TYR B 160 78.76 12.26 -13.98
C TYR B 160 77.51 13.14 -14.08
N ASP B 161 76.83 13.04 -15.24
CA ASP B 161 75.64 13.84 -15.46
C ASP B 161 74.49 13.39 -14.56
N HIS B 162 74.29 12.08 -14.41
CA HIS B 162 73.16 11.58 -13.64
C HIS B 162 73.61 10.54 -12.63
N LEU B 163 72.92 10.52 -11.50
CA LEU B 163 73.17 9.56 -10.45
C LEU B 163 71.90 8.75 -10.23
N VAL B 164 72.04 7.43 -10.28
CA VAL B 164 70.96 6.52 -9.93
C VAL B 164 71.36 5.78 -8.67
N ILE B 165 70.53 5.83 -7.64
CA ILE B 165 70.74 5.09 -6.40
C ILE B 165 70.06 3.73 -6.54
N ASN B 166 70.85 2.67 -6.65
CA ASN B 166 70.29 1.33 -6.86
C ASN B 166 69.96 0.73 -5.49
N ASP B 167 68.85 1.21 -4.92
CA ASP B 167 68.33 0.60 -3.69
C ASP B 167 67.35 -0.52 -4.05
N ASP B 168 66.11 -0.14 -4.34
CA ASP B 168 65.14 -1.07 -4.90
C ASP B 168 65.39 -1.21 -6.41
N PHE B 169 65.58 -2.45 -6.86
CA PHE B 169 65.97 -2.71 -8.25
C PHE B 169 64.97 -2.12 -9.24
N ALA B 170 63.67 -2.38 -9.02
CA ALA B 170 62.66 -1.91 -9.97
C ALA B 170 62.60 -0.39 -10.02
N HIS B 171 62.72 0.26 -8.86
CA HIS B 171 62.77 1.73 -8.86
C HIS B 171 64.02 2.23 -9.59
N ALA B 172 65.16 1.58 -9.40
CA ALA B 172 66.37 2.01 -10.09
C ALA B 172 66.27 1.77 -11.59
N LEU B 173 65.59 0.69 -12.00
CA LEU B 173 65.37 0.47 -13.42
C LEU B 173 64.49 1.57 -14.01
N ASP B 174 63.44 1.98 -13.29
CA ASP B 174 62.60 3.07 -13.77
C ASP B 174 63.40 4.35 -13.92
N ASP B 175 64.24 4.68 -12.93
CA ASP B 175 65.11 5.85 -13.03
C ASP B 175 65.95 5.81 -14.30
N LEU B 176 66.59 4.67 -14.55
CA LEU B 176 67.44 4.53 -15.72
C LEU B 176 66.66 4.71 -17.02
N LYS B 177 65.47 4.11 -17.11
CA LYS B 177 64.63 4.28 -18.30
C LYS B 177 64.21 5.73 -18.48
N ALA B 178 64.00 6.47 -17.39
CA ALA B 178 63.60 7.87 -17.51
C ALA B 178 64.73 8.70 -18.09
N ILE B 179 65.98 8.42 -17.71
CA ILE B 179 67.12 9.14 -18.27
C ILE B 179 67.20 8.91 -19.77
N PHE B 180 67.10 7.65 -20.21
CA PHE B 180 67.18 7.34 -21.63
C PHE B 180 65.99 7.91 -22.40
N ARG B 181 64.80 7.91 -21.79
CA ARG B 181 63.61 8.40 -22.48
CA ARG B 181 63.63 8.40 -22.51
C ARG B 181 63.67 9.92 -22.64
N ALA B 182 64.07 10.63 -21.57
CA ALA B 182 64.17 12.08 -21.62
C ALA B 182 65.19 12.53 -22.65
N ARG B 183 66.30 11.79 -22.77
CA ARG B 183 67.33 12.12 -23.75
C ARG B 183 66.79 11.99 -25.17
N GLN B 184 65.97 10.97 -25.39
CA GLN B 184 65.27 10.94 -26.67
C GLN B 184 64.16 11.98 -26.76
N LEU B 185 63.86 12.76 -25.71
CA LEU B 185 62.91 13.83 -25.95
C LEU B 185 63.58 15.17 -26.23
N ARG B 186 64.92 15.21 -26.26
CA ARG B 186 65.61 16.46 -26.58
C ARG B 186 65.35 16.92 -28.01
N GLN B 187 65.58 18.22 -28.22
CA GLN B 187 65.37 18.84 -29.53
C GLN B 187 66.10 18.09 -30.63
N ASP B 188 67.41 17.86 -30.45
CA ASP B 188 68.21 17.22 -31.48
C ASP B 188 67.66 15.86 -31.83
N ALA B 189 67.40 15.04 -30.80
CA ALA B 189 66.91 13.67 -30.99
C ALA B 189 65.53 13.65 -31.61
N GLN B 190 64.61 14.48 -31.12
CA GLN B 190 63.27 14.53 -31.69
C GLN B 190 63.27 15.10 -33.11
N GLN B 191 64.16 16.05 -33.39
CA GLN B 191 64.25 16.63 -34.73
C GLN B 191 64.67 15.59 -35.74
N GLN B 192 65.61 14.73 -35.36
CA GLN B 192 66.02 13.65 -36.25
C GLN B 192 64.92 12.61 -36.41
N ARG B 193 64.28 12.21 -35.31
CA ARG B 193 63.36 11.08 -35.35
C ARG B 193 62.00 11.43 -35.96
N HIS B 194 61.50 12.64 -35.78
CA HIS B 194 60.18 13.02 -36.28
C HIS B 194 60.27 14.14 -37.31
N ALA B 195 61.32 14.13 -38.13
CA ALA B 195 61.49 15.18 -39.14
C ALA B 195 60.27 15.33 -40.02
N GLU B 196 59.67 14.22 -40.45
CA GLU B 196 58.54 14.30 -41.38
C GLU B 196 57.30 14.84 -40.68
N LEU B 197 57.04 14.42 -39.45
CA LEU B 197 55.93 14.98 -38.68
C LEU B 197 56.10 16.48 -38.48
N LEU B 198 57.29 16.89 -38.01
CA LEU B 198 57.55 18.32 -37.81
C LEU B 198 57.39 19.08 -39.12
N GLY B 199 57.90 18.52 -40.22
CA GLY B 199 57.70 19.15 -41.51
C GLY B 199 56.23 19.29 -41.86
N ARG B 200 55.44 18.25 -41.59
CA ARG B 200 54.02 18.32 -41.88
C ARG B 200 53.34 19.38 -41.02
N LEU B 201 53.82 19.58 -39.79
CA LEU B 201 53.20 20.57 -38.92
C LEU B 201 53.50 21.98 -39.39
N LEU B 202 54.69 22.22 -39.94
CA LEU B 202 55.08 23.56 -40.36
C LEU B 202 54.79 23.83 -41.84
N ALA B 203 54.16 22.90 -42.54
CA ALA B 203 53.84 23.09 -43.96
C ALA B 203 52.46 23.72 -44.08
N SER C 2 35.29 9.51 -37.59
CA SER C 2 34.30 9.79 -36.54
C SER C 2 34.67 9.09 -35.25
N GLY C 3 34.13 9.57 -34.13
CA GLY C 3 34.39 8.93 -32.87
C GLY C 3 33.60 7.65 -32.71
N THR C 4 33.87 6.95 -31.61
CA THR C 4 33.22 5.68 -31.32
C THR C 4 32.16 5.88 -30.25
N LEU C 5 31.02 5.23 -30.44
CA LEU C 5 29.94 5.23 -29.47
C LEU C 5 30.06 3.97 -28.63
N TYR C 6 30.20 4.13 -27.32
CA TYR C 6 30.30 3.02 -26.38
C TYR C 6 29.03 2.94 -25.52
N ILE C 7 28.57 1.72 -25.29
CA ILE C 7 27.51 1.42 -24.35
C ILE C 7 28.13 0.67 -23.19
N VAL C 8 28.04 1.23 -21.98
CA VAL C 8 28.53 0.57 -20.77
C VAL C 8 27.35 0.30 -19.86
N SER C 9 27.10 -0.97 -19.56
CA SER C 9 25.97 -1.38 -18.71
C SER C 9 26.46 -2.30 -17.60
N ALA C 10 25.67 -2.36 -16.52
CA ALA C 10 25.98 -3.20 -15.38
C ALA C 10 24.81 -3.21 -14.41
N PRO C 11 24.60 -4.29 -13.67
CA PRO C 11 23.63 -4.25 -12.58
C PRO C 11 24.03 -3.17 -11.59
N SER C 12 23.02 -2.55 -10.98
CA SER C 12 23.25 -1.45 -10.07
C SER C 12 24.24 -1.84 -8.97
N GLY C 13 25.31 -1.06 -8.84
CA GLY C 13 26.31 -1.30 -7.83
C GLY C 13 27.50 -2.12 -8.27
N ALA C 14 27.60 -2.49 -9.55
CA ALA C 14 28.73 -3.27 -10.03
C ALA C 14 30.04 -2.48 -10.09
N GLY C 15 29.96 -1.16 -10.18
CA GLY C 15 31.13 -0.31 -10.31
C GLY C 15 31.29 0.40 -11.65
N LYS C 16 30.23 0.51 -12.45
CA LYS C 16 30.35 1.06 -13.79
C LYS C 16 30.65 2.56 -13.76
N THR C 17 29.96 3.31 -12.90
CA THR C 17 30.21 4.75 -12.79
C THR C 17 31.62 5.02 -12.26
N SER C 18 32.09 4.24 -11.29
CA SER C 18 33.40 4.48 -10.73
C SER C 18 34.49 4.16 -11.75
N LEU C 19 34.31 3.07 -12.49
CA LEU C 19 35.29 2.65 -13.47
C LEU C 19 35.35 3.63 -14.64
N VAL C 20 34.20 4.13 -15.07
CA VAL C 20 34.21 5.07 -16.18
C VAL C 20 34.85 6.38 -15.75
N LYS C 21 34.52 6.87 -14.55
CA LYS C 21 35.13 8.11 -14.08
C LYS C 21 36.65 8.00 -14.06
N ALA C 22 37.19 6.89 -13.56
CA ALA C 22 38.64 6.71 -13.54
C ALA C 22 39.20 6.60 -14.97
N LEU C 23 38.44 6.00 -15.88
CA LEU C 23 38.86 5.94 -17.28
C LEU C 23 38.97 7.34 -17.90
N LEU C 24 38.01 8.20 -17.57
CA LEU C 24 37.98 9.54 -18.16
C LEU C 24 39.15 10.41 -17.69
N ASP C 25 39.63 10.19 -16.45
CA ASP C 25 40.73 11.01 -15.95
C ASP C 25 41.99 10.83 -16.79
N ALA C 26 42.14 9.68 -17.43
CA ALA C 26 43.30 9.43 -18.28
C ALA C 26 42.95 9.46 -19.75
N ALA C 27 41.72 9.81 -20.12
CA ALA C 27 41.26 9.73 -21.50
C ALA C 27 40.54 11.00 -21.88
N PRO C 28 41.27 12.04 -22.28
CA PRO C 28 40.63 13.32 -22.63
C PRO C 28 39.80 13.26 -23.90
N GLU C 29 40.05 12.31 -24.79
CA GLU C 29 39.27 12.23 -26.03
C GLU C 29 37.92 11.56 -25.82
N VAL C 30 37.60 11.13 -24.62
CA VAL C 30 36.37 10.39 -24.34
C VAL C 30 35.44 11.27 -23.52
N ARG C 31 34.16 11.27 -23.90
CA ARG C 31 33.12 11.95 -23.15
C ARG C 31 32.10 10.95 -22.66
N VAL C 32 31.38 11.31 -21.60
CA VAL C 32 30.29 10.49 -21.10
C VAL C 32 29.00 11.29 -21.23
N SER C 33 27.95 10.61 -21.70
CA SER C 33 26.68 11.26 -21.92
C SER C 33 25.98 11.53 -20.59
N VAL C 34 25.41 12.72 -20.47
CA VAL C 34 24.60 13.07 -19.30
C VAL C 34 23.15 12.73 -19.62
N SER C 35 22.64 11.66 -19.03
CA SER C 35 21.28 11.22 -19.30
C SER C 35 20.26 12.12 -18.63
N HIS C 36 19.04 12.08 -19.14
CA HIS C 36 17.90 12.66 -18.45
C HIS C 36 17.30 11.61 -17.53
N THR C 37 16.84 12.05 -16.36
CA THR C 37 16.16 11.12 -15.48
C THR C 37 15.04 11.85 -14.75
N THR C 38 14.01 11.08 -14.39
CA THR C 38 12.91 11.53 -13.56
C THR C 38 13.06 11.08 -12.11
N ARG C 39 14.00 10.18 -11.86
CA ARG C 39 14.51 9.86 -10.54
C ARG C 39 14.87 11.13 -9.76
N GLY C 40 14.80 11.06 -8.44
CA GLY C 40 15.29 12.16 -7.63
C GLY C 40 16.80 12.10 -7.41
N MET C 41 17.38 13.21 -6.98
CA MET C 41 18.83 13.26 -6.83
C MET C 41 19.30 12.41 -5.65
N ARG C 42 20.47 11.77 -5.82
CA ARG C 42 21.17 11.16 -4.70
C ARG C 42 22.02 12.20 -3.99
N PRO C 43 22.31 12.01 -2.70
CA PRO C 43 23.25 12.91 -2.01
C PRO C 43 24.57 13.02 -2.77
N GLY C 44 24.98 14.24 -3.05
CA GLY C 44 26.18 14.49 -3.81
C GLY C 44 26.02 14.57 -5.31
N GLU C 45 24.80 14.47 -5.84
CA GLU C 45 24.57 14.61 -7.27
C GLU C 45 24.25 16.05 -7.63
N VAL C 46 24.69 16.46 -8.82
CA VAL C 46 24.49 17.82 -9.30
C VAL C 46 23.74 17.78 -10.62
N ASP C 47 22.69 18.59 -10.73
CA ASP C 47 21.95 18.70 -11.98
C ASP C 47 22.89 19.22 -13.06
N GLY C 48 22.93 18.53 -14.20
CA GLY C 48 23.80 18.91 -15.28
C GLY C 48 25.12 18.16 -15.31
N VAL C 49 25.48 17.51 -14.21
CA VAL C 49 26.72 16.75 -14.13
C VAL C 49 26.43 15.26 -14.20
N ASN C 50 25.73 14.74 -13.18
CA ASN C 50 25.39 13.32 -13.13
C ASN C 50 24.20 12.97 -14.00
N TYR C 51 23.17 13.82 -13.96
CA TYR C 51 21.98 13.64 -14.77
C TYR C 51 21.39 15.01 -15.05
N HIS C 52 20.53 15.05 -16.06
CA HIS C 52 19.58 16.13 -16.27
C HIS C 52 18.30 15.71 -15.56
N PHE C 53 18.10 16.22 -14.35
CA PHE C 53 16.94 15.87 -13.54
C PHE C 53 15.71 16.61 -14.06
N THR C 54 14.67 15.86 -14.43
CA THR C 54 13.43 16.44 -14.91
C THR C 54 12.24 15.75 -14.24
N SER C 55 11.07 16.31 -14.52
CA SER C 55 9.80 15.74 -14.12
C SER C 55 9.37 14.68 -15.13
N ARG C 56 8.46 13.81 -14.69
CA ARG C 56 7.83 12.87 -15.63
C ARG C 56 7.21 13.61 -16.81
N GLU C 57 6.46 14.67 -16.53
CA GLU C 57 5.82 15.44 -17.59
C GLU C 57 6.84 15.93 -18.62
N GLU C 58 7.87 16.66 -18.18
CA GLU C 58 8.83 17.20 -19.12
C GLU C 58 9.62 16.10 -19.82
N PHE C 59 9.82 14.95 -19.16
CA PHE C 59 10.45 13.82 -19.83
C PHE C 59 9.59 13.28 -20.96
N LEU C 60 8.30 13.08 -20.69
CA LEU C 60 7.40 12.56 -21.71
C LEU C 60 7.19 13.59 -22.82
N ALA C 61 7.20 14.89 -22.50
CA ALA C 61 7.14 15.90 -23.54
C ALA C 61 8.38 15.85 -24.41
N MET C 62 9.56 15.72 -23.80
CA MET C 62 10.78 15.56 -24.57
C MET C 62 10.71 14.29 -25.42
N LEU C 63 10.06 13.25 -24.90
CA LEU C 63 9.88 12.00 -25.64
C LEU C 63 8.92 12.17 -26.81
N GLU C 64 7.80 12.87 -26.60
CA GLU C 64 6.85 13.04 -27.71
C GLU C 64 7.46 13.85 -28.85
N ARG C 65 8.46 14.70 -28.57
CA ARG C 65 9.20 15.44 -29.58
C ARG C 65 10.33 14.63 -30.19
N ASN C 66 10.46 13.35 -29.84
CA ASN C 66 11.48 12.45 -30.41
C ASN C 66 12.89 12.97 -30.17
N GLU C 67 13.13 13.56 -29.00
CA GLU C 67 14.45 14.10 -28.71
C GLU C 67 15.36 13.10 -28.01
N PHE C 68 14.89 11.88 -27.78
CA PHE C 68 15.67 10.84 -27.12
C PHE C 68 16.17 9.83 -28.15
N LEU C 69 17.48 9.56 -28.13
CA LEU C 69 18.01 8.44 -28.89
C LEU C 69 17.42 7.13 -28.39
N GLU C 70 17.36 6.97 -27.07
CA GLU C 70 16.77 5.80 -26.44
C GLU C 70 16.18 6.28 -25.13
N HIS C 71 15.26 5.48 -24.60
CA HIS C 71 14.67 5.79 -23.31
C HIS C 71 14.17 4.49 -22.73
N ALA C 72 14.05 4.46 -21.41
CA ALA C 72 13.57 3.24 -20.77
C ALA C 72 13.01 3.61 -19.41
N GLU C 73 12.13 2.74 -18.93
CA GLU C 73 11.65 2.80 -17.55
C GLU C 73 12.53 1.85 -16.78
N VAL C 74 13.20 2.36 -15.76
CA VAL C 74 14.16 1.59 -14.98
C VAL C 74 13.85 1.81 -13.50
N PHE C 75 13.54 0.72 -12.79
CA PHE C 75 13.20 0.74 -11.37
C PHE C 75 12.18 1.84 -11.06
N GLY C 76 11.11 1.88 -11.86
CA GLY C 76 10.01 2.80 -11.62
C GLY C 76 10.23 4.22 -12.11
N ASN C 77 11.41 4.57 -12.62
CA ASN C 77 11.67 5.91 -13.13
C ASN C 77 12.11 5.86 -14.59
N LEU C 78 11.99 7.00 -15.25
CA LEU C 78 12.35 7.14 -16.66
C LEU C 78 13.76 7.67 -16.80
N TYR C 79 14.50 7.10 -17.75
CA TYR C 79 15.84 7.53 -18.11
C TYR C 79 15.93 7.60 -19.63
N GLY C 80 16.77 8.50 -20.14
CA GLY C 80 16.88 8.62 -21.58
C GLY C 80 18.10 9.40 -22.00
N THR C 81 18.56 9.14 -23.22
CA THR C 81 19.75 9.77 -23.81
C THR C 81 19.32 10.78 -24.88
N SER C 82 19.80 12.01 -24.76
CA SER C 82 19.45 13.04 -25.72
C SER C 82 20.10 12.74 -27.07
N GLN C 83 19.29 12.77 -28.13
CA GLN C 83 19.79 12.40 -29.46
C GLN C 83 20.67 13.49 -30.06
N ARG C 84 20.33 14.76 -29.85
CA ARG C 84 21.12 15.85 -30.43
C ARG C 84 22.54 15.82 -29.90
N TRP C 85 22.70 15.67 -28.59
CA TRP C 85 24.04 15.70 -28.01
C TRP C 85 24.90 14.56 -28.53
N VAL C 86 24.31 13.37 -28.71
CA VAL C 86 25.08 12.23 -29.18
C VAL C 86 25.59 12.48 -30.61
N GLU C 87 24.71 12.97 -31.48
CA GLU C 87 25.10 13.19 -32.86
C GLU C 87 26.20 14.23 -32.96
N LYS C 88 26.05 15.35 -32.24
CA LYS C 88 27.05 16.43 -32.33
C LYS C 88 28.41 15.97 -31.82
N THR C 89 28.43 15.22 -30.72
CA THR C 89 29.70 14.80 -30.14
C THR C 89 30.46 13.86 -31.06
N LEU C 90 29.75 12.90 -31.66
CA LEU C 90 30.39 11.94 -32.55
C LEU C 90 30.89 12.60 -33.81
N ALA C 91 30.15 13.58 -34.34
CA ALA C 91 30.57 14.27 -35.56
C ALA C 91 31.81 15.12 -35.33
N GLU C 92 32.09 15.51 -34.09
CA GLU C 92 33.31 16.23 -33.75
C GLU C 92 34.51 15.31 -33.59
N GLY C 93 34.34 14.00 -33.74
CA GLY C 93 35.44 13.08 -33.59
C GLY C 93 35.67 12.58 -32.19
N LEU C 94 34.85 12.98 -31.23
CA LEU C 94 35.00 12.54 -29.85
C LEU C 94 34.41 11.15 -29.66
N ASP C 95 35.02 10.38 -28.77
CA ASP C 95 34.45 9.13 -28.31
C ASP C 95 33.46 9.40 -27.19
N LEU C 96 32.44 8.54 -27.10
CA LEU C 96 31.27 8.83 -26.29
C LEU C 96 30.83 7.56 -25.58
N ILE C 97 30.60 7.67 -24.27
CA ILE C 97 30.13 6.56 -23.45
C ILE C 97 28.68 6.82 -23.08
N LEU C 98 27.83 5.82 -23.29
CA LEU C 98 26.47 5.83 -22.78
C LEU C 98 26.42 4.86 -21.60
N GLU C 99 26.13 5.39 -20.41
CA GLU C 99 25.92 4.58 -19.21
C GLU C 99 24.44 4.31 -19.06
N ILE C 100 23.97 3.24 -19.69
CA ILE C 100 22.54 2.99 -19.83
C ILE C 100 22.26 1.53 -19.52
N ASP C 101 20.98 1.22 -19.30
CA ASP C 101 20.59 -0.13 -18.94
C ASP C 101 20.48 -1.02 -20.19
N TRP C 102 20.09 -2.28 -19.98
CA TRP C 102 20.02 -3.21 -21.11
C TRP C 102 18.91 -2.85 -22.08
N GLN C 103 17.82 -2.26 -21.58
CA GLN C 103 16.75 -1.83 -22.48
C GLN C 103 17.23 -0.74 -23.42
N GLY C 104 17.90 0.29 -22.88
CA GLY C 104 18.46 1.33 -23.72
C GLY C 104 19.54 0.80 -24.65
N ALA C 105 20.37 -0.12 -24.15
CA ALA C 105 21.42 -0.68 -24.98
C ALA C 105 20.84 -1.37 -26.20
N GLN C 106 19.74 -2.11 -26.05
CA GLN C 106 19.11 -2.75 -27.21
C GLN C 106 18.62 -1.72 -28.22
N GLN C 107 17.99 -0.64 -27.75
CA GLN C 107 17.53 0.40 -28.66
C GLN C 107 18.69 1.02 -29.42
N VAL C 108 19.80 1.30 -28.73
CA VAL C 108 20.93 1.93 -29.39
C VAL C 108 21.55 0.99 -30.41
N ARG C 109 21.67 -0.30 -30.09
CA ARG C 109 22.22 -1.26 -31.03
C ARG C 109 21.40 -1.35 -32.31
N ARG C 110 20.08 -1.21 -32.20
CA ARG C 110 19.23 -1.25 -33.39
C ARG C 110 19.44 -0.02 -34.25
N LEU C 111 19.50 1.15 -33.63
CA LEU C 111 19.65 2.40 -34.37
C LEU C 111 21.07 2.64 -34.85
N MET C 112 22.07 2.18 -34.09
CA MET C 112 23.48 2.41 -34.42
CA MET C 112 23.48 2.41 -34.41
C MET C 112 24.22 1.09 -34.24
N PRO C 113 24.34 0.31 -35.31
CA PRO C 113 24.95 -1.02 -35.19
C PRO C 113 26.44 -1.02 -34.95
N GLU C 114 27.13 0.09 -35.20
CA GLU C 114 28.57 0.14 -34.94
C GLU C 114 28.89 0.39 -33.48
N ALA C 115 27.89 0.58 -32.63
CA ALA C 115 28.13 0.84 -31.21
C ALA C 115 28.80 -0.34 -30.53
N GLN C 116 29.77 -0.04 -29.68
CA GLN C 116 30.48 -1.03 -28.89
C GLN C 116 29.89 -1.09 -27.49
N SER C 117 29.63 -2.30 -27.00
CA SER C 117 28.99 -2.47 -25.70
C SER C 117 29.89 -3.27 -24.76
N ILE C 118 29.97 -2.81 -23.51
CA ILE C 118 30.79 -3.43 -22.47
C ILE C 118 29.88 -3.68 -21.27
N PHE C 119 29.93 -4.90 -20.74
CA PHE C 119 29.15 -5.24 -19.55
C PHE C 119 30.11 -5.44 -18.38
N ILE C 120 29.72 -4.92 -17.22
CA ILE C 120 30.55 -4.99 -16.03
C ILE C 120 29.85 -5.86 -15.01
N LEU C 121 30.49 -6.94 -14.62
CA LEU C 121 29.88 -7.86 -13.69
C LEU C 121 30.57 -7.81 -12.33
N PRO C 122 29.83 -8.05 -11.25
CA PRO C 122 30.46 -8.17 -9.95
C PRO C 122 31.08 -9.54 -9.79
N PRO C 123 31.96 -9.73 -8.79
CA PRO C 123 32.50 -11.07 -8.54
C PRO C 123 31.51 -12.00 -7.86
N SER C 124 30.39 -11.47 -7.37
CA SER C 124 29.36 -12.25 -6.71
C SER C 124 28.14 -11.36 -6.62
N GLN C 125 27.00 -11.98 -6.27
CA GLN C 125 25.79 -11.21 -6.06
C GLN C 125 25.88 -10.38 -4.78
N GLU C 126 26.40 -10.98 -3.71
CA GLU C 126 26.57 -10.26 -2.45
C GLU C 126 27.41 -9.01 -2.65
N ALA C 127 28.41 -9.08 -3.55
CA ALA C 127 29.22 -7.91 -3.83
C ALA C 127 28.37 -6.74 -4.31
N LEU C 128 27.32 -7.01 -5.08
CA LEU C 128 26.42 -5.92 -5.49
C LEU C 128 25.74 -5.28 -4.29
N ARG C 129 25.14 -6.10 -3.42
CA ARG C 129 24.45 -5.56 -2.26
C ARG C 129 25.41 -4.81 -1.35
N GLN C 130 26.59 -5.39 -1.12
CA GLN C 130 27.59 -4.73 -0.30
C GLN C 130 28.03 -3.41 -0.92
N ARG C 131 28.26 -3.41 -2.25
CA ARG C 131 28.69 -2.17 -2.90
C ARG C 131 27.57 -1.14 -2.91
N LEU C 132 26.33 -1.57 -3.16
CA LEU C 132 25.21 -0.65 -3.07
C LEU C 132 25.08 -0.07 -1.67
N THR C 133 25.24 -0.92 -0.65
CA THR C 133 25.14 -0.44 0.72
C THR C 133 26.31 0.48 1.09
N ASN C 134 27.52 0.10 0.66
CA ASN C 134 28.70 0.91 1.00
C ASN C 134 28.72 2.24 0.26
N ARG C 135 28.11 2.33 -0.92
CA ARG C 135 28.06 3.63 -1.59
C ARG C 135 27.26 4.65 -0.79
N GLY C 136 26.22 4.20 -0.10
CA GLY C 136 25.49 5.06 0.81
C GLY C 136 24.66 6.13 0.16
N GLN C 137 24.31 5.97 -1.11
CA GLN C 137 23.47 6.94 -1.79
C GLN C 137 22.02 6.48 -1.91
N ASP C 138 21.74 5.20 -1.69
CA ASP C 138 20.40 4.65 -1.82
C ASP C 138 19.91 4.12 -0.47
N SER C 139 18.58 4.15 -0.31
CA SER C 139 17.93 3.60 0.87
C SER C 139 17.90 2.08 0.80
N ASP C 140 17.42 1.47 1.88
CA ASP C 140 17.37 0.02 1.94
C ASP C 140 16.31 -0.53 1.00
N GLU C 141 15.10 0.03 1.04
CA GLU C 141 14.04 -0.42 0.15
C GLU C 141 14.47 -0.34 -1.31
N VAL C 142 15.19 0.72 -1.68
CA VAL C 142 15.68 0.86 -3.05
C VAL C 142 16.71 -0.21 -3.36
N ILE C 143 17.60 -0.51 -2.42
CA ILE C 143 18.64 -1.52 -2.63
C ILE C 143 17.99 -2.89 -2.82
N GLU C 144 17.06 -3.25 -1.92
CA GLU C 144 16.36 -4.53 -2.04
C GLU C 144 15.59 -4.61 -3.35
N ARG C 145 14.95 -3.50 -3.75
CA ARG C 145 14.21 -3.51 -5.01
C ARG C 145 15.13 -3.79 -6.18
N ARG C 146 16.31 -3.17 -6.19
CA ARG C 146 17.26 -3.42 -7.28
C ARG C 146 17.95 -4.77 -7.14
N MET C 147 18.17 -5.26 -5.92
CA MET C 147 18.76 -6.57 -5.75
C MET C 147 17.81 -7.67 -6.17
N ARG C 148 16.50 -7.44 -6.05
CA ARG C 148 15.54 -8.43 -6.53
C ARG C 148 15.68 -8.66 -8.04
N GLU C 149 15.98 -7.61 -8.80
CA GLU C 149 16.15 -7.70 -10.24
C GLU C 149 17.59 -7.96 -10.68
N ALA C 150 18.53 -8.15 -9.73
CA ALA C 150 19.95 -8.21 -10.09
C ALA C 150 20.27 -9.40 -11.00
N VAL C 151 19.76 -10.58 -10.67
CA VAL C 151 20.01 -11.75 -11.52
C VAL C 151 19.38 -11.55 -12.90
N SER C 152 18.16 -11.00 -12.95
CA SER C 152 17.53 -10.73 -14.23
C SER C 152 18.34 -9.71 -15.03
N GLU C 153 18.83 -8.67 -14.35
CA GLU C 153 19.65 -7.65 -14.99
C GLU C 153 20.94 -8.24 -15.55
N MET C 154 21.64 -9.05 -14.75
CA MET C 154 22.90 -9.61 -15.20
C MET C 154 22.71 -10.62 -16.34
N SER C 155 21.50 -11.17 -16.50
CA SER C 155 21.27 -12.16 -17.55
C SER C 155 21.45 -11.59 -18.94
N HIS C 156 21.40 -10.27 -19.09
CA HIS C 156 21.58 -9.65 -20.39
C HIS C 156 23.04 -9.49 -20.78
N TYR C 157 23.97 -9.99 -19.97
CA TYR C 157 25.39 -9.86 -20.30
C TYR C 157 25.71 -10.53 -21.63
N VAL C 158 24.90 -11.51 -22.03
CA VAL C 158 25.14 -12.26 -23.27
C VAL C 158 24.99 -11.38 -24.50
N GLU C 159 24.36 -10.21 -24.38
CA GLU C 159 24.13 -9.32 -25.51
C GLU C 159 25.28 -8.35 -25.74
N TYR C 160 26.35 -8.41 -24.95
CA TYR C 160 27.38 -7.40 -24.98
C TYR C 160 28.67 -7.92 -25.61
N ASP C 161 29.41 -6.99 -26.21
CA ASP C 161 30.65 -7.33 -26.91
C ASP C 161 31.75 -7.78 -25.97
N HIS C 162 31.91 -7.10 -24.83
CA HIS C 162 32.96 -7.42 -23.88
C HIS C 162 32.40 -7.49 -22.47
N LEU C 163 33.02 -8.34 -21.66
CA LEU C 163 32.69 -8.50 -20.26
C LEU C 163 33.92 -8.17 -19.42
N VAL C 164 33.76 -7.24 -18.49
CA VAL C 164 34.79 -6.89 -17.52
C VAL C 164 34.32 -7.36 -16.16
N ILE C 165 35.12 -8.20 -15.50
CA ILE C 165 34.80 -8.64 -14.15
C ILE C 165 35.43 -7.66 -13.18
N ASN C 166 34.61 -6.84 -12.51
CA ASN C 166 35.12 -5.84 -11.58
C ASN C 166 35.29 -6.46 -10.20
N ASP C 167 36.37 -7.23 -10.05
CA ASP C 167 36.75 -7.75 -8.74
C ASP C 167 37.71 -6.76 -8.10
N ASP C 168 38.99 -6.81 -8.47
CA ASP C 168 39.94 -5.78 -8.08
C ASP C 168 39.75 -4.56 -8.97
N PHE C 169 39.52 -3.40 -8.36
CA PHE C 169 39.22 -2.18 -9.11
C PHE C 169 40.32 -1.82 -10.09
N ALA C 170 41.58 -1.84 -9.63
CA ALA C 170 42.67 -1.43 -10.50
C ALA C 170 42.80 -2.38 -11.68
N HIS C 171 42.63 -3.69 -11.43
CA HIS C 171 42.67 -4.64 -12.52
C HIS C 171 41.49 -4.43 -13.49
N ALA C 172 40.31 -4.12 -12.96
CA ALA C 172 39.16 -3.90 -13.83
C ALA C 172 39.32 -2.61 -14.63
N LEU C 173 39.95 -1.60 -14.06
CA LEU C 173 40.26 -0.38 -14.80
C LEU C 173 41.21 -0.67 -15.97
N ASP C 174 42.24 -1.50 -15.73
CA ASP C 174 43.13 -1.86 -16.84
C ASP C 174 42.39 -2.61 -17.93
N ASP C 175 41.56 -3.59 -17.57
CA ASP C 175 40.75 -4.30 -18.54
C ASP C 175 39.94 -3.33 -19.37
N LEU C 176 39.30 -2.35 -18.71
CA LEU C 176 38.50 -1.36 -19.42
C LEU C 176 39.36 -0.51 -20.36
N LYS C 177 40.53 -0.06 -19.87
CA LYS C 177 41.42 0.73 -20.73
C LYS C 177 41.89 -0.07 -21.95
N ALA C 178 42.08 -1.38 -21.79
CA ALA C 178 42.54 -2.19 -22.90
C ALA C 178 41.49 -2.29 -24.00
N ILE C 179 40.22 -2.45 -23.61
CA ILE C 179 39.13 -2.48 -24.59
C ILE C 179 39.10 -1.17 -25.37
N PHE C 180 39.18 -0.04 -24.67
CA PHE C 180 39.16 1.25 -25.35
C PHE C 180 40.39 1.42 -26.23
N ARG C 181 41.58 1.12 -25.69
CA ARG C 181 42.81 1.31 -26.45
CA ARG C 181 42.81 1.30 -26.44
C ARG C 181 42.85 0.38 -27.65
N ALA C 182 42.31 -0.83 -27.52
CA ALA C 182 42.27 -1.74 -28.65
C ALA C 182 41.32 -1.24 -29.73
N ARG C 183 40.21 -0.59 -29.33
CA ARG C 183 39.30 -0.05 -30.33
C ARG C 183 39.95 1.08 -31.13
N GLN C 184 40.74 1.93 -30.46
CA GLN C 184 41.42 3.01 -31.19
C GLN C 184 42.54 2.50 -32.08
N LEU C 185 42.90 1.22 -31.99
CA LEU C 185 43.90 0.64 -32.88
C LEU C 185 43.28 -0.09 -34.07
N ARG C 186 41.95 -0.09 -34.20
CA ARG C 186 41.34 -0.72 -35.36
C ARG C 186 41.72 0.00 -36.65
N GLN C 187 41.53 -0.70 -37.76
CA GLN C 187 41.82 -0.14 -39.08
C GLN C 187 41.15 1.23 -39.27
N ASP C 188 39.85 1.33 -38.98
CA ASP C 188 39.13 2.58 -39.23
C ASP C 188 39.69 3.74 -38.41
N ALA C 189 39.82 3.56 -37.10
CA ALA C 189 40.30 4.65 -36.25
C ALA C 189 41.73 5.03 -36.60
N GLN C 190 42.58 4.04 -36.83
CA GLN C 190 43.96 4.32 -37.18
C GLN C 190 44.08 5.02 -38.53
N GLN C 191 43.20 4.69 -39.47
CA GLN C 191 43.22 5.34 -40.77
C GLN C 191 42.84 6.82 -40.64
N GLN C 192 41.82 7.13 -39.83
CA GLN C 192 41.41 8.51 -39.64
C GLN C 192 42.46 9.29 -38.86
N ARG C 193 42.95 8.72 -37.76
CA ARG C 193 43.84 9.45 -36.87
C ARG C 193 45.25 9.58 -37.46
N HIS C 194 45.69 8.59 -38.23
CA HIS C 194 47.04 8.58 -38.79
C HIS C 194 47.02 8.59 -40.31
N ALA C 195 46.02 9.24 -40.90
CA ALA C 195 45.91 9.28 -42.36
C ALA C 195 47.18 9.80 -43.01
N GLU C 196 47.77 10.85 -42.45
CA GLU C 196 48.92 11.48 -43.08
C GLU C 196 50.17 10.60 -42.96
N LEU C 197 50.39 9.99 -41.79
CA LEU C 197 51.54 9.09 -41.64
C LEU C 197 51.45 7.91 -42.60
N LEU C 198 50.27 7.29 -42.71
CA LEU C 198 50.10 6.21 -43.67
C LEU C 198 50.42 6.67 -45.09
N GLY C 199 49.97 7.87 -45.45
CA GLY C 199 50.30 8.42 -46.76
C GLY C 199 51.79 8.53 -46.97
N ARG C 200 52.51 9.01 -45.95
CA ARG C 200 53.96 9.12 -46.08
C ARG C 200 54.62 7.75 -46.23
N LEU C 201 54.02 6.71 -45.63
CA LEU C 201 54.63 5.38 -45.65
C LEU C 201 54.58 4.72 -47.02
N LEU C 202 53.51 4.90 -47.77
CA LEU C 202 53.38 4.22 -49.05
C LEU C 202 53.90 5.02 -50.23
N ALA C 203 54.47 6.20 -50.00
CA ALA C 203 54.98 7.02 -51.10
C ALA C 203 56.44 6.69 -51.34
N GLY C 204 56.76 6.37 -52.60
CA GLY C 204 58.12 5.99 -52.95
C GLY C 204 59.06 7.17 -53.11
N SER D 2 -28.89 -6.51 35.11
CA SER D 2 -29.44 -7.83 34.91
C SER D 2 -30.72 -7.71 34.09
N GLY D 3 -31.06 -8.79 33.38
CA GLY D 3 -32.32 -8.88 32.69
C GLY D 3 -33.40 -9.50 33.56
N THR D 4 -34.60 -9.62 32.99
CA THR D 4 -35.75 -10.19 33.67
C THR D 4 -35.98 -11.63 33.23
N LEU D 5 -36.30 -12.48 34.21
CA LEU D 5 -36.60 -13.90 34.01
C LEU D 5 -38.12 -14.09 33.94
N TYR D 6 -38.61 -14.61 32.82
CA TYR D 6 -40.02 -14.86 32.60
C TYR D 6 -40.33 -16.35 32.61
N ILE D 7 -41.43 -16.71 33.24
CA ILE D 7 -42.00 -18.04 33.22
C ILE D 7 -43.30 -17.94 32.43
N VAL D 8 -43.39 -18.67 31.32
CA VAL D 8 -44.60 -18.72 30.50
C VAL D 8 -45.13 -20.15 30.55
N SER D 9 -46.34 -20.32 31.06
CA SER D 9 -46.93 -21.65 31.17
C SER D 9 -48.33 -21.67 30.56
N ALA D 10 -48.76 -22.87 30.21
CA ALA D 10 -50.06 -23.00 29.58
C ALA D 10 -50.39 -24.47 29.44
N PRO D 11 -51.66 -24.86 29.47
CA PRO D 11 -52.00 -26.23 29.09
C PRO D 11 -51.54 -26.49 27.66
N SER D 12 -51.18 -27.74 27.40
CA SER D 12 -50.65 -28.12 26.10
C SER D 12 -51.59 -27.73 24.98
N GLY D 13 -51.07 -26.99 24.00
CA GLY D 13 -51.88 -26.59 22.86
C GLY D 13 -52.58 -25.26 22.99
N ALA D 14 -52.34 -24.52 24.08
CA ALA D 14 -53.00 -23.22 24.23
C ALA D 14 -52.46 -22.17 23.26
N GLY D 15 -51.25 -22.34 22.76
CA GLY D 15 -50.59 -21.40 21.87
C GLY D 15 -49.37 -20.68 22.44
N LYS D 16 -48.78 -21.17 23.52
CA LYS D 16 -47.68 -20.44 24.14
C LYS D 16 -46.44 -20.44 23.25
N THR D 17 -46.10 -21.59 22.64
CA THR D 17 -44.92 -21.63 21.79
C THR D 17 -45.07 -20.69 20.61
N SER D 18 -46.25 -20.65 20.00
CA SER D 18 -46.43 -19.80 18.83
C SER D 18 -46.45 -18.32 19.23
N LEU D 19 -47.05 -17.99 20.38
CA LEU D 19 -47.08 -16.59 20.83
C LEU D 19 -45.69 -16.08 21.21
N VAL D 20 -44.90 -16.93 21.86
CA VAL D 20 -43.56 -16.51 22.23
C VAL D 20 -42.70 -16.29 20.99
N LYS D 21 -42.81 -17.19 19.99
CA LYS D 21 -42.02 -17.01 18.77
C LYS D 21 -42.34 -15.68 18.09
N ALA D 22 -43.63 -15.34 17.97
CA ALA D 22 -44.01 -14.07 17.39
C ALA D 22 -43.53 -12.90 18.23
N LEU D 23 -43.51 -13.08 19.56
CA LEU D 23 -42.97 -12.04 20.45
C LEU D 23 -41.49 -11.81 20.19
N LEU D 24 -40.72 -12.88 19.97
CA LEU D 24 -39.28 -12.77 19.78
C LEU D 24 -38.94 -12.03 18.49
N ASP D 25 -39.83 -12.12 17.49
CA ASP D 25 -39.59 -11.41 16.23
C ASP D 25 -39.56 -9.90 16.45
N ALA D 26 -40.26 -9.40 17.47
CA ALA D 26 -40.28 -7.95 17.75
C ALA D 26 -39.47 -7.58 18.99
N ALA D 27 -38.72 -8.50 19.56
CA ALA D 27 -38.05 -8.27 20.84
C ALA D 27 -36.63 -8.82 20.80
N PRO D 28 -35.69 -8.04 20.28
CA PRO D 28 -34.30 -8.52 20.17
C PRO D 28 -33.60 -8.71 21.50
N GLU D 29 -34.07 -8.10 22.58
CA GLU D 29 -33.49 -8.25 23.92
C GLU D 29 -33.96 -9.50 24.67
N VAL D 30 -34.84 -10.32 24.07
CA VAL D 30 -35.46 -11.46 24.76
C VAL D 30 -34.93 -12.76 24.18
N ARG D 31 -34.63 -13.72 25.05
CA ARG D 31 -34.24 -15.07 24.67
C ARG D 31 -35.22 -16.08 25.26
N VAL D 32 -35.27 -17.26 24.64
CA VAL D 32 -36.07 -18.38 25.14
C VAL D 32 -35.14 -19.54 25.43
N SER D 33 -35.34 -20.18 26.58
CA SER D 33 -34.48 -21.28 27.00
C SER D 33 -34.82 -22.57 26.26
N VAL D 34 -33.80 -23.32 25.87
CA VAL D 34 -33.97 -24.63 25.25
C VAL D 34 -33.91 -25.69 26.36
N SER D 35 -35.05 -26.27 26.71
CA SER D 35 -35.12 -27.25 27.77
C SER D 35 -34.56 -28.61 27.33
N HIS D 36 -34.18 -29.39 28.33
CA HIS D 36 -33.92 -30.81 28.18
C HIS D 36 -35.23 -31.56 28.40
N THR D 37 -35.45 -32.61 27.61
CA THR D 37 -36.59 -33.49 27.80
C THR D 37 -36.18 -34.91 27.46
N THR D 38 -36.87 -35.88 28.06
CA THR D 38 -36.66 -37.28 27.74
C THR D 38 -37.72 -37.84 26.82
N ARG D 39 -38.69 -37.04 26.40
CA ARG D 39 -39.75 -37.58 25.55
C ARG D 39 -39.28 -37.66 24.11
N GLY D 40 -39.90 -38.56 23.35
CA GLY D 40 -39.57 -38.72 21.94
C GLY D 40 -39.82 -37.46 21.14
N MET D 41 -39.11 -37.38 20.02
CA MET D 41 -39.15 -36.18 19.17
C MET D 41 -40.40 -36.17 18.29
N ARG D 42 -41.08 -35.03 18.25
CA ARG D 42 -42.14 -34.85 17.28
C ARG D 42 -41.56 -34.84 15.87
N PRO D 43 -42.36 -35.18 14.84
CA PRO D 43 -41.80 -35.30 13.49
C PRO D 43 -41.22 -34.01 12.91
N GLY D 44 -41.58 -32.84 13.42
CA GLY D 44 -40.99 -31.60 12.96
C GLY D 44 -39.90 -31.02 13.84
N GLU D 45 -39.54 -31.70 14.91
CA GLU D 45 -38.56 -31.21 15.87
C GLU D 45 -37.15 -31.65 15.50
N VAL D 46 -36.17 -30.80 15.82
CA VAL D 46 -34.77 -31.08 15.57
C VAL D 46 -34.06 -31.03 16.91
N ASP D 47 -33.23 -32.03 17.20
CA ASP D 47 -32.45 -32.00 18.43
C ASP D 47 -31.51 -30.80 18.44
N GLY D 48 -31.52 -30.05 19.53
CA GLY D 48 -30.71 -28.86 19.66
C GLY D 48 -31.43 -27.56 19.39
N VAL D 49 -32.59 -27.61 18.73
CA VAL D 49 -33.38 -26.43 18.39
C VAL D 49 -34.60 -26.29 19.30
N ASN D 50 -35.50 -27.28 19.27
CA ASN D 50 -36.71 -27.25 20.09
C ASN D 50 -36.44 -27.68 21.53
N TYR D 51 -35.63 -28.73 21.70
CA TYR D 51 -35.27 -29.27 22.99
C TYR D 51 -33.88 -29.87 22.84
N HIS D 52 -33.24 -30.11 23.97
CA HIS D 52 -32.09 -31.00 24.06
C HIS D 52 -32.65 -32.37 24.43
N PHE D 53 -32.84 -33.21 23.42
CA PHE D 53 -33.38 -34.54 23.65
C PHE D 53 -32.28 -35.43 24.21
N THR D 54 -32.53 -36.05 25.37
CA THR D 54 -31.58 -36.98 25.95
C THR D 54 -32.35 -38.15 26.55
N SER D 55 -31.63 -39.24 26.78
CA SER D 55 -32.22 -40.40 27.43
C SER D 55 -32.53 -40.10 28.88
N ARG D 56 -33.39 -40.94 29.47
CA ARG D 56 -33.68 -40.80 30.88
C ARG D 56 -32.42 -40.96 31.72
N GLU D 57 -31.54 -41.90 31.33
CA GLU D 57 -30.32 -42.13 32.10
C GLU D 57 -29.47 -40.86 32.16
N GLU D 58 -29.36 -40.14 31.05
CA GLU D 58 -28.51 -38.96 31.02
C GLU D 58 -29.18 -37.76 31.69
N PHE D 59 -30.50 -37.66 31.64
CA PHE D 59 -31.20 -36.62 32.38
C PHE D 59 -30.91 -36.75 33.88
N LEU D 60 -31.05 -37.98 34.41
CA LEU D 60 -30.79 -38.21 35.82
C LEU D 60 -29.33 -38.00 36.18
N ALA D 61 -28.41 -38.31 35.27
CA ALA D 61 -27.01 -37.99 35.52
C ALA D 61 -26.78 -36.49 35.59
N MET D 62 -27.41 -35.76 34.67
CA MET D 62 -27.33 -34.30 34.70
C MET D 62 -27.97 -33.74 35.98
N LEU D 63 -29.04 -34.39 36.45
CA LEU D 63 -29.68 -33.95 37.68
C LEU D 63 -28.77 -34.16 38.89
N GLU D 64 -28.08 -35.32 38.95
CA GLU D 64 -27.17 -35.58 40.06
C GLU D 64 -25.98 -34.63 40.08
N ARG D 65 -25.62 -34.06 38.92
CA ARG D 65 -24.57 -33.05 38.86
C ARG D 65 -25.09 -31.65 39.18
N ASN D 66 -26.37 -31.52 39.55
CA ASN D 66 -26.96 -30.23 39.94
C ASN D 66 -26.90 -29.21 38.81
N GLU D 67 -27.09 -29.68 37.58
CA GLU D 67 -27.04 -28.82 36.42
C GLU D 67 -28.41 -28.25 36.03
N PHE D 68 -29.47 -28.69 36.70
CA PHE D 68 -30.84 -28.26 36.40
C PHE D 68 -31.30 -27.20 37.39
N LEU D 69 -31.73 -26.06 36.86
CA LEU D 69 -32.39 -25.06 37.71
C LEU D 69 -33.71 -25.61 38.26
N GLU D 70 -34.39 -26.44 37.48
CA GLU D 70 -35.65 -27.05 37.87
C GLU D 70 -35.84 -28.25 36.98
N HIS D 71 -36.64 -29.20 37.46
CA HIS D 71 -36.98 -30.35 36.65
C HIS D 71 -38.33 -30.85 37.11
N ALA D 72 -39.02 -31.56 36.21
CA ALA D 72 -40.31 -32.11 36.58
C ALA D 72 -40.62 -33.26 35.65
N GLU D 73 -41.48 -34.15 36.13
CA GLU D 73 -42.06 -35.21 35.33
C GLU D 73 -43.41 -34.70 34.83
N VAL D 74 -43.57 -34.68 33.51
CA VAL D 74 -44.72 -34.08 32.84
C VAL D 74 -45.20 -35.05 31.79
N PHE D 75 -46.45 -35.51 31.91
CA PHE D 75 -47.03 -36.51 31.02
C PHE D 75 -46.08 -37.68 30.77
N GLY D 76 -45.43 -38.15 31.83
CA GLY D 76 -44.64 -39.34 31.76
C GLY D 76 -43.18 -39.17 31.43
N ASN D 77 -42.73 -37.96 31.11
CA ASN D 77 -41.34 -37.73 30.75
C ASN D 77 -40.74 -36.60 31.57
N LEU D 78 -39.42 -36.61 31.65
CA LEU D 78 -38.66 -35.63 32.42
C LEU D 78 -38.33 -34.41 31.56
N TYR D 79 -38.50 -33.23 32.14
CA TYR D 79 -38.16 -31.95 31.52
C TYR D 79 -37.40 -31.13 32.56
N GLY D 80 -36.48 -30.29 32.09
CA GLY D 80 -35.66 -29.50 32.99
C GLY D 80 -34.96 -28.37 32.28
N THR D 81 -34.65 -27.32 33.05
CA THR D 81 -34.00 -26.11 32.55
C THR D 81 -32.56 -26.07 33.01
N SER D 82 -31.63 -25.88 32.08
CA SER D 82 -30.22 -25.82 32.45
C SER D 82 -29.92 -24.54 33.20
N GLN D 83 -29.29 -24.68 34.37
CA GLN D 83 -29.02 -23.54 35.23
C GLN D 83 -27.89 -22.66 34.70
N ARG D 84 -26.87 -23.27 34.09
CA ARG D 84 -25.74 -22.50 33.60
C ARG D 84 -26.18 -21.50 32.54
N TRP D 85 -27.01 -21.95 31.61
CA TRP D 85 -27.46 -21.07 30.55
C TRP D 85 -28.30 -19.92 31.11
N VAL D 86 -29.14 -20.20 32.11
CA VAL D 86 -29.97 -19.15 32.70
C VAL D 86 -29.10 -18.10 33.37
N GLU D 87 -28.09 -18.54 34.11
CA GLU D 87 -27.24 -17.59 34.83
C GLU D 87 -26.52 -16.65 33.87
N LYS D 88 -25.91 -17.20 32.82
CA LYS D 88 -25.17 -16.36 31.89
C LYS D 88 -26.09 -15.37 31.20
N THR D 89 -27.27 -15.83 30.76
CA THR D 89 -28.15 -15.00 29.94
C THR D 89 -28.65 -13.79 30.72
N LEU D 90 -29.05 -13.98 31.97
CA LEU D 90 -29.52 -12.84 32.75
C LEU D 90 -28.38 -11.88 33.06
N ALA D 91 -27.17 -12.40 33.27
CA ALA D 91 -26.03 -11.55 33.59
C ALA D 91 -25.60 -10.67 32.41
N GLU D 92 -25.91 -11.07 31.18
CA GLU D 92 -25.64 -10.24 30.02
C GLU D 92 -26.67 -9.14 29.85
N GLY D 93 -27.68 -9.05 30.70
CA GLY D 93 -28.70 -8.05 30.55
C GLY D 93 -29.84 -8.48 29.66
N LEU D 94 -29.80 -9.71 29.15
CA LEU D 94 -30.86 -10.23 28.30
C LEU D 94 -32.04 -10.71 29.13
N ASP D 95 -33.24 -10.53 28.58
CA ASP D 95 -34.41 -11.16 29.18
C ASP D 95 -34.53 -12.59 28.70
N LEU D 96 -35.12 -13.44 29.55
CA LEU D 96 -35.11 -14.88 29.34
C LEU D 96 -36.48 -15.45 29.64
N ILE D 97 -37.00 -16.25 28.72
CA ILE D 97 -38.30 -16.90 28.86
C ILE D 97 -38.08 -18.38 29.08
N LEU D 98 -38.69 -18.92 30.14
CA LEU D 98 -38.77 -20.36 30.39
C LEU D 98 -40.19 -20.83 30.08
N GLU D 99 -40.32 -21.69 29.08
CA GLU D 99 -41.61 -22.27 28.70
C GLU D 99 -41.70 -23.60 29.42
N ILE D 100 -42.23 -23.58 30.64
CA ILE D 100 -42.18 -24.74 31.51
C ILE D 100 -43.55 -24.95 32.13
N ASP D 101 -43.74 -26.13 32.71
CA ASP D 101 -45.03 -26.46 33.30
C ASP D 101 -45.17 -25.77 34.66
N TRP D 102 -46.30 -26.02 35.31
CA TRP D 102 -46.56 -25.36 36.58
C TRP D 102 -45.63 -25.86 37.69
N GLN D 103 -45.22 -27.14 37.61
CA GLN D 103 -44.31 -27.70 38.61
C GLN D 103 -42.95 -27.01 38.55
N GLY D 104 -42.41 -26.84 37.35
CA GLY D 104 -41.18 -26.08 37.19
C GLY D 104 -41.33 -24.63 37.63
N ALA D 105 -42.49 -24.04 37.33
CA ALA D 105 -42.74 -22.67 37.73
C ALA D 105 -42.64 -22.48 39.24
N GLN D 106 -43.18 -23.44 40.02
CA GLN D 106 -43.10 -23.33 41.48
C GLN D 106 -41.65 -23.38 41.96
N GLN D 107 -40.85 -24.29 41.39
CA GLN D 107 -39.43 -24.34 41.74
C GLN D 107 -38.74 -23.02 41.40
N VAL D 108 -39.02 -22.46 40.22
CA VAL D 108 -38.29 -21.26 39.82
C VAL D 108 -38.65 -20.07 40.71
N ARG D 109 -39.94 -19.92 41.02
CA ARG D 109 -40.37 -18.82 41.88
C ARG D 109 -39.70 -18.91 43.25
N ARG D 110 -39.52 -20.13 43.76
CA ARG D 110 -38.89 -20.28 45.06
C ARG D 110 -37.41 -19.91 44.98
N LEU D 111 -36.72 -20.37 43.94
CA LEU D 111 -35.29 -20.14 43.81
C LEU D 111 -34.99 -18.72 43.37
N MET D 112 -35.87 -18.14 42.56
CA MET D 112 -35.68 -16.79 42.01
C MET D 112 -36.99 -16.04 42.15
N PRO D 113 -37.20 -15.38 43.30
CA PRO D 113 -38.49 -14.73 43.59
C PRO D 113 -38.83 -13.55 42.69
N GLU D 114 -37.85 -12.98 41.99
CA GLU D 114 -38.12 -11.90 41.06
C GLU D 114 -38.65 -12.39 39.72
N ALA D 115 -38.80 -13.70 39.54
CA ALA D 115 -39.33 -14.22 38.29
C ALA D 115 -40.76 -13.74 38.07
N GLN D 116 -41.05 -13.36 36.83
CA GLN D 116 -42.38 -12.94 36.40
C GLN D 116 -43.04 -14.13 35.70
N SER D 117 -44.29 -14.41 36.03
CA SER D 117 -44.95 -15.59 35.46
C SER D 117 -46.21 -15.18 34.71
N ILE D 118 -46.38 -15.78 33.52
CA ILE D 118 -47.50 -15.54 32.63
C ILE D 118 -48.15 -16.88 32.30
N PHE D 119 -49.47 -16.98 32.47
CA PHE D 119 -50.24 -18.16 32.10
C PHE D 119 -51.10 -17.86 30.88
N ILE D 120 -51.12 -18.76 29.91
CA ILE D 120 -51.86 -18.58 28.68
C ILE D 120 -53.01 -19.57 28.65
N LEU D 121 -54.24 -19.04 28.51
CA LEU D 121 -55.46 -19.84 28.56
C LEU D 121 -56.12 -19.90 27.18
N PRO D 122 -56.78 -21.00 26.85
CA PRO D 122 -57.58 -21.07 25.63
C PRO D 122 -58.93 -20.43 25.87
N PRO D 123 -59.70 -20.13 24.80
CA PRO D 123 -61.07 -19.64 25.01
C PRO D 123 -62.03 -20.73 25.46
N SER D 124 -61.62 -21.99 25.37
CA SER D 124 -62.42 -23.14 25.76
C SER D 124 -61.48 -24.33 25.79
N GLN D 125 -61.96 -25.42 26.41
CA GLN D 125 -61.22 -26.67 26.45
C GLN D 125 -61.12 -27.32 25.07
N GLU D 126 -62.23 -27.34 24.31
CA GLU D 126 -62.17 -27.93 22.97
C GLU D 126 -61.17 -27.20 22.08
N ALA D 127 -60.99 -25.90 22.27
CA ALA D 127 -60.00 -25.17 21.49
C ALA D 127 -58.62 -25.78 21.64
N LEU D 128 -58.30 -26.28 22.85
CA LEU D 128 -57.02 -26.94 23.06
C LEU D 128 -56.88 -28.16 22.15
N ARG D 129 -57.90 -29.03 22.16
CA ARG D 129 -57.87 -30.22 21.33
C ARG D 129 -57.79 -29.87 19.86
N GLN D 130 -58.54 -28.87 19.42
CA GLN D 130 -58.48 -28.48 18.02
C GLN D 130 -57.09 -27.97 17.67
N ARG D 131 -56.48 -27.17 18.55
CA ARG D 131 -55.15 -26.63 18.26
C ARG D 131 -54.09 -27.72 18.28
N LEU D 132 -54.17 -28.64 19.24
CA LEU D 132 -53.25 -29.78 19.23
C LEU D 132 -53.43 -30.59 17.95
N THR D 133 -54.68 -30.81 17.53
CA THR D 133 -54.94 -31.53 16.30
C THR D 133 -54.45 -30.74 15.09
N ASN D 134 -54.75 -29.44 15.05
CA ASN D 134 -54.35 -28.65 13.89
C ASN D 134 -52.84 -28.51 13.82
N ARG D 135 -52.14 -28.51 14.95
CA ARG D 135 -50.68 -28.41 14.90
C ARG D 135 -50.07 -29.62 14.19
N GLY D 136 -50.68 -30.79 14.34
CA GLY D 136 -50.29 -31.94 13.54
C GLY D 136 -49.09 -32.73 14.02
N GLN D 137 -48.64 -32.54 15.26
CA GLN D 137 -47.38 -33.11 15.70
C GLN D 137 -47.52 -34.19 16.75
N ASP D 138 -48.74 -34.53 17.17
CA ASP D 138 -48.96 -35.46 18.26
C ASP D 138 -50.02 -36.48 17.85
N SER D 139 -49.88 -37.69 18.39
CA SER D 139 -50.84 -38.75 18.13
C SER D 139 -52.12 -38.56 18.95
N ASP D 140 -53.22 -39.10 18.44
CA ASP D 140 -54.49 -39.04 19.15
C ASP D 140 -54.37 -39.58 20.57
N GLU D 141 -53.53 -40.59 20.77
CA GLU D 141 -53.31 -41.08 22.13
C GLU D 141 -52.62 -40.02 22.98
N VAL D 142 -51.59 -39.37 22.46
CA VAL D 142 -50.92 -38.31 23.21
C VAL D 142 -51.88 -37.16 23.47
N ILE D 143 -52.63 -36.75 22.46
CA ILE D 143 -53.59 -35.67 22.63
C ILE D 143 -54.64 -36.05 23.66
N GLU D 144 -55.14 -37.29 23.57
CA GLU D 144 -56.19 -37.71 24.50
C GLU D 144 -55.69 -37.67 25.93
N ARG D 145 -54.44 -38.07 26.15
CA ARG D 145 -53.90 -38.06 27.51
C ARG D 145 -53.77 -36.64 28.03
N ARG D 146 -53.31 -35.71 27.18
CA ARG D 146 -53.14 -34.35 27.64
C ARG D 146 -54.47 -33.65 27.88
N MET D 147 -55.51 -34.01 27.10
CA MET D 147 -56.82 -33.41 27.29
C MET D 147 -57.49 -33.87 28.58
N ARG D 148 -57.22 -35.09 29.03
CA ARG D 148 -57.74 -35.54 30.32
C ARG D 148 -57.18 -34.70 31.46
N GLU D 149 -55.92 -34.27 31.35
CA GLU D 149 -55.26 -33.45 32.35
C GLU D 149 -55.44 -31.95 32.13
N ALA D 150 -56.20 -31.53 31.12
CA ALA D 150 -56.26 -30.10 30.76
C ALA D 150 -56.84 -29.26 31.89
N VAL D 151 -57.94 -29.71 32.49
CA VAL D 151 -58.55 -28.96 33.60
C VAL D 151 -57.61 -28.90 34.79
N SER D 152 -56.94 -30.01 35.08
CA SER D 152 -55.96 -30.05 36.17
C SER D 152 -54.78 -29.12 35.89
N GLU D 153 -54.27 -29.16 34.66
CA GLU D 153 -53.20 -28.25 34.26
C GLU D 153 -53.65 -26.79 34.36
N MET D 154 -54.84 -26.49 33.85
CA MET D 154 -55.32 -25.11 33.91
C MET D 154 -55.61 -24.63 35.33
N SER D 155 -55.86 -25.55 36.27
CA SER D 155 -56.22 -25.13 37.62
C SER D 155 -55.08 -24.36 38.30
N HIS D 156 -53.85 -24.49 37.83
CA HIS D 156 -52.71 -23.78 38.38
C HIS D 156 -52.57 -22.33 37.87
N TYR D 157 -53.50 -21.82 37.07
CA TYR D 157 -53.40 -20.44 36.60
C TYR D 157 -53.39 -19.46 37.78
N VAL D 158 -53.97 -19.86 38.92
CA VAL D 158 -54.04 -18.98 40.09
C VAL D 158 -52.67 -18.65 40.66
N GLU D 159 -51.63 -19.36 40.25
CA GLU D 159 -50.27 -19.14 40.76
C GLU D 159 -49.46 -18.13 39.93
N TYR D 160 -50.04 -17.52 38.89
CA TYR D 160 -49.27 -16.72 37.95
C TYR D 160 -49.61 -15.24 38.08
N ASP D 161 -48.61 -14.40 37.77
CA ASP D 161 -48.77 -12.95 37.87
C ASP D 161 -49.76 -12.42 36.81
N HIS D 162 -49.70 -12.94 35.60
CA HIS D 162 -50.56 -12.45 34.52
C HIS D 162 -51.19 -13.61 33.76
N LEU D 163 -52.41 -13.36 33.28
CA LEU D 163 -53.15 -14.32 32.48
C LEU D 163 -53.46 -13.72 31.12
N VAL D 164 -53.08 -14.44 30.06
CA VAL D 164 -53.42 -14.07 28.69
C VAL D 164 -54.39 -15.12 28.14
N ILE D 165 -55.54 -14.65 27.66
CA ILE D 165 -56.51 -15.52 26.98
C ILE D 165 -56.21 -15.52 25.49
N ASN D 166 -55.70 -16.63 24.97
CA ASN D 166 -55.33 -16.70 23.56
C ASN D 166 -56.54 -17.14 22.73
N ASP D 167 -57.45 -16.19 22.52
CA ASP D 167 -58.59 -16.37 21.62
C ASP D 167 -58.21 -15.90 20.22
N ASP D 168 -58.28 -14.60 19.96
CA ASP D 168 -57.68 -14.07 18.74
C ASP D 168 -56.16 -13.94 18.94
N PHE D 169 -55.39 -14.58 18.06
CA PHE D 169 -53.93 -14.64 18.20
C PHE D 169 -53.31 -13.24 18.26
N ALA D 170 -53.70 -12.35 17.34
CA ALA D 170 -53.08 -11.03 17.26
C ALA D 170 -53.34 -10.23 18.53
N HIS D 171 -54.58 -10.31 19.06
CA HIS D 171 -54.91 -9.63 20.31
C HIS D 171 -54.11 -10.23 21.47
N ALA D 172 -53.94 -11.55 21.49
CA ALA D 172 -53.15 -12.15 22.57
C ALA D 172 -51.68 -11.78 22.43
N LEU D 173 -51.18 -11.63 21.20
CA LEU D 173 -49.80 -11.16 21.05
C LEU D 173 -49.66 -9.74 21.60
N ASP D 174 -50.61 -8.85 21.27
CA ASP D 174 -50.57 -7.50 21.84
C ASP D 174 -50.62 -7.54 23.37
N ASP D 175 -51.50 -8.37 23.96
CA ASP D 175 -51.51 -8.55 25.42
C ASP D 175 -50.14 -8.97 25.95
N LEU D 176 -49.55 -10.00 25.33
CA LEU D 176 -48.24 -10.47 25.78
C LEU D 176 -47.19 -9.37 25.67
N LYS D 177 -47.20 -8.64 24.56
CA LYS D 177 -46.24 -7.53 24.42
C LYS D 177 -46.48 -6.45 25.47
N ALA D 178 -47.73 -6.22 25.86
CA ALA D 178 -47.98 -5.17 26.84
C ALA D 178 -47.37 -5.54 28.19
N ILE D 179 -47.46 -6.82 28.58
CA ILE D 179 -46.83 -7.28 29.82
C ILE D 179 -45.31 -7.06 29.75
N PHE D 180 -44.67 -7.45 28.64
CA PHE D 180 -43.21 -7.27 28.52
C PHE D 180 -42.82 -5.79 28.47
N ARG D 181 -43.66 -4.95 27.87
CA ARG D 181 -43.34 -3.54 27.81
CA ARG D 181 -43.36 -3.54 27.81
C ARG D 181 -43.57 -2.85 29.15
N ALA D 182 -44.64 -3.22 29.86
CA ALA D 182 -44.88 -2.66 31.18
C ALA D 182 -43.74 -2.98 32.13
N ARG D 183 -43.16 -4.18 32.00
CA ARG D 183 -42.05 -4.55 32.86
C ARG D 183 -40.84 -3.65 32.62
N GLN D 184 -40.49 -3.44 31.35
CA GLN D 184 -39.38 -2.55 31.01
C GLN D 184 -39.63 -1.11 31.44
N LEU D 185 -40.87 -0.76 31.80
CA LEU D 185 -41.16 0.56 32.36
C LEU D 185 -41.18 0.58 33.88
N ARG D 186 -40.93 -0.54 34.55
CA ARG D 186 -40.88 -0.48 36.01
C ARG D 186 -39.70 0.37 36.47
N GLN D 187 -39.78 0.78 37.74
CA GLN D 187 -38.74 1.59 38.36
C GLN D 187 -37.34 1.00 38.16
N ASP D 188 -37.16 -0.28 38.50
CA ASP D 188 -35.84 -0.88 38.40
C ASP D 188 -35.32 -0.86 36.97
N ALA D 189 -36.14 -1.30 36.00
CA ALA D 189 -35.68 -1.36 34.62
C ALA D 189 -35.35 0.03 34.08
N GLN D 190 -36.21 1.01 34.36
CA GLN D 190 -35.99 2.35 33.87
C GLN D 190 -34.75 2.99 34.48
N GLN D 191 -34.43 2.66 35.74
CA GLN D 191 -33.25 3.21 36.39
C GLN D 191 -31.97 2.70 35.74
N GLN D 192 -31.94 1.41 35.37
CA GLN D 192 -30.76 0.88 34.70
C GLN D 192 -30.63 1.42 33.28
N ARG D 193 -31.71 1.41 32.51
CA ARG D 193 -31.58 1.80 31.11
C ARG D 193 -31.42 3.30 30.93
N HIS D 194 -32.03 4.10 31.79
CA HIS D 194 -32.02 5.56 31.61
C HIS D 194 -31.35 6.28 32.77
N ALA D 195 -30.34 5.66 33.36
CA ALA D 195 -29.64 6.26 34.49
C ALA D 195 -29.13 7.66 34.14
N GLU D 196 -28.58 7.83 32.93
CA GLU D 196 -27.97 9.13 32.60
C GLU D 196 -29.04 10.21 32.40
N LEU D 197 -30.12 9.89 31.69
CA LEU D 197 -31.22 10.84 31.52
C LEU D 197 -31.81 11.21 32.87
N LEU D 198 -32.09 10.21 33.70
CA LEU D 198 -32.55 10.50 35.05
C LEU D 198 -31.54 11.38 35.78
N GLY D 199 -30.25 11.06 35.63
CA GLY D 199 -29.23 11.92 36.22
C GLY D 199 -29.27 13.35 35.69
N ARG D 200 -29.45 13.51 34.37
CA ARG D 200 -29.52 14.86 33.83
C ARG D 200 -30.74 15.63 34.33
N LEU D 201 -31.86 14.92 34.60
CA LEU D 201 -33.09 15.61 34.98
C LEU D 201 -33.02 16.24 36.35
N LEU D 202 -32.30 15.64 37.30
CA LEU D 202 -32.22 16.23 38.63
C LEU D 202 -31.03 17.17 38.78
N ALA D 203 -30.30 17.43 37.70
CA ALA D 203 -29.16 18.35 37.76
C ALA D 203 -29.58 19.77 37.39
N SER E 2 -37.46 6.34 -11.11
CA SER E 2 -36.33 5.95 -10.28
C SER E 2 -36.72 5.67 -8.83
N GLY E 3 -36.05 4.69 -8.25
CA GLY E 3 -36.13 4.48 -6.81
C GLY E 3 -35.24 5.46 -6.05
N THR E 4 -35.30 5.34 -4.74
CA THR E 4 -34.53 6.20 -3.86
C THR E 4 -33.33 5.43 -3.32
N LEU E 5 -32.17 6.10 -3.27
CA LEU E 5 -30.96 5.54 -2.70
C LEU E 5 -30.83 5.98 -1.24
N TYR E 6 -30.79 5.02 -0.32
CA TYR E 6 -30.67 5.26 1.10
C TYR E 6 -29.30 4.85 1.61
N ILE E 7 -28.74 5.68 2.50
CA ILE E 7 -27.52 5.37 3.24
C ILE E 7 -27.91 5.17 4.69
N VAL E 8 -27.69 3.96 5.21
CA VAL E 8 -27.98 3.66 6.61
C VAL E 8 -26.66 3.32 7.29
N SER E 9 -26.29 4.11 8.28
CA SER E 9 -25.03 3.99 8.99
C SER E 9 -25.31 3.96 10.49
N ALA E 10 -24.38 3.38 11.22
CA ALA E 10 -24.51 3.26 12.66
C ALA E 10 -23.23 2.68 13.21
N PRO E 11 -22.82 3.09 14.42
CA PRO E 11 -21.72 2.38 15.09
C PRO E 11 -22.07 0.92 15.26
N SER E 12 -21.02 0.11 15.30
CA SER E 12 -21.16 -1.33 15.44
C SER E 12 -21.97 -1.69 16.67
N GLY E 13 -23.04 -2.47 16.49
CA GLY E 13 -23.88 -2.93 17.58
C GLY E 13 -25.06 -2.05 17.91
N ALA E 14 -25.29 -0.98 17.17
CA ALA E 14 -26.42 -0.10 17.46
C ALA E 14 -27.77 -0.73 17.12
N GLY E 15 -27.80 -1.74 16.26
CA GLY E 15 -29.04 -2.32 15.83
C GLY E 15 -29.39 -2.05 14.37
N LYS E 16 -28.41 -1.68 13.55
CA LYS E 16 -28.70 -1.29 12.17
C LYS E 16 -29.19 -2.49 11.36
N THR E 17 -28.52 -3.63 11.50
CA THR E 17 -28.91 -4.83 10.77
C THR E 17 -30.29 -5.31 11.17
N SER E 18 -30.58 -5.29 12.47
CA SER E 18 -31.85 -5.84 12.96
C SER E 18 -33.03 -4.96 12.54
N LEU E 19 -32.84 -3.64 12.56
CA LEU E 19 -33.90 -2.74 12.18
C LEU E 19 -34.17 -2.82 10.67
N VAL E 20 -33.12 -2.94 9.87
CA VAL E 20 -33.29 -3.01 8.43
C VAL E 20 -33.97 -4.32 8.04
N LYS E 21 -33.57 -5.43 8.67
CA LYS E 21 -34.22 -6.70 8.39
C LYS E 21 -35.72 -6.63 8.64
N ALA E 22 -36.11 -6.03 9.77
CA ALA E 22 -37.53 -5.88 10.06
C ALA E 22 -38.19 -4.94 9.06
N LEU E 23 -37.48 -3.90 8.64
CA LEU E 23 -38.02 -2.97 7.65
C LEU E 23 -38.29 -3.68 6.31
N LEU E 24 -37.37 -4.54 5.88
CA LEU E 24 -37.55 -5.21 4.59
C LEU E 24 -38.71 -6.19 4.61
N ASP E 25 -38.98 -6.82 5.76
CA ASP E 25 -40.09 -7.76 5.84
C ASP E 25 -41.42 -7.11 5.56
N ALA E 26 -41.54 -5.81 5.82
CA ALA E 26 -42.79 -5.11 5.54
C ALA E 26 -42.70 -4.21 4.32
N ALA E 27 -41.60 -4.26 3.57
CA ALA E 27 -41.38 -3.31 2.47
C ALA E 27 -40.81 -4.02 1.25
N PRO E 28 -41.67 -4.65 0.45
CA PRO E 28 -41.17 -5.43 -0.69
C PRO E 28 -40.49 -4.62 -1.76
N GLU E 29 -40.73 -3.31 -1.82
CA GLU E 29 -40.11 -2.43 -2.81
C GLU E 29 -38.68 -2.00 -2.47
N VAL E 30 -38.14 -2.42 -1.31
CA VAL E 30 -36.84 -1.99 -0.82
C VAL E 30 -35.87 -3.17 -0.87
N ARG E 31 -34.65 -2.91 -1.34
CA ARG E 31 -33.56 -3.89 -1.35
C ARG E 31 -32.41 -3.38 -0.50
N VAL E 32 -31.55 -4.30 -0.06
CA VAL E 32 -30.32 -3.93 0.63
C VAL E 32 -29.16 -4.42 -0.22
N SER E 33 -28.16 -3.56 -0.40
CA SER E 33 -27.01 -3.88 -1.23
C SER E 33 -26.06 -4.85 -0.52
N VAL E 34 -25.52 -5.80 -1.27
CA VAL E 34 -24.50 -6.73 -0.77
C VAL E 34 -23.12 -6.15 -1.08
N SER E 35 -22.43 -5.65 -0.04
CA SER E 35 -21.14 -5.02 -0.22
C SER E 35 -20.03 -6.06 -0.47
N HIS E 36 -18.94 -5.59 -1.07
CA HIS E 36 -17.70 -6.37 -1.11
C HIS E 36 -16.85 -6.02 0.10
N THR E 37 -16.21 -7.04 0.68
CA THR E 37 -15.32 -6.83 1.81
C THR E 37 -14.13 -7.77 1.70
N THR E 38 -13.04 -7.38 2.35
CA THR E 38 -11.87 -8.24 2.45
C THR E 38 -11.78 -8.96 3.79
N ARG E 39 -12.63 -8.61 4.75
CA ARG E 39 -12.52 -9.27 6.05
C ARG E 39 -12.98 -10.72 5.95
N GLY E 40 -12.53 -11.54 6.91
CA GLY E 40 -12.82 -12.95 6.88
C GLY E 40 -14.26 -13.27 7.24
N MET E 41 -14.75 -14.38 6.69
CA MET E 41 -16.14 -14.78 6.85
C MET E 41 -16.41 -15.16 8.30
N ARG E 42 -17.28 -14.39 8.96
CA ARG E 42 -17.68 -14.67 10.33
C ARG E 42 -18.64 -15.84 10.38
N PRO E 43 -18.77 -16.50 11.54
CA PRO E 43 -19.68 -17.64 11.62
C PRO E 43 -21.12 -17.24 11.37
N GLY E 44 -21.77 -17.98 10.46
CA GLY E 44 -23.15 -17.71 10.11
C GLY E 44 -23.35 -16.82 8.90
N GLU E 45 -22.27 -16.38 8.25
CA GLU E 45 -22.35 -15.52 7.09
C GLU E 45 -22.25 -16.36 5.81
N VAL E 46 -22.92 -15.89 4.76
CA VAL E 46 -22.94 -16.57 3.48
C VAL E 46 -22.38 -15.62 2.42
N ASP E 47 -21.43 -16.11 1.65
CA ASP E 47 -20.92 -15.35 0.52
C ASP E 47 -22.04 -15.13 -0.48
N GLY E 48 -22.24 -13.87 -0.88
CA GLY E 48 -23.32 -13.50 -1.76
C GLY E 48 -24.55 -12.97 -1.05
N VAL E 49 -24.68 -13.24 0.25
CA VAL E 49 -25.80 -12.77 1.05
C VAL E 49 -25.38 -11.64 1.99
N ASN E 50 -24.48 -11.93 2.93
CA ASN E 50 -24.05 -10.88 3.85
C ASN E 50 -23.01 -9.98 3.22
N TYR E 51 -22.05 -10.57 2.49
CA TYR E 51 -21.01 -9.83 1.79
C TYR E 51 -20.61 -10.61 0.55
N HIS E 52 -19.94 -9.91 -0.36
CA HIS E 52 -19.15 -10.58 -1.38
C HIS E 52 -17.75 -10.68 -0.81
N PHE E 53 -17.44 -11.82 -0.20
CA PHE E 53 -16.15 -12.03 0.43
C PHE E 53 -15.11 -12.26 -0.67
N THR E 54 -14.18 -11.32 -0.79
CA THR E 54 -13.09 -11.41 -1.76
C THR E 54 -11.78 -11.20 -1.02
N SER E 55 -10.68 -11.32 -1.75
CA SER E 55 -9.37 -11.02 -1.23
C SER E 55 -9.04 -9.55 -1.47
N ARG E 56 -8.09 -9.04 -0.69
CA ARG E 56 -7.55 -7.71 -0.96
C ARG E 56 -7.00 -7.63 -2.38
N GLU E 57 -6.42 -8.73 -2.87
CA GLU E 57 -5.96 -8.77 -4.26
C GLU E 57 -7.13 -8.58 -5.21
N GLU E 58 -8.24 -9.31 -5.00
CA GLU E 58 -9.40 -9.15 -5.85
C GLU E 58 -10.08 -7.79 -5.65
N PHE E 59 -10.05 -7.27 -4.42
CA PHE E 59 -10.70 -6.00 -4.12
C PHE E 59 -9.99 -4.85 -4.85
N LEU E 60 -8.66 -4.78 -4.73
CA LEU E 60 -7.92 -3.72 -5.41
C LEU E 60 -7.99 -3.85 -6.92
N ALA E 61 -8.09 -5.08 -7.42
CA ALA E 61 -8.32 -5.27 -8.85
C ALA E 61 -9.68 -4.70 -9.25
N MET E 62 -10.71 -4.97 -8.45
CA MET E 62 -12.02 -4.38 -8.69
C MET E 62 -11.98 -2.86 -8.58
N LEU E 63 -11.17 -2.34 -7.64
CA LEU E 63 -11.05 -0.89 -7.48
C LEU E 63 -10.34 -0.22 -8.64
N GLU E 64 -9.24 -0.82 -9.13
CA GLU E 64 -8.50 -0.21 -10.22
C GLU E 64 -9.33 -0.13 -11.49
N ARG E 65 -10.31 -1.03 -11.65
CA ARG E 65 -11.23 -1.00 -12.78
C ARG E 65 -12.41 -0.06 -12.56
N ASN E 66 -12.42 0.70 -11.46
CA ASN E 66 -13.47 1.67 -11.16
C ASN E 66 -14.84 1.01 -11.03
N GLU E 67 -14.85 -0.20 -10.47
CA GLU E 67 -16.09 -0.95 -10.30
C GLU E 67 -16.76 -0.70 -8.95
N PHE E 68 -16.38 0.38 -8.25
CA PHE E 68 -16.92 0.68 -6.93
C PHE E 68 -17.51 2.07 -6.90
N LEU E 69 -18.79 2.17 -6.51
CA LEU E 69 -19.38 3.49 -6.29
C LEU E 69 -18.70 4.20 -5.13
N GLU E 70 -18.40 3.45 -4.06
CA GLU E 70 -17.64 3.96 -2.93
C GLU E 70 -16.77 2.83 -2.41
N HIS E 71 -15.73 3.20 -1.66
CA HIS E 71 -14.94 2.21 -0.95
C HIS E 71 -14.30 2.91 0.24
N ALA E 72 -13.97 2.12 1.25
CA ALA E 72 -13.36 2.67 2.45
C ALA E 72 -12.67 1.55 3.20
N GLU E 73 -11.71 1.93 4.03
CA GLU E 73 -11.09 1.01 4.98
C GLU E 73 -11.79 1.21 6.32
N VAL E 74 -12.24 0.11 6.92
CA VAL E 74 -13.08 0.17 8.11
C VAL E 74 -12.60 -0.90 9.10
N PHE E 75 -12.09 -0.46 10.25
CA PHE E 75 -11.53 -1.37 11.26
C PHE E 75 -10.51 -2.31 10.65
N GLY E 76 -9.67 -1.77 9.76
CA GLY E 76 -8.55 -2.52 9.23
C GLY E 76 -8.81 -3.34 7.99
N ASN E 77 -10.02 -3.29 7.42
CA ASN E 77 -10.34 -4.04 6.20
C ASN E 77 -11.03 -3.13 5.20
N LEU E 78 -11.03 -3.57 3.94
CA LEU E 78 -11.60 -2.80 2.85
C LEU E 78 -13.05 -3.22 2.62
N TYR E 79 -13.92 -2.22 2.42
CA TYR E 79 -15.32 -2.43 2.08
C TYR E 79 -15.68 -1.53 0.91
N GLY E 80 -16.64 -1.98 0.09
CA GLY E 80 -17.01 -1.22 -1.09
C GLY E 80 -18.35 -1.64 -1.66
N THR E 81 -19.00 -0.71 -2.35
CA THR E 81 -20.29 -0.94 -2.97
C THR E 81 -20.10 -1.02 -4.48
N SER E 82 -20.58 -2.11 -5.08
CA SER E 82 -20.46 -2.23 -6.52
C SER E 82 -21.41 -1.26 -7.19
N GLN E 83 -20.86 -0.43 -8.10
CA GLN E 83 -21.61 0.64 -8.72
C GLN E 83 -22.61 0.14 -9.76
N ARG E 84 -22.26 -0.94 -10.47
CA ARG E 84 -23.16 -1.44 -11.52
C ARG E 84 -24.49 -1.88 -10.93
N TRP E 85 -24.44 -2.64 -9.83
CA TRP E 85 -25.68 -3.11 -9.22
C TRP E 85 -26.53 -1.95 -8.73
N VAL E 86 -25.89 -0.89 -8.22
CA VAL E 86 -26.65 0.26 -7.72
C VAL E 86 -27.39 0.93 -8.87
N GLU E 87 -26.72 1.14 -9.99
CA GLU E 87 -27.35 1.81 -11.12
C GLU E 87 -28.53 0.99 -11.64
N LYS E 88 -28.35 -0.31 -11.79
CA LYS E 88 -29.42 -1.16 -12.30
C LYS E 88 -30.63 -1.17 -11.38
N THR E 89 -30.40 -1.25 -10.06
CA THR E 89 -31.50 -1.37 -9.12
C THR E 89 -32.36 -0.10 -9.06
N LEU E 90 -31.72 1.07 -9.03
CA LEU E 90 -32.49 2.32 -8.98
C LEU E 90 -33.23 2.51 -10.30
N ALA E 91 -32.63 2.10 -11.42
CA ALA E 91 -33.26 2.23 -12.72
C ALA E 91 -34.46 1.32 -12.87
N GLU E 92 -34.55 0.26 -12.06
CA GLU E 92 -35.72 -0.61 -12.05
C GLU E 92 -36.87 -0.04 -11.23
N GLY E 93 -36.69 1.09 -10.56
CA GLY E 93 -37.71 1.65 -9.72
C GLY E 93 -37.68 1.18 -8.28
N LEU E 94 -36.72 0.32 -7.91
CA LEU E 94 -36.57 -0.18 -6.56
C LEU E 94 -35.82 0.81 -5.67
N ASP E 95 -36.19 0.84 -4.40
CA ASP E 95 -35.41 1.57 -3.42
C ASP E 95 -34.27 0.69 -2.92
N LEU E 96 -33.17 1.31 -2.51
CA LEU E 96 -31.94 0.58 -2.25
C LEU E 96 -31.27 1.13 -1.00
N ILE E 97 -30.90 0.24 -0.08
CA ILE E 97 -30.24 0.62 1.16
C ILE E 97 -28.78 0.22 1.06
N LEU E 98 -27.89 1.16 1.34
CA LEU E 98 -26.47 0.91 1.52
C LEU E 98 -26.15 0.98 3.02
N GLU E 99 -25.68 -0.14 3.57
CA GLU E 99 -25.26 -0.23 4.98
C GLU E 99 -23.74 -0.03 5.01
N ILE E 100 -23.33 1.23 5.13
CA ILE E 100 -21.93 1.61 4.95
C ILE E 100 -21.51 2.57 6.07
N ASP E 101 -20.19 2.73 6.20
CA ASP E 101 -19.64 3.60 7.25
C ASP E 101 -19.72 5.06 6.81
N TRP E 102 -19.25 5.96 7.68
CA TRP E 102 -19.37 7.38 7.38
C TRP E 102 -18.51 7.79 6.20
N GLN E 103 -17.37 7.12 6.00
CA GLN E 103 -16.49 7.46 4.88
C GLN E 103 -17.15 7.17 3.54
N GLY E 104 -17.73 5.97 3.41
CA GLY E 104 -18.46 5.65 2.19
C GLY E 104 -19.64 6.58 1.99
N ALA E 105 -20.32 6.93 3.08
CA ALA E 105 -21.47 7.82 3.00
C ALA E 105 -21.10 9.16 2.40
N GLN E 106 -19.91 9.70 2.74
CA GLN E 106 -19.46 10.96 2.17
C GLN E 106 -19.27 10.84 0.68
N GLN E 107 -18.69 9.72 0.22
CA GLN E 107 -18.51 9.51 -1.22
C GLN E 107 -19.85 9.42 -1.93
N VAL E 108 -20.78 8.64 -1.40
CA VAL E 108 -22.07 8.47 -2.08
C VAL E 108 -22.86 9.78 -2.08
N ARG E 109 -22.87 10.48 -0.95
CA ARG E 109 -23.58 11.75 -0.85
C ARG E 109 -23.04 12.78 -1.84
N ARG E 110 -21.73 12.73 -2.12
CA ARG E 110 -21.11 13.61 -3.11
C ARG E 110 -21.44 13.16 -4.54
N LEU E 111 -21.32 11.87 -4.81
CA LEU E 111 -21.51 11.32 -6.16
C LEU E 111 -22.97 11.20 -6.54
N MET E 112 -23.86 11.15 -5.55
CA MET E 112 -25.30 11.05 -5.80
C MET E 112 -25.98 11.93 -4.76
N PRO E 113 -26.11 13.22 -5.05
CA PRO E 113 -26.57 14.18 -4.02
C PRO E 113 -28.00 13.95 -3.55
N GLU E 114 -28.82 13.22 -4.30
CA GLU E 114 -30.20 12.94 -3.93
C GLU E 114 -30.31 11.77 -2.95
N ALA E 115 -29.21 11.13 -2.59
CA ALA E 115 -29.24 10.02 -1.65
C ALA E 115 -29.71 10.51 -0.28
N GLN E 116 -30.56 9.71 0.37
CA GLN E 116 -31.06 9.99 1.71
C GLN E 116 -30.22 9.23 2.72
N SER E 117 -29.82 9.89 3.81
CA SER E 117 -28.96 9.27 4.78
C SER E 117 -29.60 9.26 6.16
N ILE E 118 -29.51 8.10 6.82
CA ILE E 118 -30.09 7.87 8.14
C ILE E 118 -28.98 7.37 9.06
N PHE E 119 -28.85 7.98 10.23
CA PHE E 119 -27.89 7.50 11.21
C PHE E 119 -28.65 6.89 12.38
N ILE E 120 -28.32 5.65 12.72
CA ILE E 120 -28.97 4.97 13.83
C ILE E 120 -28.05 5.00 15.04
N LEU E 121 -28.55 5.55 16.17
CA LEU E 121 -27.80 5.74 17.39
C LEU E 121 -28.31 4.86 18.52
N PRO E 122 -27.42 4.47 19.44
CA PRO E 122 -27.85 3.80 20.65
C PRO E 122 -28.35 4.83 21.64
N PRO E 123 -29.08 4.42 22.68
CA PRO E 123 -29.49 5.38 23.72
C PRO E 123 -28.36 5.71 24.69
N SER E 124 -27.27 4.96 24.66
CA SER E 124 -26.11 5.22 25.51
C SER E 124 -24.98 4.37 24.94
N GLN E 125 -23.76 4.70 25.37
CA GLN E 125 -22.60 3.90 24.98
C GLN E 125 -22.64 2.52 25.62
N GLU E 126 -23.13 2.43 26.86
CA GLU E 126 -23.26 1.12 27.48
C GLU E 126 -24.22 0.24 26.69
N ALA E 127 -25.25 0.82 26.08
CA ALA E 127 -26.14 0.02 25.23
C ALA E 127 -25.37 -0.63 24.08
N LEU E 128 -24.43 0.10 23.46
CA LEU E 128 -23.61 -0.49 22.41
C LEU E 128 -22.82 -1.69 22.91
N ARG E 129 -22.12 -1.51 24.04
CA ARG E 129 -21.33 -2.60 24.57
C ARG E 129 -22.20 -3.80 24.90
N GLN E 130 -23.36 -3.56 25.53
CA GLN E 130 -24.26 -4.64 25.89
C GLN E 130 -24.79 -5.34 24.64
N ARG E 131 -25.18 -4.56 23.62
CA ARG E 131 -25.71 -5.17 22.40
C ARG E 131 -24.62 -5.91 21.62
N LEU E 132 -23.41 -5.33 21.57
CA LEU E 132 -22.30 -6.06 20.97
C LEU E 132 -22.08 -7.38 21.70
N THR E 133 -22.17 -7.35 23.03
CA THR E 133 -22.04 -8.57 23.82
C THR E 133 -23.25 -9.49 23.63
N ASN E 134 -24.46 -8.92 23.66
CA ASN E 134 -25.66 -9.75 23.60
C ASN E 134 -25.83 -10.44 22.26
N ARG E 135 -25.32 -9.84 21.18
CA ARG E 135 -25.44 -10.47 19.87
C ARG E 135 -24.68 -11.79 19.83
N GLY E 136 -23.61 -11.92 20.62
CA GLY E 136 -22.84 -13.14 20.68
C GLY E 136 -21.91 -13.37 19.52
N GLN E 137 -21.81 -12.42 18.58
CA GLN E 137 -20.94 -12.59 17.43
C GLN E 137 -19.48 -12.34 17.81
N ASP E 138 -19.18 -11.13 18.25
CA ASP E 138 -17.80 -10.68 18.44
C ASP E 138 -17.28 -11.06 19.82
N SER E 139 -15.98 -11.37 19.87
CA SER E 139 -15.34 -11.73 21.13
C SER E 139 -15.12 -10.48 21.97
N ASP E 140 -14.59 -10.68 23.18
CA ASP E 140 -14.37 -9.57 24.09
C ASP E 140 -13.29 -8.63 23.57
N GLU E 141 -12.19 -9.17 23.03
CA GLU E 141 -11.14 -8.33 22.49
C GLU E 141 -11.66 -7.45 21.37
N VAL E 142 -12.50 -8.02 20.50
CA VAL E 142 -13.00 -7.29 19.33
C VAL E 142 -14.10 -6.31 19.69
N ILE E 143 -14.74 -6.45 20.84
CA ILE E 143 -15.78 -5.50 21.23
C ILE E 143 -15.15 -4.25 21.84
N GLU E 144 -14.21 -4.44 22.78
CA GLU E 144 -13.54 -3.29 23.37
C GLU E 144 -12.76 -2.49 22.33
N ARG E 145 -12.30 -3.16 21.27
CA ARG E 145 -11.67 -2.43 20.18
C ARG E 145 -12.69 -1.57 19.43
N ARG E 146 -13.89 -2.10 19.19
CA ARG E 146 -14.90 -1.30 18.49
C ARG E 146 -15.47 -0.22 19.39
N MET E 147 -15.52 -0.46 20.70
CA MET E 147 -16.02 0.57 21.60
C MET E 147 -15.08 1.76 21.66
N ARG E 148 -13.79 1.55 21.48
CA ARG E 148 -12.84 2.66 21.43
C ARG E 148 -13.14 3.62 20.27
N GLU E 149 -13.63 3.09 19.15
CA GLU E 149 -13.95 3.96 18.02
C GLU E 149 -15.35 4.53 18.09
N ALA E 150 -16.14 4.13 19.10
CA ALA E 150 -17.55 4.44 19.13
C ALA E 150 -17.81 5.94 19.19
N VAL E 151 -17.09 6.66 20.05
CA VAL E 151 -17.29 8.10 20.12
C VAL E 151 -16.91 8.75 18.79
N SER E 152 -15.81 8.31 18.19
CA SER E 152 -15.39 8.83 16.89
C SER E 152 -16.38 8.46 15.79
N GLU E 153 -16.86 7.21 15.77
CA GLU E 153 -17.83 6.80 14.76
C GLU E 153 -19.14 7.59 14.90
N MET E 154 -19.65 7.70 16.13
CA MET E 154 -20.90 8.40 16.34
C MET E 154 -20.78 9.91 16.12
N SER E 155 -19.56 10.45 16.18
CA SER E 155 -19.39 11.89 16.00
C SER E 155 -19.77 12.33 14.59
N HIS E 156 -19.79 11.42 13.64
CA HIS E 156 -20.19 11.74 12.28
C HIS E 156 -21.71 11.78 12.10
N TYR E 157 -22.50 11.60 13.17
CA TYR E 157 -23.95 11.62 13.02
C TYR E 157 -24.41 12.95 12.44
N VAL E 158 -23.64 14.00 12.67
CA VAL E 158 -24.00 15.34 12.25
C VAL E 158 -24.09 15.45 10.74
N GLU E 159 -23.60 14.46 10.02
CA GLU E 159 -23.56 14.47 8.56
C GLU E 159 -24.79 13.85 7.91
N TYR E 160 -25.75 13.37 8.68
CA TYR E 160 -26.84 12.57 8.14
C TYR E 160 -28.14 13.37 8.14
N ASP E 161 -29.01 13.05 7.17
CA ASP E 161 -30.27 13.77 7.04
C ASP E 161 -31.19 13.47 8.22
N HIS E 162 -31.23 12.22 8.66
CA HIS E 162 -32.13 11.77 9.73
C HIS E 162 -31.38 10.94 10.77
N LEU E 163 -31.86 11.05 12.00
CA LEU E 163 -31.34 10.29 13.12
C LEU E 163 -32.46 9.46 13.74
N VAL E 164 -32.22 8.15 13.88
CA VAL E 164 -33.10 7.27 14.63
C VAL E 164 -32.35 6.85 15.90
N ILE E 165 -32.95 7.08 17.06
CA ILE E 165 -32.38 6.64 18.32
C ILE E 165 -32.97 5.27 18.63
N ASN E 166 -32.15 4.23 18.48
CA ASN E 166 -32.66 2.86 18.62
C ASN E 166 -32.64 2.46 20.10
N ASP E 167 -33.65 2.97 20.83
CA ASP E 167 -33.86 2.59 22.21
C ASP E 167 -34.82 1.40 22.32
N ASP E 168 -36.12 1.68 22.31
CA ASP E 168 -37.12 0.63 22.18
C ASP E 168 -37.21 0.20 20.71
N PHE E 169 -37.01 -1.10 20.46
CA PHE E 169 -36.91 -1.60 19.09
C PHE E 169 -38.16 -1.29 18.27
N ALA E 170 -39.33 -1.52 18.84
CA ALA E 170 -40.55 -1.34 18.06
C ALA E 170 -40.73 0.12 17.65
N HIS E 171 -40.46 1.05 18.57
CA HIS E 171 -40.55 2.48 18.27
C HIS E 171 -39.51 2.90 17.23
N ALA E 172 -38.29 2.35 17.31
CA ALA E 172 -37.29 2.73 16.32
C ALA E 172 -37.64 2.19 14.93
N LEU E 173 -38.24 1.01 14.87
CA LEU E 173 -38.72 0.48 13.61
C LEU E 173 -39.82 1.37 13.04
N ASP E 174 -40.75 1.81 13.87
CA ASP E 174 -41.76 2.75 13.41
C ASP E 174 -41.11 4.04 12.93
N ASP E 175 -40.16 4.58 13.70
CA ASP E 175 -39.42 5.76 13.25
C ASP E 175 -38.76 5.54 11.89
N LEU E 176 -38.11 4.40 11.70
CA LEU E 176 -37.49 4.09 10.41
C LEU E 176 -38.52 4.02 9.29
N LYS E 177 -39.63 3.32 9.55
CA LYS E 177 -40.68 3.23 8.55
C LYS E 177 -41.28 4.59 8.22
N ALA E 178 -41.36 5.50 9.18
CA ALA E 178 -41.95 6.80 8.89
C ALA E 178 -41.08 7.58 7.90
N ILE E 179 -39.74 7.48 8.03
CA ILE E 179 -38.83 8.13 7.10
C ILE E 179 -39.01 7.60 5.68
N PHE E 180 -39.04 6.28 5.52
CA PHE E 180 -39.18 5.71 4.18
C PHE E 180 -40.54 6.03 3.57
N ARG E 181 -41.58 6.06 4.39
CA ARG E 181 -42.91 6.35 3.86
CA ARG E 181 -42.92 6.34 3.87
C ARG E 181 -43.06 7.82 3.50
N ALA E 182 -42.56 8.72 4.35
CA ALA E 182 -42.55 10.15 4.00
C ALA E 182 -41.84 10.39 2.68
N ARG E 183 -40.73 9.67 2.46
CA ARG E 183 -39.99 9.78 1.22
C ARG E 183 -40.82 9.27 0.05
N GLN E 184 -41.50 8.15 0.23
CA GLN E 184 -42.48 7.73 -0.76
C GLN E 184 -43.53 8.80 -1.01
N LEU E 185 -43.84 9.67 -0.05
CA LEU E 185 -44.86 10.65 -0.34
C LEU E 185 -44.31 11.92 -1.03
N ARG E 186 -43.02 11.96 -1.35
CA ARG E 186 -42.45 13.14 -2.01
C ARG E 186 -43.03 13.37 -3.42
N GLN E 187 -42.86 14.60 -3.90
CA GLN E 187 -43.36 14.97 -5.22
C GLN E 187 -42.89 14.01 -6.31
N ASP E 188 -41.58 13.78 -6.39
CA ASP E 188 -41.03 12.97 -7.48
C ASP E 188 -41.58 11.55 -7.42
N ALA E 189 -41.56 10.92 -6.24
CA ALA E 189 -42.04 9.56 -6.12
C ALA E 189 -43.53 9.46 -6.40
N GLN E 190 -44.33 10.37 -5.85
CA GLN E 190 -45.78 10.31 -6.07
C GLN E 190 -46.12 10.54 -7.54
N GLN E 191 -45.35 11.39 -8.20
CA GLN E 191 -45.60 11.63 -9.62
C GLN E 191 -45.32 10.37 -10.43
N GLN E 192 -44.25 9.63 -10.10
CA GLN E 192 -43.94 8.40 -10.82
C GLN E 192 -44.97 7.31 -10.51
N ARG E 193 -45.29 7.12 -9.23
CA ARG E 193 -46.13 5.96 -8.88
C ARG E 193 -47.60 6.20 -9.21
N HIS E 194 -48.07 7.44 -9.13
CA HIS E 194 -49.46 7.74 -9.34
C HIS E 194 -49.68 8.68 -10.52
N ALA E 195 -48.83 8.55 -11.55
CA ALA E 195 -48.93 9.40 -12.73
C ALA E 195 -50.32 9.33 -13.36
N GLU E 196 -50.89 8.14 -13.47
CA GLU E 196 -52.17 7.99 -14.15
C GLU E 196 -53.30 8.63 -13.33
N LEU E 197 -53.29 8.44 -12.01
CA LEU E 197 -54.25 9.11 -11.14
C LEU E 197 -54.13 10.63 -11.25
N LEU E 198 -52.90 11.15 -11.17
CA LEU E 198 -52.72 12.59 -11.31
C LEU E 198 -53.24 13.08 -12.65
N GLY E 199 -52.95 12.34 -13.73
CA GLY E 199 -53.51 12.71 -15.02
C GLY E 199 -55.02 12.69 -15.03
N ARG E 200 -55.62 11.68 -14.39
CA ARG E 200 -57.07 11.61 -14.33
C ARG E 200 -57.65 12.77 -13.54
N LEU E 201 -56.93 13.25 -12.52
CA LEU E 201 -57.43 14.33 -11.69
C LEU E 201 -57.47 15.66 -12.44
N LEU E 202 -56.53 15.88 -13.35
CA LEU E 202 -56.48 17.12 -14.12
C LEU E 202 -57.18 17.01 -15.46
N ALA E 203 -57.90 15.92 -15.73
CA ALA E 203 -58.53 15.72 -17.05
C ALA E 203 -59.93 16.32 -17.12
N GLY E 204 -60.31 16.70 -18.34
CA GLY E 204 -61.65 17.20 -18.61
C GLY E 204 -62.72 16.12 -18.51
N SER F 2 -35.98 25.42 16.67
CA SER F 2 -37.25 26.07 16.34
C SER F 2 -38.20 25.08 15.70
N GLY F 3 -39.50 25.37 15.78
CA GLY F 3 -40.49 24.48 15.23
C GLY F 3 -40.54 24.56 13.71
N THR F 4 -41.38 23.71 13.13
CA THR F 4 -41.54 23.65 11.69
C THR F 4 -42.84 24.32 11.26
N LEU F 5 -42.77 25.09 10.17
CA LEU F 5 -43.95 25.69 9.57
C LEU F 5 -44.44 24.81 8.43
N TYR F 6 -45.68 24.32 8.54
CA TYR F 6 -46.30 23.46 7.55
C TYR F 6 -47.34 24.25 6.76
N ILE F 7 -47.38 24.00 5.46
CA ILE F 7 -48.44 24.47 4.58
C ILE F 7 -49.22 23.24 4.13
N VAL F 8 -50.51 23.21 4.44
CA VAL F 8 -51.39 22.13 3.99
C VAL F 8 -52.45 22.72 3.07
N SER F 9 -52.47 22.28 1.81
CA SER F 9 -53.42 22.77 0.81
C SER F 9 -54.14 21.60 0.16
N ALA F 10 -55.31 21.91 -0.41
CA ALA F 10 -56.15 20.92 -1.07
C ALA F 10 -57.31 21.62 -1.77
N PRO F 11 -57.81 21.07 -2.88
CA PRO F 11 -59.09 21.57 -3.41
C PRO F 11 -60.18 21.42 -2.37
N SER F 12 -61.16 22.30 -2.44
CA SER F 12 -62.26 22.28 -1.49
C SER F 12 -62.94 20.92 -1.50
N GLY F 13 -63.02 20.28 -0.33
CA GLY F 13 -63.66 18.99 -0.21
C GLY F 13 -62.77 17.76 -0.31
N ALA F 14 -61.45 17.93 -0.38
CA ALA F 14 -60.54 16.79 -0.41
C ALA F 14 -60.42 16.09 0.94
N GLY F 15 -60.72 16.78 2.04
CA GLY F 15 -60.59 16.24 3.38
C GLY F 15 -59.48 16.84 4.23
N LYS F 16 -58.97 18.01 3.88
CA LYS F 16 -57.82 18.61 4.56
C LYS F 16 -58.16 19.02 5.99
N THR F 17 -59.33 19.65 6.20
CA THR F 17 -59.71 20.07 7.54
C THR F 17 -59.89 18.87 8.47
N SER F 18 -60.53 17.81 7.97
CA SER F 18 -60.80 16.65 8.82
C SER F 18 -59.53 15.84 9.08
N LEU F 19 -58.63 15.73 8.10
CA LEU F 19 -57.38 15.02 8.33
C LEU F 19 -56.49 15.76 9.33
N VAL F 20 -56.47 17.08 9.27
CA VAL F 20 -55.64 17.86 10.18
C VAL F 20 -56.18 17.78 11.61
N LYS F 21 -57.51 17.83 11.76
CA LYS F 21 -58.10 17.70 13.09
C LYS F 21 -57.71 16.39 13.76
N ALA F 22 -57.76 15.27 13.04
CA ALA F 22 -57.35 13.99 13.64
C ALA F 22 -55.86 13.99 13.96
N LEU F 23 -55.04 14.63 13.11
CA LEU F 23 -53.61 14.72 13.39
C LEU F 23 -53.35 15.49 14.68
N LEU F 24 -54.10 16.56 14.92
CA LEU F 24 -53.87 17.38 16.09
C LEU F 24 -54.19 16.61 17.36
N ASP F 25 -55.16 15.68 17.30
CA ASP F 25 -55.51 14.90 18.48
C ASP F 25 -54.35 14.05 18.97
N ALA F 26 -53.44 13.67 18.08
CA ALA F 26 -52.29 12.86 18.46
C ALA F 26 -51.00 13.65 18.48
N ALA F 27 -51.05 14.97 18.32
CA ALA F 27 -49.85 15.81 18.20
C ALA F 27 -50.00 17.11 18.97
N PRO F 28 -49.77 17.08 20.28
CA PRO F 28 -49.95 18.31 21.08
C PRO F 28 -48.94 19.40 20.79
N GLU F 29 -47.80 19.06 20.20
CA GLU F 29 -46.81 20.06 19.86
C GLU F 29 -47.16 20.80 18.57
N VAL F 30 -48.30 20.50 17.95
CA VAL F 30 -48.71 21.09 16.67
C VAL F 30 -49.87 22.04 16.91
N ARG F 31 -49.79 23.20 16.26
CA ARG F 31 -50.85 24.18 16.25
C ARG F 31 -51.35 24.37 14.81
N VAL F 32 -52.58 24.85 14.69
CA VAL F 32 -53.15 25.22 13.41
C VAL F 32 -53.48 26.70 13.48
N SER F 33 -53.11 27.43 12.43
CA SER F 33 -53.32 28.86 12.42
C SER F 33 -54.80 29.16 12.18
N VAL F 34 -55.33 30.14 12.90
CA VAL F 34 -56.70 30.59 12.69
C VAL F 34 -56.65 31.77 11.72
N SER F 35 -57.09 31.54 10.48
CA SER F 35 -57.05 32.54 9.45
C SER F 35 -58.17 33.58 9.63
N HIS F 36 -57.95 34.76 9.07
CA HIS F 36 -59.01 35.76 8.89
C HIS F 36 -59.70 35.53 7.56
N THR F 37 -61.03 35.69 7.54
CA THR F 37 -61.78 35.54 6.30
C THR F 37 -62.92 36.54 6.26
N THR F 38 -63.36 36.87 5.04
CA THR F 38 -64.50 37.76 4.85
C THR F 38 -65.80 37.04 4.53
N ARG F 39 -65.78 35.72 4.34
CA ARG F 39 -67.02 35.02 4.07
C ARG F 39 -67.84 34.90 5.35
N GLY F 40 -68.98 34.23 5.25
CA GLY F 40 -69.91 34.10 6.37
C GLY F 40 -69.70 32.83 7.17
N MET F 41 -70.04 32.89 8.46
CA MET F 41 -69.97 31.73 9.33
C MET F 41 -70.81 30.59 8.78
N ARG F 42 -70.16 29.46 8.50
CA ARG F 42 -70.87 28.25 8.09
C ARG F 42 -71.53 27.60 9.30
N PRO F 43 -72.51 26.69 9.08
CA PRO F 43 -73.22 26.09 10.22
C PRO F 43 -72.30 25.38 11.19
N GLY F 44 -71.94 26.06 12.27
CA GLY F 44 -71.06 25.49 13.28
C GLY F 44 -69.65 26.04 13.24
N GLU F 45 -69.51 27.36 13.25
CA GLU F 45 -68.21 28.01 13.27
C GLU F 45 -68.20 29.10 14.34
N VAL F 46 -67.05 29.27 14.98
CA VAL F 46 -66.89 30.22 16.07
C VAL F 46 -65.82 31.21 15.69
N ASP F 47 -66.11 32.51 15.86
CA ASP F 47 -65.09 33.51 15.65
C ASP F 47 -63.98 33.23 16.66
N GLY F 48 -62.76 33.09 16.17
CA GLY F 48 -61.65 32.71 16.99
C GLY F 48 -61.32 31.23 16.95
N VAL F 49 -62.24 30.39 16.46
CA VAL F 49 -61.99 28.95 16.39
C VAL F 49 -61.68 28.53 14.95
N ASN F 50 -62.66 28.65 14.05
CA ASN F 50 -62.43 28.27 12.67
C ASN F 50 -61.75 29.38 11.89
N TYR F 51 -62.22 30.62 12.09
CA TYR F 51 -61.66 31.79 11.44
C TYR F 51 -61.85 32.99 12.37
N HIS F 52 -61.08 34.04 12.10
CA HIS F 52 -61.39 35.37 12.66
C HIS F 52 -62.23 36.06 11.59
N PHE F 53 -63.55 35.97 11.76
CA PHE F 53 -64.46 36.52 10.75
C PHE F 53 -64.50 38.04 10.86
N THR F 54 -64.19 38.73 9.75
CA THR F 54 -64.28 40.18 9.67
C THR F 54 -64.92 40.55 8.34
N SER F 55 -65.09 41.86 8.14
CA SER F 55 -65.62 42.42 6.91
C SER F 55 -64.47 42.71 5.94
N ARG F 56 -64.83 43.02 4.70
CA ARG F 56 -63.82 43.44 3.73
C ARG F 56 -63.15 44.72 4.19
N GLU F 57 -63.91 45.64 4.80
CA GLU F 57 -63.34 46.92 5.22
C GLU F 57 -62.28 46.72 6.29
N GLU F 58 -62.60 45.97 7.35
CA GLU F 58 -61.61 45.71 8.38
C GLU F 58 -60.47 44.84 7.88
N PHE F 59 -60.76 43.95 6.93
CA PHE F 59 -59.71 43.11 6.34
C PHE F 59 -58.67 43.97 5.62
N LEU F 60 -59.13 44.88 4.75
CA LEU F 60 -58.21 45.75 4.02
C LEU F 60 -57.47 46.69 4.96
N ALA F 61 -58.11 47.11 6.05
CA ALA F 61 -57.42 47.90 7.05
C ALA F 61 -56.32 47.07 7.71
N MET F 62 -56.62 45.82 8.05
CA MET F 62 -55.59 44.93 8.59
C MET F 62 -54.48 44.70 7.57
N LEU F 63 -54.84 44.62 6.29
CA LEU F 63 -53.83 44.45 5.25
C LEU F 63 -52.96 45.69 5.12
N GLU F 64 -53.57 46.87 5.14
CA GLU F 64 -52.82 48.12 5.01
C GLU F 64 -51.87 48.32 6.18
N ARG F 65 -52.13 47.70 7.32
CA ARG F 65 -51.22 47.74 8.44
C ARG F 65 -50.11 46.70 8.35
N ASN F 66 -50.02 45.96 7.24
CA ASN F 66 -48.96 44.98 7.01
C ASN F 66 -48.96 43.90 8.10
N GLU F 67 -50.15 43.51 8.55
CA GLU F 67 -50.28 42.51 9.61
C GLU F 67 -50.37 41.08 9.10
N PHE F 68 -50.53 40.88 7.79
CA PHE F 68 -50.72 39.55 7.23
C PHE F 68 -49.39 38.98 6.73
N LEU F 69 -49.11 37.74 7.12
CA LEU F 69 -48.02 37.00 6.50
C LEU F 69 -48.31 36.75 5.04
N GLU F 70 -49.57 36.48 4.70
CA GLU F 70 -50.02 36.29 3.33
C GLU F 70 -51.52 36.54 3.28
N HIS F 71 -52.04 36.70 2.07
CA HIS F 71 -53.47 36.90 1.87
C HIS F 71 -53.80 36.58 0.42
N ALA F 72 -55.07 36.25 0.18
CA ALA F 72 -55.49 35.95 -1.18
C ALA F 72 -56.99 36.07 -1.31
N GLU F 73 -57.44 36.27 -2.55
CA GLU F 73 -58.85 36.17 -2.88
C GLU F 73 -59.11 34.75 -3.36
N VAL F 74 -59.98 34.02 -2.66
CA VAL F 74 -60.23 32.61 -2.94
C VAL F 74 -61.74 32.40 -3.02
N PHE F 75 -62.22 31.99 -4.20
CA PHE F 75 -63.65 31.77 -4.45
C PHE F 75 -64.47 33.01 -4.13
N GLY F 76 -63.88 34.20 -4.31
CA GLY F 76 -64.61 35.44 -4.17
C GLY F 76 -64.52 36.10 -2.82
N ASN F 77 -63.82 35.49 -1.87
CA ASN F 77 -63.68 36.05 -0.53
C ASN F 77 -62.20 36.15 -0.17
N LEU F 78 -61.91 36.99 0.80
CA LEU F 78 -60.54 37.27 1.21
C LEU F 78 -60.16 36.39 2.40
N TYR F 79 -58.97 35.83 2.33
CA TYR F 79 -58.41 35.03 3.40
C TYR F 79 -56.97 35.48 3.66
N GLY F 80 -56.51 35.36 4.90
CA GLY F 80 -55.17 35.79 5.23
C GLY F 80 -54.70 35.26 6.56
N THR F 81 -53.38 35.11 6.70
CA THR F 81 -52.73 34.59 7.89
C THR F 81 -52.06 35.72 8.66
N SER F 82 -52.35 35.82 9.95
CA SER F 82 -51.76 36.86 10.79
C SER F 82 -50.28 36.60 11.02
N GLN F 83 -49.43 37.62 10.77
CA GLN F 83 -47.99 37.43 10.85
C GLN F 83 -47.51 37.34 12.30
N ARG F 84 -48.11 38.13 13.20
CA ARG F 84 -47.66 38.13 14.60
C ARG F 84 -47.85 36.75 15.22
N TRP F 85 -49.00 36.13 14.99
CA TRP F 85 -49.25 34.82 15.58
C TRP F 85 -48.24 33.80 15.08
N VAL F 86 -47.89 33.86 13.80
CA VAL F 86 -46.93 32.91 13.23
C VAL F 86 -45.56 33.09 13.85
N GLU F 87 -45.11 34.34 13.98
CA GLU F 87 -43.78 34.58 14.51
C GLU F 87 -43.65 34.07 15.94
N LYS F 88 -44.61 34.41 16.80
CA LYS F 88 -44.54 33.99 18.20
C LYS F 88 -44.63 32.47 18.32
N THR F 89 -45.51 31.84 17.54
CA THR F 89 -45.69 30.40 17.68
C THR F 89 -44.43 29.64 17.28
N LEU F 90 -43.79 30.05 16.19
CA LEU F 90 -42.56 29.38 15.77
C LEU F 90 -41.42 29.61 16.75
N ALA F 91 -41.34 30.82 17.32
CA ALA F 91 -40.26 31.16 18.25
C ALA F 91 -40.37 30.41 19.57
N GLU F 92 -41.57 29.96 19.92
CA GLU F 92 -41.74 29.15 21.12
C GLU F 92 -41.36 27.69 20.90
N GLY F 93 -40.96 27.32 19.69
CA GLY F 93 -40.60 25.95 19.39
C GLY F 93 -41.73 25.06 18.91
N LEU F 94 -42.96 25.59 18.81
CA LEU F 94 -44.11 24.81 18.36
C LEU F 94 -44.14 24.69 16.84
N ASP F 95 -44.69 23.58 16.36
CA ASP F 95 -44.98 23.41 14.95
C ASP F 95 -46.30 24.07 14.60
N LEU F 96 -46.43 24.50 13.34
CA LEU F 96 -47.53 25.35 12.94
C LEU F 96 -48.03 24.94 11.56
N ILE F 97 -49.34 24.75 11.42
CA ILE F 97 -49.96 24.39 10.16
C ILE F 97 -50.73 25.59 9.63
N LEU F 98 -50.47 25.95 8.38
CA LEU F 98 -51.28 26.93 7.66
C LEU F 98 -52.17 26.15 6.69
N GLU F 99 -53.48 26.24 6.88
CA GLU F 99 -54.44 25.63 5.97
C GLU F 99 -54.84 26.70 4.97
N ILE F 100 -54.05 26.82 3.90
CA ILE F 100 -54.18 27.93 2.97
C ILE F 100 -54.15 27.40 1.54
N ASP F 101 -54.59 28.24 0.61
CA ASP F 101 -54.67 27.86 -0.79
C ASP F 101 -53.30 27.96 -1.45
N TRP F 102 -53.26 27.65 -2.76
CA TRP F 102 -51.99 27.64 -3.46
C TRP F 102 -51.39 29.03 -3.55
N GLN F 103 -52.23 30.07 -3.61
CA GLN F 103 -51.72 31.44 -3.67
C GLN F 103 -51.00 31.82 -2.40
N GLY F 104 -51.60 31.53 -1.24
CA GLY F 104 -50.93 31.78 0.03
C GLY F 104 -49.66 30.96 0.17
N ALA F 105 -49.68 29.73 -0.30
CA ALA F 105 -48.50 28.87 -0.22
C ALA F 105 -47.30 29.48 -0.94
N GLN F 106 -47.54 30.07 -2.11
CA GLN F 106 -46.44 30.71 -2.85
C GLN F 106 -45.88 31.91 -2.09
N GLN F 107 -46.76 32.72 -1.50
CA GLN F 107 -46.31 33.85 -0.71
C GLN F 107 -45.48 33.41 0.49
N VAL F 108 -45.95 32.38 1.19
CA VAL F 108 -45.22 31.91 2.38
C VAL F 108 -43.88 31.31 1.97
N ARG F 109 -43.85 30.57 0.86
CA ARG F 109 -42.60 29.98 0.39
C ARG F 109 -41.57 31.05 0.03
N ARG F 110 -42.01 32.22 -0.44
CA ARG F 110 -41.06 33.29 -0.69
C ARG F 110 -40.49 33.82 0.60
N LEU F 111 -41.36 34.05 1.60
CA LEU F 111 -40.93 34.65 2.85
C LEU F 111 -40.21 33.63 3.74
N MET F 112 -40.68 32.40 3.76
CA MET F 112 -40.11 31.33 4.59
C MET F 112 -39.89 30.12 3.70
N PRO F 113 -38.77 30.08 2.97
CA PRO F 113 -38.53 28.96 2.04
C PRO F 113 -38.37 27.63 2.74
N GLU F 114 -38.14 27.62 4.04
CA GLU F 114 -38.01 26.36 4.77
C GLU F 114 -39.35 25.72 5.09
N ALA F 115 -40.47 26.40 4.81
CA ALA F 115 -41.78 25.85 5.12
C ALA F 115 -42.01 24.56 4.37
N GLN F 116 -42.63 23.58 5.04
CA GLN F 116 -42.94 22.29 4.42
C GLN F 116 -44.38 22.31 3.91
N SER F 117 -44.59 21.91 2.67
CA SER F 117 -45.90 21.99 2.07
C SER F 117 -46.40 20.60 1.73
N ILE F 118 -47.68 20.37 2.00
CA ILE F 118 -48.35 19.09 1.79
C ILE F 118 -49.59 19.35 0.96
N PHE F 119 -49.75 18.63 -0.14
CA PHE F 119 -50.97 18.77 -0.93
C PHE F 119 -51.81 17.51 -0.74
N ILE F 120 -53.08 17.69 -0.41
CA ILE F 120 -53.98 16.56 -0.23
C ILE F 120 -54.90 16.47 -1.45
N LEU F 121 -54.91 15.30 -2.08
CA LEU F 121 -55.69 15.05 -3.28
C LEU F 121 -56.83 14.09 -3.00
N PRO F 122 -57.94 14.21 -3.73
CA PRO F 122 -58.99 13.23 -3.65
C PRO F 122 -58.62 12.02 -4.49
N PRO F 123 -59.29 10.88 -4.32
CA PRO F 123 -58.97 9.76 -5.20
C PRO F 123 -59.48 9.96 -6.62
N SER F 124 -60.37 10.94 -6.83
CA SER F 124 -60.94 11.23 -8.13
C SER F 124 -61.68 12.55 -8.01
N GLN F 125 -62.11 13.07 -9.16
CA GLN F 125 -62.82 14.35 -9.17
C GLN F 125 -64.22 14.19 -8.61
N GLU F 126 -64.90 13.09 -8.95
CA GLU F 126 -66.26 12.86 -8.46
C GLU F 126 -66.27 12.72 -6.94
N ALA F 127 -65.23 12.10 -6.37
CA ALA F 127 -65.15 11.99 -4.92
C ALA F 127 -65.15 13.37 -4.28
N LEU F 128 -64.47 14.31 -4.92
CA LEU F 128 -64.46 15.69 -4.46
C LEU F 128 -65.86 16.28 -4.45
N ARG F 129 -66.59 16.11 -5.56
CA ARG F 129 -67.97 16.57 -5.63
C ARG F 129 -68.81 15.90 -4.56
N GLN F 130 -68.62 14.61 -4.36
CA GLN F 130 -69.41 13.90 -3.35
C GLN F 130 -69.12 14.42 -1.93
N ARG F 131 -67.85 14.66 -1.62
CA ARG F 131 -67.51 15.09 -0.26
C ARG F 131 -68.02 16.49 0.05
N LEU F 132 -67.95 17.40 -0.92
CA LEU F 132 -68.50 18.75 -0.70
C LEU F 132 -70.00 18.68 -0.40
N THR F 133 -70.73 17.82 -1.11
CA THR F 133 -72.15 17.66 -0.84
C THR F 133 -72.38 16.99 0.52
N ASN F 134 -71.58 15.98 0.85
CA ASN F 134 -71.79 15.26 2.11
C ASN F 134 -71.45 16.12 3.32
N ARG F 135 -70.50 17.04 3.18
CA ARG F 135 -70.18 17.93 4.30
C ARG F 135 -71.35 18.84 4.68
N GLY F 136 -72.30 19.06 3.76
CA GLY F 136 -73.55 19.75 4.03
C GLY F 136 -73.46 21.19 4.52
N GLN F 137 -72.31 21.82 4.37
CA GLN F 137 -72.09 23.17 4.91
C GLN F 137 -72.08 24.25 3.85
N ASP F 138 -72.33 23.91 2.58
CA ASP F 138 -72.25 24.87 1.50
C ASP F 138 -73.49 24.76 0.62
N SER F 139 -73.88 25.90 0.03
CA SER F 139 -74.99 25.92 -0.90
C SER F 139 -74.62 25.21 -2.21
N ASP F 140 -75.65 24.85 -2.98
CA ASP F 140 -75.42 24.20 -4.26
C ASP F 140 -74.61 25.08 -5.20
N GLU F 141 -74.87 26.39 -5.18
CA GLU F 141 -74.15 27.31 -6.06
C GLU F 141 -72.69 27.44 -5.66
N VAL F 142 -72.40 27.44 -4.36
CA VAL F 142 -71.01 27.49 -3.92
C VAL F 142 -70.30 26.18 -4.25
N ILE F 143 -71.01 25.05 -4.13
CA ILE F 143 -70.40 23.77 -4.47
C ILE F 143 -70.15 23.68 -5.97
N GLU F 144 -70.99 24.30 -6.78
CA GLU F 144 -70.74 24.29 -8.22
C GLU F 144 -69.61 25.23 -8.61
N ARG F 145 -69.53 26.41 -7.98
CA ARG F 145 -68.46 27.35 -8.27
C ARG F 145 -67.10 26.74 -7.99
N ARG F 146 -66.97 26.01 -6.87
CA ARG F 146 -65.70 25.42 -6.51
C ARG F 146 -65.32 24.22 -7.37
N MET F 147 -66.31 23.46 -7.86
CA MET F 147 -65.97 22.32 -8.71
C MET F 147 -65.43 22.80 -10.06
N ARG F 148 -65.91 23.96 -10.52
CA ARG F 148 -65.34 24.56 -11.73
C ARG F 148 -63.86 24.87 -11.53
N GLU F 149 -63.49 25.33 -10.33
CA GLU F 149 -62.12 25.67 -10.01
C GLU F 149 -61.31 24.51 -9.48
N ALA F 150 -61.91 23.32 -9.36
CA ALA F 150 -61.23 22.20 -8.71
C ALA F 150 -60.01 21.74 -9.50
N VAL F 151 -60.15 21.58 -10.81
CA VAL F 151 -59.00 21.19 -11.63
C VAL F 151 -57.93 22.27 -11.57
N SER F 152 -58.35 23.54 -11.59
CA SER F 152 -57.39 24.64 -11.50
C SER F 152 -56.65 24.60 -10.18
N GLU F 153 -57.36 24.35 -9.08
CA GLU F 153 -56.71 24.26 -7.78
C GLU F 153 -55.73 23.10 -7.75
N MET F 154 -56.17 21.92 -8.21
CA MET F 154 -55.32 20.73 -8.15
C MET F 154 -54.12 20.81 -9.08
N SER F 155 -54.17 21.65 -10.12
CA SER F 155 -53.03 21.73 -11.04
C SER F 155 -51.78 22.27 -10.35
N HIS F 156 -51.94 22.96 -9.23
CA HIS F 156 -50.80 23.46 -8.49
C HIS F 156 -50.13 22.40 -7.61
N TYR F 157 -50.60 21.15 -7.63
CA TYR F 157 -50.04 20.13 -6.75
C TYR F 157 -48.55 19.96 -6.97
N VAL F 158 -48.07 20.31 -8.17
CA VAL F 158 -46.66 20.16 -8.52
C VAL F 158 -45.77 21.05 -7.67
N GLU F 159 -46.32 22.04 -6.97
CA GLU F 159 -45.52 23.00 -6.20
C GLU F 159 -45.28 22.55 -4.76
N TYR F 160 -45.76 21.37 -4.36
CA TYR F 160 -45.76 20.98 -2.97
C TYR F 160 -44.73 19.88 -2.73
N ASP F 161 -44.21 19.85 -1.50
CA ASP F 161 -43.18 18.86 -1.18
C ASP F 161 -43.73 17.46 -1.15
N HIS F 162 -44.92 17.26 -0.57
CA HIS F 162 -45.50 15.94 -0.39
C HIS F 162 -46.94 15.94 -0.88
N LEU F 163 -47.35 14.79 -1.40
CA LEU F 163 -48.71 14.59 -1.85
C LEU F 163 -49.31 13.44 -1.04
N VAL F 164 -50.44 13.71 -0.39
CA VAL F 164 -51.21 12.69 0.28
C VAL F 164 -52.51 12.50 -0.48
N ILE F 165 -52.78 11.28 -0.93
CA ILE F 165 -54.04 10.94 -1.60
C ILE F 165 -55.03 10.46 -0.56
N ASN F 166 -56.06 11.27 -0.29
CA ASN F 166 -57.04 10.94 0.75
C ASN F 166 -58.14 10.05 0.19
N ASP F 167 -57.80 8.77 0.03
CA ASP F 167 -58.79 7.76 -0.35
C ASP F 167 -59.38 7.11 0.89
N ASP F 168 -58.69 6.14 1.46
CA ASP F 168 -59.08 5.62 2.76
C ASP F 168 -58.57 6.59 3.83
N PHE F 169 -59.50 7.10 4.65
CA PHE F 169 -59.16 8.17 5.61
C PHE F 169 -58.03 7.75 6.54
N ALA F 170 -58.13 6.56 7.14
CA ALA F 170 -57.14 6.14 8.12
C ALA F 170 -55.75 6.00 7.50
N HIS F 171 -55.67 5.44 6.28
CA HIS F 171 -54.39 5.34 5.59
C HIS F 171 -53.85 6.73 5.28
N ALA F 172 -54.73 7.67 4.91
CA ALA F 172 -54.25 9.02 4.64
C ALA F 172 -53.79 9.72 5.92
N LEU F 173 -54.45 9.46 7.04
CA LEU F 173 -53.98 9.99 8.32
C LEU F 173 -52.61 9.42 8.67
N ASP F 174 -52.40 8.12 8.44
CA ASP F 174 -51.09 7.53 8.66
C ASP F 174 -50.02 8.18 7.77
N ASP F 175 -50.31 8.38 6.48
CA ASP F 175 -49.36 9.06 5.59
C ASP F 175 -48.98 10.41 6.16
N LEU F 176 -50.00 11.18 6.57
CA LEU F 176 -49.74 12.50 7.13
C LEU F 176 -48.90 12.42 8.40
N LYS F 177 -49.23 11.48 9.29
CA LYS F 177 -48.40 11.31 10.49
C LYS F 177 -46.97 10.93 10.14
N ALA F 178 -46.78 10.16 9.06
CA ALA F 178 -45.44 9.75 8.66
C ALA F 178 -44.61 10.96 8.21
N ILE F 179 -45.22 11.92 7.49
CA ILE F 179 -44.48 13.13 7.07
C ILE F 179 -44.04 13.93 8.29
N PHE F 180 -44.96 14.17 9.22
CA PHE F 180 -44.62 14.95 10.43
C PHE F 180 -43.57 14.24 11.29
N ARG F 181 -43.62 12.91 11.35
CA ARG F 181 -42.66 12.22 12.21
C ARG F 181 -41.30 12.16 11.53
N ALA F 182 -41.26 11.96 10.20
CA ALA F 182 -40.00 12.02 9.49
C ALA F 182 -39.34 13.38 9.67
N ARG F 183 -40.14 14.44 9.72
CA ARG F 183 -39.59 15.78 9.95
C ARG F 183 -38.99 15.89 11.34
N GLN F 184 -39.69 15.38 12.36
CA GLN F 184 -39.11 15.43 13.69
C GLN F 184 -37.85 14.56 13.81
N LEU F 185 -37.53 13.74 12.83
CA LEU F 185 -36.32 12.95 12.89
C LEU F 185 -35.18 13.53 12.05
N ARG F 186 -35.39 14.67 11.38
CA ARG F 186 -34.29 15.29 10.64
C ARG F 186 -33.21 15.78 11.61
N GLN F 187 -32.02 16.00 11.05
CA GLN F 187 -30.84 16.39 11.81
C GLN F 187 -31.12 17.60 12.71
N ASP F 188 -31.69 18.67 12.16
CA ASP F 188 -31.90 19.89 12.95
C ASP F 188 -32.80 19.61 14.15
N ALA F 189 -33.93 18.92 13.90
CA ALA F 189 -34.89 18.66 14.97
C ALA F 189 -34.30 17.75 16.04
N GLN F 190 -33.61 16.68 15.63
CA GLN F 190 -33.03 15.75 16.60
C GLN F 190 -31.92 16.41 17.42
N GLN F 191 -31.15 17.30 16.79
CA GLN F 191 -30.07 17.97 17.51
C GLN F 191 -30.61 18.88 18.59
N GLN F 192 -31.72 19.57 18.31
CA GLN F 192 -32.36 20.41 19.32
C GLN F 192 -33.02 19.57 20.40
N ARG F 193 -33.73 18.50 20.01
CA ARG F 193 -34.52 17.77 20.99
C ARG F 193 -33.67 16.87 21.89
N HIS F 194 -32.61 16.27 21.36
CA HIS F 194 -31.76 15.35 22.10
C HIS F 194 -30.33 15.85 22.22
N ALA F 195 -30.14 17.17 22.34
CA ALA F 195 -28.79 17.71 22.46
C ALA F 195 -28.01 17.06 23.60
N GLU F 196 -28.67 16.86 24.74
CA GLU F 196 -27.98 16.33 25.91
C GLU F 196 -27.66 14.85 25.74
N LEU F 197 -28.58 14.09 25.15
CA LEU F 197 -28.28 12.69 24.84
C LEU F 197 -27.10 12.58 23.88
N LEU F 198 -27.13 13.38 22.81
CA LEU F 198 -26.04 13.38 21.84
C LEU F 198 -24.72 13.77 22.49
N GLY F 199 -24.75 14.76 23.38
CA GLY F 199 -23.54 15.11 24.10
C GLY F 199 -22.97 13.96 24.91
N ARG F 200 -23.84 13.23 25.63
CA ARG F 200 -23.35 12.09 26.40
C ARG F 200 -22.79 10.99 25.50
N LEU F 201 -23.34 10.86 24.29
CA LEU F 201 -22.86 9.81 23.39
C LEU F 201 -21.45 10.09 22.90
N LEU F 202 -21.10 11.37 22.71
CA LEU F 202 -19.76 11.74 22.25
C LEU F 202 -18.80 12.03 23.40
N ALA F 203 -19.22 11.80 24.64
CA ALA F 203 -18.34 12.08 25.77
C ALA F 203 -17.51 10.85 26.11
N SER G 2 -65.94 -26.45 10.72
CA SER G 2 -65.37 -26.39 9.39
C SER G 2 -64.81 -25.01 9.11
N GLY G 3 -63.57 -24.98 8.62
CA GLY G 3 -62.93 -23.74 8.25
C GLY G 3 -63.48 -23.18 6.95
N THR G 4 -62.91 -22.06 6.53
CA THR G 4 -63.31 -21.39 5.30
C THR G 4 -62.28 -21.67 4.21
N LEU G 5 -62.78 -21.95 3.01
CA LEU G 5 -61.93 -22.13 1.84
C LEU G 5 -61.83 -20.80 1.10
N TYR G 6 -60.61 -20.28 0.96
CA TYR G 6 -60.39 -19.02 0.27
C TYR G 6 -59.75 -19.25 -1.10
N ILE G 7 -60.24 -18.51 -2.08
CA ILE G 7 -59.65 -18.41 -3.40
C ILE G 7 -59.03 -17.03 -3.51
N VAL G 8 -57.72 -16.95 -3.71
CA VAL G 8 -57.04 -15.68 -3.91
C VAL G 8 -56.47 -15.68 -5.34
N SER G 9 -56.89 -14.70 -6.14
CA SER G 9 -56.44 -14.59 -7.52
C SER G 9 -55.96 -13.18 -7.83
N ALA G 10 -55.11 -13.09 -8.85
CA ALA G 10 -54.52 -11.83 -9.27
C ALA G 10 -53.74 -12.03 -10.57
N PRO G 11 -53.65 -11.01 -11.42
CA PRO G 11 -52.70 -11.08 -12.54
C PRO G 11 -51.29 -11.29 -12.00
N SER G 12 -50.48 -11.99 -12.78
CA SER G 12 -49.12 -12.33 -12.39
C SER G 12 -48.34 -11.08 -12.00
N GLY G 13 -47.75 -11.11 -10.80
CA GLY G 13 -46.96 -9.99 -10.33
C GLY G 13 -47.71 -8.97 -9.51
N ALA G 14 -49.00 -9.18 -9.23
CA ALA G 14 -49.76 -8.22 -8.44
C ALA G 14 -49.33 -8.20 -6.97
N GLY G 15 -48.72 -9.26 -6.46
CA GLY G 15 -48.29 -9.34 -5.08
C GLY G 15 -49.06 -10.33 -4.19
N LYS G 16 -49.80 -11.27 -4.77
CA LYS G 16 -50.62 -12.14 -3.96
C LYS G 16 -49.78 -13.15 -3.18
N THR G 17 -48.72 -13.70 -3.80
CA THR G 17 -47.87 -14.62 -3.06
C THR G 17 -47.21 -13.93 -1.86
N SER G 18 -46.72 -12.71 -2.07
CA SER G 18 -46.03 -12.02 -0.97
C SER G 18 -47.01 -11.55 0.10
N LEU G 19 -48.21 -11.13 -0.30
CA LEU G 19 -49.21 -10.70 0.69
C LEU G 19 -49.70 -11.87 1.54
N VAL G 20 -49.92 -13.02 0.92
CA VAL G 20 -50.43 -14.16 1.68
C VAL G 20 -49.39 -14.65 2.67
N LYS G 21 -48.13 -14.74 2.23
CA LYS G 21 -47.07 -15.16 3.14
C LYS G 21 -47.05 -14.26 4.38
N ALA G 22 -47.19 -12.95 4.18
CA ALA G 22 -47.26 -12.06 5.32
C ALA G 22 -48.52 -12.29 6.14
N LEU G 23 -49.64 -12.60 5.48
CA LEU G 23 -50.87 -12.88 6.21
C LEU G 23 -50.71 -14.11 7.11
N LEU G 24 -50.00 -15.13 6.63
CA LEU G 24 -49.86 -16.37 7.38
C LEU G 24 -49.04 -16.18 8.64
N ASP G 25 -48.08 -15.26 8.63
CA ASP G 25 -47.24 -15.05 9.82
C ASP G 25 -48.06 -14.59 11.01
N ALA G 26 -49.20 -13.94 10.77
CA ALA G 26 -50.05 -13.47 11.86
C ALA G 26 -51.33 -14.28 12.00
N ALA G 27 -51.47 -15.39 11.26
CA ALA G 27 -52.74 -16.13 11.19
C ALA G 27 -52.50 -17.62 11.36
N PRO G 28 -52.40 -18.09 12.61
CA PRO G 28 -52.06 -19.52 12.84
C PRO G 28 -53.13 -20.49 12.37
N GLU G 29 -54.38 -20.07 12.23
CA GLU G 29 -55.46 -20.95 11.78
C GLU G 29 -55.54 -21.13 10.27
N VAL G 30 -54.69 -20.49 9.48
CA VAL G 30 -54.83 -20.50 8.02
C VAL G 30 -53.71 -21.31 7.39
N ARG G 31 -54.06 -22.11 6.40
CA ARG G 31 -53.07 -22.85 5.62
C ARG G 31 -53.13 -22.39 4.17
N VAL G 32 -52.05 -22.62 3.43
CA VAL G 32 -52.03 -22.34 2.01
C VAL G 32 -51.73 -23.63 1.26
N SER G 33 -52.49 -23.88 0.19
CA SER G 33 -52.33 -25.08 -0.60
C SER G 33 -51.09 -25.00 -1.49
N VAL G 34 -50.36 -26.10 -1.57
CA VAL G 34 -49.23 -26.22 -2.47
C VAL G 34 -49.72 -26.86 -3.77
N SER G 35 -49.79 -26.05 -4.83
CA SER G 35 -50.28 -26.52 -6.12
C SER G 35 -49.24 -27.42 -6.79
N HIS G 36 -49.73 -28.23 -7.72
CA HIS G 36 -48.87 -28.90 -8.70
C HIS G 36 -48.76 -28.01 -9.94
N THR G 37 -47.56 -27.98 -10.54
CA THR G 37 -47.35 -27.29 -11.80
C THR G 37 -46.36 -28.07 -12.65
N THR G 38 -46.47 -27.92 -13.97
CA THR G 38 -45.54 -28.50 -14.92
C THR G 38 -44.53 -27.50 -15.46
N ARG G 39 -44.61 -26.25 -15.05
CA ARG G 39 -43.57 -25.32 -15.45
C ARG G 39 -42.30 -25.61 -14.65
N GLY G 40 -41.18 -25.13 -15.17
CA GLY G 40 -39.92 -25.32 -14.49
C GLY G 40 -39.75 -24.41 -13.30
N MET G 41 -38.89 -24.84 -12.38
CA MET G 41 -38.56 -24.05 -11.20
C MET G 41 -37.87 -22.76 -11.60
N ARG G 42 -38.37 -21.64 -11.08
CA ARG G 42 -37.65 -20.38 -11.17
C ARG G 42 -36.59 -20.33 -10.09
N PRO G 43 -35.55 -19.50 -10.26
CA PRO G 43 -34.54 -19.37 -9.20
C PRO G 43 -35.16 -18.92 -7.90
N GLY G 44 -34.79 -19.62 -6.82
CA GLY G 44 -35.28 -19.35 -5.49
C GLY G 44 -36.41 -20.26 -5.04
N GLU G 45 -37.11 -20.90 -5.96
CA GLU G 45 -38.22 -21.76 -5.61
C GLU G 45 -37.73 -23.11 -5.09
N VAL G 46 -38.51 -23.70 -4.19
CA VAL G 46 -38.20 -24.98 -3.57
C VAL G 46 -39.30 -25.97 -3.93
N ASP G 47 -38.90 -27.14 -4.44
CA ASP G 47 -39.87 -28.18 -4.72
C ASP G 47 -40.52 -28.64 -3.42
N GLY G 48 -41.85 -28.65 -3.39
CA GLY G 48 -42.59 -29.01 -2.20
C GLY G 48 -43.00 -27.83 -1.36
N VAL G 49 -42.39 -26.67 -1.58
CA VAL G 49 -42.73 -25.47 -0.84
C VAL G 49 -43.56 -24.55 -1.74
N ASN G 50 -42.95 -24.09 -2.83
CA ASN G 50 -43.66 -23.18 -3.74
C ASN G 50 -44.64 -23.93 -4.63
N TYR G 51 -44.21 -25.07 -5.16
CA TYR G 51 -45.05 -25.91 -5.99
C TYR G 51 -44.59 -27.35 -5.83
N HIS G 52 -45.46 -28.27 -6.22
CA HIS G 52 -45.07 -29.65 -6.49
C HIS G 52 -44.75 -29.68 -7.98
N PHE G 53 -43.46 -29.53 -8.27
CA PHE G 53 -42.97 -29.50 -9.64
C PHE G 53 -42.97 -30.92 -10.21
N THR G 54 -43.66 -31.13 -11.32
CA THR G 54 -43.76 -32.45 -11.93
C THR G 54 -43.71 -32.32 -13.45
N SER G 55 -43.69 -33.47 -14.11
CA SER G 55 -43.70 -33.53 -15.55
C SER G 55 -45.14 -33.43 -16.08
N ARG G 56 -45.25 -33.05 -17.35
CA ARG G 56 -46.58 -32.99 -17.96
C ARG G 56 -47.24 -34.37 -18.00
N GLU G 57 -46.43 -35.43 -18.15
CA GLU G 57 -46.97 -36.78 -18.10
C GLU G 57 -47.47 -37.13 -16.70
N GLU G 58 -46.76 -36.68 -15.67
CA GLU G 58 -47.17 -37.01 -14.31
C GLU G 58 -48.39 -36.19 -13.88
N PHE G 59 -48.48 -34.94 -14.31
CA PHE G 59 -49.69 -34.17 -14.06
C PHE G 59 -50.91 -34.84 -14.68
N LEU G 60 -50.79 -35.25 -15.95
CA LEU G 60 -51.92 -35.89 -16.63
C LEU G 60 -52.24 -37.25 -16.02
N ALA G 61 -51.24 -37.98 -15.53
CA ALA G 61 -51.53 -39.21 -14.81
C ALA G 61 -52.29 -38.93 -13.53
N MET G 62 -51.86 -37.91 -12.78
CA MET G 62 -52.57 -37.49 -11.58
C MET G 62 -54.00 -37.03 -11.89
N LEU G 63 -54.19 -36.40 -13.06
CA LEU G 63 -55.51 -35.95 -13.46
C LEU G 63 -56.44 -37.12 -13.76
N GLU G 64 -55.94 -38.16 -14.44
CA GLU G 64 -56.78 -39.31 -14.75
C GLU G 64 -57.22 -40.05 -13.49
N ARG G 65 -56.45 -39.95 -12.41
CA ARG G 65 -56.79 -40.56 -11.13
C ARG G 65 -57.71 -39.69 -10.28
N ASN G 66 -58.21 -38.57 -10.82
CA ASN G 66 -59.16 -37.69 -10.13
C ASN G 66 -58.59 -37.13 -8.83
N GLU G 67 -57.30 -36.84 -8.81
CA GLU G 67 -56.66 -36.30 -7.62
C GLU G 67 -56.63 -34.78 -7.59
N PHE G 68 -57.32 -34.11 -8.51
CA PHE G 68 -57.28 -32.65 -8.61
C PHE G 68 -58.66 -32.08 -8.34
N LEU G 69 -58.78 -31.28 -7.28
CA LEU G 69 -59.97 -30.46 -7.11
C LEU G 69 -60.23 -29.65 -8.37
N GLU G 70 -59.18 -29.02 -8.89
CA GLU G 70 -59.27 -28.19 -10.08
C GLU G 70 -57.94 -28.24 -10.80
N HIS G 71 -57.97 -27.91 -12.08
CA HIS G 71 -56.76 -27.82 -12.89
C HIS G 71 -57.03 -26.87 -14.05
N ALA G 72 -55.95 -26.31 -14.58
CA ALA G 72 -56.08 -25.40 -15.71
C ALA G 72 -54.73 -25.24 -16.39
N GLU G 73 -54.77 -24.84 -17.65
CA GLU G 73 -53.56 -24.44 -18.34
C GLU G 73 -53.45 -22.92 -18.20
N VAL G 74 -52.27 -22.45 -17.79
CA VAL G 74 -52.03 -21.04 -17.53
C VAL G 74 -50.66 -20.71 -18.09
N PHE G 75 -50.61 -19.81 -19.07
CA PHE G 75 -49.37 -19.45 -19.78
C PHE G 75 -48.64 -20.69 -20.28
N GLY G 76 -49.40 -21.63 -20.86
CA GLY G 76 -48.84 -22.79 -21.50
C GLY G 76 -48.36 -23.91 -20.59
N ASN G 77 -48.67 -23.85 -19.29
CA ASN G 77 -48.31 -24.91 -18.35
C ASN G 77 -49.54 -25.32 -17.54
N LEU G 78 -49.54 -26.59 -17.14
CA LEU G 78 -50.64 -27.12 -16.34
C LEU G 78 -50.41 -26.85 -14.86
N TYR G 79 -51.48 -26.44 -14.17
CA TYR G 79 -51.48 -26.20 -12.74
C TYR G 79 -52.70 -26.89 -12.14
N GLY G 80 -52.61 -27.30 -10.88
CA GLY G 80 -53.72 -27.98 -10.25
C GLY G 80 -53.63 -28.04 -8.74
N THR G 81 -54.80 -28.12 -8.10
CA THR G 81 -54.93 -28.20 -6.65
C THR G 81 -55.32 -29.62 -6.28
N SER G 82 -54.54 -30.23 -5.39
CA SER G 82 -54.81 -31.60 -4.96
C SER G 82 -56.06 -31.66 -4.10
N GLN G 83 -56.97 -32.58 -4.45
CA GLN G 83 -58.27 -32.64 -3.77
C GLN G 83 -58.16 -33.23 -2.38
N ARG G 84 -57.28 -34.22 -2.18
CA ARG G 84 -57.20 -34.88 -0.87
C ARG G 84 -56.84 -33.88 0.22
N TRP G 85 -55.84 -33.05 -0.06
CA TRP G 85 -55.39 -32.09 0.94
C TRP G 85 -56.48 -31.09 1.33
N VAL G 86 -57.29 -30.65 0.35
CA VAL G 86 -58.31 -29.65 0.63
C VAL G 86 -59.35 -30.17 1.60
N GLU G 87 -59.84 -31.39 1.36
CA GLU G 87 -60.94 -31.93 2.16
C GLU G 87 -60.53 -32.10 3.62
N LYS G 88 -59.36 -32.71 3.87
CA LYS G 88 -58.94 -32.95 5.25
C LYS G 88 -58.77 -31.65 6.01
N THR G 89 -58.16 -30.65 5.36
CA THR G 89 -57.86 -29.38 6.04
C THR G 89 -59.14 -28.65 6.44
N LEU G 90 -60.13 -28.60 5.56
CA LEU G 90 -61.38 -27.91 5.88
C LEU G 90 -62.13 -28.63 7.00
N ALA G 91 -62.10 -29.96 7.00
CA ALA G 91 -62.76 -30.74 8.03
C ALA G 91 -62.09 -30.58 9.39
N GLU G 92 -60.82 -30.20 9.44
CA GLU G 92 -60.19 -29.97 10.74
C GLU G 92 -60.60 -28.64 11.35
N GLY G 93 -61.33 -27.80 10.62
CA GLY G 93 -61.65 -26.48 11.08
C GLY G 93 -60.62 -25.44 10.68
N LEU G 94 -59.58 -25.83 9.95
CA LEU G 94 -58.57 -24.90 9.46
C LEU G 94 -59.06 -24.15 8.23
N ASP G 95 -58.65 -22.89 8.11
CA ASP G 95 -58.91 -22.13 6.90
C ASP G 95 -57.82 -22.42 5.86
N LEU G 96 -58.19 -22.30 4.60
CA LEU G 96 -57.36 -22.78 3.51
C LEU G 96 -57.38 -21.76 2.39
N ILE G 97 -56.20 -21.39 1.90
CA ILE G 97 -56.05 -20.45 0.81
C ILE G 97 -55.61 -21.22 -0.41
N LEU G 98 -56.35 -21.06 -1.51
CA LEU G 98 -55.98 -21.53 -2.83
C LEU G 98 -55.53 -20.33 -3.66
N GLU G 99 -54.27 -20.31 -4.04
CA GLU G 99 -53.70 -19.27 -4.91
C GLU G 99 -53.74 -19.78 -6.35
N ILE G 100 -54.86 -19.51 -7.03
CA ILE G 100 -55.13 -20.09 -8.34
C ILE G 100 -55.63 -19.00 -9.27
N ASP G 101 -55.66 -19.31 -10.57
CA ASP G 101 -56.11 -18.37 -11.58
C ASP G 101 -57.63 -18.35 -11.64
N TRP G 102 -58.18 -17.52 -12.55
CA TRP G 102 -59.63 -17.37 -12.61
C TRP G 102 -60.31 -18.66 -13.08
N GLN G 103 -59.63 -19.45 -13.93
CA GLN G 103 -60.20 -20.71 -14.40
C GLN G 103 -60.36 -21.70 -13.26
N GLY G 104 -59.33 -21.85 -12.42
CA GLY G 104 -59.44 -22.72 -11.27
C GLY G 104 -60.50 -22.24 -10.29
N ALA G 105 -60.58 -20.92 -10.10
CA ALA G 105 -61.56 -20.35 -9.19
C ALA G 105 -62.99 -20.70 -9.60
N GLN G 106 -63.29 -20.63 -10.90
CA GLN G 106 -64.64 -20.98 -11.37
C GLN G 106 -64.95 -22.43 -11.09
N GLN G 107 -63.98 -23.32 -11.29
CA GLN G 107 -64.18 -24.72 -10.97
C GLN G 107 -64.46 -24.90 -9.48
N VAL G 108 -63.64 -24.26 -8.63
CA VAL G 108 -63.81 -24.42 -7.18
C VAL G 108 -65.14 -23.82 -6.72
N ARG G 109 -65.49 -22.64 -7.25
CA ARG G 109 -66.77 -22.03 -6.87
C ARG G 109 -67.94 -22.94 -7.23
N ARG G 110 -67.83 -23.68 -8.33
CA ARG G 110 -68.90 -24.60 -8.71
C ARG G 110 -68.97 -25.78 -7.76
N LEU G 111 -67.83 -26.37 -7.43
CA LEU G 111 -67.82 -27.57 -6.59
C LEU G 111 -68.08 -27.21 -5.13
N MET G 112 -67.53 -26.09 -4.68
CA MET G 112 -67.62 -25.64 -3.29
C MET G 112 -68.24 -24.25 -3.29
N PRO G 113 -69.57 -24.14 -3.29
CA PRO G 113 -70.20 -22.81 -3.41
C PRO G 113 -69.97 -21.90 -2.21
N GLU G 114 -69.57 -22.44 -1.07
CA GLU G 114 -69.30 -21.62 0.09
C GLU G 114 -67.90 -20.97 0.07
N ALA G 115 -67.09 -21.28 -0.93
CA ALA G 115 -65.74 -20.71 -1.01
C ALA G 115 -65.81 -19.20 -1.17
N GLN G 116 -64.91 -18.51 -0.45
CA GLN G 116 -64.78 -17.05 -0.49
C GLN G 116 -63.63 -16.69 -1.44
N SER G 117 -63.85 -15.70 -2.30
CA SER G 117 -62.85 -15.35 -3.32
C SER G 117 -62.42 -13.89 -3.18
N ILE G 118 -61.11 -13.66 -3.31
CA ILE G 118 -60.49 -12.35 -3.17
C ILE G 118 -59.64 -12.08 -4.41
N PHE G 119 -59.80 -10.91 -5.02
CA PHE G 119 -58.99 -10.54 -6.17
C PHE G 119 -58.01 -9.44 -5.76
N ILE G 120 -56.74 -9.60 -6.11
CA ILE G 120 -55.75 -8.57 -5.79
C ILE G 120 -55.37 -7.86 -7.08
N LEU G 121 -55.54 -6.51 -7.12
CA LEU G 121 -55.23 -5.69 -8.28
C LEU G 121 -54.00 -4.82 -8.04
N PRO G 122 -53.25 -4.51 -9.09
CA PRO G 122 -52.15 -3.55 -8.98
C PRO G 122 -52.68 -2.13 -9.04
N PRO G 123 -51.89 -1.12 -8.68
CA PRO G 123 -52.38 0.26 -8.82
C PRO G 123 -52.38 0.72 -10.27
N SER G 124 -51.70 0.01 -11.16
CA SER G 124 -51.60 0.31 -12.58
C SER G 124 -51.04 -0.93 -13.25
N GLN G 125 -51.25 -1.01 -14.57
CA GLN G 125 -50.69 -2.11 -15.34
C GLN G 125 -49.15 -2.08 -15.38
N GLU G 126 -48.54 -0.90 -15.39
CA GLU G 126 -47.09 -0.82 -15.36
C GLU G 126 -46.53 -1.35 -14.04
N ALA G 127 -47.26 -1.19 -12.94
CA ALA G 127 -46.81 -1.74 -11.66
C ALA G 127 -46.58 -3.25 -11.74
N LEU G 128 -47.41 -3.96 -12.52
CA LEU G 128 -47.24 -5.40 -12.70
C LEU G 128 -45.90 -5.72 -13.33
N ARG G 129 -45.56 -5.03 -14.43
CA ARG G 129 -44.28 -5.26 -15.09
C ARG G 129 -43.11 -4.94 -14.18
N GLN G 130 -43.19 -3.82 -13.45
CA GLN G 130 -42.13 -3.48 -12.51
C GLN G 130 -41.99 -4.55 -11.44
N ARG G 131 -43.11 -5.02 -10.90
CA ARG G 131 -43.02 -6.03 -9.85
C ARG G 131 -42.50 -7.35 -10.41
N LEU G 132 -42.95 -7.73 -11.61
CA LEU G 132 -42.41 -8.93 -12.25
C LEU G 132 -40.91 -8.80 -12.48
N THR G 133 -40.46 -7.62 -12.92
CA THR G 133 -39.02 -7.41 -13.13
C THR G 133 -38.26 -7.39 -11.82
N ASN G 134 -38.81 -6.73 -10.81
CA ASN G 134 -38.11 -6.62 -9.54
C ASN G 134 -38.01 -7.97 -8.84
N ARG G 135 -39.01 -8.85 -9.04
CA ARG G 135 -38.96 -10.17 -8.40
C ARG G 135 -37.80 -11.00 -8.93
N GLY G 136 -37.44 -10.83 -10.20
CA GLY G 136 -36.21 -11.38 -10.74
C GLY G 136 -36.19 -12.87 -10.96
N GLN G 137 -37.36 -13.52 -11.07
CA GLN G 137 -37.43 -14.95 -11.28
C GLN G 137 -37.89 -15.32 -12.69
N ASP G 138 -38.20 -14.35 -13.53
CA ASP G 138 -38.78 -14.60 -14.84
C ASP G 138 -37.96 -13.92 -15.91
N SER G 139 -37.75 -14.62 -17.03
CA SER G 139 -37.09 -13.97 -18.16
C SER G 139 -37.95 -12.83 -18.69
N ASP G 140 -37.29 -11.93 -19.43
CA ASP G 140 -38.00 -10.84 -20.10
C ASP G 140 -39.10 -11.36 -21.02
N GLU G 141 -38.83 -12.44 -21.75
CA GLU G 141 -39.85 -13.02 -22.63
C GLU G 141 -41.04 -13.52 -21.83
N VAL G 142 -40.80 -14.17 -20.68
CA VAL G 142 -41.92 -14.62 -19.85
C VAL G 142 -42.72 -13.43 -19.35
N ILE G 143 -42.03 -12.37 -18.94
CA ILE G 143 -42.73 -11.20 -18.41
C ILE G 143 -43.56 -10.52 -19.49
N GLU G 144 -42.96 -10.29 -20.66
CA GLU G 144 -43.73 -9.70 -21.75
C GLU G 144 -44.87 -10.62 -22.18
N ARG G 145 -44.67 -11.93 -22.09
CA ARG G 145 -45.76 -12.86 -22.40
C ARG G 145 -46.90 -12.69 -21.41
N ARG G 146 -46.58 -12.60 -20.12
CA ARG G 146 -47.62 -12.47 -19.12
C ARG G 146 -48.24 -11.08 -19.14
N MET G 147 -47.45 -10.05 -19.49
CA MET G 147 -48.02 -8.71 -19.54
C MET G 147 -49.03 -8.58 -20.67
N ARG G 148 -48.87 -9.37 -21.73
CA ARG G 148 -49.87 -9.38 -22.79
C ARG G 148 -51.24 -9.83 -22.30
N GLU G 149 -51.27 -10.77 -21.36
CA GLU G 149 -52.53 -11.30 -20.85
C GLU G 149 -53.06 -10.54 -19.64
N ALA G 150 -52.36 -9.51 -19.16
CA ALA G 150 -52.72 -8.89 -17.89
C ALA G 150 -54.11 -8.29 -17.93
N VAL G 151 -54.46 -7.57 -18.99
CA VAL G 151 -55.78 -6.97 -19.11
C VAL G 151 -56.87 -8.05 -19.11
N SER G 152 -56.62 -9.13 -19.86
CA SER G 152 -57.56 -10.25 -19.88
C SER G 152 -57.67 -10.91 -18.52
N GLU G 153 -56.54 -11.09 -17.83
CA GLU G 153 -56.56 -11.69 -16.49
C GLU G 153 -57.36 -10.82 -15.53
N MET G 154 -57.09 -9.51 -15.52
CA MET G 154 -57.77 -8.61 -14.60
C MET G 154 -59.24 -8.45 -14.91
N SER G 155 -59.68 -8.77 -16.14
CA SER G 155 -61.09 -8.58 -16.46
C SER G 155 -62.01 -9.51 -15.68
N HIS G 156 -61.47 -10.59 -15.10
CA HIS G 156 -62.25 -11.51 -14.30
C HIS G 156 -62.45 -11.05 -12.85
N TYR G 157 -62.00 -9.85 -12.49
CA TYR G 157 -62.15 -9.40 -11.11
C TYR G 157 -63.62 -9.34 -10.70
N VAL G 158 -64.51 -9.19 -11.68
CA VAL G 158 -65.94 -9.08 -11.42
C VAL G 158 -66.53 -10.35 -10.84
N GLU G 159 -65.78 -11.45 -10.86
CA GLU G 159 -66.25 -12.73 -10.34
C GLU G 159 -65.91 -12.95 -8.86
N TYR G 160 -65.26 -11.99 -8.19
CA TYR G 160 -64.72 -12.23 -6.86
C TYR G 160 -65.51 -11.46 -5.81
N ASP G 161 -65.54 -12.01 -4.59
CA ASP G 161 -66.28 -11.36 -3.51
C ASP G 161 -65.61 -10.06 -3.07
N HIS G 162 -64.29 -10.03 -3.00
CA HIS G 162 -63.57 -8.86 -2.51
C HIS G 162 -62.44 -8.49 -3.45
N LEU G 163 -62.15 -7.20 -3.54
CA LEU G 163 -61.06 -6.67 -4.32
C LEU G 163 -60.10 -5.93 -3.40
N VAL G 164 -58.82 -6.32 -3.43
CA VAL G 164 -57.76 -5.62 -2.71
C VAL G 164 -56.86 -4.95 -3.72
N ILE G 165 -56.69 -3.64 -3.60
CA ILE G 165 -55.77 -2.91 -4.44
C ILE G 165 -54.41 -2.87 -3.75
N ASN G 166 -53.44 -3.62 -4.27
CA ASN G 166 -52.12 -3.70 -3.64
C ASN G 166 -51.25 -2.54 -4.12
N ASP G 167 -51.52 -1.35 -3.57
CA ASP G 167 -50.68 -0.19 -3.84
C ASP G 167 -49.57 -0.11 -2.79
N ASP G 168 -49.88 0.43 -1.63
CA ASP G 168 -48.96 0.32 -0.50
C ASP G 168 -49.13 -1.06 0.15
N PHE G 169 -48.03 -1.82 0.23
CA PHE G 169 -48.10 -3.20 0.70
C PHE G 169 -48.72 -3.31 2.09
N ALA G 170 -48.28 -2.47 3.03
CA ALA G 170 -48.79 -2.62 4.39
C ALA G 170 -50.29 -2.35 4.44
N HIS G 171 -50.76 -1.36 3.68
CA HIS G 171 -52.20 -1.09 3.60
C HIS G 171 -52.95 -2.30 3.02
N ALA G 172 -52.38 -2.94 2.01
CA ALA G 172 -53.02 -4.11 1.40
C ALA G 172 -53.02 -5.31 2.34
N LEU G 173 -51.96 -5.45 3.13
CA LEU G 173 -51.96 -6.53 4.10
C LEU G 173 -53.07 -6.33 5.13
N ASP G 174 -53.24 -5.10 5.61
CA ASP G 174 -54.33 -4.83 6.54
C ASP G 174 -55.69 -5.10 5.92
N ASP G 175 -55.90 -4.62 4.67
CA ASP G 175 -57.15 -4.91 3.96
C ASP G 175 -57.41 -6.41 3.94
N LEU G 176 -56.37 -7.18 3.59
CA LEU G 176 -56.53 -8.64 3.57
C LEU G 176 -56.84 -9.17 4.96
N LYS G 177 -56.14 -8.70 5.98
CA LYS G 177 -56.43 -9.15 7.34
C LYS G 177 -57.85 -8.80 7.77
N ALA G 178 -58.37 -7.65 7.32
CA ALA G 178 -59.73 -7.29 7.72
C ALA G 178 -60.75 -8.26 7.14
N ILE G 179 -60.55 -8.69 5.90
CA ILE G 179 -61.44 -9.69 5.29
C ILE G 179 -61.41 -11.00 6.07
N PHE G 180 -60.20 -11.50 6.38
CA PHE G 180 -60.17 -12.77 7.09
C PHE G 180 -60.74 -12.66 8.50
N ARG G 181 -60.60 -11.49 9.13
CA ARG G 181 -61.09 -11.31 10.49
C ARG G 181 -62.60 -11.11 10.49
N ALA G 182 -63.11 -10.30 9.55
CA ALA G 182 -64.55 -10.15 9.41
C ALA G 182 -65.23 -11.50 9.21
N ARG G 183 -64.57 -12.42 8.48
CA ARG G 183 -65.11 -13.76 8.25
C ARG G 183 -65.18 -14.56 9.55
N GLN G 184 -64.13 -14.50 10.36
CA GLN G 184 -64.16 -15.18 11.67
C GLN G 184 -65.25 -14.63 12.58
N LEU G 185 -65.81 -13.46 12.25
CA LEU G 185 -66.86 -12.82 13.02
C LEU G 185 -68.25 -13.05 12.45
N ARG G 186 -68.36 -13.83 11.37
CA ARG G 186 -69.68 -14.16 10.86
C ARG G 186 -70.44 -14.97 11.90
N GLN G 187 -71.76 -14.99 11.72
CA GLN G 187 -72.64 -15.75 12.61
C GLN G 187 -72.18 -17.18 12.79
N ASP G 188 -71.96 -17.88 11.67
CA ASP G 188 -71.63 -19.31 11.73
C ASP G 188 -70.32 -19.55 12.49
N ALA G 189 -69.27 -18.78 12.18
CA ALA G 189 -67.99 -18.97 12.83
C ALA G 189 -68.06 -18.65 14.32
N GLN G 190 -68.74 -17.55 14.67
CA GLN G 190 -68.84 -17.17 16.08
C GLN G 190 -69.64 -18.19 16.89
N GLN G 191 -70.64 -18.80 16.27
CA GLN G 191 -71.43 -19.81 16.97
C GLN G 191 -70.57 -21.03 17.27
N GLN G 192 -69.70 -21.43 16.34
CA GLN G 192 -68.79 -22.53 16.62
C GLN G 192 -67.72 -22.14 17.62
N ARG G 193 -67.10 -20.97 17.43
CA ARG G 193 -65.95 -20.63 18.26
C ARG G 193 -66.36 -20.24 19.67
N HIS G 194 -67.51 -19.57 19.83
CA HIS G 194 -67.95 -19.09 21.14
C HIS G 194 -69.25 -19.74 21.58
N ALA G 195 -69.49 -21.00 21.19
CA ALA G 195 -70.72 -21.67 21.59
C ALA G 195 -70.94 -21.62 23.08
N GLU G 196 -69.89 -21.84 23.87
CA GLU G 196 -70.06 -21.89 25.32
C GLU G 196 -70.37 -20.51 25.90
N LEU G 197 -69.67 -19.47 25.43
CA LEU G 197 -69.93 -18.12 25.89
C LEU G 197 -71.37 -17.72 25.54
N LEU G 198 -71.78 -18.02 24.31
CA LEU G 198 -73.16 -17.76 23.90
C LEU G 198 -74.13 -18.50 24.79
N GLY G 199 -73.82 -19.76 25.11
CA GLY G 199 -74.66 -20.51 26.05
C GLY G 199 -74.74 -19.85 27.40
N ARG G 200 -73.61 -19.35 27.90
CA ARG G 200 -73.63 -18.68 29.20
C ARG G 200 -74.47 -17.40 29.15
N LEU G 201 -74.47 -16.71 28.01
CA LEU G 201 -75.19 -15.44 27.92
C LEU G 201 -76.70 -15.64 27.94
N LEU G 202 -77.21 -16.73 27.37
CA LEU G 202 -78.65 -16.97 27.35
C LEU G 202 -79.14 -17.75 28.56
N ALA G 203 -78.32 -18.00 29.56
CA ALA G 203 -78.73 -18.80 30.72
C ALA G 203 -79.42 -17.89 31.72
N GLY G 204 -80.75 -17.97 31.78
CA GLY G 204 -81.54 -17.13 32.65
C GLY G 204 -82.72 -16.50 31.93
N SER H 2 -63.86 -5.62 41.23
CA SER H 2 -63.21 -4.53 41.95
C SER H 2 -62.10 -3.91 41.10
N GLY H 3 -62.12 -2.57 40.98
CA GLY H 3 -61.26 -1.88 40.02
C GLY H 3 -59.90 -1.54 40.59
N THR H 4 -59.05 -0.97 39.73
CA THR H 4 -57.68 -0.60 40.08
C THR H 4 -57.56 0.90 40.30
N LEU H 5 -56.82 1.28 41.35
CA LEU H 5 -56.57 2.69 41.66
C LEU H 5 -55.19 3.09 41.15
N TYR H 6 -55.15 4.10 40.27
CA TYR H 6 -53.92 4.60 39.68
C TYR H 6 -53.55 5.96 40.25
N ILE H 7 -52.27 6.16 40.51
CA ILE H 7 -51.71 7.46 40.86
C ILE H 7 -50.81 7.89 39.70
N VAL H 8 -51.12 9.01 39.08
CA VAL H 8 -50.30 9.55 37.99
C VAL H 8 -49.76 10.89 38.46
N SER H 9 -48.44 11.01 38.52
CA SER H 9 -47.80 12.23 38.99
C SER H 9 -46.76 12.66 37.97
N ALA H 10 -46.42 13.94 38.03
CA ALA H 10 -45.46 14.51 37.10
C ALA H 10 -45.17 15.94 37.53
N PRO H 11 -43.97 16.45 37.29
CA PRO H 11 -43.75 17.89 37.45
C PRO H 11 -44.73 18.63 36.55
N SER H 12 -45.15 19.81 36.99
CA SER H 12 -46.13 20.57 36.23
C SER H 12 -45.60 20.83 34.82
N GLY H 13 -46.37 20.42 33.82
CA GLY H 13 -45.98 20.61 32.44
C GLY H 13 -45.29 19.45 31.75
N ALA H 14 -45.15 18.29 32.39
CA ALA H 14 -44.53 17.15 31.72
C ALA H 14 -45.43 16.53 30.64
N GLY H 15 -46.73 16.79 30.68
CA GLY H 15 -47.67 16.21 29.75
C GLY H 15 -48.66 15.22 30.38
N LYS H 16 -48.84 15.24 31.69
CA LYS H 16 -49.66 14.24 32.37
C LYS H 16 -51.13 14.36 32.00
N THR H 17 -51.65 15.60 31.97
CA THR H 17 -53.06 15.81 31.63
C THR H 17 -53.35 15.38 30.20
N SER H 18 -52.47 15.72 29.26
CA SER H 18 -52.72 15.41 27.86
C SER H 18 -52.61 13.92 27.60
N LEU H 19 -51.65 13.26 28.23
CA LEU H 19 -51.52 11.83 28.03
C LEU H 19 -52.69 11.09 28.63
N VAL H 20 -53.18 11.53 29.80
CA VAL H 20 -54.31 10.84 30.42
C VAL H 20 -55.58 11.06 29.62
N LYS H 21 -55.79 12.29 29.12
CA LYS H 21 -56.97 12.56 28.31
C LYS H 21 -57.01 11.66 27.08
N ALA H 22 -55.88 11.51 26.39
CA ALA H 22 -55.86 10.62 25.22
C ALA H 22 -56.08 9.17 25.64
N LEU H 23 -55.54 8.78 26.80
CA LEU H 23 -55.76 7.43 27.30
C LEU H 23 -57.25 7.19 27.58
N LEU H 24 -57.94 8.22 28.13
CA LEU H 24 -59.35 8.06 28.45
C LEU H 24 -60.20 7.93 27.20
N ASP H 25 -59.79 8.59 26.10
CA ASP H 25 -60.55 8.51 24.86
C ASP H 25 -60.65 7.07 24.36
N ALA H 26 -59.67 6.24 24.69
CA ALA H 26 -59.65 4.85 24.25
C ALA H 26 -60.00 3.86 25.37
N ALA H 27 -60.39 4.34 26.56
CA ALA H 27 -60.54 3.48 27.74
C ALA H 27 -61.81 3.81 28.52
N PRO H 28 -62.94 3.21 28.12
CA PRO H 28 -64.22 3.52 28.80
C PRO H 28 -64.31 3.00 30.22
N GLU H 29 -63.53 1.99 30.57
CA GLU H 29 -63.57 1.43 31.93
C GLU H 29 -62.79 2.26 32.94
N VAL H 30 -62.16 3.35 32.53
CA VAL H 30 -61.29 4.15 33.39
C VAL H 30 -61.91 5.53 33.61
N ARG H 31 -61.84 6.00 34.86
CA ARG H 31 -62.28 7.34 35.22
C ARG H 31 -61.10 8.13 35.75
N VAL H 32 -61.23 9.46 35.74
CA VAL H 32 -60.25 10.35 36.33
C VAL H 32 -60.94 11.11 37.45
N SER H 33 -60.28 11.18 38.60
CA SER H 33 -60.85 11.84 39.77
C SER H 33 -60.76 13.35 39.63
N VAL H 34 -61.85 14.03 39.97
CA VAL H 34 -61.88 15.49 39.98
C VAL H 34 -61.51 15.96 41.38
N SER H 35 -60.32 16.53 41.48
CA SER H 35 -59.81 16.98 42.77
C SER H 35 -60.51 18.26 43.21
N HIS H 36 -60.46 18.49 44.52
CA HIS H 36 -60.79 19.79 45.08
C HIS H 36 -59.53 20.66 45.10
N THR H 37 -59.71 21.95 44.80
CA THR H 37 -58.59 22.88 44.81
C THR H 37 -59.05 24.21 45.35
N THR H 38 -58.10 24.98 45.89
CA THR H 38 -58.39 26.32 46.36
C THR H 38 -57.98 27.40 45.36
N ARG H 39 -57.27 27.04 44.29
CA ARG H 39 -56.86 27.99 43.28
C ARG H 39 -58.06 28.41 42.43
N GLY H 40 -57.83 29.37 41.54
CA GLY H 40 -58.87 29.90 40.68
C GLY H 40 -58.81 29.31 39.27
N MET H 41 -59.96 29.37 38.58
CA MET H 41 -60.14 28.71 37.29
C MET H 41 -59.26 29.38 36.23
N ARG H 42 -58.27 28.64 35.73
CA ARG H 42 -57.40 29.06 34.63
C ARG H 42 -58.22 29.29 33.37
N PRO H 43 -57.67 29.94 32.34
CA PRO H 43 -58.43 30.10 31.08
C PRO H 43 -58.80 28.77 30.48
N GLY H 44 -60.10 28.55 30.28
CA GLY H 44 -60.59 27.32 29.70
C GLY H 44 -60.88 26.21 30.68
N GLU H 45 -61.16 26.53 31.94
CA GLU H 45 -61.47 25.54 32.95
C GLU H 45 -62.92 25.71 33.41
N VAL H 46 -63.55 24.58 33.74
CA VAL H 46 -64.95 24.55 34.15
C VAL H 46 -65.03 23.95 35.55
N ASP H 47 -65.75 24.64 36.43
CA ASP H 47 -65.99 24.13 37.78
C ASP H 47 -66.81 22.84 37.72
N GLY H 48 -66.31 21.81 38.41
CA GLY H 48 -66.96 20.52 38.46
C GLY H 48 -66.43 19.52 37.45
N VAL H 49 -65.74 19.99 36.42
CA VAL H 49 -65.18 19.14 35.39
C VAL H 49 -63.68 19.01 35.59
N ASN H 50 -62.98 20.14 35.52
CA ASN H 50 -61.53 20.15 35.66
C ASN H 50 -61.13 20.07 37.14
N TYR H 51 -61.81 20.83 38.00
CA TYR H 51 -61.55 20.81 39.43
C TYR H 51 -62.85 21.15 40.17
N HIS H 52 -62.87 20.82 41.46
CA HIS H 52 -63.85 21.39 42.39
C HIS H 52 -63.21 22.59 43.06
N PHE H 53 -63.48 23.78 42.52
CA PHE H 53 -62.92 25.01 43.03
C PHE H 53 -63.68 25.43 44.30
N THR H 54 -62.97 25.56 45.41
CA THR H 54 -63.56 26.06 46.65
C THR H 54 -62.58 27.02 47.32
N SER H 55 -63.04 27.65 48.40
CA SER H 55 -62.18 28.53 49.17
C SER H 55 -61.29 27.72 50.09
N ARG H 56 -60.28 28.38 50.66
CA ARG H 56 -59.44 27.73 51.66
C ARG H 56 -60.25 27.36 52.90
N GLU H 57 -61.27 28.15 53.23
CA GLU H 57 -62.06 27.88 54.43
C GLU H 57 -62.92 26.63 54.26
N GLU H 58 -63.59 26.49 53.11
CA GLU H 58 -64.40 25.31 52.88
C GLU H 58 -63.55 24.08 52.63
N PHE H 59 -62.32 24.28 52.11
CA PHE H 59 -61.39 23.18 51.99
C PHE H 59 -60.98 22.67 53.36
N LEU H 60 -60.57 23.58 54.25
CA LEU H 60 -60.19 23.18 55.61
C LEU H 60 -61.37 22.63 56.40
N ALA H 61 -62.57 23.14 56.13
CA ALA H 61 -63.76 22.54 56.73
C ALA H 61 -63.95 21.12 56.22
N MET H 62 -63.74 20.91 54.91
CA MET H 62 -63.82 19.57 54.35
C MET H 62 -62.77 18.64 54.97
N LEU H 63 -61.59 19.19 55.31
CA LEU H 63 -60.55 18.38 55.91
C LEU H 63 -60.93 17.93 57.32
N GLU H 64 -61.50 18.84 58.13
CA GLU H 64 -61.87 18.51 59.50
C GLU H 64 -62.96 17.45 59.56
N ARG H 65 -63.76 17.33 58.50
CA ARG H 65 -64.77 16.29 58.41
C ARG H 65 -64.22 14.96 57.90
N ASN H 66 -62.90 14.89 57.71
CA ASN H 66 -62.22 13.66 57.29
C ASN H 66 -62.80 13.14 55.97
N GLU H 67 -63.12 14.07 55.06
CA GLU H 67 -63.71 13.71 53.78
C GLU H 67 -62.67 13.45 52.70
N PHE H 68 -61.43 13.85 52.92
CA PHE H 68 -60.37 13.63 51.94
C PHE H 68 -59.72 12.27 52.13
N LEU H 69 -59.44 11.60 51.01
CA LEU H 69 -58.51 10.49 51.03
C LEU H 69 -57.09 10.97 51.25
N GLU H 70 -56.75 12.13 50.67
CA GLU H 70 -55.45 12.77 50.81
C GLU H 70 -55.63 14.24 50.48
N HIS H 71 -54.74 15.06 51.02
CA HIS H 71 -54.68 16.48 50.72
C HIS H 71 -53.23 16.90 50.80
N ALA H 72 -52.90 18.00 50.13
CA ALA H 72 -51.54 18.49 50.14
C ALA H 72 -51.52 19.97 49.76
N GLU H 73 -50.44 20.63 50.16
CA GLU H 73 -50.18 21.99 49.72
C GLU H 73 -49.24 21.92 48.52
N VAL H 74 -49.71 22.41 47.37
CA VAL H 74 -48.93 22.37 46.13
C VAL H 74 -48.85 23.78 45.60
N PHE H 75 -47.63 24.34 45.59
CA PHE H 75 -47.38 25.68 45.07
C PHE H 75 -48.19 26.73 45.82
N GLY H 76 -48.24 26.61 47.15
CA GLY H 76 -48.94 27.56 47.97
C GLY H 76 -50.45 27.44 47.95
N ASN H 77 -51.00 26.51 47.18
CA ASN H 77 -52.43 26.24 47.14
C ASN H 77 -52.70 24.83 47.66
N LEU H 78 -53.94 24.62 48.09
CA LEU H 78 -54.37 23.34 48.64
C LEU H 78 -55.10 22.52 47.58
N TYR H 79 -54.79 21.22 47.54
CA TYR H 79 -55.42 20.25 46.66
C TYR H 79 -55.78 19.01 47.47
N GLY H 80 -56.83 18.32 47.05
CA GLY H 80 -57.30 17.15 47.78
C GLY H 80 -58.22 16.27 46.96
N THR H 81 -58.25 14.99 47.33
CA THR H 81 -59.05 13.96 46.68
C THR H 81 -60.20 13.53 47.58
N SER H 82 -61.41 13.51 47.04
CA SER H 82 -62.57 13.09 47.80
C SER H 82 -62.54 11.59 48.08
N GLN H 83 -62.69 11.22 49.35
CA GLN H 83 -62.60 9.79 49.72
C GLN H 83 -63.85 9.04 49.30
N ARG H 84 -65.03 9.68 49.43
CA ARG H 84 -66.28 9.01 49.07
C ARG H 84 -66.32 8.67 47.59
N TRP H 85 -65.98 9.63 46.73
CA TRP H 85 -66.04 9.38 45.29
C TRP H 85 -65.10 8.25 44.89
N VAL H 86 -63.92 8.20 45.49
CA VAL H 86 -62.97 7.13 45.20
C VAL H 86 -63.53 5.79 45.64
N GLU H 87 -64.09 5.73 46.86
CA GLU H 87 -64.60 4.47 47.39
C GLU H 87 -65.75 3.96 46.52
N LYS H 88 -66.69 4.84 46.16
CA LYS H 88 -67.83 4.42 45.35
C LYS H 88 -67.37 3.94 43.97
N THR H 89 -66.43 4.66 43.37
CA THR H 89 -65.99 4.33 42.01
C THR H 89 -65.27 2.98 41.98
N LEU H 90 -64.41 2.73 42.95
CA LEU H 90 -63.70 1.45 42.98
C LEU H 90 -64.65 0.28 43.25
N ALA H 91 -65.63 0.47 44.12
CA ALA H 91 -66.57 -0.59 44.45
C ALA H 91 -67.50 -0.93 43.29
N GLU H 92 -67.67 -0.01 42.34
CA GLU H 92 -68.42 -0.31 41.13
C GLU H 92 -67.60 -1.07 40.11
N GLY H 93 -66.33 -1.33 40.41
CA GLY H 93 -65.46 -2.03 39.50
C GLY H 93 -64.73 -1.17 38.50
N LEU H 94 -64.89 0.15 38.55
CA LEU H 94 -64.21 1.04 37.62
C LEU H 94 -62.77 1.28 38.04
N ASP H 95 -61.90 1.44 37.04
CA ASP H 95 -60.54 1.86 37.30
C ASP H 95 -60.51 3.39 37.45
N LEU H 96 -59.58 3.88 38.26
CA LEU H 96 -59.60 5.26 38.71
C LEU H 96 -58.21 5.86 38.71
N ILE H 97 -58.07 7.05 38.14
CA ILE H 97 -56.79 7.76 38.08
C ILE H 97 -56.85 8.97 38.99
N LEU H 98 -55.88 9.08 39.89
CA LEU H 98 -55.69 10.27 40.69
C LEU H 98 -54.50 11.03 40.10
N GLU H 99 -54.75 12.23 39.57
CA GLU H 99 -53.68 13.09 39.05
C GLU H 99 -53.26 14.00 40.20
N ILE H 100 -52.32 13.52 41.01
CA ILE H 100 -51.94 14.16 42.25
C ILE H 100 -50.42 14.20 42.33
N ASP H 101 -49.92 15.01 43.25
CA ASP H 101 -48.50 15.19 43.46
C ASP H 101 -47.90 14.04 44.27
N TRP H 102 -46.60 14.14 44.54
CA TRP H 102 -45.87 13.10 45.24
C TRP H 102 -46.31 13.00 46.70
N GLN H 103 -46.72 14.11 47.31
CA GLN H 103 -47.20 14.09 48.68
C GLN H 103 -48.48 13.28 48.79
N GLY H 104 -49.44 13.55 47.89
CA GLY H 104 -50.66 12.77 47.86
C GLY H 104 -50.40 11.31 47.56
N ALA H 105 -49.46 11.05 46.64
CA ALA H 105 -49.14 9.67 46.31
C ALA H 105 -48.65 8.92 47.54
N GLN H 106 -47.83 9.57 48.35
CA GLN H 106 -47.33 8.93 49.56
C GLN H 106 -48.47 8.62 50.53
N GLN H 107 -49.41 9.55 50.69
CA GLN H 107 -50.55 9.32 51.57
C GLN H 107 -51.41 8.15 51.08
N VAL H 108 -51.73 8.14 49.79
CA VAL H 108 -52.58 7.09 49.23
C VAL H 108 -51.87 5.74 49.32
N ARG H 109 -50.56 5.72 49.09
CA ARG H 109 -49.81 4.48 49.21
C ARG H 109 -49.88 3.91 50.62
N ARG H 110 -49.99 4.78 51.63
CA ARG H 110 -50.11 4.29 53.00
C ARG H 110 -51.48 3.66 53.23
N LEU H 111 -52.55 4.28 52.71
CA LEU H 111 -53.90 3.78 52.92
C LEU H 111 -54.22 2.59 52.01
N MET H 112 -53.75 2.63 50.77
CA MET H 112 -54.05 1.62 49.76
C MET H 112 -52.75 1.20 49.11
N PRO H 113 -52.02 0.26 49.73
CA PRO H 113 -50.69 -0.12 49.21
C PRO H 113 -50.75 -0.79 47.85
N GLU H 114 -51.91 -1.29 47.45
CA GLU H 114 -52.02 -1.90 46.13
C GLU H 114 -52.18 -0.88 45.02
N ALA H 115 -52.27 0.41 45.34
CA ALA H 115 -52.44 1.43 44.31
C ALA H 115 -51.24 1.44 43.37
N GLN H 116 -51.48 1.56 42.07
CA GLN H 116 -50.39 1.63 41.11
C GLN H 116 -50.07 3.08 40.80
N SER H 117 -48.80 3.43 40.87
CA SER H 117 -48.37 4.81 40.70
C SER H 117 -47.47 4.90 39.48
N ILE H 118 -47.69 5.93 38.68
CA ILE H 118 -46.96 6.15 37.44
C ILE H 118 -46.40 7.56 37.49
N PHE H 119 -45.12 7.70 37.20
CA PHE H 119 -44.49 9.01 37.13
C PHE H 119 -44.15 9.30 35.67
N ILE H 120 -44.57 10.46 35.19
CA ILE H 120 -44.31 10.87 33.82
C ILE H 120 -43.22 11.93 33.85
N LEU H 121 -42.19 11.71 33.06
CA LEU H 121 -41.00 12.54 33.00
C LEU H 121 -40.82 13.15 31.62
N PRO H 122 -40.23 14.35 31.57
CA PRO H 122 -39.88 14.99 30.32
C PRO H 122 -38.58 14.42 29.79
N PRO H 123 -38.27 14.63 28.51
CA PRO H 123 -36.97 14.20 27.99
C PRO H 123 -35.82 15.07 28.49
N SER H 124 -36.10 16.22 29.10
CA SER H 124 -35.08 17.13 29.61
C SER H 124 -35.77 18.15 30.49
N GLN H 125 -34.96 18.90 31.26
CA GLN H 125 -35.51 19.97 32.07
CA GLN H 125 -35.48 19.98 32.08
C GLN H 125 -36.00 21.13 31.21
N GLU H 126 -35.23 21.51 30.19
CA GLU H 126 -35.66 22.59 29.31
C GLU H 126 -36.99 22.27 28.64
N ALA H 127 -37.22 20.99 28.33
CA ALA H 127 -38.49 20.57 27.76
C ALA H 127 -39.66 20.93 28.67
N LEU H 128 -39.45 20.85 29.99
CA LEU H 128 -40.46 21.27 30.97
C LEU H 128 -40.83 22.74 30.83
N ARG H 129 -39.81 23.61 30.75
CA ARG H 129 -40.09 25.03 30.60
C ARG H 129 -40.85 25.33 29.32
N GLN H 130 -40.44 24.72 28.20
CA GLN H 130 -41.11 24.96 26.93
C GLN H 130 -42.56 24.50 26.96
N ARG H 131 -42.83 23.32 27.53
CA ARG H 131 -44.21 22.84 27.55
C ARG H 131 -45.09 23.69 28.47
N LEU H 132 -44.55 24.12 29.60
CA LEU H 132 -45.28 25.05 30.46
C LEU H 132 -45.57 26.35 29.73
N THR H 133 -44.56 26.88 29.02
CA THR H 133 -44.74 28.12 28.27
C THR H 133 -45.68 27.92 27.08
N ASN H 134 -45.54 26.81 26.36
CA ASN H 134 -46.36 26.56 25.19
C ASN H 134 -47.82 26.30 25.55
N ARG H 135 -48.09 25.77 26.74
CA ARG H 135 -49.47 25.54 27.17
C ARG H 135 -50.24 26.86 27.29
N GLY H 136 -49.64 27.86 27.93
CA GLY H 136 -50.21 29.19 27.98
C GLY H 136 -51.23 29.43 29.06
N GLN H 137 -51.10 28.76 30.21
CA GLN H 137 -52.04 28.92 31.32
C GLN H 137 -51.33 29.33 32.60
N ASP H 138 -50.13 29.90 32.51
CA ASP H 138 -49.37 30.25 33.70
C ASP H 138 -48.33 31.31 33.36
N SER H 139 -47.91 32.06 34.38
CA SER H 139 -46.98 33.17 34.21
C SER H 139 -45.51 32.73 34.30
N ILE H 143 -39.36 32.08 35.67
CA ILE H 143 -39.45 30.70 35.19
C ILE H 143 -38.46 29.84 35.95
N GLU H 144 -37.40 30.47 36.46
CA GLU H 144 -36.41 29.74 37.24
C GLU H 144 -37.01 29.13 38.49
N ARG H 145 -38.04 29.78 39.06
CA ARG H 145 -38.66 29.30 40.29
C ARG H 145 -39.56 28.09 40.04
N ARG H 146 -40.30 28.07 38.92
CA ARG H 146 -41.14 26.91 38.65
C ARG H 146 -40.28 25.70 38.33
N MET H 147 -39.13 25.93 37.70
CA MET H 147 -38.15 24.87 37.49
C MET H 147 -37.45 24.50 38.80
N ARG H 148 -37.32 25.47 39.70
CA ARG H 148 -36.75 25.20 41.02
C ARG H 148 -37.59 24.18 41.77
N GLU H 149 -38.92 24.25 41.60
CA GLU H 149 -39.75 23.24 42.21
C GLU H 149 -39.90 22.03 41.30
N ALA H 150 -39.51 22.17 40.03
CA ALA H 150 -39.62 21.07 39.09
C ALA H 150 -38.64 19.97 39.44
N VAL H 151 -37.39 20.35 39.72
CA VAL H 151 -36.39 19.38 40.15
C VAL H 151 -36.83 18.73 41.47
N SER H 152 -37.46 19.51 42.36
CA SER H 152 -37.95 18.95 43.61
C SER H 152 -39.05 17.93 43.37
N GLU H 153 -40.00 18.26 42.50
CA GLU H 153 -41.05 17.30 42.21
C GLU H 153 -40.47 16.05 41.53
N MET H 154 -39.59 16.25 40.55
CA MET H 154 -39.04 15.09 39.83
C MET H 154 -38.14 14.22 40.70
N SER H 155 -37.60 14.75 41.80
CA SER H 155 -36.73 13.93 42.63
C SER H 155 -37.49 12.79 43.30
N HIS H 156 -38.81 12.90 43.41
CA HIS H 156 -39.62 11.83 43.99
C HIS H 156 -39.98 10.74 43.00
N TYR H 157 -39.46 10.76 41.77
CA TYR H 157 -39.79 9.74 40.79
C TYR H 157 -39.43 8.35 41.30
N VAL H 158 -38.47 8.27 42.23
CA VAL H 158 -37.99 7.01 42.76
C VAL H 158 -39.07 6.27 43.54
N GLU H 159 -40.14 6.95 43.91
CA GLU H 159 -41.19 6.34 44.73
C GLU H 159 -42.29 5.69 43.90
N TYR H 160 -42.19 5.69 42.58
CA TYR H 160 -43.30 5.28 41.74
C TYR H 160 -43.04 3.91 41.13
N ASP H 161 -44.14 3.20 40.85
CA ASP H 161 -44.02 1.87 40.27
C ASP H 161 -43.51 1.93 38.84
N HIS H 162 -43.99 2.88 38.04
CA HIS H 162 -43.62 2.96 36.63
C HIS H 162 -43.24 4.37 36.24
N LEU H 163 -42.30 4.46 35.29
CA LEU H 163 -41.84 5.73 34.75
C LEU H 163 -42.11 5.74 33.25
N VAL H 164 -42.84 6.74 32.79
CA VAL H 164 -43.04 6.98 31.38
C VAL H 164 -42.30 8.26 31.02
N ILE H 165 -41.41 8.17 30.03
CA ILE H 165 -40.71 9.34 29.54
C ILE H 165 -41.53 9.90 28.37
N ASN H 166 -42.16 11.06 28.61
CA ASN H 166 -43.03 11.67 27.60
C ASN H 166 -42.19 12.51 26.65
N ASP H 167 -41.47 11.83 25.76
CA ASP H 167 -40.69 12.46 24.71
C ASP H 167 -41.57 12.63 23.47
N ASP H 168 -41.65 11.57 22.66
CA ASP H 168 -42.64 11.47 21.59
C ASP H 168 -43.99 11.13 22.21
N PHE H 169 -45.00 11.97 21.95
CA PHE H 169 -46.29 11.82 22.60
C PHE H 169 -46.91 10.46 22.31
N ALA H 170 -46.92 10.06 21.03
CA ALA H 170 -47.58 8.82 20.64
C ALA H 170 -46.91 7.60 21.26
N HIS H 171 -45.58 7.57 21.27
CA HIS H 171 -44.87 6.47 21.93
C HIS H 171 -45.14 6.46 23.43
N ALA H 172 -45.23 7.65 24.04
CA ALA H 172 -45.52 7.71 25.47
C ALA H 172 -46.96 7.30 25.78
N LEU H 173 -47.90 7.60 24.88
CA LEU H 173 -49.27 7.10 25.04
C LEU H 173 -49.31 5.58 24.95
N ASP H 174 -48.60 5.00 24.00
CA ASP H 174 -48.49 3.54 23.94
C ASP H 174 -47.83 2.99 25.20
N ASP H 175 -46.75 3.62 25.67
CA ASP H 175 -46.16 3.22 26.95
C ASP H 175 -47.20 3.25 28.05
N LEU H 176 -47.97 4.34 28.14
CA LEU H 176 -48.99 4.45 29.17
C LEU H 176 -50.04 3.34 29.02
N LYS H 177 -50.54 3.10 27.79
CA LYS H 177 -51.54 2.05 27.57
C LYS H 177 -50.99 0.65 27.90
N ALA H 178 -49.70 0.42 27.66
CA ALA H 178 -49.16 -0.90 27.96
C ALA H 178 -49.18 -1.17 29.47
N ILE H 179 -48.95 -0.13 30.29
CA ILE H 179 -49.05 -0.30 31.74
C ILE H 179 -50.47 -0.65 32.16
N PHE H 180 -51.46 0.09 31.64
CA PHE H 180 -52.85 -0.14 32.05
C PHE H 180 -53.37 -1.50 31.59
N ARG H 181 -52.95 -1.96 30.41
CA ARG H 181 -53.42 -3.25 29.92
C ARG H 181 -52.71 -4.39 30.66
N ALA H 182 -51.40 -4.29 30.87
CA ALA H 182 -50.70 -5.28 31.68
C ALA H 182 -51.32 -5.40 33.06
N ARG H 183 -51.78 -4.28 33.62
CA ARG H 183 -52.44 -4.30 34.92
C ARG H 183 -53.79 -5.01 34.83
N GLN H 184 -54.52 -4.78 33.75
CA GLN H 184 -55.78 -5.48 33.49
C GLN H 184 -55.58 -6.98 33.32
N LEU H 185 -54.35 -7.42 33.06
CA LEU H 185 -54.04 -8.82 32.89
C LEU H 185 -53.53 -9.49 34.17
N ARG H 186 -53.43 -8.77 35.28
CA ARG H 186 -52.99 -9.39 36.52
C ARG H 186 -54.01 -10.42 37.01
N GLN H 187 -53.53 -11.30 37.89
CA GLN H 187 -54.38 -12.36 38.43
C GLN H 187 -55.71 -11.81 38.94
N ASP H 188 -55.65 -10.82 39.84
CA ASP H 188 -56.85 -10.33 40.50
C ASP H 188 -57.86 -9.77 39.49
N ALA H 189 -57.40 -8.92 38.58
CA ALA H 189 -58.31 -8.32 37.61
C ALA H 189 -58.91 -9.38 36.70
N GLN H 190 -58.09 -10.31 36.22
CA GLN H 190 -58.61 -11.34 35.32
C GLN H 190 -59.62 -12.24 36.02
N GLN H 191 -59.39 -12.51 37.31
CA GLN H 191 -60.33 -13.34 38.05
C GLN H 191 -61.67 -12.62 38.21
N GLN H 192 -61.64 -11.32 38.46
CA GLN H 192 -62.91 -10.58 38.55
C GLN H 192 -63.55 -10.46 37.18
N ARG H 193 -62.76 -10.09 36.16
CA ARG H 193 -63.34 -9.76 34.85
C ARG H 193 -63.76 -11.00 34.08
N HIS H 194 -63.05 -12.13 34.22
CA HIS H 194 -63.36 -13.35 33.47
C HIS H 194 -63.73 -14.53 34.36
N ALA H 195 -64.40 -14.28 35.50
CA ALA H 195 -64.76 -15.37 36.39
C ALA H 195 -65.54 -16.46 35.66
N GLU H 196 -66.47 -16.09 34.80
CA GLU H 196 -67.31 -17.08 34.14
C GLU H 196 -66.51 -17.92 33.13
N LEU H 197 -65.65 -17.28 32.33
CA LEU H 197 -64.80 -18.06 31.43
C LEU H 197 -63.89 -19.00 32.21
N LEU H 198 -63.26 -18.50 33.29
CA LEU H 198 -62.44 -19.36 34.15
C LEU H 198 -63.26 -20.51 34.74
N GLY H 199 -64.49 -20.23 35.17
CA GLY H 199 -65.35 -21.31 35.62
C GLY H 199 -65.61 -22.34 34.54
N ARG H 200 -65.86 -21.89 33.31
CA ARG H 200 -66.07 -22.83 32.21
C ARG H 200 -64.81 -23.65 31.95
N LEU H 201 -63.63 -23.04 32.15
CA LEU H 201 -62.38 -23.75 31.87
C LEU H 201 -62.09 -24.83 32.90
N LEU H 202 -62.45 -24.61 34.17
CA LEU H 202 -62.17 -25.60 35.22
C LEU H 202 -63.32 -26.56 35.46
N ALA H 203 -64.36 -26.55 34.61
CA ALA H 203 -65.51 -27.42 34.81
C ALA H 203 -65.28 -28.77 34.15
N GLY H 204 -65.82 -29.82 34.77
CA GLY H 204 -65.66 -31.18 34.29
C GLY H 204 -66.70 -31.62 33.27
N SER I 2 -74.32 4.82 -4.07
CA SER I 2 -75.13 4.40 -2.92
C SER I 2 -74.27 3.79 -1.82
N GLY I 3 -74.48 4.26 -0.59
CA GLY I 3 -73.73 3.78 0.55
C GLY I 3 -74.31 2.50 1.15
N THR I 4 -73.66 2.03 2.20
CA THR I 4 -74.06 0.81 2.87
C THR I 4 -74.87 1.16 4.11
N LEU I 5 -75.96 0.43 4.34
CA LEU I 5 -76.79 0.61 5.54
C LEU I 5 -76.43 -0.45 6.58
N TYR I 6 -76.03 0.00 7.76
CA TYR I 6 -75.66 -0.90 8.85
C TYR I 6 -76.71 -0.88 9.96
N ILE I 7 -77.03 -2.06 10.48
CA ILE I 7 -77.84 -2.19 11.68
C ILE I 7 -76.92 -2.67 12.79
N VAL I 8 -76.80 -1.88 13.85
CA VAL I 8 -76.02 -2.26 15.02
C VAL I 8 -76.97 -2.39 16.19
N SER I 9 -77.04 -3.60 16.77
CA SER I 9 -77.92 -3.87 17.90
C SER I 9 -77.13 -4.52 19.04
N ALA I 10 -77.68 -4.40 20.23
CA ALA I 10 -77.04 -4.96 21.42
C ALA I 10 -78.02 -4.87 22.58
N PRO I 11 -77.99 -5.81 23.52
CA PRO I 11 -78.73 -5.58 24.77
C PRO I 11 -78.24 -4.30 25.40
N SER I 12 -79.13 -3.63 26.11
CA SER I 12 -78.80 -2.35 26.73
C SER I 12 -77.56 -2.47 27.60
N GLY I 13 -76.57 -1.61 27.32
CA GLY I 13 -75.36 -1.59 28.10
C GLY I 13 -74.21 -2.44 27.59
N ALA I 14 -74.36 -3.09 26.43
CA ALA I 14 -73.25 -3.88 25.91
C ALA I 14 -72.08 -3.01 25.44
N GLY I 15 -72.31 -1.74 25.14
CA GLY I 15 -71.27 -0.85 24.66
C GLY I 15 -71.42 -0.45 23.20
N LYS I 16 -72.62 -0.55 22.63
CA LYS I 16 -72.80 -0.29 21.22
C LYS I 16 -72.58 1.19 20.90
N THR I 17 -73.12 2.09 21.73
CA THR I 17 -72.98 3.53 21.49
C THR I 17 -71.52 3.97 21.57
N SER I 18 -70.79 3.49 22.58
CA SER I 18 -69.42 3.95 22.74
C SER I 18 -68.51 3.38 21.65
N LEU I 19 -68.76 2.16 21.21
CA LEU I 19 -67.96 1.60 20.13
C LEU I 19 -68.23 2.31 18.81
N VAL I 20 -69.50 2.65 18.55
CA VAL I 20 -69.85 3.31 17.31
C VAL I 20 -69.29 4.73 17.31
N LYS I 21 -69.37 5.43 18.44
CA LYS I 21 -68.77 6.77 18.50
C LYS I 21 -67.29 6.73 18.17
N ALA I 22 -66.55 5.76 18.75
CA ALA I 22 -65.13 5.65 18.44
C ALA I 22 -64.90 5.23 16.99
N LEU I 23 -65.78 4.40 16.43
CA LEU I 23 -65.60 4.05 15.02
C LEU I 23 -65.79 5.29 14.15
N LEU I 24 -66.76 6.14 14.50
CA LEU I 24 -67.04 7.33 13.70
C LEU I 24 -65.90 8.31 13.71
N ASP I 25 -65.14 8.38 14.81
CA ASP I 25 -64.03 9.31 14.91
C ASP I 25 -62.95 9.05 13.88
N ALA I 26 -62.84 7.82 13.38
CA ALA I 26 -61.87 7.46 12.36
C ALA I 26 -62.51 7.20 11.00
N ALA I 27 -63.80 7.47 10.84
CA ALA I 27 -64.53 7.13 9.61
C ALA I 27 -65.46 8.25 9.18
N PRO I 28 -64.93 9.25 8.45
CA PRO I 28 -65.76 10.40 8.05
C PRO I 28 -66.84 10.05 7.04
N GLU I 29 -66.70 8.96 6.32
CA GLU I 29 -67.71 8.56 5.34
C GLU I 29 -68.94 7.90 5.97
N VAL I 30 -68.96 7.70 7.30
CA VAL I 30 -70.07 7.01 7.96
C VAL I 30 -70.84 8.00 8.84
N ARG I 31 -72.15 7.93 8.79
CA ARG I 31 -73.04 8.71 9.64
C ARG I 31 -73.84 7.75 10.51
N VAL I 32 -74.35 8.27 11.63
CA VAL I 32 -75.22 7.51 12.51
C VAL I 32 -76.57 8.22 12.55
N SER I 33 -77.64 7.43 12.46
CA SER I 33 -78.97 7.99 12.43
C SER I 33 -79.41 8.47 13.81
N VAL I 34 -80.06 9.63 13.84
CA VAL I 34 -80.63 10.18 15.07
C VAL I 34 -82.07 9.72 15.16
N SER I 35 -82.34 8.79 16.08
CA SER I 35 -83.67 8.23 16.28
C SER I 35 -84.57 9.21 17.01
N HIS I 36 -85.88 9.00 16.85
CA HIS I 36 -86.88 9.62 17.71
C HIS I 36 -87.14 8.70 18.89
N THR I 37 -87.34 9.28 20.07
CA THR I 37 -87.69 8.50 21.24
C THR I 37 -88.67 9.29 22.09
N THR I 38 -89.49 8.57 22.84
CA THR I 38 -90.39 9.18 23.79
C THR I 38 -89.88 9.09 25.23
N ARG I 39 -88.72 8.50 25.45
CA ARG I 39 -88.16 8.47 26.80
C ARG I 39 -87.47 9.79 27.11
N GLY I 40 -87.44 10.15 28.39
CA GLY I 40 -86.77 11.36 28.81
C GLY I 40 -85.27 11.27 28.66
N MET I 41 -84.65 12.43 28.52
CA MET I 41 -83.22 12.48 28.23
C MET I 41 -82.40 12.13 29.46
N ARG I 42 -81.29 11.43 29.24
CA ARG I 42 -80.38 11.10 30.31
C ARG I 42 -79.44 12.28 30.60
N PRO I 43 -78.80 12.31 31.76
CA PRO I 43 -77.80 13.34 32.04
C PRO I 43 -76.67 13.29 31.01
N GLY I 44 -76.53 14.39 30.26
CA GLY I 44 -75.53 14.48 29.22
C GLY I 44 -76.06 14.31 27.81
N GLU I 45 -77.36 14.09 27.63
CA GLU I 45 -77.93 13.95 26.30
C GLU I 45 -78.46 15.28 25.79
N VAL I 46 -78.35 15.48 24.47
CA VAL I 46 -78.77 16.71 23.81
C VAL I 46 -79.79 16.34 22.74
N ASP I 47 -80.91 17.05 22.72
CA ASP I 47 -81.92 16.87 21.69
C ASP I 47 -81.35 17.22 20.31
N GLY I 48 -81.52 16.29 19.37
CA GLY I 48 -81.02 16.45 18.02
C GLY I 48 -79.69 15.77 17.77
N VAL I 49 -78.96 15.42 18.82
CA VAL I 49 -77.67 14.76 18.69
C VAL I 49 -77.83 13.29 19.03
N ASN I 50 -78.23 13.01 20.27
CA ASN I 50 -78.41 11.62 20.71
C ASN I 50 -79.75 11.07 20.23
N TYR I 51 -80.81 11.86 20.36
CA TYR I 51 -82.13 11.50 19.91
C TYR I 51 -82.87 12.77 19.55
N HIS I 52 -83.96 12.59 18.81
CA HIS I 52 -85.00 13.61 18.69
C HIS I 52 -86.02 13.31 19.79
N PHE I 53 -85.88 13.98 20.93
CA PHE I 53 -86.74 13.76 22.09
C PHE I 53 -88.11 14.37 21.84
N THR I 54 -89.14 13.54 21.72
CA THR I 54 -90.51 13.99 21.50
C THR I 54 -91.45 13.33 22.49
N SER I 55 -92.69 13.81 22.50
CA SER I 55 -93.73 13.26 23.36
C SER I 55 -94.53 12.19 22.62
N ARG I 56 -95.31 11.43 23.39
CA ARG I 56 -95.97 10.25 22.84
C ARG I 56 -96.97 10.62 21.75
N GLU I 57 -97.72 11.71 21.95
CA GLU I 57 -98.71 12.12 20.97
C GLU I 57 -98.06 12.55 19.65
N GLU I 58 -96.92 13.25 19.72
CA GLU I 58 -96.25 13.68 18.51
C GLU I 58 -95.48 12.54 17.86
N PHE I 59 -95.07 11.54 18.64
CA PHE I 59 -94.46 10.34 18.05
C PHE I 59 -95.49 9.55 17.26
N LEU I 60 -96.67 9.32 17.85
CA LEU I 60 -97.72 8.59 17.16
C LEU I 60 -98.27 9.38 15.97
N ALA I 61 -98.27 10.70 16.05
CA ALA I 61 -98.63 11.50 14.89
C ALA I 61 -97.64 11.29 13.75
N MET I 62 -96.35 11.29 14.06
CA MET I 62 -95.34 11.02 13.04
C MET I 62 -95.52 9.62 12.47
N LEU I 63 -95.92 8.67 13.32
CA LEU I 63 -96.18 7.31 12.87
C LEU I 63 -97.39 7.25 11.94
N GLU I 64 -98.46 7.98 12.29
CA GLU I 64 -99.67 7.96 11.47
C GLU I 64 -99.42 8.54 10.08
N ARG I 65 -98.43 9.42 9.94
CA ARG I 65 -98.05 9.97 8.65
C ARG I 65 -97.07 9.08 7.89
N ASN I 66 -96.78 7.88 8.42
CA ASN I 66 -95.96 6.88 7.73
C ASN I 66 -94.57 7.41 7.39
N GLU I 67 -94.02 8.23 8.29
CA GLU I 67 -92.71 8.84 8.12
C GLU I 67 -91.56 8.05 8.75
N PHE I 68 -91.82 6.85 9.27
CA PHE I 68 -90.81 6.04 9.94
C PHE I 68 -90.40 4.87 9.06
N LEU I 69 -89.09 4.71 8.84
CA LEU I 69 -88.58 3.47 8.24
C LEU I 69 -88.94 2.26 9.11
N GLU I 70 -88.85 2.41 10.42
CA GLU I 70 -89.17 1.37 11.37
C GLU I 70 -89.59 2.04 12.67
N HIS I 71 -90.40 1.33 13.44
CA HIS I 71 -90.68 1.77 14.80
C HIS I 71 -90.88 0.56 15.68
N ALA I 72 -90.64 0.76 16.97
CA ALA I 72 -90.83 -0.31 17.93
C ALA I 72 -91.02 0.30 19.31
N GLU I 73 -91.68 -0.45 20.17
CA GLU I 73 -91.74 -0.12 21.59
C GLU I 73 -90.64 -0.91 22.30
N VAL I 74 -89.80 -0.21 23.07
CA VAL I 74 -88.64 -0.83 23.69
C VAL I 74 -88.57 -0.36 25.14
N PHE I 75 -88.64 -1.32 26.08
CA PHE I 75 -88.53 -1.02 27.51
C PHE I 75 -89.55 0.02 27.94
N GLY I 76 -90.77 -0.08 27.41
CA GLY I 76 -91.86 0.78 27.81
C GLY I 76 -92.00 2.07 27.01
N ASN I 77 -91.02 2.43 26.19
CA ASN I 77 -91.04 3.66 25.41
C ASN I 77 -91.00 3.37 23.91
N LEU I 78 -91.34 4.38 23.10
CA LEU I 78 -91.39 4.24 21.66
C LEU I 78 -90.12 4.81 21.02
N TYR I 79 -89.59 4.08 20.03
CA TYR I 79 -88.41 4.50 19.27
C TYR I 79 -88.69 4.29 17.77
N GLY I 80 -88.07 5.11 16.93
CA GLY I 80 -88.29 5.01 15.50
C GLY I 80 -87.22 5.73 14.70
N THR I 81 -87.01 5.26 13.47
CA THR I 81 -86.01 5.80 12.54
C THR I 81 -86.73 6.55 11.43
N SER I 82 -86.34 7.81 11.21
CA SER I 82 -86.96 8.61 10.15
C SER I 82 -86.52 8.09 8.78
N GLN I 83 -87.51 7.81 7.92
CA GLN I 83 -87.18 7.19 6.65
C GLN I 83 -86.57 8.17 5.65
N ARG I 84 -87.04 9.42 5.63
CA ARG I 84 -86.55 10.39 4.66
C ARG I 84 -85.05 10.63 4.84
N TRP I 85 -84.61 10.79 6.09
CA TRP I 85 -83.20 11.02 6.36
C TRP I 85 -82.34 9.85 5.89
N VAL I 86 -82.85 8.63 6.06
CA VAL I 86 -82.13 7.44 5.61
C VAL I 86 -82.00 7.44 4.08
N GLU I 87 -83.09 7.75 3.39
CA GLU I 87 -83.09 7.70 1.93
C GLU I 87 -82.09 8.71 1.35
N LYS I 88 -82.15 9.96 1.83
CA LYS I 88 -81.27 10.99 1.28
C LYS I 88 -79.81 10.65 1.58
N THR I 89 -79.52 10.16 2.79
CA THR I 89 -78.14 9.90 3.19
C THR I 89 -77.52 8.78 2.36
N LEU I 90 -78.26 7.72 2.09
CA LEU I 90 -77.72 6.62 1.29
C LEU I 90 -77.49 7.04 -0.16
N ALA I 91 -78.40 7.85 -0.71
CA ALA I 91 -78.28 8.28 -2.09
C ALA I 91 -77.10 9.24 -2.29
N GLU I 92 -76.63 9.88 -1.22
CA GLU I 92 -75.45 10.72 -1.28
C GLU I 92 -74.16 9.95 -1.26
N GLY I 93 -74.22 8.61 -1.14
CA GLY I 93 -73.06 7.76 -1.07
C GLY I 93 -72.50 7.53 0.32
N LEU I 94 -73.10 8.12 1.35
CA LEU I 94 -72.61 7.97 2.72
C LEU I 94 -73.05 6.64 3.30
N ASP I 95 -72.19 6.05 4.13
CA ASP I 95 -72.59 4.88 4.89
C ASP I 95 -73.38 5.33 6.11
N LEU I 96 -74.28 4.47 6.57
CA LEU I 96 -75.26 4.87 7.57
C LEU I 96 -75.45 3.77 8.60
N ILE I 97 -75.38 4.12 9.88
CA ILE I 97 -75.58 3.19 10.98
C ILE I 97 -76.90 3.47 11.66
N LEU I 98 -77.73 2.44 11.78
CA LEU I 98 -78.94 2.48 12.58
C LEU I 98 -78.66 1.73 13.88
N GLU I 99 -78.69 2.46 15.00
CA GLU I 99 -78.53 1.87 16.33
C GLU I 99 -79.92 1.59 16.87
N ILE I 100 -80.45 0.41 16.56
CA ILE I 100 -81.85 0.06 16.81
C ILE I 100 -81.91 -1.32 17.41
N ASP I 101 -83.08 -1.65 17.97
CA ASP I 101 -83.26 -2.94 18.62
C ASP I 101 -83.55 -4.04 17.59
N TRP I 102 -83.75 -5.26 18.08
CA TRP I 102 -83.99 -6.38 17.17
C TRP I 102 -85.33 -6.24 16.46
N GLN I 103 -86.30 -5.56 17.07
CA GLN I 103 -87.58 -5.34 16.40
C GLN I 103 -87.40 -4.44 15.19
N GLY I 104 -86.71 -3.31 15.36
CA GLY I 104 -86.42 -2.45 14.22
C GLY I 104 -85.56 -3.14 13.18
N ALA I 105 -84.61 -3.96 13.64
CA ALA I 105 -83.73 -4.67 12.72
C ALA I 105 -84.52 -5.60 11.81
N GLN I 106 -85.49 -6.34 12.37
CA GLN I 106 -86.30 -7.22 11.55
C GLN I 106 -87.12 -6.44 10.52
N GLN I 107 -87.70 -5.31 10.95
CA GLN I 107 -88.43 -4.46 10.02
C GLN I 107 -87.52 -3.94 8.91
N VAL I 108 -86.33 -3.44 9.28
CA VAL I 108 -85.41 -2.88 8.29
C VAL I 108 -84.94 -3.96 7.32
N ARG I 109 -84.69 -5.18 7.82
CA ARG I 109 -84.26 -6.27 6.96
C ARG I 109 -85.28 -6.61 5.89
N ARG I 110 -86.58 -6.48 6.18
CA ARG I 110 -87.57 -6.80 5.16
C ARG I 110 -87.54 -5.77 4.04
N LEU I 111 -87.48 -4.49 4.40
CA LEU I 111 -87.52 -3.41 3.42
C LEU I 111 -86.19 -3.25 2.69
N MET I 112 -85.07 -3.52 3.36
CA MET I 112 -83.74 -3.31 2.79
C MET I 112 -82.91 -4.56 3.06
N PRO I 113 -83.07 -5.58 2.23
CA PRO I 113 -82.35 -6.85 2.47
C PRO I 113 -80.85 -6.73 2.33
N GLU I 114 -80.34 -5.66 1.71
CA GLU I 114 -78.91 -5.48 1.58
C GLU I 114 -78.25 -4.94 2.85
N ALA I 115 -79.04 -4.59 3.86
CA ALA I 115 -78.49 -4.05 5.10
C ALA I 115 -77.58 -5.06 5.79
N GLN I 116 -76.45 -4.57 6.32
CA GLN I 116 -75.53 -5.39 7.09
C GLN I 116 -75.85 -5.23 8.56
N SER I 117 -75.94 -6.34 9.30
CA SER I 117 -76.34 -6.28 10.69
C SER I 117 -75.22 -6.84 11.57
N ILE I 118 -74.95 -6.13 12.65
CA ILE I 118 -73.91 -6.46 13.61
C ILE I 118 -74.55 -6.51 15.01
N PHE I 119 -74.28 -7.57 15.75
CA PHE I 119 -74.75 -7.70 17.12
C PHE I 119 -73.57 -7.63 18.09
N ILE I 120 -73.70 -6.79 19.11
CA ILE I 120 -72.64 -6.60 20.08
CA ILE I 120 -72.64 -6.57 20.09
C ILE I 120 -73.02 -7.32 21.36
N LEU I 121 -72.16 -8.25 21.78
CA LEU I 121 -72.43 -9.01 22.98
C LEU I 121 -71.50 -8.60 24.10
N PRO I 122 -71.96 -8.68 25.35
CA PRO I 122 -71.08 -8.51 26.49
C PRO I 122 -70.32 -9.80 26.74
N PRO I 123 -69.24 -9.78 27.52
CA PRO I 123 -68.56 -11.04 27.86
C PRO I 123 -69.30 -11.85 28.92
N SER I 124 -70.31 -11.27 29.55
CA SER I 124 -71.11 -11.94 30.55
C SER I 124 -72.35 -11.10 30.81
N GLN I 125 -73.37 -11.73 31.40
CA GLN I 125 -74.55 -10.98 31.82
C GLN I 125 -74.19 -9.93 32.86
N GLU I 126 -73.32 -10.30 33.81
CA GLU I 126 -72.97 -9.36 34.88
C GLU I 126 -72.28 -8.12 34.33
N ALA I 127 -71.47 -8.27 33.28
CA ALA I 127 -70.83 -7.11 32.65
C ALA I 127 -71.87 -6.11 32.18
N LEU I 128 -73.01 -6.58 31.69
CA LEU I 128 -74.09 -5.66 31.30
C LEU I 128 -74.56 -4.83 32.48
N ARG I 129 -74.88 -5.49 33.60
CA ARG I 129 -75.34 -4.77 34.78
C ARG I 129 -74.29 -3.78 35.27
N GLN I 130 -73.02 -4.21 35.30
CA GLN I 130 -71.94 -3.31 35.71
C GLN I 130 -71.81 -2.13 34.75
N ARG I 131 -71.89 -2.37 33.44
CA ARG I 131 -71.76 -1.27 32.48
C ARG I 131 -72.98 -0.35 32.54
N LEU I 132 -74.18 -0.90 32.69
CA LEU I 132 -75.35 -0.07 32.89
C LEU I 132 -75.21 0.78 34.14
N THR I 133 -74.69 0.19 35.22
CA THR I 133 -74.46 0.94 36.45
C THR I 133 -73.33 1.95 36.28
N ASN I 134 -72.23 1.54 35.66
CA ASN I 134 -71.08 2.43 35.52
C ASN I 134 -71.39 3.61 34.60
N ARG I 135 -72.30 3.43 33.63
CA ARG I 135 -72.69 4.55 32.80
C ARG I 135 -73.39 5.63 33.63
N GLY I 136 -74.13 5.24 34.66
CA GLY I 136 -74.66 6.19 35.62
C GLY I 136 -75.76 7.09 35.11
N GLN I 137 -76.38 6.75 33.98
CA GLN I 137 -77.36 7.61 33.35
C GLN I 137 -78.79 7.11 33.50
N ASP I 138 -78.99 5.93 34.10
CA ASP I 138 -80.32 5.36 34.29
C ASP I 138 -80.50 4.95 35.73
N SER I 139 -81.73 5.05 36.22
CA SER I 139 -82.03 4.75 37.62
C SER I 139 -81.85 3.26 37.90
N ASP I 140 -82.04 2.88 39.17
CA ASP I 140 -81.98 1.48 39.54
C ASP I 140 -83.15 0.70 38.96
N GLU I 141 -84.34 1.30 38.94
CA GLU I 141 -85.51 0.62 38.38
C GLU I 141 -85.36 0.38 36.89
N VAL I 142 -84.81 1.36 36.16
CA VAL I 142 -84.62 1.20 34.72
C VAL I 142 -83.62 0.10 34.44
N ILE I 143 -82.58 -0.01 35.27
CA ILE I 143 -81.55 -1.01 35.02
C ILE I 143 -82.07 -2.42 35.32
N GLU I 144 -82.99 -2.56 36.28
CA GLU I 144 -83.51 -3.90 36.55
C GLU I 144 -84.48 -4.35 35.46
N ARG I 145 -85.34 -3.44 34.98
CA ARG I 145 -86.23 -3.81 33.88
C ARG I 145 -85.45 -4.24 32.65
N ARG I 146 -84.35 -3.54 32.35
CA ARG I 146 -83.57 -3.92 31.18
C ARG I 146 -82.80 -5.21 31.41
N MET I 147 -82.37 -5.49 32.65
CA MET I 147 -81.67 -6.73 32.90
C MET I 147 -82.61 -7.93 32.82
N ARG I 148 -83.88 -7.73 33.19
CA ARG I 148 -84.86 -8.81 33.04
C ARG I 148 -85.00 -9.22 31.57
N GLU I 149 -84.94 -8.24 30.66
CA GLU I 149 -85.08 -8.49 29.23
C GLU I 149 -83.76 -8.77 28.53
N ALA I 150 -82.63 -8.79 29.24
CA ALA I 150 -81.34 -8.88 28.57
C ALA I 150 -81.20 -10.18 27.80
N VAL I 151 -81.55 -11.30 28.44
CA VAL I 151 -81.50 -12.60 27.79
C VAL I 151 -82.43 -12.61 26.58
N SER I 152 -83.62 -12.03 26.71
CA SER I 152 -84.56 -11.98 25.59
C SER I 152 -83.98 -11.18 24.43
N GLU I 153 -83.39 -10.02 24.72
CA GLU I 153 -82.74 -9.23 23.69
C GLU I 153 -81.59 -9.99 23.06
N MET I 154 -80.75 -10.61 23.90
CA MET I 154 -79.59 -11.31 23.38
C MET I 154 -79.97 -12.55 22.63
N SER I 155 -81.17 -13.11 22.87
CA SER I 155 -81.57 -14.34 22.19
C SER I 155 -81.75 -14.13 20.70
N HIS I 156 -81.90 -12.89 20.26
CA HIS I 156 -82.02 -12.56 18.85
C HIS I 156 -80.69 -12.44 18.11
N TYR I 157 -79.55 -12.69 18.75
CA TYR I 157 -78.25 -12.53 18.08
C TYR I 157 -78.12 -13.43 16.85
N VAL I 158 -78.87 -14.53 16.79
CA VAL I 158 -78.81 -15.46 15.67
C VAL I 158 -79.30 -14.84 14.37
N GLU I 159 -79.95 -13.67 14.43
CA GLU I 159 -80.48 -13.04 13.21
C GLU I 159 -79.50 -12.08 12.56
N TYR I 160 -78.29 -11.94 13.09
CA TYR I 160 -77.38 -10.90 12.63
C TYR I 160 -76.25 -11.52 11.82
N ASP I 161 -75.72 -10.76 10.87
CA ASP I 161 -74.65 -11.27 10.02
C ASP I 161 -73.36 -11.45 10.81
N HIS I 162 -73.03 -10.49 11.67
CA HIS I 162 -71.78 -10.51 12.41
C HIS I 162 -72.05 -10.22 13.88
N LEU I 163 -71.25 -10.86 14.74
CA LEU I 163 -71.31 -10.71 16.19
C LEU I 163 -69.95 -10.20 16.68
N VAL I 164 -69.97 -9.11 17.45
CA VAL I 164 -68.77 -8.61 18.11
C VAL I 164 -68.91 -8.80 19.62
N ILE I 165 -67.94 -9.46 20.24
CA ILE I 165 -67.91 -9.61 21.68
C ILE I 165 -67.13 -8.43 22.26
N ASN I 166 -67.84 -7.51 22.93
CA ASN I 166 -67.23 -6.30 23.48
C ASN I 166 -66.68 -6.61 24.87
N ASP I 167 -65.54 -7.30 24.89
CA ASP I 167 -64.80 -7.59 26.11
C ASP I 167 -63.77 -6.49 26.38
N ASP I 168 -62.62 -6.58 25.73
CA ASP I 168 -61.69 -5.47 25.71
C ASP I 168 -62.15 -4.46 24.66
N PHE I 169 -62.32 -3.20 25.08
CA PHE I 169 -62.89 -2.19 24.20
C PHE I 169 -62.09 -2.01 22.91
N ALA I 170 -60.77 -1.87 23.03
CA ALA I 170 -59.93 -1.62 21.86
C ALA I 170 -59.94 -2.78 20.87
N HIS I 171 -59.88 -4.03 21.39
CA HIS I 171 -59.96 -5.19 20.50
C HIS I 171 -61.33 -5.25 19.82
N ALA I 172 -62.39 -4.90 20.54
CA ALA I 172 -63.72 -4.88 19.94
C ALA I 172 -63.84 -3.76 18.92
N LEU I 173 -63.18 -2.64 19.16
CA LEU I 173 -63.16 -1.59 18.14
C LEU I 173 -62.46 -2.08 16.89
N ASP I 174 -61.33 -2.80 17.04
CA ASP I 174 -60.67 -3.41 15.89
C ASP I 174 -61.58 -4.37 15.15
N ASP I 175 -62.27 -5.24 15.89
CA ASP I 175 -63.22 -6.17 15.27
C ASP I 175 -64.26 -5.43 14.46
N LEU I 176 -64.86 -4.39 15.05
CA LEU I 176 -65.89 -3.62 14.36
C LEU I 176 -65.33 -2.95 13.10
N LYS I 177 -64.18 -2.28 13.21
CA LYS I 177 -63.56 -1.65 12.05
C LYS I 177 -63.22 -2.68 10.97
N ALA I 178 -62.88 -3.91 11.38
CA ALA I 178 -62.57 -4.95 10.41
C ALA I 178 -63.80 -5.33 9.61
N ILE I 179 -64.98 -5.42 10.25
CA ILE I 179 -66.23 -5.68 9.53
C ILE I 179 -66.53 -4.58 8.52
N PHE I 180 -66.43 -3.31 8.96
CA PHE I 180 -66.72 -2.20 8.07
C PHE I 180 -65.74 -2.12 6.90
N ARG I 181 -64.48 -2.47 7.12
CA ARG I 181 -63.51 -2.35 6.04
CA ARG I 181 -63.46 -2.38 6.09
C ARG I 181 -63.60 -3.53 5.09
N ALA I 182 -63.84 -4.74 5.60
CA ALA I 182 -64.09 -5.87 4.70
C ALA I 182 -65.31 -5.62 3.82
N ARG I 183 -66.31 -4.93 4.37
CA ARG I 183 -67.51 -4.59 3.59
C ARG I 183 -67.15 -3.63 2.46
N GLN I 184 -66.33 -2.63 2.77
CA GLN I 184 -65.90 -1.62 1.81
CA GLN I 184 -66.03 -1.66 1.73
C GLN I 184 -65.08 -2.22 0.68
N LEU I 185 -64.57 -3.44 0.87
CA LEU I 185 -63.75 -4.12 -0.11
C LEU I 185 -64.54 -5.11 -0.97
N ARG I 186 -65.84 -5.24 -0.74
CA ARG I 186 -66.64 -6.11 -1.60
C ARG I 186 -66.69 -5.54 -3.02
N GLN I 187 -67.03 -6.43 -3.95
CA GLN I 187 -67.12 -6.08 -5.36
C GLN I 187 -67.95 -4.82 -5.58
N ASP I 188 -69.17 -4.77 -5.02
CA ASP I 188 -70.08 -3.66 -5.25
C ASP I 188 -69.46 -2.33 -4.79
N ALA I 189 -68.94 -2.31 -3.56
CA ALA I 189 -68.37 -1.09 -3.03
C ALA I 189 -67.11 -0.69 -3.79
N GLN I 190 -66.24 -1.64 -4.08
CA GLN I 190 -65.01 -1.34 -4.81
C GLN I 190 -65.30 -0.87 -6.23
N GLN I 191 -66.36 -1.39 -6.84
CA GLN I 191 -66.69 -0.98 -8.20
C GLN I 191 -67.13 0.50 -8.23
N GLN I 192 -67.93 0.91 -7.24
CA GLN I 192 -68.36 2.31 -7.17
C GLN I 192 -67.19 3.23 -6.79
N ARG I 193 -66.42 2.84 -5.77
CA ARG I 193 -65.40 3.76 -5.25
C ARG I 193 -64.20 3.88 -6.17
N HIS I 194 -63.80 2.81 -6.86
CA HIS I 194 -62.62 2.82 -7.71
C HIS I 194 -62.96 2.59 -9.17
N ALA I 195 -64.12 3.10 -9.59
CA ALA I 195 -64.55 2.91 -10.97
C ALA I 195 -63.49 3.37 -11.96
N GLU I 196 -62.85 4.51 -11.72
CA GLU I 196 -61.89 5.04 -12.68
C GLU I 196 -60.60 4.21 -12.68
N LEU I 197 -60.13 3.77 -11.51
CA LEU I 197 -58.99 2.87 -11.48
C LEU I 197 -59.30 1.58 -12.24
N LEU I 198 -60.48 0.99 -11.99
CA LEU I 198 -60.87 -0.21 -12.71
C LEU I 198 -60.92 0.04 -14.20
N GLY I 199 -61.45 1.19 -14.62
CA GLY I 199 -61.45 1.52 -16.03
C GLY I 199 -60.05 1.60 -16.63
N ARG I 200 -59.12 2.24 -15.92
CA ARG I 200 -57.75 2.32 -16.44
C ARG I 200 -57.11 0.94 -16.55
N LEU I 201 -57.44 0.03 -15.63
CA LEU I 201 -56.80 -1.28 -15.63
C LEU I 201 -57.27 -2.15 -16.79
N LEU I 202 -58.52 -2.03 -17.21
CA LEU I 202 -58.98 -2.86 -18.30
C LEU I 202 -58.71 -2.24 -19.66
N ALA I 203 -58.06 -1.08 -19.68
CA ALA I 203 -57.70 -0.43 -20.93
C ALA I 203 -56.30 -0.88 -21.33
N SER J 2 37.65 -22.35 -27.22
CA SER J 2 39.01 -22.49 -27.71
C SER J 2 39.74 -21.15 -27.71
N GLY J 3 41.00 -21.18 -28.15
CA GLY J 3 41.83 -19.99 -28.17
C GLY J 3 41.60 -19.15 -29.42
N THR J 4 42.35 -18.06 -29.49
CA THR J 4 42.28 -17.12 -30.61
C THR J 4 43.46 -17.35 -31.54
N LEU J 5 43.20 -17.34 -32.84
CA LEU J 5 44.25 -17.42 -33.85
C LEU J 5 44.60 -16.01 -34.28
N TYR J 6 45.86 -15.64 -34.11
CA TYR J 6 46.32 -14.32 -34.48
C TYR J 6 47.22 -14.39 -35.71
N ILE J 7 47.04 -13.43 -36.61
CA ILE J 7 47.92 -13.19 -37.74
C ILE J 7 48.64 -11.88 -37.47
N VAL J 8 49.97 -11.94 -37.37
CA VAL J 8 50.78 -10.74 -37.19
C VAL J 8 51.66 -10.61 -38.42
N SER J 9 51.51 -9.51 -39.14
CA SER J 9 52.25 -9.25 -40.36
C SER J 9 52.91 -7.88 -40.28
N ALA J 10 53.95 -7.72 -41.07
CA ALA J 10 54.69 -6.47 -41.09
C ALA J 10 55.70 -6.48 -42.22
N PRO J 11 56.02 -5.33 -42.82
CA PRO J 11 57.17 -5.29 -43.73
C PRO J 11 58.40 -5.72 -42.98
N SER J 12 59.32 -6.36 -43.69
CA SER J 12 60.52 -6.90 -43.06
C SER J 12 61.27 -5.80 -42.30
N GLY J 13 61.51 -6.04 -41.01
CA GLY J 13 62.22 -5.09 -40.17
C GLY J 13 61.37 -4.11 -39.39
N ALA J 14 60.05 -4.23 -39.46
CA ALA J 14 59.21 -3.30 -38.71
C ALA J 14 59.28 -3.53 -37.20
N GLY J 15 59.74 -4.70 -36.77
CA GLY J 15 59.83 -5.04 -35.36
C GLY J 15 58.87 -6.14 -34.89
N LYS J 16 58.33 -6.94 -35.81
CA LYS J 16 57.29 -7.91 -35.45
C LYS J 16 57.83 -9.02 -34.56
N THR J 17 59.01 -9.57 -34.90
CA THR J 17 59.55 -10.66 -34.09
C THR J 17 59.88 -10.19 -32.68
N SER J 18 60.50 -9.03 -32.54
CA SER J 18 60.92 -8.55 -31.22
C SER J 18 59.73 -8.15 -30.37
N LEU J 19 58.70 -7.56 -31.00
CA LEU J 19 57.49 -7.24 -30.25
C LEU J 19 56.77 -8.50 -29.79
N VAL J 20 56.73 -9.53 -30.65
CA VAL J 20 56.07 -10.77 -30.27
C VAL J 20 56.85 -11.48 -29.17
N LYS J 21 58.18 -11.51 -29.27
CA LYS J 21 58.98 -12.14 -28.23
C LYS J 21 58.68 -11.51 -26.87
N ALA J 22 58.63 -10.19 -26.81
CA ALA J 22 58.35 -9.53 -25.54
C ALA J 22 56.91 -9.83 -25.08
N LEU J 23 55.97 -9.93 -26.03
CA LEU J 23 54.60 -10.28 -25.68
C LEU J 23 54.53 -11.69 -25.11
N LEU J 24 55.29 -12.62 -25.68
CA LEU J 24 55.28 -14.00 -25.21
C LEU J 24 55.85 -14.13 -23.82
N ASP J 25 56.80 -13.28 -23.46
CA ASP J 25 57.39 -13.36 -22.13
C ASP J 25 56.38 -13.05 -21.03
N ALA J 26 55.34 -12.27 -21.34
CA ALA J 26 54.33 -11.91 -20.34
C ALA J 26 52.99 -12.61 -20.57
N ALA J 27 52.91 -13.53 -21.53
CA ALA J 27 51.63 -14.13 -21.91
C ALA J 27 51.83 -15.63 -22.09
N PRO J 28 51.72 -16.39 -21.00
CA PRO J 28 51.97 -17.85 -21.08
C PRO J 28 50.91 -18.59 -21.87
N GLU J 29 49.72 -18.03 -22.02
CA GLU J 29 48.67 -18.69 -22.79
C GLU J 29 48.84 -18.50 -24.30
N VAL J 30 49.88 -17.80 -24.74
CA VAL J 30 50.05 -17.49 -26.15
C VAL J 30 51.25 -18.27 -26.70
N ARG J 31 51.06 -18.89 -27.86
CA ARG J 31 52.12 -19.58 -28.56
C ARG J 31 52.35 -18.93 -29.91
N VAL J 32 53.55 -19.12 -30.45
CA VAL J 32 53.91 -18.64 -31.77
C VAL J 32 54.25 -19.84 -32.65
N SER J 33 53.71 -19.83 -33.87
CA SER J 33 53.89 -20.94 -34.80
C SER J 33 55.29 -20.94 -35.36
N VAL J 34 55.89 -22.13 -35.48
CA VAL J 34 57.17 -22.28 -36.15
C VAL J 34 56.89 -22.63 -37.61
N SER J 35 57.13 -21.68 -38.50
CA SER J 35 56.89 -21.87 -39.92
C SER J 35 57.99 -22.72 -40.56
N HIS J 36 57.64 -23.35 -41.69
CA HIS J 36 58.61 -23.96 -42.58
C HIS J 36 59.12 -22.94 -43.59
N THR J 37 60.41 -23.01 -43.90
CA THR J 37 60.97 -22.13 -44.92
C THR J 37 62.05 -22.87 -45.70
N THR J 38 62.22 -22.45 -46.96
CA THR J 38 63.30 -22.94 -47.82
C THR J 38 64.43 -21.95 -47.89
N ARG J 39 64.94 -21.57 -46.73
CA ARG J 39 65.88 -20.45 -46.59
C ARG J 39 67.06 -20.88 -45.72
N GLY J 40 68.15 -20.14 -45.84
CA GLY J 40 69.35 -20.40 -45.04
C GLY J 40 69.33 -19.62 -43.73
N MET J 41 69.77 -20.28 -42.67
CA MET J 41 69.71 -19.69 -41.34
C MET J 41 70.49 -18.38 -41.26
N ARG J 42 70.02 -17.49 -40.38
CA ARG J 42 70.71 -16.26 -40.04
C ARG J 42 71.60 -16.50 -38.82
N PRO J 43 72.65 -15.67 -38.64
CA PRO J 43 73.52 -15.87 -37.47
C PRO J 43 72.76 -15.89 -36.15
N GLY J 44 72.62 -17.07 -35.57
CA GLY J 44 71.91 -17.26 -34.32
C GLY J 44 70.67 -18.12 -34.43
N GLU J 45 70.16 -18.34 -35.64
CA GLU J 45 68.93 -19.11 -35.80
C GLU J 45 69.17 -20.58 -35.52
N VAL J 46 68.15 -21.23 -34.96
CA VAL J 46 68.18 -22.63 -34.59
C VAL J 46 67.05 -23.33 -35.34
N ASP J 47 67.38 -24.44 -36.00
CA ASP J 47 66.35 -25.23 -36.67
C ASP J 47 65.35 -25.77 -35.64
N GLY J 48 64.07 -25.55 -35.90
CA GLY J 48 63.01 -25.99 -35.01
C GLY J 48 62.52 -24.92 -34.06
N VAL J 49 63.27 -23.84 -33.87
CA VAL J 49 62.90 -22.77 -32.96
C VAL J 49 62.38 -21.59 -33.79
N ASN J 50 63.27 -21.01 -34.60
CA ASN J 50 62.88 -19.89 -35.44
C ASN J 50 62.14 -20.36 -36.68
N TYR J 51 62.62 -21.43 -37.30
CA TYR J 51 61.97 -22.01 -38.47
C TYR J 51 62.20 -23.50 -38.51
N HIS J 52 61.37 -24.18 -39.29
CA HIS J 52 61.65 -25.54 -39.75
C HIS J 52 62.33 -25.41 -41.10
N PHE J 53 63.66 -25.45 -41.09
CA PHE J 53 64.45 -25.30 -42.31
C PHE J 53 64.38 -26.58 -43.13
N THR J 54 63.81 -26.50 -44.34
CA THR J 54 63.71 -27.64 -45.23
C THR J 54 64.04 -27.21 -46.64
N SER J 55 64.33 -28.21 -47.49
CA SER J 55 64.63 -27.96 -48.89
C SER J 55 63.34 -27.65 -49.66
N ARG J 56 63.52 -27.17 -50.88
CA ARG J 56 62.38 -26.90 -51.75
C ARG J 56 61.67 -28.18 -52.18
N GLU J 57 62.38 -29.31 -52.20
CA GLU J 57 61.75 -30.58 -52.54
C GLU J 57 60.82 -31.06 -51.43
N GLU J 58 61.31 -31.11 -50.20
CA GLU J 58 60.47 -31.54 -49.08
C GLU J 58 59.36 -30.55 -48.79
N PHE J 59 59.47 -29.31 -49.29
CA PHE J 59 58.42 -28.31 -49.09
C PHE J 59 57.23 -28.54 -50.02
N LEU J 60 57.50 -28.72 -51.32
CA LEU J 60 56.42 -28.97 -52.26
C LEU J 60 55.78 -30.33 -52.03
N ALA J 61 56.55 -31.32 -51.57
CA ALA J 61 55.96 -32.61 -51.19
C ALA J 61 55.02 -32.44 -50.01
N MET J 62 55.42 -31.65 -49.01
CA MET J 62 54.53 -31.34 -47.89
C MET J 62 53.29 -30.59 -48.38
N LEU J 63 53.44 -29.75 -49.41
CA LEU J 63 52.31 -29.03 -49.98
C LEU J 63 51.35 -29.99 -50.70
N GLU J 64 51.90 -30.91 -51.48
CA GLU J 64 51.05 -31.85 -52.22
C GLU J 64 50.27 -32.77 -51.29
N ARG J 65 50.75 -32.98 -50.07
CA ARG J 65 50.05 -33.77 -49.07
C ARG J 65 48.99 -32.97 -48.29
N ASN J 66 48.76 -31.72 -48.67
CA ASN J 66 47.73 -30.88 -48.05
C ASN J 66 47.97 -30.72 -46.55
N GLU J 67 49.24 -30.66 -46.16
CA GLU J 67 49.61 -30.53 -44.75
C GLU J 67 49.76 -29.10 -44.29
N PHE J 68 49.70 -28.14 -45.21
CA PHE J 68 49.86 -26.72 -44.88
C PHE J 68 48.50 -26.06 -44.71
N LEU J 69 48.39 -25.23 -43.67
CA LEU J 69 47.24 -24.33 -43.59
C LEU J 69 47.34 -23.25 -44.67
N GLU J 70 48.55 -22.77 -44.95
CA GLU J 70 48.77 -21.79 -45.99
C GLU J 70 50.23 -21.87 -46.41
N HIS J 71 50.52 -21.32 -47.58
CA HIS J 71 51.90 -21.23 -48.06
C HIS J 71 52.02 -20.05 -48.99
N ALA J 72 53.24 -19.51 -49.09
CA ALA J 72 53.49 -18.38 -49.97
C ALA J 72 54.99 -18.29 -50.25
N GLU J 73 55.32 -17.67 -51.38
CA GLU J 73 56.69 -17.33 -51.71
C GLU J 73 56.95 -15.88 -51.32
N VAL J 74 57.98 -15.65 -50.51
CA VAL J 74 58.37 -14.31 -50.08
C VAL J 74 59.84 -14.12 -50.47
N PHE J 75 60.07 -13.36 -51.53
CA PHE J 75 61.39 -13.24 -52.15
C PHE J 75 61.90 -14.59 -52.64
N GLY J 76 61.09 -15.23 -53.49
CA GLY J 76 61.48 -16.48 -54.12
C GLY J 76 61.66 -17.66 -53.18
N ASN J 77 61.86 -17.38 -51.90
CA ASN J 77 61.90 -18.40 -50.86
C ASN J 77 60.49 -18.76 -50.44
N LEU J 78 60.24 -20.07 -50.29
CA LEU J 78 58.92 -20.56 -49.92
C LEU J 78 58.80 -20.63 -48.40
N TYR J 79 57.64 -20.19 -47.89
CA TYR J 79 57.31 -20.24 -46.48
C TYR J 79 55.92 -20.85 -46.33
N GLY J 80 55.69 -21.53 -45.21
CA GLY J 80 54.41 -22.19 -45.00
C GLY J 80 54.19 -22.57 -43.55
N THR J 81 52.91 -22.66 -43.18
CA THR J 81 52.44 -22.97 -41.83
C THR J 81 51.83 -24.37 -41.79
N SER J 82 52.26 -25.18 -40.83
CA SER J 82 51.73 -26.53 -40.67
C SER J 82 50.29 -26.50 -40.15
N GLN J 83 49.39 -27.20 -40.85
CA GLN J 83 47.98 -27.18 -40.45
C GLN J 83 47.74 -28.05 -39.21
N ARG J 84 48.48 -29.16 -39.09
CA ARG J 84 48.31 -30.03 -37.93
C ARG J 84 48.66 -29.29 -36.65
N TRP J 85 49.78 -28.57 -36.66
CA TRP J 85 50.22 -27.86 -35.47
C TRP J 85 49.21 -26.77 -35.07
N VAL J 86 48.66 -26.07 -36.06
CA VAL J 86 47.67 -25.02 -35.76
C VAL J 86 46.39 -25.64 -35.21
N GLU J 87 45.92 -26.73 -35.84
CA GLU J 87 44.68 -27.36 -35.40
C GLU J 87 44.81 -27.87 -33.97
N LYS J 88 45.92 -28.54 -33.66
CA LYS J 88 46.11 -29.09 -32.33
C LYS J 88 46.20 -28.01 -31.26
N THR J 89 46.91 -26.92 -31.54
CA THR J 89 47.13 -25.90 -30.51
C THR J 89 45.84 -25.20 -30.12
N LEU J 90 44.99 -24.88 -31.10
CA LEU J 90 43.74 -24.18 -30.80
C LEU J 90 42.79 -25.04 -29.97
N ALA J 91 42.77 -26.35 -30.21
CA ALA J 91 41.85 -27.23 -29.50
C ALA J 91 42.18 -27.33 -28.01
N GLU J 92 43.42 -27.08 -27.61
CA GLU J 92 43.75 -27.07 -26.19
C GLU J 92 43.35 -25.77 -25.51
N GLY J 93 42.80 -24.79 -26.25
CA GLY J 93 42.47 -23.50 -25.69
C GLY J 93 43.59 -22.48 -25.78
N LEU J 94 44.72 -22.82 -26.39
CA LEU J 94 45.84 -21.89 -26.48
C LEU J 94 45.62 -20.87 -27.59
N ASP J 95 46.08 -19.65 -27.35
CA ASP J 95 46.11 -18.64 -28.40
C ASP J 95 47.37 -18.82 -29.23
N LEU J 96 47.28 -18.47 -30.51
CA LEU J 96 48.32 -18.85 -31.47
C LEU J 96 48.61 -17.68 -32.41
N ILE J 97 49.89 -17.35 -32.56
CA ILE J 97 50.32 -16.26 -33.42
C ILE J 97 50.97 -16.86 -34.66
N LEU J 98 50.51 -16.42 -35.84
CA LEU J 98 51.15 -16.74 -37.11
C LEU J 98 51.86 -15.48 -37.61
N GLU J 99 53.18 -15.54 -37.71
CA GLU J 99 53.96 -14.42 -38.26
C GLU J 99 54.14 -14.69 -39.76
N ILE J 100 53.15 -14.25 -40.55
CA ILE J 100 53.07 -14.58 -41.96
C ILE J 100 52.80 -13.30 -42.73
N ASP J 101 53.04 -13.35 -44.04
CA ASP J 101 52.84 -12.19 -44.89
C ASP J 101 51.37 -12.02 -45.25
N TRP J 102 51.10 -11.01 -46.08
CA TRP J 102 49.72 -10.70 -46.47
C TRP J 102 49.10 -11.81 -47.30
N GLN J 103 49.91 -12.57 -48.05
CA GLN J 103 49.38 -13.67 -48.83
C GLN J 103 48.82 -14.76 -47.93
N GLY J 104 49.59 -15.15 -46.90
CA GLY J 104 49.09 -16.13 -45.94
C GLY J 104 47.88 -15.62 -45.18
N ALA J 105 47.88 -14.33 -44.84
CA ALA J 105 46.75 -13.77 -44.12
C ALA J 105 45.45 -13.92 -44.91
N GLN J 106 45.51 -13.67 -46.22
CA GLN J 106 44.32 -13.84 -47.05
C GLN J 106 43.86 -15.29 -47.08
N GLN J 107 44.81 -16.22 -47.19
CA GLN J 107 44.45 -17.64 -47.16
C GLN J 107 43.82 -18.03 -45.83
N VAL J 108 44.43 -17.61 -44.72
CA VAL J 108 43.92 -17.96 -43.40
C VAL J 108 42.56 -17.33 -43.17
N ARG J 109 42.38 -16.09 -43.63
CA ARG J 109 41.10 -15.43 -43.47
C ARG J 109 39.97 -16.16 -44.20
N ARG J 110 40.29 -16.82 -45.31
CA ARG J 110 39.25 -17.58 -46.01
C ARG J 110 38.82 -18.80 -45.21
N LEU J 111 39.78 -19.55 -44.67
CA LEU J 111 39.46 -20.77 -43.94
C LEU J 111 38.93 -20.50 -42.54
N MET J 112 39.39 -19.44 -41.88
CA MET J 112 39.07 -19.17 -40.48
C MET J 112 38.72 -17.70 -40.35
N PRO J 113 37.47 -17.35 -40.64
CA PRO J 113 37.08 -15.93 -40.59
C PRO J 113 37.21 -15.32 -39.21
N GLU J 114 37.32 -16.13 -38.16
CA GLU J 114 37.48 -15.62 -36.81
C GLU J 114 38.90 -15.20 -36.51
N ALA J 115 39.86 -15.43 -37.41
CA ALA J 115 41.25 -15.06 -37.15
C ALA J 115 41.39 -13.55 -37.00
N GLN J 116 42.18 -13.13 -36.02
CA GLN J 116 42.47 -11.73 -35.77
C GLN J 116 43.79 -11.36 -36.43
N SER J 117 43.80 -10.26 -37.17
CA SER J 117 44.98 -9.87 -37.91
C SER J 117 45.45 -8.51 -37.42
N ILE J 118 46.76 -8.40 -37.22
CA ILE J 118 47.41 -7.19 -36.75
C ILE J 118 48.53 -6.87 -37.72
N PHE J 119 48.58 -5.63 -38.18
CA PHE J 119 49.66 -5.18 -39.04
C PHE J 119 50.53 -4.21 -38.25
N ILE J 120 51.84 -4.43 -38.27
CA ILE J 120 52.78 -3.61 -37.53
C ILE J 120 53.50 -2.70 -38.50
N LEU J 121 53.44 -1.40 -38.23
CA LEU J 121 53.98 -0.38 -39.10
C LEU J 121 55.12 0.37 -38.44
N PRO J 122 56.08 0.83 -39.25
CA PRO J 122 57.16 1.69 -38.78
C PRO J 122 56.68 3.12 -38.71
N PRO J 123 57.41 4.00 -38.01
CA PRO J 123 57.06 5.44 -38.04
C PRO J 123 57.41 6.10 -39.37
N SER J 124 58.22 5.46 -40.21
CA SER J 124 58.63 6.01 -41.50
C SER J 124 59.23 4.89 -42.33
N GLN J 125 59.45 5.18 -43.61
CA GLN J 125 60.15 4.23 -44.48
C GLN J 125 61.63 4.15 -44.15
N GLU J 126 62.24 5.29 -43.79
CA GLU J 126 63.67 5.28 -43.48
C GLU J 126 63.95 4.49 -42.21
N ALA J 127 63.05 4.57 -41.22
CA ALA J 127 63.20 3.78 -40.01
C ALA J 127 63.25 2.28 -40.31
N LEU J 128 62.54 1.85 -41.36
CA LEU J 128 62.61 0.46 -41.80
C LEU J 128 64.02 0.07 -42.22
N ARG J 129 64.65 0.93 -43.04
CA ARG J 129 66.00 0.66 -43.50
C ARG J 129 66.97 0.59 -42.34
N GLN J 130 66.84 1.50 -41.37
CA GLN J 130 67.73 1.49 -40.22
C GLN J 130 67.57 0.19 -39.43
N ARG J 131 66.34 -0.23 -39.19
CA ARG J 131 66.12 -1.45 -38.41
C ARG J 131 66.58 -2.69 -39.16
N LEU J 132 66.31 -2.74 -40.47
CA LEU J 132 66.82 -3.84 -41.27
C LEU J 132 68.35 -3.86 -41.26
N THR J 133 68.98 -2.70 -41.44
CA THR J 133 70.44 -2.64 -41.43
C THR J 133 71.02 -2.84 -40.03
N ASN J 134 70.43 -2.21 -39.02
CA ASN J 134 70.98 -2.27 -37.67
C ASN J 134 70.85 -3.64 -37.03
N ARG J 135 69.85 -4.44 -37.44
CA ARG J 135 69.69 -5.77 -36.87
C ARG J 135 70.92 -6.64 -37.14
N GLY J 136 71.30 -6.77 -38.41
CA GLY J 136 72.55 -7.43 -38.75
C GLY J 136 72.41 -8.78 -39.43
N GLN J 137 71.47 -8.91 -40.35
CA GLN J 137 71.28 -10.15 -41.08
C GLN J 137 71.30 -9.90 -42.58
N GLU J 141 72.24 -6.08 -48.75
CA GLU J 141 71.94 -6.68 -50.04
C GLU J 141 70.47 -7.07 -50.12
N VAL J 142 70.07 -8.00 -49.24
CA VAL J 142 68.66 -8.37 -49.14
C VAL J 142 67.80 -7.15 -48.83
N ILE J 143 68.37 -6.18 -48.11
CA ILE J 143 67.63 -4.98 -47.75
C ILE J 143 67.17 -4.23 -48.99
N GLU J 144 68.01 -4.20 -50.04
CA GLU J 144 67.61 -3.54 -51.28
C GLU J 144 66.54 -4.34 -52.02
N ARG J 145 66.60 -5.67 -51.94
CA ARG J 145 65.53 -6.49 -52.51
C ARG J 145 64.24 -6.33 -51.71
N ARG J 146 64.35 -6.32 -50.37
CA ARG J 146 63.16 -6.17 -49.51
C ARG J 146 62.65 -4.74 -49.44
N MET J 147 63.52 -3.73 -49.60
CA MET J 147 63.03 -2.35 -49.54
C MET J 147 62.19 -1.99 -50.75
N ARG J 148 62.50 -2.55 -51.92
CA ARG J 148 61.66 -2.33 -53.09
C ARG J 148 60.26 -2.89 -52.84
N GLU J 149 60.19 -4.02 -52.15
CA GLU J 149 58.92 -4.68 -51.83
C GLU J 149 58.32 -4.22 -50.50
N ALA J 150 59.00 -3.33 -49.77
CA ALA J 150 58.47 -2.89 -48.48
C ALA J 150 57.18 -2.12 -48.66
N VAL J 151 57.14 -1.20 -49.64
CA VAL J 151 55.93 -0.46 -49.95
C VAL J 151 54.84 -1.43 -50.41
N SER J 152 55.22 -2.44 -51.19
CA SER J 152 54.26 -3.47 -51.61
C SER J 152 53.70 -4.23 -50.42
N GLU J 153 54.56 -4.59 -49.47
CA GLU J 153 54.10 -5.28 -48.27
C GLU J 153 53.18 -4.40 -47.45
N MET J 154 53.58 -3.15 -47.20
CA MET J 154 52.81 -2.27 -46.34
C MET J 154 51.46 -1.87 -46.95
N SER J 155 51.31 -1.94 -48.27
CA SER J 155 50.06 -1.52 -48.88
C SER J 155 48.89 -2.43 -48.49
N HIS J 156 49.17 -3.66 -48.05
CA HIS J 156 48.12 -4.57 -47.62
C HIS J 156 47.65 -4.30 -46.19
N TYR J 157 48.14 -3.25 -45.54
CA TYR J 157 47.73 -2.93 -44.18
C TYR J 157 46.23 -2.70 -44.10
N VAL J 158 45.59 -2.32 -45.22
CA VAL J 158 44.16 -2.07 -45.23
C VAL J 158 43.34 -3.32 -44.97
N GLU J 159 43.94 -4.50 -45.05
CA GLU J 159 43.26 -5.78 -44.90
C GLU J 159 43.23 -6.29 -43.47
N TYR J 160 43.81 -5.57 -42.53
CA TYR J 160 44.03 -6.09 -41.19
C TYR J 160 43.10 -5.42 -40.17
N ASP J 161 42.75 -6.18 -39.13
CA ASP J 161 41.82 -5.67 -38.13
C ASP J 161 42.41 -4.51 -37.34
N HIS J 162 43.68 -4.61 -36.97
CA HIS J 162 44.33 -3.60 -36.14
C HIS J 162 45.69 -3.22 -36.72
N LEU J 163 46.07 -1.96 -36.48
CA LEU J 163 47.36 -1.44 -36.87
C LEU J 163 48.11 -0.98 -35.63
N VAL J 164 49.33 -1.48 -35.44
CA VAL J 164 50.21 -0.98 -34.39
C VAL J 164 51.38 -0.25 -35.06
N ILE J 165 51.60 0.99 -34.65
CA ILE J 165 52.73 1.77 -35.14
C ILE J 165 53.89 1.54 -34.18
N ASN J 166 54.91 0.82 -34.63
CA ASN J 166 56.07 0.50 -33.79
C ASN J 166 57.07 1.64 -33.90
N ASP J 167 56.75 2.74 -33.22
CA ASP J 167 57.67 3.87 -33.10
C ASP J 167 58.51 3.67 -31.85
N ASP J 168 57.96 4.04 -30.69
CA ASP J 168 58.55 3.71 -29.40
C ASP J 168 58.20 2.25 -29.08
N PHE J 169 59.22 1.43 -28.83
CA PHE J 169 59.02 -0.01 -28.62
C PHE J 169 58.07 -0.29 -27.45
N ALA J 170 58.30 0.36 -26.31
CA ALA J 170 57.50 0.06 -25.14
C ALA J 170 56.03 0.43 -25.34
N HIS J 171 55.76 1.58 -25.98
CA HIS J 171 54.38 1.96 -26.28
C HIS J 171 53.75 0.98 -27.25
N ALA J 172 54.52 0.52 -28.25
CA ALA J 172 53.99 -0.45 -29.20
C ALA J 172 53.73 -1.79 -28.54
N LEU J 173 54.55 -2.16 -27.55
CA LEU J 173 54.29 -3.37 -26.78
C LEU J 173 53.00 -3.24 -25.98
N ASP J 174 52.80 -2.09 -25.33
CA ASP J 174 51.53 -1.88 -24.63
C ASP J 174 50.35 -1.95 -25.59
N ASP J 175 50.47 -1.29 -26.75
CA ASP J 175 49.44 -1.37 -27.77
C ASP J 175 49.12 -2.81 -28.10
N LEU J 176 50.16 -3.61 -28.34
CA LEU J 176 49.98 -5.01 -28.71
C LEU J 176 49.29 -5.79 -27.57
N LYS J 177 49.73 -5.56 -26.33
CA LYS J 177 49.09 -6.23 -25.20
C LYS J 177 47.62 -5.83 -25.05
N ALA J 178 47.29 -4.58 -25.39
CA ALA J 178 45.91 -4.15 -25.25
C ALA J 178 44.99 -4.91 -26.19
N ILE J 179 45.46 -5.18 -27.42
CA ILE J 179 44.69 -5.97 -28.37
C ILE J 179 44.43 -7.37 -27.84
N PHE J 180 45.47 -8.03 -27.31
CA PHE J 180 45.32 -9.40 -26.84
C PHE J 180 44.43 -9.46 -25.59
N ARG J 181 44.54 -8.50 -24.69
CA ARG J 181 43.71 -8.52 -23.48
CA ARG J 181 43.72 -8.52 -23.48
C ARG J 181 42.27 -8.18 -23.81
N ALA J 182 42.05 -7.22 -24.70
CA ALA J 182 40.68 -6.92 -25.12
C ALA J 182 40.04 -8.14 -25.76
N ARG J 183 40.83 -8.91 -26.51
CA ARG J 183 40.29 -10.10 -27.16
C ARG J 183 39.88 -11.15 -26.13
N GLN J 184 40.70 -11.32 -25.08
CA GLN J 184 40.30 -12.23 -24.01
C GLN J 184 39.07 -11.73 -23.26
N LEU J 185 38.75 -10.44 -23.35
CA LEU J 185 37.56 -9.91 -22.70
C LEU J 185 36.31 -10.00 -23.58
N ARG J 186 36.41 -10.56 -24.78
CA ARG J 186 35.24 -10.70 -25.62
C ARG J 186 34.24 -11.68 -24.99
N GLN J 187 32.99 -11.56 -25.44
CA GLN J 187 31.92 -12.43 -24.93
C GLN J 187 32.32 -13.90 -24.99
N ASP J 188 32.80 -14.36 -26.16
CA ASP J 188 33.11 -15.78 -26.32
C ASP J 188 34.19 -16.24 -25.34
N ALA J 189 35.30 -15.50 -25.26
CA ALA J 189 36.40 -15.90 -24.39
C ALA J 189 35.97 -15.86 -22.93
N GLN J 190 35.29 -14.79 -22.53
CA GLN J 190 34.83 -14.68 -21.15
C GLN J 190 33.83 -15.76 -20.81
N GLN J 191 33.02 -16.17 -21.79
CA GLN J 191 32.05 -17.22 -21.55
C GLN J 191 32.73 -18.54 -21.24
N GLN J 192 33.80 -18.85 -21.98
CA GLN J 192 34.55 -20.07 -21.71
C GLN J 192 35.34 -19.98 -20.41
N ARG J 193 36.06 -18.87 -20.21
CA ARG J 193 37.00 -18.78 -19.10
C ARG J 193 36.31 -18.62 -17.76
N HIS J 194 35.18 -17.91 -17.70
CA HIS J 194 34.49 -17.67 -16.43
C HIS J 194 33.10 -18.29 -16.40
N ALA J 195 32.94 -19.45 -17.05
CA ALA J 195 31.64 -20.12 -17.05
C ALA J 195 31.14 -20.36 -15.63
N GLU J 196 32.01 -20.77 -14.72
CA GLU J 196 31.55 -21.08 -13.36
C GLU J 196 31.13 -19.82 -12.62
N LEU J 197 31.88 -18.72 -12.77
CA LEU J 197 31.49 -17.46 -12.15
C LEU J 197 30.14 -16.99 -12.68
N LEU J 198 29.95 -17.06 -14.00
CA LEU J 198 28.68 -16.65 -14.59
C LEU J 198 27.51 -17.47 -14.05
N GLY J 199 27.69 -18.79 -13.93
CA GLY J 199 26.63 -19.61 -13.37
C GLY J 199 26.24 -19.20 -11.97
N ARG J 200 27.23 -18.91 -11.12
CA ARG J 200 26.92 -18.47 -9.75
C ARG J 200 26.20 -17.13 -9.76
N LEU J 201 26.53 -16.25 -10.72
CA LEU J 201 25.91 -14.94 -10.76
C LEU J 201 24.45 -15.02 -11.16
N LEU J 202 24.07 -15.96 -12.03
CA LEU J 202 22.70 -16.09 -12.48
C LEU J 202 21.88 -17.10 -11.68
N ALA J 203 22.47 -17.72 -10.65
CA ALA J 203 21.73 -18.72 -9.87
C ALA J 203 21.04 -18.07 -8.67
N GLY K 3 67.60 -11.98 5.54
CA GLY K 3 66.59 -12.06 4.50
C GLY K 3 65.37 -12.86 4.90
N THR K 4 64.40 -12.95 4.00
CA THR K 4 63.15 -13.65 4.26
C THR K 4 63.13 -14.99 3.52
N LEU K 5 62.62 -16.02 4.19
CA LEU K 5 62.40 -17.34 3.61
C LEU K 5 60.94 -17.46 3.20
N TYR K 6 60.69 -17.70 1.92
CA TYR K 6 59.35 -17.81 1.37
C TYR K 6 59.02 -19.25 1.03
N ILE K 7 57.79 -19.64 1.32
CA ILE K 7 57.23 -20.91 0.88
C ILE K 7 56.14 -20.61 -0.13
N VAL K 8 56.32 -21.09 -1.36
CA VAL K 8 55.34 -20.94 -2.42
C VAL K 8 54.85 -22.33 -2.78
N SER K 9 53.54 -22.55 -2.62
CA SER K 9 52.96 -23.85 -2.88
C SER K 9 51.74 -23.67 -3.78
N ALA K 10 51.37 -24.75 -4.45
CA ALA K 10 50.25 -24.74 -5.37
C ALA K 10 49.95 -26.15 -5.86
N PRO K 11 48.68 -26.46 -6.17
CA PRO K 11 48.42 -27.69 -6.92
C PRO K 11 49.20 -27.68 -8.21
N SER K 12 49.58 -28.87 -8.66
CA SER K 12 50.37 -29.01 -9.86
C SER K 12 49.67 -28.35 -11.06
N GLY K 13 50.35 -27.41 -11.72
CA GLY K 13 49.81 -26.74 -12.88
C GLY K 13 49.11 -25.42 -12.63
N ALA K 14 49.13 -24.88 -11.41
CA ALA K 14 48.48 -23.60 -11.15
C ALA K 14 49.23 -22.41 -11.74
N GLY K 15 50.51 -22.56 -12.01
CA GLY K 15 51.33 -21.47 -12.50
C GLY K 15 52.41 -21.00 -11.53
N LYS K 16 52.76 -21.82 -10.54
CA LYS K 16 53.70 -21.42 -9.50
C LYS K 16 55.10 -21.23 -10.05
N THR K 17 55.58 -22.15 -10.90
CA THR K 17 56.91 -22.02 -11.47
C THR K 17 57.02 -20.81 -12.39
N SER K 18 56.03 -20.60 -13.26
CA SER K 18 56.13 -19.51 -14.23
C SER K 18 55.98 -18.15 -13.55
N LEU K 19 55.13 -18.06 -12.53
CA LEU K 19 54.99 -16.80 -11.80
C LEU K 19 56.25 -16.44 -11.04
N VAL K 20 56.89 -17.44 -10.42
CA VAL K 20 58.12 -17.18 -9.67
C VAL K 20 59.26 -16.81 -10.61
N LYS K 21 59.35 -17.48 -11.77
CA LYS K 21 60.40 -17.14 -12.73
C LYS K 21 60.31 -15.68 -13.14
N ALA K 22 59.09 -15.20 -13.43
CA ALA K 22 58.89 -13.81 -13.79
C ALA K 22 59.17 -12.89 -12.62
N LEU K 23 58.85 -13.33 -11.40
CA LEU K 23 59.14 -12.52 -10.21
C LEU K 23 60.64 -12.30 -10.05
N LEU K 24 61.44 -13.34 -10.31
CA LEU K 24 62.87 -13.23 -10.11
C LEU K 24 63.51 -12.27 -11.11
N ASP K 25 62.95 -12.16 -12.31
CA ASP K 25 63.53 -11.29 -13.33
C ASP K 25 63.57 -9.84 -12.88
N ALA K 26 62.67 -9.45 -12.00
CA ALA K 26 62.65 -8.10 -11.44
C ALA K 26 63.17 -8.05 -10.01
N ALA K 27 63.65 -9.17 -9.48
CA ALA K 27 64.04 -9.25 -8.07
C ALA K 27 65.36 -10.00 -7.96
N PRO K 28 66.48 -9.33 -8.21
CA PRO K 28 67.78 -10.01 -8.11
C PRO K 28 68.15 -10.37 -6.68
N GLU K 29 67.55 -9.72 -5.69
CA GLU K 29 67.86 -10.02 -4.29
C GLU K 29 67.16 -11.29 -3.81
N VAL K 30 66.36 -11.93 -4.65
CA VAL K 30 65.59 -13.13 -4.30
C VAL K 30 66.14 -14.33 -5.07
N ARG K 31 66.28 -15.46 -4.37
CA ARG K 31 66.71 -16.71 -4.98
C ARG K 31 65.61 -17.76 -4.85
N VAL K 32 65.69 -18.76 -5.71
CA VAL K 32 64.78 -19.90 -5.67
C VAL K 32 65.61 -21.14 -5.38
N SER K 33 65.14 -21.96 -4.45
CA SER K 33 65.88 -23.15 -4.08
C SER K 33 65.70 -24.24 -5.13
N VAL K 34 66.80 -24.90 -5.46
CA VAL K 34 66.79 -26.02 -6.40
C VAL K 34 66.60 -27.30 -5.59
N SER K 35 65.42 -27.90 -5.70
CA SER K 35 65.09 -29.12 -4.98
C SER K 35 65.78 -30.33 -5.59
N HIS K 36 65.93 -31.36 -4.75
CA HIS K 36 66.27 -32.69 -5.21
C HIS K 36 64.99 -33.43 -5.55
N THR K 37 65.01 -34.20 -6.63
CA THR K 37 63.86 -35.02 -7.00
C THR K 37 64.32 -36.33 -7.60
N THR K 38 63.51 -37.37 -7.43
CA THR K 38 63.71 -38.64 -8.11
C THR K 38 62.73 -38.79 -9.28
N ARG K 39 61.86 -37.80 -9.46
CA ARG K 39 61.05 -37.67 -10.66
C ARG K 39 61.93 -37.67 -11.90
N GLY K 40 61.36 -38.12 -13.03
CA GLY K 40 62.08 -38.10 -14.29
C GLY K 40 62.11 -36.73 -14.94
N MET K 41 63.21 -36.46 -15.63
CA MET K 41 63.43 -35.14 -16.22
C MET K 41 62.36 -34.82 -17.26
N ARG K 42 61.83 -33.61 -17.21
CA ARG K 42 60.88 -33.21 -18.23
C ARG K 42 61.59 -32.64 -19.44
N PRO K 43 61.03 -32.81 -20.64
CA PRO K 43 61.64 -32.22 -21.84
C PRO K 43 61.75 -30.71 -21.68
N GLY K 44 62.97 -30.20 -21.82
CA GLY K 44 63.28 -28.81 -21.58
C GLY K 44 63.84 -28.51 -20.21
N GLU K 45 63.85 -29.49 -19.30
CA GLU K 45 64.43 -29.30 -17.98
C GLU K 45 65.91 -29.67 -17.99
N VAL K 46 66.68 -28.96 -17.17
CA VAL K 46 68.12 -29.15 -17.07
C VAL K 46 68.46 -29.49 -15.62
N ASP K 47 69.27 -30.53 -15.44
CA ASP K 47 69.76 -30.89 -14.11
C ASP K 47 70.65 -29.80 -13.54
N GLY K 48 70.38 -29.42 -12.29
CA GLY K 48 71.11 -28.38 -11.61
C GLY K 48 70.43 -27.04 -11.66
N VAL K 49 69.49 -26.84 -12.58
CA VAL K 49 68.77 -25.58 -12.72
C VAL K 49 67.37 -25.75 -12.14
N ASN K 50 66.60 -26.66 -12.73
CA ASN K 50 65.23 -26.89 -12.29
C ASN K 50 65.18 -27.83 -11.07
N TYR K 51 65.97 -28.89 -11.09
CA TYR K 51 66.04 -29.84 -10.00
C TYR K 51 67.43 -30.45 -9.96
N HIS K 52 67.74 -31.06 -8.83
CA HIS K 52 68.85 -32.00 -8.72
C HIS K 52 68.26 -33.39 -8.97
N PHE K 53 68.35 -33.84 -10.22
CA PHE K 53 67.81 -35.14 -10.61
C PHE K 53 68.73 -36.24 -10.08
N THR K 54 68.30 -36.94 -9.04
CA THR K 54 69.06 -38.05 -8.47
C THR K 54 68.21 -39.32 -8.46
N SER K 55 68.89 -40.44 -8.26
CA SER K 55 68.21 -41.71 -8.13
C SER K 55 67.62 -41.87 -6.73
N ARG K 56 66.72 -42.85 -6.60
CA ARG K 56 66.08 -43.10 -5.31
C ARG K 56 67.09 -43.52 -4.25
N GLU K 57 68.03 -44.40 -4.63
CA GLU K 57 69.01 -44.92 -3.67
C GLU K 57 69.83 -43.81 -3.06
N GLU K 58 70.19 -42.79 -3.84
CA GLU K 58 71.03 -41.71 -3.34
C GLU K 58 70.24 -40.58 -2.72
N PHE K 59 68.99 -40.37 -3.16
CA PHE K 59 68.09 -39.50 -2.41
C PHE K 59 67.95 -39.99 -0.98
N LEU K 60 67.67 -41.28 -0.81
CA LEU K 60 67.57 -41.86 0.51
C LEU K 60 68.91 -41.87 1.23
N ALA K 61 70.01 -42.00 0.47
CA ALA K 61 71.33 -41.84 1.06
C ALA K 61 71.55 -40.41 1.52
N MET K 62 71.15 -39.43 0.71
CA MET K 62 71.22 -38.04 1.15
C MET K 62 70.34 -37.79 2.36
N LEU K 63 69.18 -38.46 2.43
CA LEU K 63 68.28 -38.31 3.57
C LEU K 63 68.89 -38.92 4.83
N GLU K 64 69.52 -40.09 4.71
CA GLU K 64 70.12 -40.73 5.88
C GLU K 64 71.26 -39.89 6.44
N ARG K 65 71.89 -39.06 5.62
CA ARG K 65 72.88 -38.10 6.12
C ARG K 65 72.24 -36.84 6.66
N ASN K 66 70.90 -36.80 6.70
CA ASN K 66 70.14 -35.71 7.28
C ASN K 66 70.51 -34.36 6.67
N GLU K 67 70.72 -34.36 5.36
CA GLU K 67 71.07 -33.15 4.63
C GLU K 67 69.85 -32.40 4.12
N PHE K 68 68.65 -32.89 4.41
CA PHE K 68 67.41 -32.27 3.95
C PHE K 68 66.77 -31.45 5.06
N LEU K 69 66.45 -30.19 4.75
CA LEU K 69 65.63 -29.38 5.65
C LEU K 69 64.21 -29.91 5.72
N GLU K 70 63.71 -30.44 4.60
CA GLU K 70 62.41 -31.08 4.53
C GLU K 70 62.45 -32.09 3.40
N HIS K 71 61.58 -33.08 3.49
CA HIS K 71 61.40 -34.01 2.39
C HIS K 71 59.97 -34.52 2.42
N ALA K 72 59.50 -34.95 1.26
CA ALA K 72 58.14 -35.46 1.14
C ALA K 72 58.03 -36.33 -0.09
N GLU K 73 57.05 -37.22 -0.04
CA GLU K 73 56.68 -38.03 -1.19
C GLU K 73 55.52 -37.30 -1.86
N VAL K 74 55.69 -36.97 -3.13
CA VAL K 74 54.70 -36.22 -3.89
C VAL K 74 54.47 -36.96 -5.18
N PHE K 75 53.24 -37.39 -5.42
CA PHE K 75 52.84 -38.02 -6.68
C PHE K 75 53.72 -39.22 -7.02
N GLY K 76 54.11 -39.97 -5.98
CA GLY K 76 54.89 -41.16 -6.17
C GLY K 76 56.38 -40.96 -6.34
N ASN K 77 56.88 -39.73 -6.25
CA ASN K 77 58.30 -39.44 -6.33
C ASN K 77 58.75 -38.67 -5.10
N LEU K 78 60.04 -38.80 -4.78
CA LEU K 78 60.63 -38.17 -3.61
C LEU K 78 61.19 -36.78 -3.98
N TYR K 79 60.92 -35.81 -3.12
CA TYR K 79 61.42 -34.45 -3.26
C TYR K 79 61.97 -33.96 -1.93
N GLY K 80 62.94 -33.05 -1.98
CA GLY K 80 63.57 -32.55 -0.77
C GLY K 80 64.35 -31.28 -1.02
N THR K 81 64.49 -30.49 0.04
CA THR K 81 65.21 -29.21 0.02
C THR K 81 66.53 -29.37 0.78
N SER K 82 67.62 -28.96 0.14
CA SER K 82 68.93 -29.02 0.79
C SER K 82 69.00 -27.98 1.89
N GLN K 83 69.34 -28.43 3.11
CA GLN K 83 69.38 -27.56 4.27
C GLN K 83 70.59 -26.64 4.25
N ARG K 84 71.75 -27.13 3.78
CA ARG K 84 72.96 -26.30 3.78
C ARG K 84 72.79 -25.08 2.90
N TRP K 85 72.26 -25.27 1.69
CA TRP K 85 72.10 -24.14 0.78
C TRP K 85 71.18 -23.08 1.37
N VAL K 86 70.14 -23.52 2.09
CA VAL K 86 69.20 -22.59 2.71
C VAL K 86 69.89 -21.76 3.80
N GLU K 87 70.66 -22.40 4.66
CA GLU K 87 71.27 -21.71 5.79
C GLU K 87 72.20 -20.60 5.32
N LYS K 88 73.08 -20.93 4.36
CA LYS K 88 74.04 -19.95 3.85
C LYS K 88 73.34 -18.81 3.11
N THR K 89 72.31 -19.15 2.31
CA THR K 89 71.67 -18.14 1.47
C THR K 89 70.99 -17.07 2.32
N LEU K 90 70.29 -17.48 3.37
CA LEU K 90 69.62 -16.52 4.25
C LEU K 90 70.63 -15.68 5.01
N ALA K 91 71.74 -16.30 5.43
CA ALA K 91 72.76 -15.60 6.20
C ALA K 91 73.49 -14.55 5.38
N GLU K 92 73.48 -14.65 4.05
CA GLU K 92 74.08 -13.63 3.19
C GLU K 92 73.15 -12.43 2.97
N GLY K 93 71.94 -12.46 3.52
CA GLY K 93 70.98 -11.39 3.34
C GLY K 93 70.06 -11.53 2.15
N LEU K 94 70.19 -12.60 1.38
CA LEU K 94 69.33 -12.83 0.23
C LEU K 94 67.99 -13.41 0.68
N ASP K 95 66.93 -13.07 -0.05
CA ASP K 95 65.65 -13.71 0.15
C ASP K 95 65.60 -15.03 -0.62
N LEU K 96 64.81 -15.97 -0.11
CA LEU K 96 64.86 -17.34 -0.61
C LEU K 96 63.46 -17.90 -0.73
N ILE K 97 63.15 -18.47 -1.90
CA ILE K 97 61.85 -19.06 -2.19
C ILE K 97 62.00 -20.57 -2.26
N LEU K 98 61.17 -21.28 -1.51
CA LEU K 98 61.04 -22.72 -1.61
C LEU K 98 59.76 -23.04 -2.36
N GLU K 99 59.89 -23.67 -3.54
CA GLU K 99 58.74 -24.12 -4.32
C GLU K 99 58.49 -25.57 -3.94
N ILE K 100 57.70 -25.77 -2.88
CA ILE K 100 57.53 -27.09 -2.27
C ILE K 100 56.04 -27.31 -2.00
N ASP K 101 55.70 -28.57 -1.74
CA ASP K 101 54.32 -28.93 -1.48
C ASP K 101 53.93 -28.61 -0.04
N TRP K 102 52.69 -28.94 0.32
CA TRP K 102 52.20 -28.63 1.67
C TRP K 102 52.91 -29.44 2.74
N GLN K 103 53.36 -30.65 2.42
CA GLN K 103 54.10 -31.46 3.39
C GLN K 103 55.43 -30.78 3.75
N GLY K 104 56.18 -30.36 2.74
CA GLY K 104 57.39 -29.60 3.00
C GLY K 104 57.08 -28.28 3.68
N ALA K 105 55.99 -27.63 3.27
CA ALA K 105 55.61 -26.36 3.88
C ALA K 105 55.40 -26.52 5.38
N GLN K 106 54.71 -27.58 5.79
CA GLN K 106 54.47 -27.81 7.21
C GLN K 106 55.76 -28.07 7.96
N GLN K 107 56.67 -28.86 7.36
CA GLN K 107 57.95 -29.11 7.99
C GLN K 107 58.71 -27.80 8.18
N VAL K 108 58.72 -26.96 7.14
CA VAL K 108 59.47 -25.71 7.22
C VAL K 108 58.81 -24.76 8.22
N ARG K 109 57.48 -24.71 8.26
CA ARG K 109 56.80 -23.82 9.21
C ARG K 109 57.10 -24.19 10.66
N ARG K 110 57.25 -25.48 10.97
CA ARG K 110 57.57 -25.86 12.34
C ARG K 110 58.98 -25.43 12.71
N LEU K 111 59.95 -25.61 11.80
CA LEU K 111 61.34 -25.29 12.10
C LEU K 111 61.63 -23.80 12.03
N MET K 112 60.98 -23.05 11.13
CA MET K 112 61.24 -21.63 10.95
C MET K 112 59.92 -20.88 10.97
N PRO K 113 59.39 -20.56 12.15
CA PRO K 113 58.05 -19.97 12.23
C PRO K 113 57.93 -18.62 11.56
N GLU K 114 59.04 -17.94 11.28
CA GLU K 114 59.00 -16.66 10.60
C GLU K 114 58.84 -16.79 9.09
N ALA K 115 58.84 -18.02 8.56
CA ALA K 115 58.71 -18.24 7.13
C ALA K 115 57.37 -17.74 6.63
N GLN K 116 57.38 -17.08 5.48
CA GLN K 116 56.19 -16.56 4.85
C GLN K 116 55.70 -17.54 3.80
N SER K 117 54.41 -17.85 3.83
CA SER K 117 53.87 -18.87 2.94
C SER K 117 52.82 -18.27 2.03
N ILE K 118 52.88 -18.64 0.75
CA ILE K 118 51.96 -18.17 -0.27
C ILE K 118 51.39 -19.39 -0.99
N PHE K 119 50.08 -19.43 -1.13
CA PHE K 119 49.42 -20.47 -1.89
C PHE K 119 48.89 -19.85 -3.18
N ILE K 120 49.15 -20.50 -4.30
CA ILE K 120 48.68 -20.03 -5.60
C ILE K 120 47.57 -20.96 -6.05
N LEU K 121 46.43 -20.38 -6.35
CA LEU K 121 45.24 -21.13 -6.74
C LEU K 121 44.86 -20.85 -8.19
N PRO K 122 44.29 -21.83 -8.88
CA PRO K 122 43.77 -21.60 -10.22
C PRO K 122 42.41 -20.93 -10.14
N PRO K 123 41.90 -20.39 -11.25
CA PRO K 123 40.54 -19.85 -11.22
C PRO K 123 39.47 -20.93 -11.24
N SER K 124 39.84 -22.17 -11.57
CA SER K 124 38.90 -23.29 -11.61
C SER K 124 39.72 -24.57 -11.66
N GLN K 125 39.06 -25.68 -11.37
CA GLN K 125 39.72 -26.99 -11.43
C GLN K 125 40.11 -27.33 -12.86
N GLU K 126 39.18 -27.15 -13.81
CA GLU K 126 39.49 -27.43 -15.22
C GLU K 126 40.68 -26.61 -15.69
N ALA K 127 40.85 -25.40 -15.17
CA ALA K 127 42.02 -24.60 -15.54
C ALA K 127 43.33 -25.32 -15.24
N LEU K 128 43.39 -26.10 -14.15
CA LEU K 128 44.58 -26.89 -13.86
C LEU K 128 44.85 -27.92 -14.95
N ARG K 129 43.82 -28.70 -15.32
CA ARG K 129 43.99 -29.72 -16.35
C ARG K 129 44.45 -29.09 -17.66
N GLN K 130 43.85 -27.95 -18.01
CA GLN K 130 44.24 -27.26 -19.23
C GLN K 130 45.70 -26.81 -19.16
N ARG K 131 46.12 -26.25 -18.02
CA ARG K 131 47.50 -25.79 -17.90
C ARG K 131 48.48 -26.95 -17.87
N LEU K 132 48.13 -28.04 -17.19
CA LEU K 132 48.97 -29.24 -17.25
C LEU K 132 49.07 -29.75 -18.68
N THR K 133 47.94 -29.77 -19.39
CA THR K 133 47.94 -30.20 -20.78
C THR K 133 48.67 -29.20 -21.68
N ASN K 134 48.43 -27.89 -21.47
CA ASN K 134 49.07 -26.89 -22.31
C ASN K 134 50.57 -26.82 -22.09
N ARG K 135 51.04 -27.13 -20.88
CA ARG K 135 52.49 -27.13 -20.65
C ARG K 135 53.18 -28.20 -21.49
N GLY K 136 52.55 -29.37 -21.63
CA GLY K 136 53.06 -30.40 -22.51
C GLY K 136 54.30 -31.12 -22.02
N GLN K 137 54.62 -31.01 -20.73
CA GLN K 137 55.79 -31.66 -20.16
C GLN K 137 55.44 -32.94 -19.41
N ASP K 138 54.16 -33.29 -19.32
CA ASP K 138 53.70 -34.42 -18.53
C ASP K 138 52.67 -35.23 -19.31
N SER K 139 52.79 -36.57 -19.25
CA SER K 139 51.89 -37.43 -19.98
C SER K 139 50.49 -37.41 -19.36
N ASP K 140 49.60 -38.25 -19.89
CA ASP K 140 48.22 -38.29 -19.44
C ASP K 140 48.07 -39.10 -18.14
N GLU K 141 48.85 -40.16 -17.99
CA GLU K 141 48.84 -40.92 -16.73
C GLU K 141 49.28 -40.04 -15.57
N VAL K 142 50.24 -39.15 -15.81
CA VAL K 142 50.71 -38.26 -14.75
C VAL K 142 49.72 -37.12 -14.52
N ILE K 143 49.10 -36.63 -15.60
CA ILE K 143 48.13 -35.55 -15.45
C ILE K 143 46.88 -36.04 -14.73
N GLU K 144 46.47 -37.29 -14.99
CA GLU K 144 45.30 -37.84 -14.31
C GLU K 144 45.62 -38.23 -12.87
N ARG K 145 46.86 -38.61 -12.57
CA ARG K 145 47.22 -38.87 -11.19
C ARG K 145 47.22 -37.58 -10.37
N ARG K 146 47.77 -36.50 -10.93
CA ARG K 146 47.81 -35.24 -10.20
C ARG K 146 46.45 -34.56 -10.12
N MET K 147 45.58 -34.77 -11.10
CA MET K 147 44.26 -34.15 -11.02
C MET K 147 43.41 -34.80 -9.93
N ARG K 148 43.58 -36.10 -9.70
CA ARG K 148 42.85 -36.77 -8.64
C ARG K 148 43.22 -36.20 -7.27
N GLU K 149 44.48 -35.83 -7.08
CA GLU K 149 44.96 -35.25 -5.84
C GLU K 149 44.84 -33.72 -5.81
N ALA K 150 44.33 -33.10 -6.90
CA ALA K 150 44.34 -31.63 -6.96
C ALA K 150 43.47 -31.02 -5.87
N VAL K 151 42.27 -31.59 -5.65
CA VAL K 151 41.42 -31.11 -4.56
C VAL K 151 42.11 -31.32 -3.21
N SER K 152 42.78 -32.46 -3.04
CA SER K 152 43.51 -32.72 -1.81
C SER K 152 44.63 -31.70 -1.62
N GLU K 153 45.34 -31.36 -2.71
CA GLU K 153 46.39 -30.37 -2.62
C GLU K 153 45.83 -29.01 -2.22
N MET K 154 44.75 -28.59 -2.87
CA MET K 154 44.17 -27.27 -2.63
C MET K 154 43.55 -27.13 -1.25
N SER K 155 43.18 -28.24 -0.61
CA SER K 155 42.53 -28.18 0.70
C SER K 155 43.44 -27.63 1.78
N HIS K 156 44.76 -27.68 1.59
CA HIS K 156 45.68 -27.13 2.56
C HIS K 156 45.88 -25.63 2.42
N TYR K 157 45.17 -24.96 1.50
CA TYR K 157 45.38 -23.53 1.30
C TYR K 157 45.13 -22.74 2.58
N VAL K 158 44.29 -23.27 3.46
CA VAL K 158 43.95 -22.60 4.70
C VAL K 158 45.15 -22.49 5.63
N GLU K 159 46.23 -23.20 5.34
CA GLU K 159 47.45 -23.19 6.13
C GLU K 159 48.44 -22.11 5.69
N TYR K 160 48.07 -21.29 4.70
CA TYR K 160 49.01 -20.36 4.10
C TYR K 160 48.69 -18.92 4.49
N ASP K 161 49.75 -18.11 4.58
CA ASP K 161 49.58 -16.72 5.00
C ASP K 161 48.82 -15.91 3.95
N HIS K 162 49.14 -16.10 2.68
CA HIS K 162 48.57 -15.32 1.59
C HIS K 162 48.12 -16.26 0.48
N LEU K 163 47.07 -15.86 -0.23
CA LEU K 163 46.54 -16.59 -1.37
C LEU K 163 46.59 -15.72 -2.61
N VAL K 164 47.20 -16.24 -3.67
CA VAL K 164 47.20 -15.60 -4.98
C VAL K 164 46.38 -16.46 -5.93
N ILE K 165 45.36 -15.86 -6.53
CA ILE K 165 44.55 -16.55 -7.52
C ILE K 165 45.14 -16.25 -8.89
N ASN K 166 45.73 -17.29 -9.53
CA ASN K 166 46.41 -17.10 -10.82
C ASN K 166 45.40 -17.24 -11.96
N ASP K 167 44.61 -16.19 -12.16
CA ASP K 167 43.69 -16.15 -13.28
C ASP K 167 44.38 -15.53 -14.49
N ASP K 168 44.40 -14.21 -14.53
CA ASP K 168 45.24 -13.45 -15.45
C ASP K 168 46.67 -13.41 -14.93
N PHE K 169 47.63 -13.81 -15.78
CA PHE K 169 49.01 -13.95 -15.33
C PHE K 169 49.59 -12.64 -14.80
N ALA K 170 49.44 -11.55 -15.57
CA ALA K 170 50.05 -10.27 -15.18
C ALA K 170 49.46 -9.75 -13.88
N HIS K 171 48.14 -9.88 -13.70
CA HIS K 171 47.53 -9.47 -12.44
C HIS K 171 48.04 -10.31 -11.28
N ALA K 172 48.20 -11.62 -11.48
CA ALA K 172 48.72 -12.49 -10.42
C ALA K 172 50.19 -12.21 -10.12
N LEU K 173 50.98 -11.84 -11.14
CA LEU K 173 52.35 -11.41 -10.87
C LEU K 173 52.38 -10.14 -10.02
N ASP K 174 51.50 -9.19 -10.33
CA ASP K 174 51.37 -7.97 -9.53
C ASP K 174 51.00 -8.31 -8.10
N ASP K 175 50.00 -9.19 -7.92
CA ASP K 175 49.62 -9.65 -6.59
C ASP K 175 50.82 -10.23 -5.85
N LEU K 176 51.59 -11.08 -6.51
CA LEU K 176 52.77 -11.69 -5.91
C LEU K 176 53.82 -10.64 -5.56
N LYS K 177 54.10 -9.72 -6.48
CA LYS K 177 55.07 -8.66 -6.18
C LYS K 177 54.62 -7.80 -5.00
N ALA K 178 53.32 -7.60 -4.83
CA ALA K 178 52.82 -6.79 -3.71
C ALA K 178 53.11 -7.47 -2.37
N ILE K 179 52.95 -8.80 -2.30
CA ILE K 179 53.28 -9.53 -1.08
C ILE K 179 54.76 -9.39 -0.74
N PHE K 180 55.62 -9.60 -1.73
CA PHE K 180 57.05 -9.52 -1.45
C PHE K 180 57.45 -8.10 -1.08
N ARG K 181 56.77 -7.10 -1.62
CA ARG K 181 57.11 -5.70 -1.33
CA ARG K 181 57.14 -5.72 -1.31
C ARG K 181 56.60 -5.29 0.04
N ALA K 182 55.41 -5.78 0.43
CA ALA K 182 54.88 -5.44 1.74
C ALA K 182 55.76 -5.99 2.85
N ARG K 183 56.30 -7.19 2.66
CA ARG K 183 57.20 -7.76 3.67
C ARG K 183 58.45 -6.92 3.80
N GLN K 184 59.06 -6.55 2.66
CA GLN K 184 60.24 -5.71 2.69
C GLN K 184 59.96 -4.36 3.34
N LEU K 185 58.69 -3.97 3.50
CA LEU K 185 58.32 -2.75 4.20
C LEU K 185 57.93 -2.98 5.66
N ARG K 186 58.01 -4.21 6.14
CA ARG K 186 57.73 -4.45 7.56
C ARG K 186 58.76 -3.73 8.43
N GLN K 187 58.39 -3.56 9.71
CA GLN K 187 59.25 -2.88 10.67
C GLN K 187 60.66 -3.46 10.68
N ASP K 188 60.78 -4.78 10.78
CA ASP K 188 62.10 -5.39 10.90
C ASP K 188 62.96 -5.11 9.68
N ALA K 189 62.42 -5.34 8.48
CA ALA K 189 63.19 -5.14 7.27
C ALA K 189 63.57 -3.68 7.08
N GLN K 190 62.63 -2.77 7.35
CA GLN K 190 62.91 -1.35 7.20
C GLN K 190 63.98 -0.88 8.18
N GLN K 191 63.97 -1.44 9.40
CA GLN K 191 64.98 -1.04 10.40
C GLN K 191 66.38 -1.46 9.99
N GLN K 192 66.52 -2.66 9.43
CA GLN K 192 67.83 -3.09 8.96
C GLN K 192 68.26 -2.30 7.74
N ARG K 193 67.34 -2.09 6.78
CA ARG K 193 67.72 -1.50 5.51
C ARG K 193 68.00 -0.01 5.62
N HIS K 194 67.28 0.69 6.50
CA HIS K 194 67.42 2.13 6.62
C HIS K 194 67.87 2.55 8.01
N ALA K 195 68.71 1.73 8.64
CA ALA K 195 69.18 2.03 9.98
C ALA K 195 69.83 3.41 10.05
N GLU K 196 70.66 3.74 9.07
CA GLU K 196 71.39 5.02 9.13
C GLU K 196 70.44 6.20 8.90
N LEU K 197 69.54 6.08 7.93
CA LEU K 197 68.56 7.14 7.71
C LEU K 197 67.70 7.36 8.94
N LEU K 198 67.21 6.27 9.54
CA LEU K 198 66.41 6.37 10.76
C LEU K 198 67.17 7.06 11.89
N GLY K 199 68.47 6.75 12.03
CA GLY K 199 69.26 7.41 13.04
C GLY K 199 69.35 8.91 12.86
N ARG K 200 69.58 9.36 11.62
CA ARG K 200 69.64 10.80 11.37
C ARG K 200 68.31 11.47 11.65
N LEU K 201 67.21 10.75 11.44
CA LEU K 201 65.88 11.33 11.66
C LEU K 201 65.60 11.60 13.13
N LEU K 202 66.13 10.77 14.03
CA LEU K 202 65.96 10.94 15.46
C LEU K 202 67.11 11.74 16.09
N ALA K 203 68.02 12.24 15.28
CA ALA K 203 69.17 13.00 15.78
C ALA K 203 68.88 14.49 15.87
N SER L 2 34.46 -9.41 6.04
CA SER L 2 34.80 -8.35 6.99
C SER L 2 36.04 -7.60 6.54
N GLY L 3 36.16 -6.34 6.96
CA GLY L 3 37.22 -5.47 6.51
C GLY L 3 38.36 -5.34 7.49
N THR L 4 39.37 -4.60 7.06
CA THR L 4 40.58 -4.36 7.83
C THR L 4 40.57 -2.94 8.40
N LEU L 5 41.02 -2.80 9.65
CA LEU L 5 41.21 -1.49 10.28
C LEU L 5 42.69 -1.11 10.18
N TYR L 6 42.96 0.03 9.54
CA TYR L 6 44.31 0.54 9.34
C TYR L 6 44.56 1.77 10.19
N ILE L 7 45.73 1.85 10.79
CA ILE L 7 46.20 3.05 11.48
C ILE L 7 47.34 3.64 10.67
N VAL L 8 47.15 4.87 10.19
CA VAL L 8 48.18 5.59 9.43
C VAL L 8 48.60 6.81 10.24
N SER L 9 49.88 6.89 10.56
CA SER L 9 50.43 7.97 11.35
C SER L 9 51.67 8.54 10.68
N ALA L 10 51.97 9.81 11.00
CA ALA L 10 53.12 10.51 10.45
C ALA L 10 53.26 11.87 11.13
N PRO L 11 54.48 12.38 11.30
CA PRO L 11 54.65 13.77 11.69
C PRO L 11 54.03 14.70 10.66
N SER L 12 53.55 15.85 11.12
CA SER L 12 52.95 16.81 10.21
C SER L 12 53.95 17.22 9.14
N GLY L 13 53.53 17.09 7.88
CA GLY L 13 54.36 17.46 6.75
C GLY L 13 55.16 16.32 6.16
N ALA L 14 55.01 15.10 6.67
CA ALA L 14 55.69 13.94 6.10
C ALA L 14 55.05 13.50 4.79
N GLY L 15 53.79 13.84 4.57
CA GLY L 15 53.06 13.43 3.39
C GLY L 15 51.91 12.46 3.61
N LYS L 16 51.41 12.33 4.84
CA LYS L 16 50.37 11.33 5.12
C LYS L 16 49.07 11.69 4.43
N THR L 17 48.69 12.98 4.46
CA THR L 17 47.46 13.41 3.82
C THR L 17 47.50 13.21 2.30
N SER L 18 48.63 13.56 1.67
CA SER L 18 48.74 13.46 0.22
C SER L 18 48.81 12.00 -0.24
N LEU L 19 49.47 11.15 0.53
CA LEU L 19 49.56 9.75 0.15
C LEU L 19 48.21 9.04 0.30
N VAL L 20 47.49 9.33 1.38
CA VAL L 20 46.21 8.65 1.59
C VAL L 20 45.19 9.08 0.56
N LYS L 21 45.14 10.38 0.26
CA LYS L 21 44.19 10.87 -0.75
C LYS L 21 44.40 10.18 -2.08
N ALA L 22 45.65 10.05 -2.52
CA ALA L 22 45.93 9.35 -3.77
C ALA L 22 45.59 7.86 -3.66
N LEU L 23 45.81 7.26 -2.50
CA LEU L 23 45.44 5.87 -2.30
C LEU L 23 43.93 5.67 -2.43
N LEU L 24 43.15 6.61 -1.91
CA LEU L 24 41.71 6.46 -1.96
C LEU L 24 41.16 6.58 -3.38
N ASP L 25 41.81 7.40 -4.22
CA ASP L 25 41.35 7.59 -5.59
C ASP L 25 41.40 6.29 -6.39
N ALA L 26 42.30 5.39 -6.02
CA ALA L 26 42.44 4.11 -6.71
C ALA L 26 41.90 2.94 -5.90
N ALA L 27 41.28 3.21 -4.75
CA ALA L 27 40.84 2.15 -3.85
C ALA L 27 39.44 2.45 -3.36
N PRO L 28 38.42 2.07 -4.12
CA PRO L 28 37.03 2.38 -3.73
C PRO L 28 36.53 1.61 -2.51
N GLU L 29 37.12 0.47 -2.17
CA GLU L 29 36.65 -0.27 -1.01
C GLU L 29 37.19 0.30 0.29
N VAL L 30 37.99 1.36 0.22
CA VAL L 30 38.68 1.92 1.38
C VAL L 30 38.04 3.25 1.74
N ARG L 31 37.79 3.45 3.02
CA ARG L 31 37.25 4.68 3.57
C ARG L 31 38.26 5.28 4.55
N VAL L 32 38.11 6.57 4.81
CA VAL L 32 38.91 7.27 5.80
C VAL L 32 37.98 7.81 6.89
N SER L 33 38.38 7.62 8.14
CA SER L 33 37.54 8.01 9.27
C SER L 33 37.53 9.53 9.43
N VAL L 34 36.35 10.07 9.73
CA VAL L 34 36.19 11.50 9.96
C VAL L 34 36.40 11.76 11.45
N SER L 35 37.56 12.32 11.79
CA SER L 35 37.88 12.58 13.18
C SER L 35 37.11 13.81 13.67
N HIS L 36 36.88 13.86 14.98
CA HIS L 36 36.45 15.10 15.62
C HIS L 36 37.68 15.85 16.10
N THR L 37 37.73 17.16 15.83
CA THR L 37 38.87 17.96 16.24
C THR L 37 38.43 19.36 16.61
N THR L 38 39.22 20.00 17.48
CA THR L 38 39.01 21.41 17.82
C THR L 38 40.00 22.27 17.06
N GLU L 45 38.24 23.90 4.44
CA GLU L 45 37.76 22.76 5.23
C GLU L 45 36.25 22.80 5.41
N VAL L 46 35.62 21.62 5.43
CA VAL L 46 34.19 21.48 5.59
C VAL L 46 33.93 20.58 6.79
N ASP L 47 33.06 21.03 7.70
CA ASP L 47 32.66 20.21 8.83
C ASP L 47 31.92 18.97 8.33
N GLY L 48 32.36 17.80 8.78
CA GLY L 48 31.80 16.54 8.35
C GLY L 48 32.54 15.86 7.22
N VAL L 49 33.38 16.61 6.50
CA VAL L 49 34.15 16.08 5.39
C VAL L 49 35.58 15.88 5.87
N ASN L 50 36.24 16.96 6.28
CA ASN L 50 37.59 16.84 6.80
C ASN L 50 37.57 16.36 8.25
N TYR L 51 36.70 16.94 9.07
CA TYR L 51 36.58 16.56 10.47
C TYR L 51 35.14 16.83 10.94
N HIS L 52 34.81 16.27 12.09
CA HIS L 52 33.62 16.71 12.82
C HIS L 52 34.10 17.81 13.75
N PHE L 53 33.98 19.05 13.28
CA PHE L 53 34.47 20.21 14.02
C PHE L 53 33.59 20.56 15.20
N PHE L 59 31.90 22.30 22.61
CA PHE L 59 32.62 21.32 21.79
C PHE L 59 33.22 20.23 22.66
N LEU L 60 33.94 20.63 23.71
CA LEU L 60 34.54 19.68 24.64
C LEU L 60 33.50 18.96 25.49
N ALA L 61 32.38 19.62 25.80
CA ALA L 61 31.32 18.97 26.57
C ALA L 61 30.71 17.80 25.80
N MET L 62 30.41 17.98 24.52
CA MET L 62 29.91 16.87 23.73
C MET L 62 30.95 15.75 23.64
N LEU L 63 32.23 16.11 23.57
CA LEU L 63 33.28 15.10 23.53
C LEU L 63 33.37 14.35 24.85
N GLU L 64 33.29 15.07 25.98
CA GLU L 64 33.35 14.41 27.28
C GLU L 64 32.17 13.49 27.51
N ARG L 65 31.06 13.71 26.81
CA ARG L 65 29.87 12.87 26.87
C ARG L 65 29.96 11.64 25.96
N ASN L 66 31.12 11.38 25.36
CA ASN L 66 31.35 10.20 24.52
C ASN L 66 30.42 10.18 23.31
N GLU L 70 38.83 6.09 20.66
CA GLU L 70 40.06 6.74 21.12
C GLU L 70 39.95 8.25 21.06
N HIS L 71 40.75 8.94 21.87
CA HIS L 71 40.87 10.39 21.80
C HIS L 71 42.18 10.81 22.45
N ALA L 72 42.72 11.94 22.01
CA ALA L 72 43.96 12.47 22.56
C ALA L 72 44.09 13.94 22.18
N GLU L 73 44.87 14.67 22.98
CA GLU L 73 45.27 16.03 22.68
C GLU L 73 46.65 16.04 22.03
N VAL L 74 46.81 16.84 20.99
CA VAL L 74 48.10 16.94 20.30
C VAL L 74 48.48 18.41 20.08
N TYR L 79 41.57 16.24 19.64
CA TYR L 79 41.27 15.32 18.54
C TYR L 79 40.70 14.00 19.08
N GLY L 80 39.84 13.36 18.30
CA GLY L 80 39.21 12.11 18.70
C GLY L 80 38.55 11.34 17.57
N THR L 81 38.43 10.03 17.71
CA THR L 81 37.85 9.17 16.68
C THR L 81 36.49 8.65 17.14
N SER L 82 35.47 8.85 16.31
CA SER L 82 34.12 8.41 16.63
C SER L 82 34.00 6.90 16.56
N GLN L 83 33.50 6.30 17.64
CA GLN L 83 33.42 4.85 17.75
C GLN L 83 32.29 4.25 16.91
N ARG L 84 31.17 4.98 16.78
CA ARG L 84 30.00 4.45 16.08
C ARG L 84 30.30 4.12 14.62
N TRP L 85 30.97 5.03 13.90
CA TRP L 85 31.22 4.83 12.49
C TRP L 85 32.11 3.61 12.23
N VAL L 86 33.12 3.39 13.09
CA VAL L 86 34.09 2.33 12.86
C VAL L 86 33.43 0.94 12.90
N GLU L 87 32.58 0.71 13.91
CA GLU L 87 32.00 -0.63 14.10
C GLU L 87 31.13 -1.04 12.90
N LYS L 88 30.24 -0.16 12.46
CA LYS L 88 29.36 -0.50 11.34
C LYS L 88 30.14 -0.68 10.05
N THR L 89 31.16 0.17 9.84
CA THR L 89 31.91 0.15 8.59
C THR L 89 32.68 -1.15 8.40
N LEU L 90 33.33 -1.64 9.47
CA LEU L 90 34.08 -2.89 9.36
C LEU L 90 33.17 -4.08 9.13
N ALA L 91 31.98 -4.09 9.77
CA ALA L 91 31.05 -5.19 9.61
C ALA L 91 30.45 -5.26 8.21
N GLU L 92 30.42 -4.14 7.49
CA GLU L 92 29.95 -4.09 6.11
C GLU L 92 31.00 -4.56 5.11
N GLY L 93 32.20 -4.92 5.57
CA GLY L 93 33.26 -5.35 4.69
C GLY L 93 34.17 -4.26 4.17
N LEU L 94 33.95 -3.00 4.57
CA LEU L 94 34.80 -1.93 4.11
C LEU L 94 36.09 -1.88 4.90
N ASP L 95 37.18 -1.54 4.22
CA ASP L 95 38.42 -1.25 4.90
C ASP L 95 38.43 0.21 5.35
N LEU L 96 39.12 0.49 6.44
CA LEU L 96 39.01 1.78 7.11
C LEU L 96 40.38 2.25 7.57
N ILE L 97 40.72 3.52 7.28
CA ILE L 97 41.99 4.12 7.66
C ILE L 97 41.73 5.13 8.77
N LEU L 98 42.49 5.02 9.86
CA LEU L 98 42.52 6.01 10.92
C LEU L 98 43.80 6.82 10.80
N GLU L 99 43.68 8.12 10.53
CA GLU L 99 44.82 9.03 10.47
C GLU L 99 44.97 9.65 11.85
N ILE L 100 45.70 8.97 12.73
CA ILE L 100 45.77 9.31 14.14
C ILE L 100 47.22 9.32 14.59
N ASP L 101 47.46 9.91 15.77
CA ASP L 101 48.78 10.02 16.36
C ASP L 101 49.16 8.73 17.08
N TRP L 102 50.34 8.73 17.70
CA TRP L 102 50.82 7.53 18.38
C TRP L 102 49.98 7.22 19.62
N GLN L 103 49.44 8.25 20.29
CA GLN L 103 48.59 8.01 21.44
C GLN L 103 47.32 7.28 21.02
N GLY L 104 46.68 7.74 19.93
CA GLY L 104 45.52 7.03 19.42
C GLY L 104 45.88 5.64 18.90
N ALA L 105 47.02 5.52 18.23
CA ALA L 105 47.44 4.22 17.71
C ALA L 105 47.59 3.21 18.85
N GLN L 106 48.16 3.65 19.98
CA GLN L 106 48.30 2.75 21.12
C GLN L 106 46.93 2.38 21.68
N GLN L 107 46.01 3.36 21.77
CA GLN L 107 44.67 3.07 22.25
C GLN L 107 43.94 2.09 21.35
N VAL L 108 44.00 2.32 20.03
CA VAL L 108 43.28 1.46 19.10
C VAL L 108 43.89 0.06 19.10
N ARG L 109 45.23 -0.03 19.11
CA ARG L 109 45.88 -1.33 19.12
C ARG L 109 45.52 -2.12 20.38
N ARG L 110 45.31 -1.42 21.50
CA ARG L 110 44.91 -2.12 22.72
C ARG L 110 43.47 -2.60 22.65
N LEU L 111 42.55 -1.73 22.20
CA LEU L 111 41.14 -2.11 22.18
C LEU L 111 40.81 -3.04 21.02
N MET L 112 41.51 -2.89 19.90
CA MET L 112 41.31 -3.70 18.70
C MET L 112 42.68 -4.14 18.22
N PRO L 113 43.16 -5.29 18.67
CA PRO L 113 44.54 -5.70 18.35
C PRO L 113 44.75 -6.13 16.91
N GLU L 114 43.69 -6.42 16.16
CA GLU L 114 43.82 -6.82 14.76
C GLU L 114 44.06 -5.64 13.83
N ALA L 115 44.07 -4.41 14.35
CA ALA L 115 44.31 -3.23 13.54
C ALA L 115 45.72 -3.26 12.96
N GLN L 116 45.84 -2.82 11.71
CA GLN L 116 47.10 -2.71 11.01
C GLN L 116 47.63 -1.28 11.15
N SER L 117 48.93 -1.15 11.41
CA SER L 117 49.53 0.16 11.62
C SER L 117 50.62 0.43 10.59
N ILE L 118 50.58 1.63 10.01
CA ILE L 118 51.54 2.08 8.99
C ILE L 118 52.09 3.43 9.42
N PHE L 119 53.41 3.56 9.42
CA PHE L 119 54.05 4.83 9.75
C PHE L 119 54.72 5.40 8.51
N ILE L 120 54.49 6.68 8.26
CA ILE L 120 55.06 7.39 7.10
C ILE L 120 56.14 8.33 7.60
N LEU L 121 57.33 8.24 7.00
CA LEU L 121 58.47 9.04 7.42
C LEU L 121 59.05 9.81 6.24
N PRO L 122 59.61 11.00 6.49
CA PRO L 122 60.32 11.74 5.45
C PRO L 122 61.73 11.21 5.25
N PRO L 123 62.39 11.56 4.15
CA PRO L 123 63.79 11.13 3.95
C PRO L 123 64.79 11.89 4.81
N SER L 124 64.40 13.00 5.42
CA SER L 124 65.31 13.77 6.25
C SER L 124 64.49 14.74 7.09
N GLN L 125 65.12 15.24 8.15
CA GLN L 125 64.44 16.26 8.96
C GLN L 125 64.26 17.55 8.17
N GLU L 126 65.20 17.86 7.27
CA GLU L 126 65.09 19.11 6.52
C GLU L 126 63.98 19.02 5.49
N ALA L 127 63.82 17.87 4.85
CA ALA L 127 62.70 17.69 3.94
C ALA L 127 61.37 17.89 4.65
N LEU L 128 61.31 17.48 5.93
CA LEU L 128 60.11 17.71 6.73
C LEU L 128 59.83 19.20 6.87
N ARG L 129 60.84 19.98 7.25
CA ARG L 129 60.67 21.42 7.41
C ARG L 129 60.29 22.08 6.09
N GLN L 130 60.95 21.69 5.00
CA GLN L 130 60.62 22.25 3.70
C GLN L 130 59.18 21.95 3.32
N ARG L 131 58.73 20.72 3.56
CA ARG L 131 57.35 20.37 3.23
C ARG L 131 56.36 21.09 4.13
N LEU L 132 56.67 21.18 5.43
CA LEU L 132 55.83 21.97 6.33
C LEU L 132 55.76 23.42 5.88
N THR L 133 56.91 24.00 5.52
CA THR L 133 56.94 25.37 5.04
C THR L 133 56.29 25.51 3.67
N ASN L 134 56.59 24.58 2.76
CA ASN L 134 56.06 24.67 1.40
C ASN L 134 54.56 24.44 1.35
N ARG L 135 54.00 23.68 2.30
CA ARG L 135 52.55 23.47 2.30
C ARG L 135 51.79 24.78 2.51
N GLY L 136 52.42 25.76 3.15
CA GLY L 136 51.83 27.07 3.27
C GLY L 136 50.61 27.14 4.18
N GLN L 137 50.43 26.16 5.05
CA GLN L 137 49.29 26.15 5.96
C GLN L 137 49.65 26.54 7.39
N ASP L 138 50.90 26.35 7.80
CA ASP L 138 51.37 26.72 9.13
C ASP L 138 52.12 28.05 9.08
N SER L 139 52.38 28.61 10.26
CA SER L 139 53.09 29.87 10.35
C SER L 139 54.61 29.62 10.25
N ASP L 140 55.36 30.72 10.22
CA ASP L 140 56.83 30.64 10.19
C ASP L 140 57.43 30.24 11.53
N GLU L 141 56.64 30.22 12.60
CA GLU L 141 57.08 29.74 13.90
C GLU L 141 56.44 28.42 14.31
N VAL L 142 55.21 28.16 13.86
CA VAL L 142 54.57 26.87 14.14
C VAL L 142 55.32 25.75 13.44
N ILE L 143 55.96 26.04 12.30
CA ILE L 143 56.79 25.05 11.64
C ILE L 143 57.93 24.62 12.56
N GLU L 144 58.55 25.59 13.25
CA GLU L 144 59.58 25.26 14.22
C GLU L 144 58.98 24.76 15.53
N ARG L 145 57.76 25.18 15.87
CA ARG L 145 57.10 24.62 17.04
C ARG L 145 56.76 23.15 16.83
N ARG L 146 56.25 22.80 15.64
CA ARG L 146 55.94 21.41 15.36
C ARG L 146 57.20 20.59 15.14
N MET L 147 58.27 21.21 14.64
CA MET L 147 59.51 20.50 14.43
C MET L 147 60.19 20.12 15.74
N ARG L 148 59.99 20.93 16.79
CA ARG L 148 60.54 20.57 18.09
C ARG L 148 59.97 19.25 18.59
N GLU L 149 58.69 19.01 18.33
CA GLU L 149 58.09 17.73 18.72
C GLU L 149 58.21 16.68 17.63
N ALA L 150 58.74 17.04 16.46
CA ALA L 150 58.77 16.13 15.33
C ALA L 150 59.70 14.95 15.58
N VAL L 151 60.90 15.21 16.10
CA VAL L 151 61.84 14.14 16.38
C VAL L 151 61.28 13.19 17.44
N SER L 152 60.65 13.75 18.48
CA SER L 152 60.02 12.92 19.50
C SER L 152 58.86 12.10 18.92
N GLU L 153 58.04 12.73 18.09
CA GLU L 153 56.92 12.02 17.47
C GLU L 153 57.39 10.88 16.58
N MET L 154 58.42 11.12 15.78
CA MET L 154 58.89 10.07 14.88
C MET L 154 59.50 8.89 15.63
N SER L 155 59.91 9.07 16.89
CA SER L 155 60.54 7.98 17.63
C SER L 155 59.60 6.79 17.83
N HIS L 156 58.29 6.98 17.69
CA HIS L 156 57.33 5.90 17.86
C HIS L 156 57.20 5.01 16.63
N TYR L 157 58.01 5.23 15.59
CA TYR L 157 57.92 4.44 14.39
C TYR L 157 58.13 2.95 14.67
N VAL L 158 58.83 2.64 15.76
CA VAL L 158 59.12 1.26 16.17
C VAL L 158 57.87 0.50 16.57
N GLU L 159 56.75 1.20 16.82
CA GLU L 159 55.52 0.56 17.26
C GLU L 159 54.60 0.15 16.13
N TYR L 160 54.99 0.36 14.88
CA TYR L 160 54.10 0.19 13.74
C TYR L 160 54.51 -1.03 12.92
N ASP L 161 53.52 -1.64 12.26
CA ASP L 161 53.79 -2.84 11.47
C ASP L 161 54.62 -2.53 10.23
N HIS L 162 54.34 -1.43 9.55
CA HIS L 162 55.01 -1.11 8.30
C HIS L 162 55.53 0.32 8.31
N LEU L 163 56.63 0.53 7.61
CA LEU L 163 57.24 1.85 7.46
C LEU L 163 57.31 2.22 5.99
N VAL L 164 56.78 3.39 5.64
CA VAL L 164 56.91 3.94 4.30
C VAL L 164 57.76 5.21 4.38
N ILE L 165 58.87 5.23 3.63
CA ILE L 165 59.71 6.42 3.54
C ILE L 165 59.25 7.23 2.34
N ASN L 166 58.63 8.38 2.61
CA ASN L 166 58.07 9.21 1.55
C ASN L 166 59.16 10.13 1.01
N ASP L 167 60.02 9.56 0.17
CA ASP L 167 61.02 10.33 -0.55
C ASP L 167 60.43 10.78 -1.88
N ASP L 168 60.48 9.88 -2.87
CA ASP L 168 59.74 10.07 -4.12
C ASP L 168 58.27 9.72 -3.90
N PHE L 169 57.38 10.67 -4.17
CA PHE L 169 55.97 10.48 -3.85
C PHE L 169 55.41 9.26 -4.55
N ALA L 170 55.71 9.10 -5.84
CA ALA L 170 55.14 8.01 -6.62
C ALA L 170 55.56 6.65 -6.08
N HIS L 171 56.84 6.49 -5.71
CA HIS L 171 57.29 5.23 -5.12
C HIS L 171 56.62 4.99 -3.78
N ALA L 172 56.47 6.04 -2.98
CA ALA L 172 55.83 5.87 -1.67
C ALA L 172 54.36 5.51 -1.82
N LEU L 173 53.70 6.05 -2.85
CA LEU L 173 52.33 5.63 -3.11
C LEU L 173 52.27 4.15 -3.47
N ASP L 174 53.21 3.68 -4.29
CA ASP L 174 53.28 2.26 -4.62
C ASP L 174 53.51 1.42 -3.37
N ASP L 175 54.44 1.84 -2.51
CA ASP L 175 54.66 1.14 -1.25
C ASP L 175 53.36 1.01 -0.48
N LEU L 176 52.62 2.12 -0.38
CA LEU L 176 51.37 2.10 0.37
C LEU L 176 50.36 1.14 -0.26
N LYS L 177 50.21 1.21 -1.58
CA LYS L 177 49.29 0.31 -2.29
C LYS L 177 49.69 -1.15 -2.13
N ALA L 178 50.98 -1.44 -2.05
CA ALA L 178 51.42 -2.82 -1.89
C ALA L 178 51.03 -3.37 -0.52
N ILE L 179 51.11 -2.52 0.51
CA ILE L 179 50.67 -2.92 1.85
C ILE L 179 49.18 -3.26 1.84
N PHE L 180 48.36 -2.39 1.25
CA PHE L 180 46.93 -2.62 1.22
C PHE L 180 46.57 -3.83 0.37
N ARG L 181 47.24 -4.01 -0.77
CA ARG L 181 46.94 -5.15 -1.63
C ARG L 181 47.37 -6.45 -0.99
N ALA L 182 48.57 -6.48 -0.40
CA ALA L 182 49.02 -7.69 0.29
C ALA L 182 48.06 -8.07 1.41
N ARG L 183 47.51 -7.07 2.11
CA ARG L 183 46.58 -7.36 3.20
C ARG L 183 45.30 -7.99 2.70
N GLN L 184 44.73 -7.47 1.61
CA GLN L 184 43.54 -8.08 1.04
C GLN L 184 43.81 -9.47 0.48
N LEU L 185 45.07 -9.85 0.32
CA LEU L 185 45.45 -11.20 -0.09
C LEU L 185 45.69 -12.12 1.10
N ARG L 186 45.51 -11.64 2.32
CA ARG L 186 45.65 -12.53 3.48
C ARG L 186 44.57 -13.60 3.47
N GLN L 187 44.84 -14.67 4.22
CA GLN L 187 43.90 -15.78 4.34
C GLN L 187 42.50 -15.30 4.72
N ASP L 188 42.40 -14.50 5.79
CA ASP L 188 41.10 -14.07 6.29
C ASP L 188 40.33 -13.27 5.24
N ALA L 189 40.98 -12.28 4.63
CA ALA L 189 40.30 -11.44 3.64
C ALA L 189 39.92 -12.24 2.40
N GLN L 190 40.82 -13.11 1.92
CA GLN L 190 40.51 -13.91 0.75
C GLN L 190 39.36 -14.88 1.02
N GLN L 191 39.26 -15.37 2.25
CA GLN L 191 38.17 -16.29 2.57
C GLN L 191 36.81 -15.60 2.46
N GLN L 192 36.71 -14.35 2.93
CA GLN L 192 35.44 -13.62 2.82
C GLN L 192 35.16 -13.22 1.38
N ARG L 193 36.15 -12.67 0.70
CA ARG L 193 35.89 -12.09 -0.62
C ARG L 193 35.72 -13.16 -1.70
N HIS L 194 36.45 -14.27 -1.59
CA HIS L 194 36.41 -15.31 -2.61
C HIS L 194 35.86 -16.61 -2.07
N ALA L 195 34.93 -16.54 -1.10
CA ALA L 195 34.36 -17.73 -0.51
C ALA L 195 33.76 -18.67 -1.55
N GLU L 196 33.07 -18.10 -2.55
CA GLU L 196 32.41 -18.95 -3.54
C GLU L 196 33.41 -19.63 -4.45
N LEU L 197 34.44 -18.89 -4.87
CA LEU L 197 35.50 -19.50 -5.69
C LEU L 197 36.17 -20.64 -4.93
N LEU L 198 36.51 -20.39 -3.66
CA LEU L 198 37.13 -21.43 -2.83
C LEU L 198 36.22 -22.65 -2.71
N GLY L 199 34.92 -22.43 -2.55
CA GLY L 199 34.00 -23.55 -2.53
C GLY L 199 33.99 -24.35 -3.81
N ARG L 200 33.97 -23.66 -4.97
CA ARG L 200 33.96 -24.36 -6.24
C ARG L 200 35.25 -25.13 -6.46
N LEU L 201 36.37 -24.63 -5.96
CA LEU L 201 37.66 -25.29 -6.14
C LEU L 201 37.73 -26.61 -5.39
N LEU L 202 37.10 -26.70 -4.22
CA LEU L 202 37.11 -27.92 -3.42
C LEU L 202 35.92 -28.82 -3.65
N ALA L 203 35.05 -28.51 -4.60
CA ALA L 203 33.81 -29.29 -4.81
C ALA L 203 34.09 -30.44 -5.75
N GLY L 204 34.31 -31.63 -5.19
CA GLY L 204 34.60 -32.80 -5.99
C GLY L 204 33.42 -33.28 -6.82
PB ADP M . 45.99 23.94 -24.17
O1B ADP M . 45.49 25.20 -24.88
O2B ADP M . 46.35 24.17 -22.74
O3B ADP M . 47.13 23.31 -24.96
PA ADP M . 44.18 21.79 -23.30
O1A ADP M . 43.07 22.46 -22.51
O2A ADP M . 45.22 21.28 -22.38
O3A ADP M . 44.80 22.89 -24.28
O5' ADP M . 43.55 20.70 -24.25
C5' ADP M . 42.66 20.99 -25.35
C4' ADP M . 41.64 19.87 -25.43
O4' ADP M . 42.27 18.69 -25.97
C3' ADP M . 41.02 19.45 -24.10
O3' ADP M . 39.63 19.18 -24.23
C2' ADP M . 41.81 18.19 -23.73
O2' ADP M . 41.00 17.33 -22.94
C1' ADP M . 42.07 17.59 -25.11
N9 ADP M . 43.23 16.71 -25.19
C8 ADP M . 44.41 16.83 -24.50
N7 ADP M . 45.31 15.95 -24.82
C5 ADP M . 44.69 15.17 -25.80
C6 ADP M . 45.12 14.08 -26.57
N6 ADP M . 46.35 13.56 -26.50
N1 ADP M . 44.25 13.55 -27.46
C2 ADP M . 43.03 14.09 -27.56
N3 ADP M . 42.51 15.13 -26.89
C4 ADP M . 43.39 15.64 -26.03
P 5GP N . 44.60 30.88 -22.23
O1P 5GP N . 43.83 32.04 -22.70
O2P 5GP N . 44.00 29.50 -22.78
O3P 5GP N . 44.69 30.73 -20.70
O5' 5GP N . 46.12 30.87 -22.77
C5' 5GP N . 46.62 31.74 -23.80
C4' 5GP N . 48.12 31.62 -23.88
O4' 5GP N . 48.71 32.42 -22.82
C3' 5GP N . 48.72 30.22 -23.76
O3' 5GP N . 49.70 29.96 -24.75
C2' 5GP N . 49.40 30.25 -22.39
O2' 5GP N . 50.54 29.39 -22.42
C1' 5GP N . 49.81 31.71 -22.31
N9 5GP N . 50.06 32.18 -20.94
C8 5GP N . 49.35 31.89 -19.80
N7 5GP N . 49.83 32.48 -18.74
C5 5GP N . 50.90 33.21 -19.20
C6 5GP N . 51.83 34.06 -18.52
O6 5GP N . 51.87 34.30 -17.31
N1 5GP N . 52.76 34.62 -19.38
C2 5GP N . 52.82 34.39 -20.72
N2 5GP N . 53.78 35.01 -21.40
N3 5GP N . 51.97 33.60 -21.37
C4 5GP N . 51.05 33.05 -20.56
PB ADP O . 78.33 -4.75 -11.33
O1B ADP O . 77.91 -3.36 -10.84
O2B ADP O . 79.75 -5.10 -10.84
O3B ADP O . 78.14 -4.92 -12.82
PA ADP O . 76.12 -6.65 -11.00
O1A ADP O . 75.32 -5.88 -11.99
O2A ADP O . 76.58 -7.97 -11.59
O3A ADP O . 77.41 -5.81 -10.57
O5' ADP O . 75.38 -6.94 -9.60
C5' ADP O . 76.01 -7.50 -8.43
C4' ADP O . 75.02 -8.36 -7.70
O4' ADP O . 74.07 -7.52 -7.01
C3' ADP O . 74.20 -9.30 -8.58
O3' ADP O . 74.01 -10.57 -7.95
C2' ADP O . 72.88 -8.56 -8.75
O2' ADP O . 71.78 -9.43 -9.01
C1' ADP O . 72.75 -7.89 -7.39
N9 ADP O . 71.91 -6.70 -7.37
C8 ADP O . 71.77 -5.76 -8.37
N7 ADP O . 70.94 -4.79 -8.07
C5 ADP O . 70.51 -5.10 -6.79
C6 ADP O . 69.63 -4.45 -5.90
N6 ADP O . 69.00 -3.30 -6.18
N1 ADP O . 69.43 -5.03 -4.69
C2 ADP O . 70.07 -6.16 -4.40
N3 ADP O . 70.91 -6.87 -5.16
C4 ADP O . 71.10 -6.27 -6.35
P 5GP P . 84.76 -6.45 -14.07
O1P 5GP P . 83.56 -6.87 -13.10
O2P 5GP P . 86.05 -7.06 -13.68
O3P 5GP P . 84.30 -6.79 -15.50
O5' 5GP P . 84.81 -4.85 -14.00
C5' 5GP P . 85.88 -4.11 -13.38
C4' 5GP P . 85.74 -2.65 -13.73
O4' 5GP P . 86.26 -2.44 -15.07
C3' 5GP P . 84.31 -2.10 -13.73
O3' 5GP P . 84.21 -0.90 -12.96
C2' 5GP P . 84.02 -1.84 -15.21
O2' 5GP P . 83.16 -0.71 -15.37
C1' 5GP P . 85.42 -1.52 -15.72
N9 5GP P . 85.55 -1.72 -17.18
C8 5GP P . 84.99 -2.73 -17.92
N7 5GP P . 85.20 -2.62 -19.21
C5 5GP P . 85.95 -1.46 -19.33
C6 5GP P . 86.48 -0.80 -20.48
O6 5GP P . 86.34 -1.12 -21.66
N1 5GP P . 87.16 0.36 -20.15
C2 5GP P . 87.33 0.84 -18.88
N2 5GP P . 88.00 1.98 -18.75
N3 5GP P . 86.85 0.23 -17.79
C4 5GP P . 86.18 -0.90 -18.09
PB ADP Q . 27.17 1.55 -10.42
O1B ADP Q . 25.71 1.35 -10.00
O2B ADP Q . 27.34 2.80 -11.24
O3B ADP Q . 27.70 0.28 -11.12
PA ADP Q . 29.28 2.55 -8.64
O1A ADP Q . 28.79 3.88 -8.09
O2A ADP Q . 30.23 2.70 -9.77
O3A ADP Q . 28.01 1.69 -9.08
O5' ADP Q . 29.92 1.72 -7.45
C5' ADP Q . 29.17 1.23 -6.31
C4' ADP Q . 30.06 1.30 -5.09
O4' ADP Q . 31.04 0.24 -5.16
C3' ADP Q . 30.85 2.59 -4.93
O3' ADP Q . 30.93 2.93 -3.55
C2' ADP Q . 32.23 2.23 -5.47
O2' ADP Q . 33.23 3.04 -4.85
C1' ADP Q . 32.34 0.78 -5.04
N9 ADP Q . 33.25 -0.05 -5.83
C8 ADP Q . 33.54 0.07 -7.17
N7 ADP Q . 34.34 -0.87 -7.62
C5 ADP Q . 34.61 -1.64 -6.51
C6 ADP Q . 35.40 -2.79 -6.32
N6 ADP Q . 36.07 -3.40 -7.30
N1 ADP Q . 35.45 -3.32 -5.07
C2 ADP Q . 34.77 -2.73 -4.09
N3 ADP Q . 33.98 -1.64 -4.16
C4 ADP Q . 33.95 -1.15 -5.40
P 5GP R . 20.86 4.97 -11.34
O1P 5GP R . 19.52 5.46 -10.91
O2P 5GP R . 21.58 4.04 -10.26
O3P 5GP R . 21.82 6.11 -11.66
O5' 5GP R . 20.80 3.94 -12.56
C5' 5GP R . 19.80 2.93 -12.75
C4' 5GP R . 20.04 2.33 -14.10
O4' 5GP R . 19.58 3.23 -15.12
C3' 5GP R . 21.50 2.00 -14.44
O3' 5GP R . 21.61 0.71 -15.04
C2' 5GP R . 21.86 3.02 -15.51
O2' 5GP R . 22.86 2.57 -16.43
C1' 5GP R . 20.50 3.20 -16.18
N9 5GP R . 20.43 4.45 -16.94
C8 5GP R . 20.97 5.66 -16.60
N7 5GP R . 20.85 6.56 -17.55
C5 5GP R . 20.17 5.90 -18.56
C6 5GP R . 19.73 6.33 -19.82
O6 5GP R . 19.95 7.43 -20.32
N1 5GP R . 19.03 5.36 -20.52
C2 5GP R . 18.80 4.09 -20.06
N2 5GP R . 18.05 3.30 -20.84
N3 5GP R . 19.22 3.65 -18.88
C4 5GP R . 19.89 4.60 -18.18
PB ADP S . -48.41 -24.92 22.96
O1B ADP S . -49.28 -23.98 23.80
O2B ADP S . -48.55 -26.36 23.46
O3B ADP S . -47.03 -24.55 22.85
PA ADP S . -48.61 -24.03 20.18
O1A ADP S . -48.10 -22.69 20.54
O2A ADP S . -47.63 -24.84 19.37
O3A ADP S . -49.02 -24.86 21.48
O5' ADP S . -49.97 -23.91 19.38
C5' ADP S . -50.82 -25.02 19.06
C4' ADP S . -51.42 -24.79 17.71
O4' ADP S . -52.44 -23.76 17.80
C3' ADP S . -50.44 -24.32 16.63
O3' ADP S . -50.78 -24.98 15.41
C2' ADP S . -50.67 -22.81 16.59
O2' ADP S . -50.35 -22.26 15.31
C1' ADP S . -52.17 -22.73 16.86
N9 ADP S . -52.63 -21.47 17.44
C8 ADP S . -51.96 -20.63 18.30
N7 ADP S . -52.68 -19.60 18.70
C5 ADP S . -53.89 -19.77 18.05
C6 ADP S . -55.09 -19.02 18.06
N6 ADP S . -55.27 -17.90 18.78
N1 ADP S . -56.10 -19.45 17.29
C2 ADP S . -55.93 -20.56 16.56
N3 ADP S . -54.86 -21.35 16.48
C4 ADP S . -53.88 -20.90 17.26
P 5GP T . -44.31 -30.62 25.20
O1P 5GP T . -45.71 -30.20 24.58
O2P 5GP T . -44.19 -32.08 25.47
O3P 5GP T . -43.23 -29.96 24.34
O5' 5GP T . -44.50 -29.84 26.62
C5' 5GP T . -45.13 -30.44 27.78
C4' 5GP T . -45.04 -29.49 28.96
O4' 5GP T . -43.71 -29.52 29.51
C3' 5GP T . -45.38 -28.02 28.66
O3' 5GP T . -46.05 -27.48 29.79
C2' 5GP T . -44.01 -27.35 28.70
O2' 5GP T . -44.06 -25.96 28.97
C1' 5GP T . -43.34 -28.19 29.79
N9 5GP T . -41.89 -28.07 29.75
C8 5GP T . -41.10 -27.96 28.64
N7 5GP T . -39.84 -27.76 28.96
C5 5GP T . -39.82 -27.75 30.34
C6 5GP T . -38.76 -27.60 31.25
O6 5GP T . -37.59 -27.32 30.98
N1 5GP T . -39.17 -27.72 32.57
C2 5GP T . -40.44 -27.95 32.97
N2 5GP T . -40.66 -28.06 34.28
N3 5GP T . -41.46 -28.08 32.13
C4 5GP T . -41.08 -27.97 30.83
PB ADP U . -25.34 -3.63 13.97
O1B ADP U . -25.66 -2.12 14.21
O2B ADP U . -23.85 -3.86 14.23
O3B ADP U . -25.77 -4.11 12.62
PA ADP U . -27.38 -5.45 15.09
O1A ADP U . -28.44 -4.89 14.22
O2A ADP U . -26.98 -6.88 14.72
O3A ADP U . -26.07 -4.53 15.07
O5' ADP U . -27.75 -5.48 16.65
C5' ADP U . -26.81 -5.75 17.70
C4' ADP U . -27.54 -6.54 18.76
O4' ADP U . -28.43 -5.66 19.48
C3' ADP U . -28.39 -7.68 18.21
O3' ADP U . -28.31 -8.90 18.96
C2' ADP U . -29.81 -7.11 18.25
O2' ADP U . -30.70 -8.18 18.51
C1' ADP U . -29.74 -6.19 19.46
N9 ADP U . -30.68 -5.08 19.43
C8 ADP U . -31.13 -4.41 18.32
N7 ADP U . -31.97 -3.43 18.58
C5 ADP U . -32.09 -3.46 19.96
C6 ADP U . -32.83 -2.67 20.87
N6 ADP U . -33.63 -1.67 20.50
N1 ADP U . -32.73 -2.97 22.18
C2 ADP U . -31.93 -3.98 22.56
N3 ADP U . -31.19 -4.79 21.80
C4 ADP U . -31.31 -4.47 20.50
P 5GP V . -18.99 -5.48 9.85
O1P 5GP V . -19.75 -5.65 11.24
O2P 5GP V . -17.56 -5.86 9.90
O3P 5GP V . -19.82 -6.30 8.83
O5' 5GP V . -19.20 -3.90 9.55
C5' 5GP V . -18.15 -2.92 9.70
C4' 5GP V . -18.55 -1.59 9.12
O4' 5GP V . -18.36 -1.60 7.70
C3' 5GP V . -19.99 -1.13 9.37
O3' 5GP V . -20.04 0.24 9.77
C2' 5GP V . -20.62 -1.18 7.97
O2' 5GP V . -21.53 -0.11 7.78
C1' 5GP V . -19.41 -0.89 7.11
N9 5GP V . -19.57 -1.34 5.72
C8 5GP V . -20.13 -2.51 5.28
N7 5GP V . -20.19 -2.58 3.97
C5 5GP V . -19.61 -1.40 3.53
C6 5GP V . -19.40 -0.88 2.22
O6 5GP V . -19.78 -1.38 1.16
N1 5GP V . -18.78 0.35 2.23
C2 5GP V . -18.41 1.03 3.35
N2 5GP V . -17.82 2.21 3.19
N3 5GP V . -18.61 0.58 4.59
C4 5GP V . -19.22 -0.64 4.60
PB ADP W . -61.78 20.43 3.11
O1B ADP W . -62.62 21.36 2.24
O2B ADP W . -61.27 21.09 4.31
O3B ADP W . -60.63 19.76 2.27
PA ADP W . -63.21 18.51 4.83
O1A ADP W . -64.25 19.28 5.62
O2A ADP W . -61.98 18.30 5.62
O3A ADP W . -62.87 19.32 3.50
O5' ADP W . -63.95 17.21 4.29
C5' ADP W . -65.05 17.25 3.35
C4' ADP W . -65.98 16.12 3.70
O4' ADP W . -65.39 14.87 3.29
C3' ADP W . -66.30 15.97 5.19
O3' ADP W . -67.66 15.58 5.37
C2' ADP W . -65.35 14.86 5.63
O2' ADP W . -65.86 14.18 6.78
C1' ADP W . -65.33 13.98 4.38
N9 ADP W . -64.15 13.14 4.21
C8 ADP W . -62.85 13.43 4.54
N7 ADP W . -62.00 12.51 4.18
C5 ADP W . -62.78 11.54 3.57
C6 ADP W . -62.47 10.31 2.98
N6 ADP W . -61.22 9.84 2.83
N1 ADP W . -63.49 9.57 2.48
C2 ADP W . -64.74 10.04 2.59
N3 ADP W . -65.16 11.19 3.14
C4 ADP W . -64.11 11.90 3.60
P 5GP X . -63.27 27.51 3.03
O1P 5GP X . -64.21 28.55 2.54
O2P 5GP X . -63.80 26.03 2.82
O3P 5GP X . -62.91 27.63 4.52
O5' 5GP X . -61.87 27.47 2.19
C5' 5GP X . -61.63 28.09 0.91
C4' 5GP X . -60.16 28.03 0.58
O4' 5GP X . -59.47 29.11 1.25
C3' 5GP X . -59.46 26.72 1.00
O3' 5GP X . -58.67 26.18 -0.05
C2' 5GP X . -58.54 27.17 2.14
O2' 5GP X . -57.37 26.38 2.21
C1' 5GP X . -58.24 28.60 1.73
N9 5GP X . -57.81 29.43 2.85
C8 5GP X . -58.29 29.41 4.13
N7 5GP X . -57.66 30.24 4.94
C5 5GP X . -56.73 30.86 4.13
C6 5GP X . -55.76 31.86 4.41
O6 5GP X . -55.53 32.39 5.50
N1 5GP X . -55.02 32.21 3.29
C2 5GP X . -55.17 31.66 2.05
N2 5GP X . -54.34 32.08 1.09
N3 5GP X . -56.08 30.72 1.77
C4 5GP X . -56.81 30.38 2.83
PB ADP Y . -47.68 -12.69 -7.64
O1B ADP Y . -48.96 -11.86 -7.54
O2B ADP Y . -47.37 -13.05 -9.07
O3B ADP Y . -47.69 -13.88 -6.80
PA ADP Y . -45.61 -11.63 -5.89
O1A ADP Y . -46.43 -11.77 -4.68
O2A ADP Y . -44.50 -12.64 -5.94
O3A ADP Y . -46.45 -11.77 -7.24
O5' ADP Y . -45.00 -10.18 -6.03
C5' ADP Y . -44.31 -9.68 -7.20
C4' ADP Y . -43.20 -8.79 -6.70
O4' ADP Y . -43.75 -7.52 -6.26
C3' ADP Y . -42.44 -9.37 -5.51
O3' ADP Y . -41.05 -9.09 -5.67
C2' ADP Y . -43.06 -8.63 -4.31
O2' ADP Y . -42.15 -8.56 -3.22
C1' ADP Y . -43.34 -7.27 -4.94
N9 ADP Y . -44.40 -6.50 -4.29
C8 ADP Y . -45.53 -7.00 -3.68
N7 ADP Y . -46.37 -6.07 -3.28
C5 ADP Y . -45.75 -4.89 -3.64
C6 ADP Y . -46.13 -3.54 -3.52
N6 ADP Y . -47.30 -3.14 -3.00
N1 ADP Y . -45.28 -2.60 -3.97
C2 ADP Y . -44.12 -2.99 -4.52
N3 ADP Y . -43.66 -4.23 -4.70
C4 ADP Y . -44.53 -5.14 -4.25
P 5GP Z . -46.79 -18.58 -11.60
O1P 5GP Z . -46.30 -17.07 -11.52
O2P 5GP Z . -46.37 -19.31 -12.81
O3P 5GP Z . -46.38 -19.21 -10.25
O5' 5GP Z . -48.38 -18.36 -11.61
C5' 5GP Z . -49.14 -18.48 -12.83
C4' 5GP Z . -50.61 -18.49 -12.55
O4' 5GP Z . -51.01 -19.81 -12.12
C3' 5GP Z . -51.10 -17.53 -11.45
O3' 5GP Z . -52.32 -16.90 -11.84
C2' 5GP Z . -51.50 -18.45 -10.30
O2' 5GP Z . -52.59 -17.87 -9.61
C1' 5GP Z . -51.95 -19.67 -11.08
N9 5GP Z . -51.96 -20.92 -10.32
C8 5GP Z . -51.02 -21.39 -9.43
N7 5GP Z . -51.32 -22.55 -8.93
C5 5GP Z . -52.53 -22.88 -9.52
C6 5GP Z . -53.35 -24.03 -9.39
O6 5GP Z . -53.16 -24.99 -8.64
N1 5GP Z . -54.47 -23.98 -10.21
C2 5GP Z . -54.77 -22.94 -11.04
N2 5GP Z . -55.91 -23.04 -11.75
N3 5GP Z . -54.02 -21.85 -11.16
C4 5GP Z . -52.93 -21.89 -10.39
PB ADP AA . -49.29 18.73 33.01
O1B ADP AA . -48.88 19.91 33.89
O2B ADP AA . -50.65 18.18 33.34
O3B ADP AA . -48.16 17.67 33.06
PA ADP AA . -50.18 19.16 30.26
O1A ADP AA . -51.30 20.21 30.26
O2A ADP AA . -50.73 17.79 30.23
O3A ADP AA . -49.27 19.34 31.55
O5' ADP AA . -49.19 19.52 29.07
C5' ADP AA . -48.40 20.72 29.03
C4' ADP AA . -48.28 21.16 27.60
O4' ADP AA . -47.32 20.33 26.90
C3' ADP AA . -49.58 21.09 26.79
O3' ADP AA . -49.73 22.23 25.94
C2' ADP AA . -49.43 19.79 26.00
O2' ADP AA . -50.14 19.84 24.78
C1' ADP AA . -47.92 19.78 25.74
N9 ADP AA . -47.35 18.44 25.53
C8 ADP AA . -47.74 17.27 26.13
N7 ADP AA . -46.99 16.24 25.82
C5 ADP AA . -46.05 16.76 24.94
C6 ADP AA . -44.98 16.18 24.24
N6 ADP AA . -44.64 14.89 24.33
N1 ADP AA . -44.26 16.98 23.42
C2 ADP AA . -44.60 18.28 23.31
N3 ADP AA . -45.58 18.94 23.94
C4 ADP AA . -46.27 18.12 24.75
P 5GP BA . -52.24 22.42 38.57
O1P 5GP BA . -52.07 23.72 39.26
O2P 5GP BA . -51.63 22.43 37.10
O3P 5GP BA . -53.70 21.99 38.44
O5' 5GP BA . -51.44 21.24 39.29
C5' 5GP BA . -50.46 21.45 40.33
C4' 5GP BA . -50.06 20.15 40.98
O4' 5GP BA . -51.09 19.77 41.93
C3' 5GP BA . -49.84 18.95 40.06
O3' 5GP BA . -48.57 18.34 40.29
C2' 5GP BA . -51.00 18.00 40.41
O2' 5GP BA . -50.60 16.64 40.33
C1' 5GP BA . -51.24 18.36 41.87
N9 5GP BA . -52.59 18.02 42.32
C8 5GP BA . -53.76 18.20 41.61
N7 5GP BA . -54.82 17.72 42.22
C5 5GP BA . -54.32 17.20 43.40
C6 5GP BA . -54.96 16.49 44.46
O6 5GP BA . -56.16 16.20 44.55
N1 5GP BA . -54.08 16.11 45.45
C2 5GP BA . -52.73 16.34 45.45
N2 5GP BA . -52.04 15.89 46.49
N3 5GP BA . -52.11 16.98 44.46
C4 5GP BA . -52.95 17.37 43.48
PB ADP CA . -75.21 0.80 24.94
O1B ADP CA . -76.50 0.72 25.73
O2B ADP CA . -75.19 1.88 23.90
O3B ADP CA . -74.92 -0.62 24.35
PA ADP CA . -72.84 2.18 26.00
O1A ADP CA . -73.32 3.55 26.44
O2A ADP CA . -72.26 2.24 24.64
O3A ADP CA . -74.11 1.21 26.02
O5' ADP CA . -71.89 1.61 27.12
C5' ADP CA . -72.32 1.25 28.46
C4' ADP CA . -71.20 1.58 29.39
O4' ADP CA . -70.14 0.60 29.26
C3' ADP CA . -70.54 2.94 29.16
O3' ADP CA . -70.25 3.55 30.42
C2' ADP CA . -69.28 2.58 28.37
O2' ADP CA . -68.28 3.57 28.55
C1' ADP CA . -68.91 1.24 28.99
N9 ADP CA . -68.13 0.35 28.16
C8 ADP CA . -68.20 0.18 26.79
N7 ADP CA . -67.46 -0.80 26.34
C5 ADP CA . -66.85 -1.31 27.46
C6 ADP CA . -65.94 -2.37 27.66
N6 ADP CA . -65.51 -3.17 26.67
N1 ADP CA . -65.50 -2.60 28.91
C2 ADP CA . -65.95 -1.82 29.91
N3 ADP CA . -66.81 -0.80 29.84
C4 ADP CA . -67.23 -0.60 28.59
P 5GP DA . -81.75 3.68 25.09
O1P 5GP DA . -82.96 4.20 25.79
O2P 5GP DA . -80.69 3.01 26.08
O3P 5GP DA . -80.98 4.73 24.26
O5' 5GP DA . -82.00 2.42 24.14
C5' 5GP DA . -82.98 1.39 24.32
C4' 5GP DA . -82.97 0.52 23.08
O4' 5GP DA . -83.68 1.18 22.02
C3' 5GP DA . -81.59 0.13 22.53
O3' 5GP DA . -81.51 -1.26 22.23
C2' 5GP DA . -81.51 0.91 21.22
O2' 5GP DA . -80.75 0.25 20.21
C1' 5GP DA . -82.98 0.95 20.82
N9 5GP DA . -83.27 2.03 19.88
C8 5GP DA . -82.77 3.30 19.88
N7 5GP DA . -83.16 4.01 18.84
C5 5GP DA . -83.99 3.15 18.12
C6 5GP DA . -84.71 3.32 16.90
O6 5GP DA . -84.76 4.32 16.20
N1 5GP DA . -85.41 2.18 16.56
C2 5GP DA . -85.45 1.01 17.27
N2 5GP DA . -86.19 0.03 16.78
N3 5GP DA . -84.77 0.84 18.40
C4 5GP DA . -84.08 1.93 18.77
PB ADP EA . 60.95 -8.18 -38.32
O1B ADP EA . 59.79 -7.16 -38.32
O2B ADP EA . 61.53 -8.31 -39.74
O3B ADP EA . 60.60 -9.50 -37.70
PA ADP EA . 62.74 -7.66 -36.02
O1A ADP EA . 61.72 -8.07 -35.03
O2A ADP EA . 63.87 -8.67 -36.06
O3A ADP EA . 62.13 -7.50 -37.49
O5' ADP EA . 63.37 -6.23 -35.77
C5' ADP EA . 64.27 -5.59 -36.71
C4' ADP EA . 65.28 -4.81 -35.92
O4' ADP EA . 64.66 -3.60 -35.42
C3' ADP EA . 65.87 -5.53 -34.71
O3' ADP EA . 67.27 -5.31 -34.58
C2' ADP EA . 65.06 -4.96 -33.54
O2' ADP EA . 65.81 -4.96 -32.34
C1' ADP EA . 64.81 -3.53 -34.02
N9 ADP EA . 63.61 -2.90 -33.46
C8 ADP EA . 62.44 -3.52 -33.13
N7 ADP EA . 61.51 -2.69 -32.70
C5 ADP EA . 62.13 -1.44 -32.75
C6 ADP EA . 61.68 -0.15 -32.44
N6 ADP EA . 60.43 0.14 -32.04
N1 ADP EA . 62.55 0.87 -32.57
C2 ADP EA . 63.80 0.60 -33.01
N3 ADP EA . 64.32 -0.57 -33.35
C4 ADP EA . 63.43 -1.57 -33.20
P 5GP FA . 62.06 -13.61 -42.78
O1P 5GP FA . 62.70 -12.38 -42.01
O2P 5GP FA . 62.84 -13.99 -43.97
O3P 5GP FA . 61.91 -14.73 -41.76
O5' 5GP FA . 60.55 -13.19 -43.16
C5' 5GP FA . 60.12 -12.91 -44.50
C4' 5GP FA . 58.61 -12.82 -44.55
O4' 5GP FA . 58.05 -14.15 -44.55
C3' 5GP FA . 57.95 -12.07 -43.38
O3' 5GP FA . 57.00 -11.11 -43.84
C2' 5GP FA . 57.22 -13.17 -42.61
O2' 5GP FA . 56.02 -12.66 -42.04
C1' 5GP FA . 56.90 -14.14 -43.74
N9 5GP FA . 56.65 -15.52 -43.29
C8 5GP FA . 57.30 -16.21 -42.31
N7 5GP FA . 56.80 -17.41 -42.11
C5 5GP FA . 55.74 -17.50 -43.00
C6 5GP FA . 54.79 -18.54 -43.24
O6 5GP FA . 54.70 -19.62 -42.65
N1 5GP FA . 53.88 -18.20 -44.22
C2 5GP FA . 53.87 -17.01 -44.90
N2 5GP FA . 52.90 -16.85 -45.80
N3 5GP FA . 54.75 -16.04 -44.69
C4 5GP FA . 55.65 -16.34 -43.74
PB ADP GA . 53.27 -25.28 -11.63
O1B ADP GA . 52.24 -24.54 -10.79
O2B ADP GA . 53.00 -26.78 -11.52
O3B ADP GA . 54.68 -24.92 -11.30
PA ADP GA . 53.59 -23.87 -14.18
O1A ADP GA . 54.13 -22.71 -13.43
O2A ADP GA . 54.69 -24.56 -14.98
O3A ADP GA . 52.94 -24.90 -13.15
O5' ADP GA . 52.40 -23.50 -15.19
C5' ADP GA . 51.60 -24.49 -15.87
C4' ADP GA . 51.28 -23.98 -17.26
O4' ADP GA . 50.28 -22.95 -17.19
C3' ADP GA . 52.47 -23.37 -18.01
O3' ADP GA . 52.47 -23.72 -19.38
C2' ADP GA . 52.26 -21.86 -17.81
O2' ADP GA . 52.84 -21.13 -18.88
C1' ADP GA . 50.73 -21.77 -17.83
N9 ADP GA . 50.18 -20.62 -17.13
C8 ADP GA . 50.68 -20.01 -16.01
N7 ADP GA . 49.93 -19.03 -15.55
C5 ADP GA . 48.86 -19.00 -16.43
C6 ADP GA . 47.71 -18.20 -16.48
N6 ADP GA . 47.41 -17.24 -15.60
N1 ADP GA . 46.83 -18.43 -17.48
C2 ADP GA . 47.11 -19.40 -18.38
N3 ADP GA . 48.17 -20.21 -18.42
C4 ADP GA . 49.01 -19.96 -17.41
P 5GP HA . 56.67 -31.38 -10.22
O1P 5GP HA . 55.70 -30.70 -11.28
O2P 5GP HA . 56.76 -32.84 -10.42
O3P 5GP HA . 58.04 -30.71 -10.38
O5' 5GP HA . 56.11 -30.91 -8.78
C5' 5GP HA . 55.43 -31.79 -7.86
C4' 5GP HA . 55.27 -31.12 -6.52
O4' 5GP HA . 56.49 -31.24 -5.76
C3' 5GP HA . 54.92 -29.63 -6.55
O3' 5GP HA . 53.80 -29.34 -5.71
C2' 5GP HA . 56.19 -28.95 -6.00
O2' 5GP HA . 55.93 -27.74 -5.31
C1' 5GP HA . 56.69 -30.03 -5.06
N9 5GP HA . 58.11 -29.91 -4.73
C8 5GP HA . 59.15 -29.56 -5.55
N7 5GP HA . 60.30 -29.53 -4.93
C5 5GP HA . 60.01 -29.90 -3.63
C6 5GP HA . 60.84 -30.05 -2.49
O6 5GP HA . 62.06 -29.88 -2.41
N1 5GP HA . 60.14 -30.43 -1.37
C2 5GP HA . 58.78 -30.64 -1.33
N2 5GP HA . 58.25 -30.96 -0.15
N3 5GP HA . 57.98 -30.51 -2.39
C4 5GP HA . 58.66 -30.14 -3.50
PB ADP IA . 50.77 15.73 6.54
O1B ADP IA . 50.85 16.70 7.72
O2B ADP IA . 49.37 15.21 6.32
O3B ADP IA . 51.79 14.60 6.74
PA ADP IA . 50.85 16.65 3.74
O1A ADP IA . 49.81 17.75 3.62
O2A ADP IA . 50.30 15.35 3.28
O3A ADP IA . 51.28 16.57 5.27
O5' ADP IA . 52.15 17.10 2.92
C5' ADP IA . 52.99 18.22 3.28
C4' ADP IA . 53.52 18.88 2.03
O4' ADP IA . 54.55 18.04 1.45
C3' ADP IA . 52.49 19.12 0.93
O3' ADP IA . 52.68 20.40 0.32
C2' ADP IA . 52.74 17.97 -0.04
O2' ADP IA . 52.40 18.35 -1.37
C1' ADP IA . 54.25 17.78 0.09
N9 ADP IA . 54.72 16.43 -0.23
C8 ADP IA . 54.08 15.24 0.00
N7 ADP IA . 54.77 14.19 -0.35
C5 ADP IA . 55.95 14.72 -0.83
C6 ADP IA . 57.12 14.11 -1.35
N6 ADP IA . 57.30 12.79 -1.45
N1 ADP IA . 58.12 14.93 -1.77
C2 ADP IA . 57.95 16.25 -1.66
N3 ADP IA . 56.91 16.93 -1.18
C4 ADP IA . 55.94 16.10 -0.78
P 5GP JA . 46.33 18.42 12.03
O1P 5GP JA . 46.63 19.52 13.04
O2P 5GP JA . 44.75 18.27 11.97
O3P 5GP JA . 46.90 18.67 10.68
O5' 5GP JA . 46.86 17.03 12.67
C5' 5GP JA . 47.55 16.95 13.93
C4' 5GP JA . 47.74 15.51 14.38
O4' 5GP JA . 46.51 15.01 14.93
C3' 5GP JA . 48.20 14.52 13.30
O3' 5GP JA . 49.35 13.80 13.72
C2' 5GP JA . 46.99 13.59 13.14
O2' 5GP JA . 47.38 12.26 12.85
C1' 5GP JA . 46.37 13.65 14.54
N9 5GP JA . 44.95 13.29 14.57
C8 5GP JA . 43.99 13.66 13.66
N7 5GP JA . 42.81 13.14 13.90
C5 5GP JA . 43.01 12.38 15.04
C6 5GP JA . 42.09 11.56 15.79
O6 5GP JA . 40.91 11.33 15.53
N1 5GP JA . 42.70 10.98 16.88
C2 5GP JA . 44.01 11.14 17.24
N2 5GP JA . 44.42 10.51 18.35
N3 5GP JA . 44.88 11.89 16.55
C4 5GP JA . 44.32 12.47 15.47
#